data_8V6N
#
_entry.id   8V6N
#
_cell.length_a   1.00
_cell.length_b   1.00
_cell.length_c   1.00
_cell.angle_alpha   90.00
_cell.angle_beta   90.00
_cell.angle_gamma   90.00
#
_symmetry.space_group_name_H-M   'P 1'
#
loop_
_entity.id
_entity.type
_entity.pdbx_description
1 polymer 'Transient receptor potential cation channel subfamily V member 3'
2 non-polymer '(2S)-3-(hexadecanoyloxy)-2-[(9Z)-octadec-9-enoyloxy]propyl 2-(trimethylammonio)ethyl phosphate'
3 non-polymer 'ARACHIDONIC ACID'
4 non-polymer '2-aminoethyl diphenylborinate'
5 non-polymer 'SODIUM ION'
6 water water
#
_entity_poly.entity_id   1
_entity_poly.type   'polypeptide(L)'
_entity_poly.pdbx_seq_one_letter_code
;MKAHPKEMVPLMGKRVAAPSGNPAILPEKRPAEITPTKKSAHFFLEIEGFEPNPTVAKTSPPVFSKPMDSNIRQCISGNC
DDMDSPQSPQDDVTETPSNPNSPSAQLAKEEQRRKKRRLKKRIFAAVSEGCVEELVELLVELQELCRRRHDEDVPDFLMH
KLTASDTGKTCLMKALLNINPNTKEIVRILLAFAEENDILGRFINAEYTEEAYEGQTALNIAIERRQGDIAALLIAAGAD
VNAHAKGAFFNPKYQHEGFYFGETPLALAACTNQPEIVQLLMEHEQTDITSRDSRGNNILHALVTVAEDFKTQNDFVKRM
YDMILLRSGNWELETTRNNDGLTPLQLAAKMGKAEILKYILSREIKEKRLRSLSRKFTDWAYGPVSSSLYDLTNVDTTTD
NSVLEITVYNTNIDNRHEMLTLEPLHTLLHMKWKKFAKHMFFLSFCFYFFYNITLTLVSYYRPREEEAIPHPLALTHKMG
WLQLLGRMFVLIWAMCISVKEGIAIFLLRPSDLQSILSDAWFHFVFFIQAVLVILSVFLYLFAYKEYLACLVLAMALGWA
NMLYYTRGFQSMGMYSVMIQKVILHDVLKFLFVYIVFLLGFGVALASLIEKCPKDNKDCSSYGSFSDAVLELFKLTIGLG
DLNIQQNSKYPILFLFLLITYVILTFVLLLNMLIALMGETVENVSKESERIWRLQRARTILEFEKMLPEWLRSRFRMGEL
CKVAEDDFRLCLRINEVKWTEWKTHVSFLNEDPGPVRRTADFNKIQDSSRNNSKTTLNAFEEVEEFPETSVLVPRGSAAA
WSHPQFEK
;
_entity_poly.pdbx_strand_id   A,B,C,D
#
loop_
_chem_comp.id
_chem_comp.type
_chem_comp.name
_chem_comp.formula
ACD non-polymer 'ARACHIDONIC ACID' 'C20 H32 O2'
FZ4 non-polymer '2-aminoethyl diphenylborinate' 'C14 H16 B N O'
NA non-polymer 'SODIUM ION' 'Na 1'
POV non-polymer '(2S)-3-(hexadecanoyloxy)-2-[(9Z)-octadec-9-enoyloxy]propyl 2-(trimethylammonio)ethyl phosphate' 'C42 H82 N O8 P'
#
# COMPACT_ATOMS: atom_id res chain seq x y z
N PRO A 62 14.05 18.86 -30.25
CA PRO A 62 14.73 18.80 -31.55
C PRO A 62 15.02 20.18 -32.13
N VAL A 63 15.58 20.22 -33.33
CA VAL A 63 15.90 21.48 -34.00
C VAL A 63 15.81 21.25 -35.51
N PHE A 64 15.34 22.25 -36.24
CA PHE A 64 15.20 22.15 -37.69
C PHE A 64 15.71 23.38 -38.43
N SER A 65 16.03 24.46 -37.71
CA SER A 65 16.68 25.69 -38.20
C SER A 65 15.87 26.46 -39.23
N LYS A 66 14.62 26.07 -39.48
CA LYS A 66 13.66 26.75 -40.34
C LYS A 66 12.25 26.26 -40.02
N PRO A 67 11.33 27.17 -39.71
CA PRO A 67 9.98 26.76 -39.32
C PRO A 67 9.12 26.36 -40.51
N MET A 68 8.07 25.60 -40.21
CA MET A 68 7.05 25.30 -41.20
C MET A 68 6.26 26.55 -41.56
N ASP A 69 5.64 27.17 -40.56
CA ASP A 69 4.92 28.42 -40.72
C ASP A 69 5.56 29.47 -39.83
N SER A 70 5.60 30.71 -40.32
CA SER A 70 6.23 31.79 -39.59
C SER A 70 5.38 33.05 -39.71
N ASN A 71 5.03 33.62 -38.55
CA ASN A 71 4.27 34.87 -38.51
C ASN A 71 4.95 35.89 -37.59
N ILE A 72 6.08 35.53 -36.99
CA ILE A 72 6.82 36.42 -36.10
C ILE A 72 8.21 36.61 -36.69
N ARG A 73 8.58 37.86 -36.95
CA ARG A 73 9.84 38.20 -37.60
C ARG A 73 10.95 38.25 -36.55
N GLN A 74 12.01 37.49 -36.79
CA GLN A 74 13.17 37.46 -35.88
C GLN A 74 14.08 38.64 -36.21
N CYS A 75 14.18 39.59 -35.29
CA CYS A 75 15.02 40.77 -35.51
C CYS A 75 16.49 40.44 -35.31
N ARG A 118 6.11 44.52 -53.55
CA ARG A 118 5.24 44.47 -52.39
C ARG A 118 3.94 43.74 -52.69
N LEU A 119 3.83 43.24 -53.93
CA LEU A 119 2.62 42.54 -54.35
C LEU A 119 2.55 41.14 -53.77
N LYS A 120 3.72 40.50 -53.61
CA LYS A 120 3.77 39.12 -53.12
C LYS A 120 3.47 39.06 -51.63
N LYS A 121 3.98 40.03 -50.86
CA LYS A 121 3.91 39.95 -49.40
C LYS A 121 2.51 40.29 -48.90
N ARG A 122 1.70 40.95 -49.72
CA ARG A 122 0.35 41.29 -49.28
C ARG A 122 -0.61 40.13 -49.50
N ILE A 123 -0.28 39.21 -50.40
CA ILE A 123 -1.16 38.06 -50.66
C ILE A 123 -1.06 37.06 -49.52
N PHE A 124 0.15 36.82 -49.02
CA PHE A 124 0.32 35.96 -47.84
C PHE A 124 -0.24 36.62 -46.59
N ALA A 125 -0.32 37.96 -46.59
CA ALA A 125 -0.97 38.67 -45.48
C ALA A 125 -2.46 38.85 -45.74
N ALA A 126 -2.98 38.25 -46.80
CA ALA A 126 -4.42 38.28 -47.05
C ALA A 126 -5.05 36.91 -46.81
N VAL A 127 -4.34 35.85 -47.15
CA VAL A 127 -4.88 34.50 -47.00
C VAL A 127 -4.78 34.03 -45.55
N SER A 128 -3.97 34.72 -44.73
CA SER A 128 -3.77 34.29 -43.35
C SER A 128 -4.92 34.73 -42.44
N GLU A 129 -5.22 36.03 -42.40
CA GLU A 129 -6.26 36.55 -41.53
C GLU A 129 -7.67 36.26 -42.04
N GLY A 130 -7.85 36.22 -43.36
CA GLY A 130 -9.15 35.89 -43.92
C GLY A 130 -9.83 37.05 -44.62
N CYS A 131 -9.04 38.03 -45.07
CA CYS A 131 -9.59 39.17 -45.78
C CYS A 131 -9.98 38.79 -47.20
N VAL A 132 -11.27 38.62 -47.45
CA VAL A 132 -11.74 38.20 -48.77
C VAL A 132 -11.73 39.39 -49.74
N GLU A 133 -12.26 40.53 -49.30
CA GLU A 133 -12.39 41.69 -50.17
C GLU A 133 -11.03 42.31 -50.49
N GLU A 134 -10.05 42.11 -49.61
CA GLU A 134 -8.69 42.55 -49.89
C GLU A 134 -8.00 41.62 -50.88
N LEU A 135 -8.28 40.31 -50.78
CA LEU A 135 -7.62 39.32 -51.63
C LEU A 135 -8.09 39.41 -53.07
N VAL A 136 -9.36 39.78 -53.28
CA VAL A 136 -9.89 39.95 -54.62
C VAL A 136 -9.22 41.14 -55.31
N GLU A 137 -8.99 42.22 -54.55
CA GLU A 137 -8.36 43.41 -55.11
C GLU A 137 -6.88 43.17 -55.40
N LEU A 138 -6.25 42.25 -54.68
CA LEU A 138 -4.83 41.98 -54.91
C LEU A 138 -4.63 41.05 -56.10
N LEU A 139 -5.59 40.15 -56.35
CA LEU A 139 -5.42 39.22 -57.47
C LEU A 139 -5.68 39.90 -58.81
N VAL A 140 -6.49 40.96 -58.82
CA VAL A 140 -6.72 41.72 -60.05
C VAL A 140 -5.45 42.50 -60.42
N GLU A 141 -4.73 42.98 -59.40
CA GLU A 141 -3.48 43.70 -59.62
C GLU A 141 -2.37 42.76 -60.12
N LEU A 142 -2.50 41.47 -59.85
CA LEU A 142 -1.52 40.51 -60.34
C LEU A 142 -1.99 39.87 -61.64
N GLN A 143 -3.30 39.91 -61.90
CA GLN A 143 -3.84 39.41 -63.17
C GLN A 143 -3.47 40.36 -64.29
N GLU A 144 -3.43 41.66 -63.99
CA GLU A 144 -3.06 42.66 -64.98
C GLU A 144 -1.54 42.74 -65.12
N LEU A 145 -0.81 42.20 -64.15
CA LEU A 145 0.65 42.24 -64.19
C LEU A 145 1.15 40.92 -64.77
N CYS A 146 0.80 40.66 -66.03
CA CYS A 146 1.31 39.48 -66.73
C CYS A 146 1.71 39.84 -68.16
N ARG A 147 1.17 40.95 -68.66
CA ARG A 147 1.22 41.23 -70.09
C ARG A 147 1.88 42.56 -70.42
N ARG A 148 2.33 43.32 -69.41
CA ARG A 148 2.87 44.65 -69.66
C ARG A 148 4.29 44.62 -70.22
N ARG A 149 4.97 43.47 -70.17
CA ARG A 149 6.33 43.42 -70.67
C ARG A 149 6.58 42.25 -71.62
N HIS A 150 5.81 41.16 -71.51
CA HIS A 150 5.97 40.01 -72.39
C HIS A 150 4.69 39.18 -72.34
N ASP A 151 4.38 38.51 -73.45
CA ASP A 151 3.42 37.41 -73.47
C ASP A 151 4.09 36.23 -74.18
N GLU A 152 4.96 35.52 -73.44
CA GLU A 152 5.49 34.24 -73.87
C GLU A 152 5.56 33.29 -72.67
N ASP A 153 5.57 33.87 -71.47
CA ASP A 153 5.87 33.15 -70.23
C ASP A 153 4.78 33.37 -69.19
N VAL A 154 3.52 33.16 -69.59
CA VAL A 154 2.40 33.32 -68.65
C VAL A 154 2.36 32.24 -67.58
N PRO A 155 2.43 30.88 -67.91
CA PRO A 155 2.29 29.89 -66.82
C PRO A 155 3.44 29.87 -65.81
N ASP A 156 4.61 30.39 -66.21
CA ASP A 156 5.76 30.36 -65.30
C ASP A 156 5.77 31.58 -64.38
N PHE A 157 5.47 32.75 -64.93
CA PHE A 157 5.56 33.98 -64.15
C PHE A 157 4.42 34.09 -63.14
N LEU A 158 3.30 33.40 -63.42
CA LEU A 158 2.19 33.37 -62.48
C LEU A 158 2.49 32.53 -61.25
N MET A 159 3.50 31.66 -61.32
CA MET A 159 3.78 30.77 -60.20
C MET A 159 4.88 31.33 -59.30
N HIS A 160 5.81 32.11 -59.86
CA HIS A 160 6.89 32.66 -59.04
C HIS A 160 6.44 33.78 -58.11
N LYS A 161 5.29 34.40 -58.37
CA LYS A 161 4.79 35.46 -57.49
C LYS A 161 3.83 34.94 -56.44
N LEU A 162 3.46 33.66 -56.51
CA LEU A 162 2.55 33.05 -55.56
C LEU A 162 3.22 32.05 -54.64
N THR A 163 4.51 31.78 -54.84
CA THR A 163 5.25 30.82 -54.04
C THR A 163 6.41 31.50 -53.34
N ALA A 164 6.77 30.98 -52.17
CA ALA A 164 7.94 31.45 -51.45
C ALA A 164 9.20 30.83 -52.04
N SER A 165 10.21 31.66 -52.26
CA SER A 165 11.44 31.21 -52.91
C SER A 165 12.42 30.54 -51.96
N ASP A 166 12.16 30.57 -50.66
CA ASP A 166 13.05 29.96 -49.67
C ASP A 166 12.58 28.58 -49.20
N THR A 167 11.28 28.35 -49.12
CA THR A 167 10.77 27.08 -48.62
C THR A 167 10.03 26.32 -49.70
N GLY A 168 9.36 27.04 -50.60
CA GLY A 168 8.48 26.45 -51.58
C GLY A 168 7.02 26.48 -51.18
N LYS A 169 6.69 27.19 -50.11
CA LYS A 169 5.31 27.25 -49.63
C LYS A 169 4.48 28.17 -50.52
N THR A 170 3.32 27.68 -50.95
CA THR A 170 2.43 28.45 -51.81
C THR A 170 1.49 29.30 -50.95
N CYS A 171 0.64 30.08 -51.63
CA CYS A 171 -0.39 30.82 -50.91
C CYS A 171 -1.54 29.91 -50.49
N LEU A 172 -1.70 28.76 -51.15
CA LEU A 172 -2.71 27.80 -50.75
C LEU A 172 -2.30 27.08 -49.47
N MET A 173 -1.00 26.81 -49.31
CA MET A 173 -0.51 26.20 -48.09
C MET A 173 -0.56 27.16 -46.91
N LYS A 174 -0.41 28.46 -47.18
CA LYS A 174 -0.42 29.46 -46.12
C LYS A 174 -1.82 29.63 -45.54
N ALA A 175 -2.85 29.49 -46.38
CA ALA A 175 -4.22 29.59 -45.90
C ALA A 175 -4.62 28.36 -45.10
N LEU A 176 -4.04 27.20 -45.42
CA LEU A 176 -4.39 25.97 -44.73
C LEU A 176 -3.62 25.77 -43.43
N LEU A 177 -2.43 26.37 -43.30
CA LEU A 177 -1.72 26.33 -42.04
C LEU A 177 -2.36 27.24 -40.99
N ASN A 178 -3.07 28.27 -41.42
CA ASN A 178 -3.73 29.21 -40.51
C ASN A 178 -5.23 29.05 -40.62
N ILE A 179 -5.79 28.15 -39.80
CA ILE A 179 -7.21 27.86 -39.87
C ILE A 179 -8.00 28.94 -39.17
N ASN A 180 -8.95 29.54 -39.88
CA ASN A 180 -9.88 30.55 -39.38
C ASN A 180 -11.28 30.16 -39.86
N PRO A 181 -12.36 30.80 -39.35
CA PRO A 181 -13.69 30.52 -39.93
C PRO A 181 -13.91 31.08 -41.32
N ASN A 182 -12.96 31.82 -41.88
CA ASN A 182 -13.07 32.37 -43.22
C ASN A 182 -12.09 31.64 -44.14
N THR A 183 -11.96 30.32 -43.95
CA THR A 183 -10.96 29.53 -44.65
C THR A 183 -11.47 29.02 -46.00
N LYS A 184 -12.71 28.54 -46.05
CA LYS A 184 -13.24 27.92 -47.26
C LYS A 184 -13.47 28.95 -48.37
N GLU A 185 -13.67 30.21 -47.98
CA GLU A 185 -13.88 31.26 -48.98
C GLU A 185 -12.58 31.62 -49.68
N ILE A 186 -11.45 31.43 -49.01
CA ILE A 186 -10.16 31.74 -49.61
C ILE A 186 -9.75 30.66 -50.60
N VAL A 187 -10.09 29.40 -50.30
CA VAL A 187 -9.67 28.27 -51.12
C VAL A 187 -10.44 28.27 -52.44
N ARG A 188 -11.72 28.67 -52.40
CA ARG A 188 -12.54 28.65 -53.60
C ARG A 188 -12.14 29.76 -54.58
N ILE A 189 -11.52 30.83 -54.06
CA ILE A 189 -11.06 31.91 -54.93
C ILE A 189 -9.73 31.55 -55.58
N LEU A 190 -8.83 30.95 -54.79
CA LEU A 190 -7.49 30.64 -55.29
C LEU A 190 -7.50 29.48 -56.27
N LEU A 191 -8.46 28.56 -56.13
CA LEU A 191 -8.57 27.46 -57.09
C LEU A 191 -9.27 27.92 -58.36
N ALA A 192 -10.10 28.96 -58.26
CA ALA A 192 -10.76 29.50 -59.44
C ALA A 192 -9.84 30.48 -60.18
N PHE A 193 -8.86 31.04 -59.47
CA PHE A 193 -7.90 31.97 -60.06
C PHE A 193 -6.94 31.24 -60.98
N ALA A 194 -6.72 29.95 -60.72
CA ALA A 194 -5.79 29.17 -61.54
C ALA A 194 -6.49 28.56 -62.75
N GLU A 195 -7.79 28.83 -62.90
CA GLU A 195 -8.54 28.26 -64.00
C GLU A 195 -8.36 29.06 -65.28
N GLU A 196 -8.46 30.39 -65.20
CA GLU A 196 -8.30 31.22 -66.39
C GLU A 196 -6.83 31.33 -66.79
N ASN A 197 -5.93 31.13 -65.83
CA ASN A 197 -4.50 31.14 -66.12
C ASN A 197 -3.97 29.80 -66.57
N ASP A 198 -4.79 28.74 -66.47
CA ASP A 198 -4.46 27.35 -66.86
C ASP A 198 -3.22 26.85 -66.13
N ILE A 199 -3.13 27.16 -64.83
CA ILE A 199 -1.99 26.78 -64.02
C ILE A 199 -2.46 25.94 -62.84
N LEU A 200 -3.66 25.36 -62.96
CA LEU A 200 -4.23 24.59 -61.87
C LEU A 200 -3.53 23.25 -61.68
N GLY A 201 -2.86 22.74 -62.71
CA GLY A 201 -2.15 21.48 -62.63
C GLY A 201 -0.92 21.53 -61.75
N ARG A 202 -0.20 22.66 -61.76
CA ARG A 202 1.03 22.77 -60.98
C ARG A 202 0.82 23.55 -59.69
N PHE A 203 -0.35 24.16 -59.50
CA PHE A 203 -0.61 24.92 -58.27
C PHE A 203 -1.10 24.00 -57.16
N ILE A 204 -1.79 22.92 -57.51
CA ILE A 204 -2.32 22.00 -56.50
C ILE A 204 -1.35 20.89 -56.18
N ASN A 205 -0.36 20.64 -57.04
CA ASN A 205 0.63 19.58 -56.84
C ASN A 205 1.99 20.13 -56.45
N ALA A 206 2.05 21.35 -55.93
CA ALA A 206 3.30 21.92 -55.49
C ALA A 206 3.71 21.34 -54.15
N GLU A 207 5.00 21.49 -53.82
CA GLU A 207 5.55 20.92 -52.61
C GLU A 207 6.72 21.77 -52.14
N TYR A 208 7.14 21.55 -50.90
CA TYR A 208 8.29 22.25 -50.35
C TYR A 208 9.58 21.79 -51.02
N THR A 209 10.44 22.75 -51.35
CA THR A 209 11.78 22.44 -51.84
C THR A 209 12.81 22.43 -50.72
N GLU A 210 12.39 22.61 -49.46
CA GLU A 210 13.31 22.63 -48.34
C GLU A 210 13.57 21.20 -47.88
N GLU A 211 14.80 20.95 -47.40
CA GLU A 211 15.27 19.59 -47.12
C GLU A 211 14.62 18.90 -45.93
N ALA A 212 13.95 19.63 -45.04
CA ALA A 212 13.34 19.01 -43.87
C ALA A 212 11.83 18.82 -44.01
N TYR A 213 11.21 19.39 -45.04
CA TYR A 213 9.78 19.24 -45.24
C TYR A 213 9.45 18.89 -46.68
N GLU A 214 10.37 18.24 -47.38
CA GLU A 214 10.24 18.00 -48.82
C GLU A 214 9.14 16.99 -49.10
N GLY A 215 8.26 17.32 -50.05
CA GLY A 215 7.17 16.44 -50.41
C GLY A 215 5.85 16.76 -49.75
N GLN A 216 5.83 17.65 -48.77
CA GLN A 216 4.57 18.03 -48.14
C GLN A 216 3.79 18.97 -49.05
N THR A 217 2.53 18.59 -49.30
CA THR A 217 1.67 19.32 -50.22
C THR A 217 0.51 19.92 -49.45
N ALA A 218 -0.42 20.54 -50.18
CA ALA A 218 -1.58 21.15 -49.55
C ALA A 218 -2.57 20.11 -49.05
N LEU A 219 -2.55 18.92 -49.64
CA LEU A 219 -3.41 17.84 -49.17
C LEU A 219 -2.90 17.27 -47.85
N ASN A 220 -1.59 17.36 -47.60
CA ASN A 220 -1.04 16.89 -46.34
C ASN A 220 -1.44 17.81 -45.19
N ILE A 221 -1.66 19.10 -45.48
CA ILE A 221 -2.02 20.05 -44.44
C ILE A 221 -3.52 20.00 -44.17
N ALA A 222 -4.34 19.84 -45.22
CA ALA A 222 -5.78 19.92 -45.07
C ALA A 222 -6.34 18.71 -44.33
N ILE A 223 -5.70 17.55 -44.46
CA ILE A 223 -6.14 16.37 -43.73
C ILE A 223 -5.72 16.48 -42.26
N GLU A 224 -4.56 17.08 -41.99
CA GLU A 224 -4.05 17.17 -40.62
C GLU A 224 -4.81 18.22 -39.81
N ARG A 225 -5.36 19.25 -40.46
CA ARG A 225 -6.12 20.26 -39.74
C ARG A 225 -7.58 19.90 -39.57
N ARG A 226 -7.97 18.65 -39.89
CA ARG A 226 -9.35 18.15 -39.88
C ARG A 226 -10.26 19.03 -40.76
N GLN A 227 -10.01 19.02 -42.07
CA GLN A 227 -10.83 19.73 -43.04
C GLN A 227 -11.25 18.72 -44.09
N GLY A 228 -12.36 18.02 -43.82
CA GLY A 228 -12.84 17.02 -44.76
C GLY A 228 -13.50 17.62 -45.99
N ASP A 229 -14.02 18.84 -45.86
CA ASP A 229 -14.64 19.50 -47.02
C ASP A 229 -13.59 20.09 -47.95
N ILE A 230 -12.51 20.62 -47.38
CA ILE A 230 -11.46 21.23 -48.18
C ILE A 230 -10.63 20.15 -48.88
N ALA A 231 -10.39 19.03 -48.19
CA ALA A 231 -9.61 17.94 -48.78
C ALA A 231 -10.40 17.22 -49.86
N ALA A 232 -11.73 17.28 -49.80
CA ALA A 232 -12.55 16.68 -50.84
C ALA A 232 -12.53 17.54 -52.11
N LEU A 233 -12.38 18.85 -51.95
CA LEU A 233 -12.33 19.74 -53.10
C LEU A 233 -10.98 19.65 -53.81
N LEU A 234 -9.92 19.30 -53.09
CA LEU A 234 -8.60 19.20 -53.71
C LEU A 234 -8.48 17.93 -54.55
N ILE A 235 -8.97 16.81 -54.01
CA ILE A 235 -8.91 15.53 -54.72
C ILE A 235 -9.81 15.55 -55.95
N ALA A 236 -10.94 16.27 -55.87
CA ALA A 236 -11.83 16.45 -57.01
C ALA A 236 -11.32 17.51 -58.00
N ALA A 237 -10.16 18.10 -57.74
CA ALA A 237 -9.55 19.06 -58.65
C ALA A 237 -8.23 18.59 -59.24
N GLY A 238 -7.61 17.55 -58.69
CA GLY A 238 -6.38 17.04 -59.27
C GLY A 238 -5.21 16.93 -58.32
N ALA A 239 -5.48 16.91 -57.01
CA ALA A 239 -4.41 16.78 -56.03
C ALA A 239 -3.87 15.36 -56.04
N ASP A 240 -2.59 15.21 -55.68
CA ASP A 240 -1.96 13.90 -55.70
C ASP A 240 -2.26 13.17 -54.41
N VAL A 241 -2.89 12.00 -54.53
CA VAL A 241 -3.20 11.16 -53.38
C VAL A 241 -2.06 10.21 -53.05
N ASN A 242 -0.95 10.28 -53.78
CA ASN A 242 0.22 9.43 -53.55
C ASN A 242 1.48 10.26 -53.35
N ALA A 243 1.32 11.47 -52.82
CA ALA A 243 2.44 12.35 -52.56
C ALA A 243 3.20 11.87 -51.33
N HIS A 244 4.50 11.61 -51.50
CA HIS A 244 5.34 11.10 -50.43
C HIS A 244 6.05 12.28 -49.77
N ALA A 245 5.69 12.57 -48.52
CA ALA A 245 6.29 13.65 -47.76
C ALA A 245 7.52 13.13 -47.04
N LYS A 246 8.69 13.31 -47.66
CA LYS A 246 9.96 12.90 -47.06
C LYS A 246 10.52 14.03 -46.21
N GLY A 247 11.79 13.91 -45.82
CA GLY A 247 12.42 14.96 -45.05
C GLY A 247 12.81 14.53 -43.64
N ALA A 248 13.62 15.33 -42.97
CA ALA A 248 14.07 15.00 -41.63
C ALA A 248 12.95 15.12 -40.60
N PHE A 249 11.94 15.95 -40.86
CA PHE A 249 10.82 16.05 -39.94
C PHE A 249 9.89 14.86 -40.05
N PHE A 250 9.57 14.45 -41.28
CA PHE A 250 8.63 13.36 -41.50
C PHE A 250 9.30 11.99 -41.46
N ASN A 251 10.63 11.93 -41.55
CA ASN A 251 11.39 10.69 -41.39
C ASN A 251 12.49 10.93 -40.36
N PRO A 252 12.17 10.91 -39.07
CA PRO A 252 13.19 11.15 -38.05
C PRO A 252 14.01 9.91 -37.78
N LYS A 253 15.00 10.05 -36.90
CA LYS A 253 15.81 8.93 -36.45
C LYS A 253 15.34 8.37 -35.12
N TYR A 254 14.64 9.16 -34.31
CA TYR A 254 14.09 8.71 -33.04
C TYR A 254 12.68 9.25 -32.91
N GLN A 255 11.98 8.83 -31.86
CA GLN A 255 10.62 9.33 -31.64
C GLN A 255 10.62 10.55 -30.72
N HIS A 256 11.52 11.51 -30.99
CA HIS A 256 11.43 12.83 -30.38
C HIS A 256 11.90 13.93 -31.33
N GLU A 257 12.22 13.59 -32.59
CA GLU A 257 12.80 14.54 -33.53
C GLU A 257 11.92 14.71 -34.76
N GLY A 258 10.61 14.58 -34.61
CA GLY A 258 9.73 14.78 -35.74
C GLY A 258 8.42 14.04 -35.52
N PHE A 259 7.79 13.68 -36.63
CA PHE A 259 6.48 13.02 -36.63
C PHE A 259 6.41 12.08 -37.83
N TYR A 260 6.56 10.79 -37.57
CA TYR A 260 6.45 9.77 -38.60
C TYR A 260 5.04 9.18 -38.58
N PHE A 261 4.39 9.18 -39.74
CA PHE A 261 3.04 8.64 -39.85
C PHE A 261 2.93 7.64 -40.99
N GLY A 262 3.84 7.71 -41.95
CA GLY A 262 3.83 6.78 -43.08
C GLY A 262 4.08 7.43 -44.41
N GLU A 263 4.24 8.76 -44.42
CA GLU A 263 4.62 9.66 -45.50
C GLU A 263 3.54 9.80 -46.59
N THR A 264 2.43 9.10 -46.50
CA THR A 264 1.36 9.17 -47.50
C THR A 264 0.11 9.80 -46.90
N PRO A 265 -0.74 10.43 -47.72
CA PRO A 265 -2.00 10.99 -47.18
C PRO A 265 -2.98 9.93 -46.69
N LEU A 266 -2.88 8.69 -47.17
CA LEU A 266 -3.70 7.62 -46.62
C LEU A 266 -3.25 7.25 -45.22
N ALA A 267 -1.94 7.33 -44.96
CA ALA A 267 -1.43 7.01 -43.62
C ALA A 267 -1.60 8.18 -42.67
N LEU A 268 -1.79 9.40 -43.18
CA LEU A 268 -1.96 10.55 -42.30
C LEU A 268 -3.36 10.57 -41.71
N ALA A 269 -4.37 10.19 -42.51
CA ALA A 269 -5.73 10.11 -42.00
C ALA A 269 -5.93 8.89 -41.12
N ALA A 270 -5.13 7.84 -41.32
CA ALA A 270 -5.26 6.64 -40.52
C ALA A 270 -4.63 6.79 -39.15
N CYS A 271 -3.51 7.51 -39.07
CA CYS A 271 -2.83 7.71 -37.79
C CYS A 271 -3.44 8.83 -36.95
N THR A 272 -4.18 9.75 -37.56
CA THR A 272 -4.83 10.83 -36.83
C THR A 272 -6.32 10.60 -36.62
N ASN A 273 -6.76 9.34 -36.64
CA ASN A 273 -8.12 8.88 -36.30
C ASN A 273 -9.19 9.57 -37.15
N GLN A 274 -9.07 9.47 -38.46
CA GLN A 274 -10.00 10.10 -39.38
C GLN A 274 -10.48 9.09 -40.42
N PRO A 275 -11.44 8.22 -40.08
CA PRO A 275 -11.84 7.17 -41.02
C PRO A 275 -12.69 7.65 -42.18
N GLU A 276 -13.29 8.84 -42.06
CA GLU A 276 -14.11 9.37 -43.15
C GLU A 276 -13.26 9.80 -44.33
N ILE A 277 -12.00 10.16 -44.09
CA ILE A 277 -11.09 10.50 -45.18
C ILE A 277 -10.43 9.24 -45.72
N VAL A 278 -10.25 8.22 -44.88
CA VAL A 278 -9.70 6.94 -45.33
C VAL A 278 -10.67 6.25 -46.28
N GLN A 279 -11.97 6.33 -45.98
CA GLN A 279 -12.98 5.77 -46.87
C GLN A 279 -13.08 6.59 -48.16
N LEU A 280 -12.73 7.87 -48.09
CA LEU A 280 -12.77 8.71 -49.29
C LEU A 280 -11.55 8.46 -50.16
N LEU A 281 -10.43 8.03 -49.54
CA LEU A 281 -9.22 7.78 -50.31
C LEU A 281 -9.19 6.38 -50.89
N MET A 282 -9.75 5.39 -50.19
CA MET A 282 -9.71 4.02 -50.68
C MET A 282 -10.73 3.78 -51.79
N GLU A 283 -11.73 4.65 -51.92
CA GLU A 283 -12.64 4.56 -53.06
C GLU A 283 -12.08 5.27 -54.27
N HIS A 284 -11.04 6.10 -54.09
CA HIS A 284 -10.42 6.78 -55.21
C HIS A 284 -9.55 5.80 -55.99
N GLU A 285 -9.81 5.71 -57.30
CA GLU A 285 -9.24 4.65 -58.12
C GLU A 285 -7.77 4.85 -58.48
N GLN A 286 -7.21 6.03 -58.21
CA GLN A 286 -5.79 6.25 -58.44
C GLN A 286 -4.95 6.08 -57.18
N THR A 287 -5.57 5.78 -56.04
CA THR A 287 -4.84 5.63 -54.79
C THR A 287 -4.16 4.26 -54.74
N ASP A 288 -2.85 4.26 -54.56
CA ASP A 288 -2.07 3.01 -54.47
C ASP A 288 -1.98 2.63 -52.99
N ILE A 289 -2.79 1.65 -52.59
CA ILE A 289 -2.85 1.20 -51.20
C ILE A 289 -1.56 0.51 -50.77
N THR A 290 -0.94 -0.26 -51.66
CA THR A 290 0.24 -1.05 -51.34
C THR A 290 1.54 -0.27 -51.56
N SER A 291 1.49 1.05 -51.42
CA SER A 291 2.69 1.87 -51.62
C SER A 291 3.64 1.74 -50.43
N ARG A 292 4.92 1.87 -50.71
CA ARG A 292 5.97 1.73 -49.72
C ARG A 292 6.81 3.02 -49.67
N ASP A 293 7.00 3.55 -48.47
CA ASP A 293 7.74 4.79 -48.28
C ASP A 293 9.24 4.57 -48.26
N SER A 294 9.98 5.59 -47.79
CA SER A 294 11.44 5.53 -47.70
C SER A 294 11.95 4.48 -46.73
N ARG A 295 11.15 4.10 -45.72
CA ARG A 295 11.50 3.00 -44.84
C ARG A 295 11.08 1.65 -45.39
N GLY A 296 10.31 1.62 -46.48
CA GLY A 296 9.71 0.40 -46.96
C GLY A 296 8.40 0.04 -46.30
N ASN A 297 7.90 0.90 -45.41
CA ASN A 297 6.65 0.63 -44.70
C ASN A 297 5.45 0.88 -45.60
N ASN A 298 4.45 0.02 -45.48
CA ASN A 298 3.17 0.23 -46.13
C ASN A 298 2.17 0.77 -45.11
N ILE A 299 0.89 0.76 -45.49
CA ILE A 299 -0.19 1.28 -44.65
C ILE A 299 -0.32 0.51 -43.33
N LEU A 300 0.09 -0.76 -43.30
CA LEU A 300 -0.09 -1.54 -42.08
C LEU A 300 1.17 -1.57 -41.20
N HIS A 301 2.36 -1.34 -41.79
CA HIS A 301 3.54 -1.18 -40.95
C HIS A 301 3.47 0.13 -40.16
N ALA A 302 2.93 1.18 -40.77
CA ALA A 302 2.95 2.50 -40.14
C ALA A 302 1.96 2.58 -38.98
N LEU A 303 0.89 1.79 -39.03
CA LEU A 303 -0.03 1.73 -37.90
C LEU A 303 0.59 1.00 -36.72
N VAL A 304 1.47 0.03 -36.99
CA VAL A 304 2.19 -0.66 -35.92
C VAL A 304 3.16 0.28 -35.22
N THR A 305 3.79 1.18 -35.98
CA THR A 305 4.77 2.10 -35.43
C THR A 305 4.13 3.13 -34.51
N VAL A 306 2.96 3.66 -34.88
CA VAL A 306 2.26 4.64 -34.05
C VAL A 306 1.39 3.99 -32.98
N ALA A 307 1.39 2.67 -32.90
CA ALA A 307 0.58 1.99 -31.90
C ALA A 307 1.21 2.09 -30.52
N GLU A 308 0.43 1.73 -29.51
CA GLU A 308 0.87 1.75 -28.12
C GLU A 308 1.09 0.34 -27.62
N ASP A 309 1.79 0.24 -26.48
CA ASP A 309 2.23 -1.07 -26.01
C ASP A 309 1.16 -1.81 -25.20
N PHE A 310 0.22 -1.10 -24.60
CA PHE A 310 -0.76 -1.70 -23.70
C PHE A 310 -2.16 -1.27 -24.11
N LYS A 311 -3.15 -1.80 -23.39
CA LYS A 311 -4.56 -1.61 -23.74
C LYS A 311 -5.11 -0.41 -22.98
N THR A 312 -5.48 0.63 -23.72
CA THR A 312 -6.19 1.76 -23.16
C THR A 312 -7.69 1.63 -23.41
N GLN A 313 -8.45 2.68 -23.10
CA GLN A 313 -9.88 2.71 -23.33
C GLN A 313 -10.24 2.78 -24.80
N ASN A 314 -9.62 3.69 -25.56
CA ASN A 314 -9.89 3.85 -26.98
C ASN A 314 -8.69 3.34 -27.76
N ASP A 315 -8.93 2.40 -28.67
CA ASP A 315 -7.88 1.85 -29.52
C ASP A 315 -8.32 1.99 -30.99
N PHE A 316 -8.03 3.17 -31.55
CA PHE A 316 -8.37 3.41 -32.95
C PHE A 316 -7.37 2.77 -33.90
N VAL A 317 -6.16 2.46 -33.41
CA VAL A 317 -5.15 1.82 -34.25
C VAL A 317 -5.57 0.41 -34.63
N LYS A 318 -6.15 -0.33 -33.68
CA LYS A 318 -6.71 -1.65 -33.99
C LYS A 318 -7.94 -1.52 -34.90
N ARG A 319 -8.70 -0.43 -34.75
CA ARG A 319 -9.84 -0.21 -35.63
C ARG A 319 -9.40 0.21 -37.03
N MET A 320 -8.30 0.96 -37.13
CA MET A 320 -7.77 1.31 -38.44
C MET A 320 -7.08 0.11 -39.09
N TYR A 321 -6.55 -0.80 -38.28
CA TYR A 321 -5.92 -2.00 -38.83
C TYR A 321 -6.98 -2.93 -39.44
N ASP A 322 -8.13 -3.04 -38.78
CA ASP A 322 -9.17 -3.95 -39.25
C ASP A 322 -9.91 -3.37 -40.45
N MET A 323 -10.07 -2.05 -40.49
CA MET A 323 -10.86 -1.43 -41.55
C MET A 323 -10.11 -1.43 -42.89
N ILE A 324 -8.80 -1.21 -42.84
CA ILE A 324 -8.02 -1.14 -44.07
C ILE A 324 -7.76 -2.54 -44.62
N LEU A 325 -7.55 -3.52 -43.74
CA LEU A 325 -7.19 -4.87 -44.18
C LEU A 325 -8.39 -5.60 -44.78
N LEU A 326 -9.58 -5.42 -44.22
CA LEU A 326 -10.75 -6.15 -44.72
C LEU A 326 -11.25 -5.55 -46.04
N ARG A 327 -11.09 -4.24 -46.21
CA ARG A 327 -11.49 -3.62 -47.47
C ARG A 327 -10.46 -3.88 -48.57
N SER A 328 -9.24 -4.28 -48.20
CA SER A 328 -8.27 -4.67 -49.21
C SER A 328 -8.58 -6.05 -49.78
N GLY A 329 -8.85 -7.02 -48.92
CA GLY A 329 -9.30 -8.33 -49.36
C GLY A 329 -8.23 -9.22 -49.95
N ASN A 330 -6.98 -9.04 -49.55
CA ASN A 330 -5.89 -9.85 -50.07
C ASN A 330 -4.78 -9.94 -49.03
N TRP A 331 -3.77 -10.75 -49.32
CA TRP A 331 -2.61 -10.92 -48.46
C TRP A 331 -1.42 -10.07 -48.88
N GLU A 332 -1.60 -9.12 -49.79
CA GLU A 332 -0.48 -8.33 -50.30
C GLU A 332 0.06 -7.35 -49.26
N LEU A 333 -0.81 -6.86 -48.37
CA LEU A 333 -0.37 -5.95 -47.34
C LEU A 333 0.30 -6.69 -46.19
N GLU A 334 -0.02 -7.97 -46.03
CA GLU A 334 0.53 -8.74 -44.92
C GLU A 334 1.87 -9.38 -45.26
N THR A 335 2.07 -9.82 -46.50
CA THR A 335 3.32 -10.44 -46.90
C THR A 335 4.39 -9.45 -47.30
N THR A 336 4.07 -8.15 -47.34
CA THR A 336 5.03 -7.14 -47.71
C THR A 336 6.05 -6.93 -46.60
N ARG A 337 7.33 -6.96 -46.98
CA ARG A 337 8.43 -6.80 -46.04
C ARG A 337 9.08 -5.44 -46.23
N ASN A 338 9.74 -4.96 -45.18
CA ASN A 338 10.41 -3.66 -45.21
C ASN A 338 11.78 -3.75 -45.84
N ASN A 339 12.57 -2.69 -45.72
CA ASN A 339 13.98 -2.73 -46.05
C ASN A 339 14.78 -3.61 -45.09
N ASP A 340 14.30 -3.77 -43.86
CA ASP A 340 14.86 -4.72 -42.91
C ASP A 340 14.27 -6.11 -43.05
N GLY A 341 13.28 -6.28 -43.92
CA GLY A 341 12.66 -7.58 -44.11
C GLY A 341 11.62 -7.94 -43.07
N LEU A 342 10.75 -7.02 -42.71
CA LEU A 342 9.76 -7.25 -41.67
C LEU A 342 8.34 -7.06 -42.18
N THR A 343 7.49 -8.03 -41.91
CA THR A 343 6.05 -7.96 -42.09
C THR A 343 5.45 -7.13 -40.96
N PRO A 344 4.17 -6.70 -41.09
CA PRO A 344 3.53 -6.05 -39.93
C PRO A 344 3.34 -6.97 -38.74
N LEU A 345 3.32 -8.29 -38.94
CA LEU A 345 3.32 -9.23 -37.83
C LEU A 345 4.66 -9.23 -37.11
N GLN A 346 5.77 -9.20 -37.86
CA GLN A 346 7.09 -9.25 -37.25
C GLN A 346 7.50 -7.90 -36.67
N LEU A 347 6.93 -6.81 -37.20
CA LEU A 347 7.23 -5.49 -36.67
C LEU A 347 6.57 -5.26 -35.32
N ALA A 348 5.41 -5.88 -35.09
CA ALA A 348 4.74 -5.77 -33.80
C ALA A 348 5.50 -6.55 -32.72
N ALA A 349 6.21 -7.60 -33.12
CA ALA A 349 7.03 -8.35 -32.16
C ALA A 349 8.35 -7.62 -31.90
N LYS A 350 8.86 -6.88 -32.88
CA LYS A 350 10.12 -6.17 -32.70
C LYS A 350 9.94 -4.94 -31.81
N MET A 351 8.85 -4.20 -31.99
CA MET A 351 8.62 -2.98 -31.23
C MET A 351 7.83 -3.22 -29.95
N GLY A 352 7.35 -4.44 -29.71
CA GLY A 352 6.75 -4.78 -28.44
C GLY A 352 5.33 -4.30 -28.24
N LYS A 353 4.52 -4.27 -29.30
CA LYS A 353 3.12 -3.87 -29.19
C LYS A 353 2.28 -5.12 -28.98
N ALA A 354 1.98 -5.41 -27.71
CA ALA A 354 1.28 -6.64 -27.34
C ALA A 354 -0.19 -6.63 -27.74
N GLU A 355 -0.85 -5.47 -27.76
CA GLU A 355 -2.25 -5.40 -28.15
C GLU A 355 -2.44 -5.64 -29.65
N ILE A 356 -1.54 -5.11 -30.47
CA ILE A 356 -1.61 -5.36 -31.91
C ILE A 356 -1.17 -6.79 -32.24
N LEU A 357 -0.16 -7.32 -31.53
CA LEU A 357 0.32 -8.66 -31.81
C LEU A 357 -0.69 -9.72 -31.37
N LYS A 358 -1.54 -9.38 -30.39
CA LYS A 358 -2.59 -10.30 -29.99
C LYS A 358 -3.73 -10.33 -31.01
N TYR A 359 -4.01 -9.17 -31.62
CA TYR A 359 -5.14 -9.08 -32.54
C TYR A 359 -4.84 -9.77 -33.87
N ILE A 360 -3.62 -9.64 -34.36
CA ILE A 360 -3.26 -10.24 -35.65
C ILE A 360 -3.18 -11.76 -35.52
N LEU A 361 -2.70 -12.23 -34.38
CA LEU A 361 -2.30 -13.63 -34.28
C LEU A 361 -3.47 -14.53 -33.88
N SER A 362 -4.63 -13.94 -33.60
CA SER A 362 -5.87 -14.66 -33.37
C SER A 362 -7.03 -14.03 -34.14
N ARG A 363 -6.75 -13.49 -35.33
CA ARG A 363 -7.76 -12.88 -36.16
C ARG A 363 -8.61 -13.95 -36.81
N GLU A 364 -9.92 -13.92 -36.54
CA GLU A 364 -10.87 -14.89 -37.08
C GLU A 364 -12.07 -14.15 -37.65
N ILE A 365 -12.33 -14.35 -38.94
CA ILE A 365 -13.47 -13.74 -39.62
C ILE A 365 -14.49 -14.85 -39.87
N LYS A 366 -15.68 -14.70 -39.33
CA LYS A 366 -16.71 -15.73 -39.45
C LYS A 366 -17.37 -15.68 -40.83
N GLU A 367 -17.33 -14.52 -41.48
CA GLU A 367 -18.02 -14.32 -42.74
C GLU A 367 -17.29 -14.93 -43.92
N LYS A 368 -17.93 -15.86 -44.63
CA LYS A 368 -17.44 -16.33 -45.91
C LYS A 368 -17.58 -15.19 -46.92
N ARG A 369 -16.65 -15.13 -47.88
CA ARG A 369 -16.15 -14.06 -48.77
C ARG A 369 -15.12 -13.21 -48.04
N LEU A 370 -14.89 -13.47 -46.75
CA LEU A 370 -13.93 -12.71 -45.97
C LEU A 370 -13.20 -13.62 -44.97
N ARG A 371 -13.54 -14.90 -44.97
CA ARG A 371 -12.99 -15.86 -44.03
C ARG A 371 -11.54 -16.21 -44.31
N SER A 372 -11.10 -16.12 -45.57
CA SER A 372 -9.75 -16.53 -45.95
C SER A 372 -8.65 -15.60 -45.43
N LEU A 373 -9.00 -14.45 -44.86
CA LEU A 373 -8.03 -13.54 -44.27
C LEU A 373 -7.84 -13.77 -42.77
N SER A 374 -8.06 -14.99 -42.29
CA SER A 374 -7.98 -15.32 -40.88
C SER A 374 -6.72 -16.11 -40.58
N ARG A 375 -6.28 -16.04 -39.32
CA ARG A 375 -5.17 -16.84 -38.83
C ARG A 375 -5.57 -17.82 -37.74
N LYS A 376 -6.65 -17.54 -37.02
CA LYS A 376 -7.24 -18.46 -36.06
C LYS A 376 -8.49 -19.07 -36.66
N PHE A 377 -8.62 -20.40 -36.55
CA PHE A 377 -9.74 -21.13 -37.14
C PHE A 377 -10.33 -22.06 -36.08
N THR A 378 -11.45 -21.64 -35.49
CA THR A 378 -12.08 -22.43 -34.44
C THR A 378 -12.76 -23.66 -35.06
N ASP A 379 -12.40 -24.84 -34.55
CA ASP A 379 -12.95 -26.07 -35.09
C ASP A 379 -14.31 -26.39 -34.47
N TRP A 380 -14.38 -26.41 -33.14
CA TRP A 380 -15.65 -26.62 -32.43
C TRP A 380 -15.54 -25.98 -31.05
N ALA A 381 -16.71 -25.67 -30.49
CA ALA A 381 -16.79 -25.06 -29.16
C ALA A 381 -17.98 -25.65 -28.41
N TYR A 382 -17.76 -25.96 -27.13
CA TYR A 382 -18.82 -26.51 -26.29
C TYR A 382 -18.60 -25.98 -24.88
N GLY A 383 -19.29 -24.89 -24.55
CA GLY A 383 -19.13 -24.26 -23.25
C GLY A 383 -17.78 -23.58 -23.11
N PRO A 384 -17.03 -23.95 -22.07
CA PRO A 384 -15.70 -23.38 -21.86
C PRO A 384 -14.60 -24.02 -22.70
N VAL A 385 -14.87 -25.15 -23.34
CA VAL A 385 -13.86 -25.89 -24.10
C VAL A 385 -13.95 -25.51 -25.56
N SER A 386 -12.82 -25.09 -26.13
CA SER A 386 -12.75 -24.69 -27.53
C SER A 386 -11.54 -25.37 -28.17
N SER A 387 -11.66 -25.67 -29.46
CA SER A 387 -10.58 -26.26 -30.25
C SER A 387 -10.37 -25.39 -31.47
N SER A 388 -9.15 -24.88 -31.63
CA SER A 388 -8.84 -23.93 -32.69
C SER A 388 -7.57 -24.33 -33.44
N LEU A 389 -7.44 -23.80 -34.65
CA LEU A 389 -6.25 -24.00 -35.48
C LEU A 389 -5.59 -22.64 -35.69
N TYR A 390 -4.30 -22.57 -35.44
CA TYR A 390 -3.54 -21.32 -35.47
C TYR A 390 -2.54 -21.35 -36.61
N ASP A 391 -2.43 -20.23 -37.33
CA ASP A 391 -1.50 -20.14 -38.44
C ASP A 391 -0.08 -20.02 -37.90
N LEU A 392 0.85 -20.75 -38.52
CA LEU A 392 2.26 -20.77 -38.11
C LEU A 392 3.16 -20.46 -39.30
N THR A 393 2.84 -19.40 -40.05
CA THR A 393 3.58 -19.06 -41.25
C THR A 393 4.94 -18.47 -40.92
N ASN A 394 4.95 -17.39 -40.13
CA ASN A 394 6.18 -16.72 -39.72
C ASN A 394 6.36 -16.76 -38.21
N VAL A 395 5.64 -17.66 -37.54
CA VAL A 395 5.63 -17.74 -36.09
C VAL A 395 6.61 -18.79 -35.58
N ASP A 396 6.57 -19.99 -36.15
CA ASP A 396 7.45 -21.06 -35.74
C ASP A 396 8.86 -20.79 -36.25
N THR A 397 9.85 -21.38 -35.57
CA THR A 397 11.25 -21.11 -35.88
C THR A 397 11.76 -21.96 -37.04
N THR A 398 11.10 -21.87 -38.20
CA THR A 398 11.56 -22.51 -39.41
C THR A 398 12.02 -21.51 -40.47
N THR A 399 11.63 -20.24 -40.34
CA THR A 399 12.16 -19.18 -41.16
C THR A 399 13.25 -18.47 -40.37
N ASP A 400 13.93 -17.52 -41.01
CA ASP A 400 15.03 -16.82 -40.37
C ASP A 400 14.58 -15.87 -39.26
N ASN A 401 13.78 -14.86 -39.58
CA ASN A 401 13.41 -13.83 -38.60
C ASN A 401 12.00 -14.10 -38.08
N SER A 402 11.83 -15.19 -37.34
CA SER A 402 10.49 -15.61 -36.92
C SER A 402 9.99 -14.84 -35.71
N VAL A 403 8.68 -14.86 -35.47
CA VAL A 403 8.06 -14.08 -34.40
C VAL A 403 8.45 -14.63 -33.02
N LEU A 404 8.57 -15.95 -32.89
CA LEU A 404 8.98 -16.55 -31.63
C LEU A 404 10.45 -16.24 -31.32
N GLU A 405 11.28 -16.12 -32.35
CA GLU A 405 12.69 -15.81 -32.13
C GLU A 405 12.88 -14.33 -31.80
N ILE A 406 12.01 -13.47 -32.35
CA ILE A 406 12.10 -12.04 -32.05
C ILE A 406 11.71 -11.73 -30.62
N THR A 407 10.53 -12.19 -30.17
CA THR A 407 9.96 -11.86 -28.87
C THR A 407 10.81 -12.35 -27.70
N VAL A 408 11.39 -13.55 -27.82
CA VAL A 408 12.24 -14.08 -26.76
C VAL A 408 13.55 -13.29 -26.67
N TYR A 409 14.15 -12.94 -27.80
CA TYR A 409 15.42 -12.22 -27.83
C TYR A 409 15.24 -10.72 -28.00
N ASN A 410 14.16 -10.14 -27.49
CA ASN A 410 13.89 -8.71 -27.62
C ASN A 410 14.14 -8.05 -26.27
N THR A 411 15.39 -7.68 -26.01
CA THR A 411 15.75 -7.04 -24.75
C THR A 411 15.41 -5.56 -24.71
N ASN A 412 14.95 -4.99 -25.82
CA ASN A 412 14.59 -3.57 -25.86
C ASN A 412 13.26 -3.30 -25.17
N ILE A 413 12.39 -4.30 -25.12
CA ILE A 413 11.02 -4.10 -24.65
C ILE A 413 10.89 -4.60 -23.22
N ASP A 414 9.76 -4.24 -22.59
CA ASP A 414 9.51 -4.52 -21.19
C ASP A 414 8.40 -5.55 -21.00
N ASN A 415 7.71 -5.91 -22.08
CA ASN A 415 6.51 -6.75 -21.99
C ASN A 415 6.69 -8.07 -22.72
N ARG A 416 7.82 -8.75 -22.51
CA ARG A 416 8.02 -10.07 -23.09
C ARG A 416 7.14 -11.12 -22.42
N HIS A 417 6.82 -10.93 -21.14
CA HIS A 417 5.98 -11.90 -20.44
C HIS A 417 4.52 -11.79 -20.89
N GLU A 418 4.10 -10.60 -21.30
CA GLU A 418 2.75 -10.43 -21.83
C GLU A 418 2.61 -11.01 -23.23
N MET A 419 3.67 -10.98 -24.03
CA MET A 419 3.63 -11.42 -25.41
C MET A 419 3.90 -12.91 -25.59
N LEU A 420 4.69 -13.52 -24.71
CA LEU A 420 4.96 -14.95 -24.77
C LEU A 420 3.89 -15.78 -24.07
N THR A 421 2.87 -15.14 -23.51
CA THR A 421 1.70 -15.80 -22.96
C THR A 421 0.63 -16.00 -24.03
N LEU A 422 0.82 -15.39 -25.21
CA LEU A 422 -0.19 -15.33 -26.25
C LEU A 422 -0.39 -16.69 -26.92
N GLU A 423 -1.29 -16.72 -27.89
CA GLU A 423 -2.08 -17.90 -28.17
C GLU A 423 -1.39 -19.05 -28.92
N PRO A 424 -0.48 -18.87 -29.89
CA PRO A 424 0.38 -20.00 -30.26
C PRO A 424 1.76 -19.94 -29.64
N LEU A 425 2.15 -18.81 -29.04
CA LEU A 425 3.54 -18.62 -28.64
C LEU A 425 3.82 -19.35 -27.33
N HIS A 426 2.79 -19.54 -26.50
CA HIS A 426 2.96 -20.26 -25.25
C HIS A 426 2.94 -21.77 -25.47
N THR A 427 2.29 -22.23 -26.55
CA THR A 427 2.16 -23.66 -26.78
C THR A 427 3.39 -24.22 -27.50
N LEU A 428 3.91 -23.49 -28.49
CA LEU A 428 5.18 -23.88 -29.12
C LEU A 428 6.33 -23.84 -28.12
N LEU A 429 6.29 -22.90 -27.17
CA LEU A 429 7.34 -22.83 -26.18
C LEU A 429 7.23 -23.97 -25.17
N HIS A 430 6.00 -24.47 -24.97
CA HIS A 430 5.80 -25.57 -24.04
C HIS A 430 6.03 -26.93 -24.68
N MET A 431 5.72 -27.06 -25.97
CA MET A 431 5.89 -28.35 -26.64
C MET A 431 7.35 -28.63 -26.96
N LYS A 432 8.16 -27.59 -27.11
CA LYS A 432 9.59 -27.80 -27.35
C LYS A 432 10.30 -28.21 -26.06
N TRP A 433 9.77 -27.80 -24.90
CA TRP A 433 10.34 -28.20 -23.63
C TRP A 433 10.07 -29.67 -23.33
N LYS A 434 8.88 -30.16 -23.70
CA LYS A 434 8.54 -31.54 -23.42
C LYS A 434 9.01 -32.51 -24.51
N LYS A 435 9.81 -32.07 -25.46
CA LYS A 435 10.36 -32.95 -26.48
C LYS A 435 11.88 -33.07 -26.48
N PHE A 436 12.61 -31.96 -26.41
CA PHE A 436 14.06 -32.04 -26.42
C PHE A 436 14.72 -31.18 -25.35
N ALA A 437 14.07 -30.08 -24.96
CA ALA A 437 14.75 -29.07 -24.15
C ALA A 437 14.89 -29.49 -22.69
N LYS A 438 14.01 -30.36 -22.21
CA LYS A 438 14.16 -30.87 -20.84
C LYS A 438 15.25 -31.94 -20.79
N HIS A 439 15.42 -32.69 -21.90
CA HIS A 439 16.47 -33.69 -21.97
C HIS A 439 17.83 -33.04 -22.14
N MET A 440 17.92 -31.98 -22.95
CA MET A 440 19.20 -31.33 -23.17
C MET A 440 19.63 -30.49 -21.98
N PHE A 441 18.68 -30.06 -21.13
CA PHE A 441 19.04 -29.33 -19.93
C PHE A 441 19.51 -30.27 -18.82
N PHE A 442 19.01 -31.50 -18.80
CA PHE A 442 19.43 -32.46 -17.78
C PHE A 442 20.82 -32.99 -18.06
N LEU A 443 21.14 -33.25 -19.33
CA LEU A 443 22.45 -33.76 -19.69
C LEU A 443 23.51 -32.67 -19.63
N SER A 444 23.10 -31.41 -19.85
CA SER A 444 24.03 -30.30 -19.68
C SER A 444 24.36 -30.09 -18.21
N PHE A 445 23.45 -30.48 -17.32
CA PHE A 445 23.74 -30.51 -15.90
C PHE A 445 24.71 -31.64 -15.56
N CYS A 446 24.50 -32.81 -16.20
CA CYS A 446 25.26 -34.00 -15.81
C CYS A 446 26.69 -33.96 -16.33
N PHE A 447 26.89 -33.49 -17.57
CA PHE A 447 28.25 -33.44 -18.10
C PHE A 447 29.05 -32.30 -17.48
N TYR A 448 28.39 -31.31 -16.87
CA TYR A 448 29.12 -30.20 -16.27
C TYR A 448 29.34 -30.42 -14.78
N PHE A 449 28.47 -31.19 -14.12
CA PHE A 449 28.70 -31.54 -12.72
C PHE A 449 29.79 -32.60 -12.60
N PHE A 450 29.91 -33.47 -13.61
CA PHE A 450 31.03 -34.39 -13.66
C PHE A 450 32.33 -33.67 -13.98
N TYR A 451 32.23 -32.54 -14.67
CA TYR A 451 33.42 -31.77 -15.05
C TYR A 451 33.98 -31.00 -13.85
N ASN A 452 33.13 -30.59 -12.92
CA ASN A 452 33.60 -29.86 -11.75
C ASN A 452 34.20 -30.79 -10.70
N ILE A 453 33.75 -32.04 -10.65
CA ILE A 453 34.33 -33.01 -9.72
C ILE A 453 35.73 -33.39 -10.16
N THR A 454 35.94 -33.57 -11.46
CA THR A 454 37.25 -33.96 -11.97
C THR A 454 38.27 -32.84 -11.84
N LEU A 455 37.84 -31.58 -11.97
CA LEU A 455 38.71 -30.45 -11.68
C LEU A 455 39.08 -30.38 -10.19
N THR A 456 38.13 -30.73 -9.32
CA THR A 456 38.37 -30.70 -7.88
C THR A 456 39.36 -31.78 -7.43
N LEU A 457 39.21 -33.00 -7.95
CA LEU A 457 40.05 -34.12 -7.52
C LEU A 457 41.44 -34.12 -8.14
N VAL A 458 41.75 -33.20 -9.05
CA VAL A 458 43.11 -33.06 -9.54
C VAL A 458 43.73 -31.80 -8.95
N SER A 459 42.87 -30.92 -8.41
CA SER A 459 43.38 -29.73 -7.73
C SER A 459 43.68 -30.03 -6.27
N TYR A 460 42.88 -30.90 -5.65
CA TYR A 460 43.10 -31.28 -4.26
C TYR A 460 44.24 -32.28 -4.15
N TYR A 461 44.23 -33.32 -4.98
CA TYR A 461 45.30 -34.32 -4.99
C TYR A 461 46.38 -33.98 -6.01
N ARG A 462 46.97 -32.80 -5.87
CA ARG A 462 48.06 -32.40 -6.73
C ARG A 462 49.38 -32.98 -6.22
N PRO A 463 50.40 -33.09 -7.08
CA PRO A 463 51.73 -33.46 -6.58
C PRO A 463 52.32 -32.37 -5.71
N ARG A 464 52.45 -32.67 -4.42
CA ARG A 464 52.80 -31.68 -3.41
C ARG A 464 54.26 -31.22 -3.50
N GLU A 465 55.22 -32.12 -3.32
CA GLU A 465 56.62 -31.72 -3.32
C GLU A 465 57.42 -32.43 -4.41
N GLU A 466 57.20 -33.74 -4.56
CA GLU A 466 57.95 -34.53 -5.52
C GLU A 466 57.51 -34.25 -6.95
N GLU A 467 58.36 -33.58 -7.72
CA GLU A 467 58.07 -33.28 -9.12
C GLU A 467 59.36 -33.15 -9.92
N GLY A 480 45.73 -45.19 -13.53
CA GLY A 480 44.66 -46.09 -13.92
C GLY A 480 43.90 -45.63 -15.15
N TRP A 481 42.96 -46.46 -15.60
CA TRP A 481 42.15 -46.12 -16.76
C TRP A 481 41.12 -45.04 -16.43
N LEU A 482 40.70 -45.00 -15.17
CA LEU A 482 39.74 -43.97 -14.74
C LEU A 482 40.44 -42.63 -14.60
N GLN A 483 41.73 -42.64 -14.24
CA GLN A 483 42.50 -41.41 -14.13
C GLN A 483 42.78 -40.82 -15.51
N LEU A 484 42.92 -41.68 -16.51
CA LEU A 484 43.12 -41.22 -17.88
C LEU A 484 41.80 -40.75 -18.48
N LEU A 485 40.70 -41.34 -18.03
CA LEU A 485 39.38 -40.98 -18.54
C LEU A 485 38.97 -39.63 -17.98
N GLY A 486 39.45 -39.31 -16.77
CA GLY A 486 39.12 -38.05 -16.14
C GLY A 486 39.86 -36.86 -16.70
N ARG A 487 41.19 -36.97 -16.82
CA ARG A 487 42.00 -35.83 -17.24
C ARG A 487 41.85 -35.52 -18.73
N MET A 488 41.53 -36.53 -19.54
CA MET A 488 41.27 -36.29 -20.95
C MET A 488 39.88 -35.70 -21.16
N PHE A 489 38.97 -35.93 -20.21
CA PHE A 489 37.66 -35.30 -20.27
C PHE A 489 37.76 -33.82 -19.95
N VAL A 490 38.75 -33.44 -19.14
CA VAL A 490 38.95 -32.03 -18.80
C VAL A 490 39.49 -31.27 -20.01
N LEU A 491 40.39 -31.89 -20.77
CA LEU A 491 41.03 -31.21 -21.89
C LEU A 491 40.07 -31.04 -23.06
N ILE A 492 39.08 -31.93 -23.19
CA ILE A 492 38.14 -31.85 -24.31
C ILE A 492 36.97 -30.94 -23.97
N TRP A 493 36.41 -31.07 -22.76
CA TRP A 493 35.21 -30.31 -22.39
C TRP A 493 35.53 -28.83 -22.19
N ALA A 494 36.77 -28.50 -21.90
CA ALA A 494 37.15 -27.08 -21.79
C ALA A 494 37.31 -26.45 -23.17
N MET A 495 37.66 -27.25 -24.18
CA MET A 495 37.76 -26.74 -25.53
C MET A 495 36.39 -26.66 -26.19
N CYS A 496 35.44 -27.47 -25.73
CA CYS A 496 34.09 -27.42 -26.28
C CYS A 496 33.36 -26.16 -25.81
N ILE A 497 33.64 -25.72 -24.58
CA ILE A 497 33.02 -24.51 -24.07
C ILE A 497 33.67 -23.27 -24.67
N SER A 498 35.00 -23.29 -24.83
CA SER A 498 35.72 -22.11 -25.28
C SER A 498 35.44 -21.79 -26.75
N VAL A 499 35.07 -22.80 -27.53
CA VAL A 499 34.66 -22.55 -28.92
C VAL A 499 33.21 -22.10 -28.97
N LYS A 500 32.35 -22.75 -28.19
CA LYS A 500 30.92 -22.46 -28.24
C LYS A 500 30.60 -21.11 -27.62
N GLU A 501 31.20 -20.80 -26.46
CA GLU A 501 30.93 -19.53 -25.82
C GLU A 501 31.74 -18.40 -26.45
N GLY A 502 32.78 -18.73 -27.22
CA GLY A 502 33.55 -17.70 -27.89
C GLY A 502 32.83 -17.11 -29.08
N ILE A 503 31.98 -17.92 -29.72
CA ILE A 503 31.19 -17.45 -30.85
C ILE A 503 30.08 -16.52 -30.36
N ALA A 504 29.50 -16.85 -29.20
CA ALA A 504 28.38 -16.06 -28.67
C ALA A 504 28.82 -14.69 -28.17
N ILE A 505 30.08 -14.55 -27.78
CA ILE A 505 30.60 -13.24 -27.40
C ILE A 505 30.92 -12.41 -28.64
N PHE A 506 31.43 -13.06 -29.68
CA PHE A 506 31.75 -12.40 -30.94
C PHE A 506 30.48 -11.96 -31.66
N LEU A 507 29.44 -12.78 -31.62
CA LEU A 507 28.13 -12.41 -32.17
C LEU A 507 27.27 -11.70 -31.12
N LEU A 508 27.76 -10.56 -30.63
CA LEU A 508 27.11 -9.84 -29.54
C LEU A 508 27.52 -8.38 -29.61
N ARG A 509 26.57 -7.50 -29.33
CA ARG A 509 26.72 -6.06 -29.54
C ARG A 509 27.19 -5.38 -28.26
N PRO A 510 27.95 -4.27 -28.37
CA PRO A 510 28.56 -3.67 -27.17
C PRO A 510 27.63 -2.79 -26.34
N SER A 511 26.32 -2.87 -26.55
CA SER A 511 25.40 -2.04 -25.80
C SER A 511 24.81 -2.75 -24.59
N ASP A 512 25.62 -3.53 -23.87
CA ASP A 512 25.13 -4.37 -22.79
C ASP A 512 24.71 -3.57 -21.55
N LEU A 513 23.42 -3.27 -21.47
CA LEU A 513 22.81 -2.74 -20.25
C LEU A 513 21.51 -3.51 -20.05
N GLN A 514 21.02 -4.09 -21.14
CA GLN A 514 19.74 -4.78 -21.17
C GLN A 514 19.88 -6.29 -21.40
N SER A 515 21.02 -6.74 -21.89
CA SER A 515 21.27 -8.16 -22.14
C SER A 515 22.00 -8.82 -20.97
N ILE A 516 22.72 -8.04 -20.17
CA ILE A 516 23.47 -8.60 -19.05
C ILE A 516 22.68 -8.60 -17.75
N LEU A 517 21.36 -8.45 -17.83
CA LEU A 517 20.48 -8.49 -16.67
C LEU A 517 20.54 -9.87 -16.00
N SER A 518 20.23 -10.92 -16.76
CA SER A 518 20.41 -12.27 -16.26
C SER A 518 21.00 -13.18 -17.35
N ASP A 519 21.09 -12.66 -18.57
CA ASP A 519 21.26 -13.50 -19.75
C ASP A 519 22.70 -13.55 -20.24
N ALA A 520 23.27 -12.39 -20.59
CA ALA A 520 24.59 -12.38 -21.21
C ALA A 520 25.71 -12.36 -20.18
N TRP A 521 25.39 -12.42 -18.88
CA TRP A 521 26.43 -12.49 -17.86
C TRP A 521 27.04 -13.89 -17.81
N PHE A 522 26.24 -14.91 -18.14
CA PHE A 522 26.73 -16.28 -18.10
C PHE A 522 27.55 -16.64 -19.33
N HIS A 523 27.48 -15.84 -20.40
CA HIS A 523 28.28 -16.14 -21.58
C HIS A 523 29.74 -15.77 -21.37
N PHE A 524 30.03 -14.90 -20.40
CA PHE A 524 31.41 -14.57 -20.11
C PHE A 524 32.02 -15.53 -19.09
N VAL A 525 31.27 -15.87 -18.04
CA VAL A 525 31.86 -16.59 -16.92
C VAL A 525 32.03 -18.07 -17.24
N PHE A 526 31.24 -18.61 -18.18
CA PHE A 526 31.56 -19.94 -18.70
C PHE A 526 32.77 -19.90 -19.63
N PHE A 527 33.02 -18.75 -20.27
CA PHE A 527 34.15 -18.63 -21.19
C PHE A 527 35.45 -18.38 -20.44
N ILE A 528 35.41 -17.52 -19.41
CA ILE A 528 36.60 -17.23 -18.61
C ILE A 528 37.04 -18.46 -17.82
N GLN A 529 36.08 -19.26 -17.36
CA GLN A 529 36.40 -20.49 -16.65
C GLN A 529 37.01 -21.53 -17.58
N ALA A 530 36.59 -21.54 -18.85
CA ALA A 530 37.10 -22.52 -19.79
C ALA A 530 38.51 -22.16 -20.28
N VAL A 531 38.83 -20.87 -20.35
CA VAL A 531 40.16 -20.47 -20.78
C VAL A 531 41.19 -20.73 -19.69
N LEU A 532 40.83 -20.49 -18.42
CA LEU A 532 41.76 -20.71 -17.32
C LEU A 532 42.09 -22.18 -17.09
N VAL A 533 41.20 -23.08 -17.53
CA VAL A 533 41.55 -24.50 -17.54
C VAL A 533 42.58 -24.77 -18.64
N ILE A 534 42.39 -24.18 -19.82
CA ILE A 534 43.32 -24.35 -20.94
C ILE A 534 44.65 -23.65 -20.65
N LEU A 535 44.60 -22.48 -20.02
CA LEU A 535 45.83 -21.77 -19.66
C LEU A 535 46.63 -22.50 -18.61
N SER A 536 45.96 -23.30 -17.76
CA SER A 536 46.67 -24.05 -16.73
C SER A 536 47.39 -25.25 -17.33
N VAL A 537 47.00 -25.66 -18.54
CA VAL A 537 47.68 -26.78 -19.19
C VAL A 537 49.01 -26.34 -19.78
N PHE A 538 49.04 -25.14 -20.39
CA PHE A 538 50.27 -24.65 -20.99
C PHE A 538 51.29 -24.25 -19.93
N LEU A 539 50.83 -23.82 -18.76
CA LEU A 539 51.74 -23.44 -17.69
C LEU A 539 52.33 -24.67 -16.99
N TYR A 540 51.52 -25.69 -16.75
CA TYR A 540 51.97 -26.86 -16.00
C TYR A 540 52.90 -27.74 -16.83
N LEU A 541 52.63 -27.85 -18.14
CA LEU A 541 53.39 -28.78 -18.97
C LEU A 541 54.78 -28.25 -19.31
N PHE A 542 54.87 -26.99 -19.75
CA PHE A 542 56.10 -26.47 -20.30
C PHE A 542 57.25 -26.33 -19.29
N ALA A 543 57.21 -25.30 -18.43
CA ALA A 543 58.19 -25.18 -17.36
C ALA A 543 57.68 -24.46 -16.12
N TYR A 544 56.43 -24.02 -16.13
CA TYR A 544 56.06 -22.91 -15.26
C TYR A 544 55.31 -23.39 -14.02
N LYS A 545 55.34 -22.55 -12.98
CA LYS A 545 54.72 -22.85 -11.70
C LYS A 545 53.47 -22.02 -11.44
N GLU A 546 53.04 -21.21 -12.39
CA GLU A 546 51.83 -20.42 -12.25
C GLU A 546 50.57 -21.19 -12.63
N TYR A 547 50.64 -22.51 -12.77
CA TYR A 547 49.47 -23.30 -13.09
C TYR A 547 48.50 -23.35 -11.92
N LEU A 548 49.02 -23.26 -10.70
CA LEU A 548 48.17 -23.30 -9.51
C LEU A 548 47.33 -22.04 -9.38
N ALA A 549 47.82 -20.91 -9.92
CA ALA A 549 47.05 -19.68 -9.89
C ALA A 549 45.92 -19.71 -10.91
N CYS A 550 46.02 -20.58 -11.91
CA CYS A 550 44.99 -20.64 -12.94
C CYS A 550 44.05 -21.83 -12.72
N LEU A 551 44.56 -22.94 -12.16
CA LEU A 551 43.72 -24.11 -11.94
C LEU A 551 42.77 -23.90 -10.77
N VAL A 552 43.22 -23.21 -9.72
CA VAL A 552 42.39 -22.96 -8.55
C VAL A 552 41.29 -21.95 -8.85
N LEU A 553 41.61 -20.87 -9.57
CA LEU A 553 40.61 -19.87 -9.91
C LEU A 553 39.61 -20.38 -10.94
N ALA A 554 40.00 -21.36 -11.75
CA ALA A 554 39.04 -21.98 -12.66
C ALA A 554 38.14 -22.95 -11.91
N MET A 555 38.67 -23.60 -10.88
CA MET A 555 37.88 -24.56 -10.11
C MET A 555 36.89 -23.84 -9.19
N ALA A 556 37.29 -22.70 -8.64
CA ALA A 556 36.38 -21.92 -7.79
C ALA A 556 35.29 -21.26 -8.62
N LEU A 557 35.63 -20.81 -9.83
CA LEU A 557 34.62 -20.26 -10.73
C LEU A 557 33.80 -21.37 -11.37
N GLY A 558 34.37 -22.58 -11.46
CA GLY A 558 33.64 -23.69 -12.03
C GLY A 558 32.50 -24.17 -11.15
N TRP A 559 32.74 -24.24 -9.84
CA TRP A 559 31.65 -24.55 -8.92
C TRP A 559 30.67 -23.40 -8.80
N ALA A 560 31.14 -22.16 -8.97
CA ALA A 560 30.27 -20.99 -8.88
C ALA A 560 29.32 -20.88 -10.06
N ASN A 561 29.63 -21.53 -11.18
CA ASN A 561 28.75 -21.52 -12.34
C ASN A 561 27.66 -22.59 -12.28
N MET A 562 27.53 -23.29 -11.16
CA MET A 562 26.46 -24.25 -10.98
C MET A 562 25.11 -23.60 -10.69
N LEU A 563 25.09 -22.29 -10.44
CA LEU A 563 23.85 -21.55 -10.26
C LEU A 563 23.16 -21.22 -11.57
N TYR A 564 23.81 -21.51 -12.71
CA TYR A 564 23.16 -21.40 -14.00
C TYR A 564 22.06 -22.43 -14.17
N TYR A 565 22.19 -23.58 -13.52
CA TYR A 565 21.21 -24.65 -13.63
C TYR A 565 20.08 -24.54 -12.61
N THR A 566 20.11 -23.51 -11.77
CA THR A 566 18.97 -23.14 -10.95
C THR A 566 17.97 -22.27 -11.72
N ARG A 567 18.33 -21.83 -12.92
CA ARG A 567 17.50 -20.93 -13.70
C ARG A 567 16.37 -21.69 -14.37
N GLY A 568 15.25 -21.00 -14.57
CA GLY A 568 14.10 -21.56 -15.24
C GLY A 568 13.17 -22.37 -14.37
N PHE A 569 13.34 -22.34 -13.05
CA PHE A 569 12.51 -23.10 -12.13
C PHE A 569 11.79 -22.13 -11.19
N GLN A 570 10.58 -22.51 -10.78
CA GLN A 570 9.72 -21.61 -10.02
C GLN A 570 10.27 -21.34 -8.62
N SER A 571 10.96 -22.33 -8.05
CA SER A 571 11.47 -22.21 -6.69
C SER A 571 12.90 -21.68 -6.64
N MET A 572 13.68 -21.86 -7.69
CA MET A 572 15.11 -21.55 -7.66
C MET A 572 15.56 -20.54 -8.71
N GLY A 573 14.65 -20.00 -9.53
CA GLY A 573 15.08 -19.19 -10.65
C GLY A 573 15.47 -17.77 -10.27
N MET A 574 14.97 -17.29 -9.13
CA MET A 574 15.19 -15.90 -8.75
C MET A 574 16.48 -15.69 -7.98
N TYR A 575 17.17 -16.76 -7.59
CA TYR A 575 18.36 -16.61 -6.76
C TYR A 575 19.55 -16.09 -7.56
N SER A 576 19.66 -16.49 -8.82
CA SER A 576 20.77 -16.00 -9.65
C SER A 576 20.56 -14.55 -10.05
N VAL A 577 19.31 -14.09 -10.10
CA VAL A 577 19.06 -12.68 -10.42
C VAL A 577 19.32 -11.81 -9.20
N MET A 578 19.07 -12.33 -7.99
CA MET A 578 19.33 -11.57 -6.77
C MET A 578 20.82 -11.35 -6.55
N ILE A 579 21.65 -12.30 -6.96
CA ILE A 579 23.10 -12.14 -6.76
C ILE A 579 23.67 -11.13 -7.76
N GLN A 580 23.20 -11.17 -9.01
CA GLN A 580 23.72 -10.29 -10.03
C GLN A 580 23.24 -8.85 -9.86
N LYS A 581 21.98 -8.67 -9.45
CA LYS A 581 21.42 -7.32 -9.36
C LYS A 581 21.94 -6.59 -8.12
N VAL A 582 22.28 -7.32 -7.07
CA VAL A 582 22.90 -6.72 -5.89
C VAL A 582 24.32 -6.26 -6.18
N ILE A 583 25.12 -7.05 -6.89
CA ILE A 583 26.47 -6.65 -7.28
C ILE A 583 26.46 -5.44 -8.21
N LEU A 584 25.64 -5.47 -9.25
CA LEU A 584 25.69 -4.44 -10.28
C LEU A 584 24.97 -3.15 -9.91
N HIS A 585 23.92 -3.20 -9.08
CA HIS A 585 23.12 -2.03 -8.80
C HIS A 585 23.20 -1.55 -7.36
N ASP A 586 23.82 -2.31 -6.46
CA ASP A 586 23.97 -1.85 -5.08
C ASP A 586 25.42 -1.76 -4.67
N VAL A 587 26.21 -2.82 -4.94
CA VAL A 587 27.56 -2.89 -4.42
C VAL A 587 28.54 -1.98 -5.14
N LEU A 588 28.67 -2.09 -6.46
CA LEU A 588 29.63 -1.31 -7.25
C LEU A 588 29.39 0.20 -7.20
N LYS A 589 28.15 0.65 -7.06
CA LYS A 589 27.90 2.07 -6.83
C LYS A 589 28.15 2.49 -5.39
N PHE A 590 28.49 1.56 -4.50
CA PHE A 590 28.78 1.87 -3.12
C PHE A 590 30.26 1.77 -2.79
N LEU A 591 31.06 1.20 -3.70
CA LEU A 591 32.52 1.27 -3.56
C LEU A 591 33.03 2.70 -3.62
N PHE A 592 32.42 3.55 -4.45
CA PHE A 592 32.89 4.94 -4.55
C PHE A 592 32.49 5.74 -3.31
N VAL A 593 31.56 5.23 -2.51
CA VAL A 593 31.25 5.86 -1.23
C VAL A 593 32.23 5.41 -0.16
N TYR A 594 32.68 4.14 -0.22
CA TYR A 594 33.45 3.54 0.85
C TYR A 594 34.96 3.72 0.72
N ILE A 595 35.50 3.73 -0.51
CA ILE A 595 36.93 3.96 -0.71
C ILE A 595 37.30 5.40 -0.34
N VAL A 596 36.33 6.32 -0.41
CA VAL A 596 36.42 7.64 0.20
C VAL A 596 36.80 7.56 1.68
N PHE A 597 36.15 6.66 2.44
CA PHE A 597 36.45 6.56 3.87
C PHE A 597 37.55 5.54 4.16
N LEU A 598 37.81 4.61 3.24
CA LEU A 598 38.85 3.62 3.48
C LEU A 598 40.23 4.20 3.20
N LEU A 599 40.35 5.04 2.18
CA LEU A 599 41.65 5.62 1.84
C LEU A 599 41.90 6.90 2.63
N GLY A 600 40.84 7.55 3.09
CA GLY A 600 41.01 8.75 3.89
C GLY A 600 41.51 8.44 5.30
N PHE A 601 40.84 7.52 5.99
CA PHE A 601 41.27 7.12 7.32
C PHE A 601 42.47 6.19 7.29
N GLY A 602 42.74 5.55 6.14
CA GLY A 602 43.86 4.63 6.06
C GLY A 602 45.21 5.33 6.10
N VAL A 603 45.35 6.45 5.40
CA VAL A 603 46.57 7.24 5.48
C VAL A 603 46.58 8.05 6.77
N ALA A 604 45.40 8.40 7.30
CA ALA A 604 45.29 9.19 8.51
C ALA A 604 45.83 8.43 9.73
N LEU A 605 45.47 7.16 9.86
CA LEU A 605 45.90 6.40 11.03
C LEU A 605 47.32 5.86 10.85
N ALA A 606 47.79 5.74 9.62
CA ALA A 606 49.16 5.28 9.38
C ALA A 606 50.18 6.38 9.56
N SER A 607 49.76 7.64 9.42
CA SER A 607 50.67 8.77 9.59
C SER A 607 50.98 9.08 11.05
N LEU A 608 50.06 8.74 11.97
CA LEU A 608 50.31 8.93 13.40
C LEU A 608 51.23 7.87 13.99
N ILE A 609 51.35 6.72 13.35
CA ILE A 609 52.18 5.64 13.88
C ILE A 609 53.65 6.00 13.71
N GLU A 610 54.32 6.19 14.84
CA GLU A 610 55.75 6.43 14.89
C GLU A 610 56.49 5.16 14.48
N LYS A 611 57.67 5.35 13.87
CA LYS A 611 58.56 4.25 13.55
C LYS A 611 58.95 3.49 14.81
N CYS A 612 58.69 2.19 14.79
CA CYS A 612 58.80 1.38 15.99
C CYS A 612 60.27 1.15 16.33
N PRO A 613 60.65 1.12 17.62
CA PRO A 613 62.01 0.71 17.99
C PRO A 613 62.28 -0.72 17.56
N LYS A 614 63.54 -1.02 17.23
CA LYS A 614 63.99 -2.03 16.26
C LYS A 614 63.24 -3.37 16.23
N ASP A 615 63.10 -4.03 17.37
CA ASP A 615 62.45 -5.34 17.41
C ASP A 615 60.93 -5.21 17.51
N ASN A 616 60.23 -6.32 17.82
CA ASN A 616 58.81 -6.35 18.16
C ASN A 616 57.91 -5.81 17.07
N LYS A 617 57.79 -6.49 15.93
CA LYS A 617 57.00 -6.05 14.79
C LYS A 617 55.51 -5.93 15.12
N ASP A 618 55.05 -6.69 16.12
CA ASP A 618 53.68 -6.53 16.64
C ASP A 618 53.57 -5.44 17.70
N CYS A 619 54.05 -4.23 17.39
CA CYS A 619 53.90 -3.08 18.26
C CYS A 619 52.82 -2.13 17.78
N SER A 620 52.56 -2.10 16.47
CA SER A 620 51.47 -1.32 15.90
C SER A 620 50.99 -1.98 14.63
N SER A 621 49.70 -2.29 14.56
CA SER A 621 49.12 -2.93 13.39
C SER A 621 48.88 -1.97 12.24
N TYR A 622 48.91 -0.67 12.49
CA TYR A 622 48.71 0.36 11.47
C TYR A 622 50.02 0.96 11.00
N GLY A 623 51.08 0.15 10.96
CA GLY A 623 52.43 0.66 10.70
C GLY A 623 52.74 0.95 9.24
N SER A 624 51.79 0.73 8.35
CA SER A 624 51.95 1.02 6.93
C SER A 624 50.56 1.21 6.34
N PHE A 625 50.52 1.76 5.12
CA PHE A 625 49.24 1.96 4.46
C PHE A 625 48.62 0.64 4.03
N SER A 626 49.44 -0.33 3.61
CA SER A 626 48.93 -1.64 3.25
C SER A 626 48.44 -2.38 4.48
N ASP A 627 49.09 -2.16 5.62
CA ASP A 627 48.62 -2.73 6.88
C ASP A 627 47.31 -2.08 7.31
N ALA A 628 47.22 -0.75 7.19
CA ALA A 628 46.10 -0.01 7.76
C ALA A 628 44.79 -0.27 7.02
N VAL A 629 44.84 -0.55 5.72
CA VAL A 629 43.62 -0.88 4.98
C VAL A 629 43.07 -2.23 5.43
N LEU A 630 43.95 -3.13 5.89
CA LEU A 630 43.52 -4.47 6.28
C LEU A 630 42.71 -4.45 7.57
N GLU A 631 43.18 -3.74 8.60
CA GLU A 631 42.42 -3.71 9.85
C GLU A 631 41.18 -2.83 9.75
N LEU A 632 41.22 -1.77 8.95
CA LEU A 632 40.03 -0.95 8.78
C LEU A 632 38.95 -1.64 7.97
N PHE A 633 39.33 -2.59 7.11
CA PHE A 633 38.33 -3.45 6.49
C PHE A 633 37.73 -4.41 7.52
N LYS A 634 38.51 -4.76 8.55
CA LYS A 634 38.03 -5.69 9.57
C LYS A 634 37.10 -4.98 10.56
N LEU A 635 37.33 -3.69 10.82
CA LEU A 635 36.40 -2.94 11.67
C LEU A 635 35.08 -2.67 10.96
N THR A 636 35.10 -2.61 9.63
CA THR A 636 33.88 -2.34 8.87
C THR A 636 32.94 -3.54 8.86
N ILE A 637 33.46 -4.75 8.70
CA ILE A 637 32.64 -5.95 8.64
C ILE A 637 32.38 -6.48 10.05
N GLY A 638 33.21 -6.08 11.01
CA GLY A 638 32.96 -6.43 12.39
C GLY A 638 33.92 -7.45 12.97
N LEU A 639 35.06 -7.65 12.32
CA LEU A 639 36.10 -8.56 12.79
C LEU A 639 37.29 -7.80 13.36
N GLY A 640 37.08 -6.56 13.79
CA GLY A 640 38.15 -5.66 14.17
C GLY A 640 38.48 -5.69 15.66
N ASP A 641 39.36 -4.76 16.03
CA ASP A 641 39.83 -4.63 17.40
C ASP A 641 40.05 -3.16 17.69
N LEU A 642 39.45 -2.67 18.77
CA LEU A 642 39.65 -1.29 19.20
C LEU A 642 40.85 -1.16 20.13
N ASN A 643 42.03 -1.40 19.57
CA ASN A 643 43.25 -1.42 20.37
C ASN A 643 43.67 0.02 20.69
N ILE A 644 44.13 0.23 21.92
CA ILE A 644 44.42 1.58 22.40
C ILE A 644 45.89 1.62 22.82
N GLN A 645 46.61 0.53 22.61
CA GLN A 645 48.03 0.46 22.98
C GLN A 645 48.85 1.35 22.05
N GLN A 646 48.93 0.97 20.76
CA GLN A 646 49.07 1.84 19.60
C GLN A 646 50.09 2.97 19.71
N ASN A 647 51.38 2.63 19.71
CA ASN A 647 52.44 3.54 20.15
C ASN A 647 52.63 4.70 19.17
N SER A 648 51.87 5.75 19.44
CA SER A 648 51.93 7.02 18.73
C SER A 648 52.22 8.15 19.71
N LYS A 649 52.47 9.34 19.16
CA LYS A 649 52.59 10.55 19.97
C LYS A 649 51.25 11.23 20.22
N TYR A 650 50.16 10.69 19.66
CA TYR A 650 48.82 11.23 19.85
C TYR A 650 47.86 10.08 20.18
N PRO A 651 47.81 9.65 21.44
CA PRO A 651 46.95 8.51 21.79
C PRO A 651 45.47 8.86 21.83
N ILE A 652 45.10 10.07 22.25
CA ILE A 652 43.70 10.48 22.23
C ILE A 652 43.24 10.78 20.81
N LEU A 653 44.11 11.39 20.00
CA LEU A 653 43.73 11.74 18.63
C LEU A 653 43.65 10.50 17.74
N PHE A 654 44.44 9.47 18.04
CA PHE A 654 44.27 8.19 17.35
C PHE A 654 42.98 7.52 17.77
N LEU A 655 42.60 7.65 19.04
CA LEU A 655 41.40 7.00 19.55
C LEU A 655 40.14 7.70 19.07
N PHE A 656 40.24 8.99 18.75
CA PHE A 656 39.08 9.71 18.23
C PHE A 656 38.77 9.29 16.81
N LEU A 657 39.79 9.21 15.94
CA LEU A 657 39.55 8.86 14.54
C LEU A 657 39.26 7.38 14.36
N LEU A 658 39.63 6.56 15.35
CA LEU A 658 39.36 5.13 15.23
C LEU A 658 37.91 4.81 15.55
N ILE A 659 37.34 5.45 16.59
CA ILE A 659 35.94 5.26 16.91
C ILE A 659 35.04 5.95 15.88
N THR A 660 35.48 7.10 15.35
CA THR A 660 34.74 7.80 14.30
C THR A 660 34.63 6.95 13.03
N TYR A 661 35.66 6.13 12.76
CA TYR A 661 35.60 5.23 11.61
C TYR A 661 34.59 4.10 11.86
N VAL A 662 34.49 3.62 13.10
CA VAL A 662 33.58 2.51 13.42
C VAL A 662 32.13 2.98 13.35
N ILE A 663 31.84 4.19 13.80
CA ILE A 663 30.48 4.71 13.77
C ILE A 663 30.03 4.98 12.34
N LEU A 664 30.93 5.50 11.50
CA LEU A 664 30.58 5.76 10.11
C LEU A 664 30.43 4.47 9.30
N THR A 665 31.47 3.64 9.28
CA THR A 665 31.46 2.48 8.39
C THR A 665 30.62 1.32 8.91
N PHE A 666 30.89 0.84 10.14
CA PHE A 666 30.21 -0.33 10.67
C PHE A 666 28.76 -0.05 11.06
N VAL A 667 28.50 1.08 11.71
CA VAL A 667 27.15 1.35 12.21
C VAL A 667 26.27 2.00 11.13
N LEU A 668 26.78 2.98 10.40
CA LEU A 668 25.97 3.71 9.43
C LEU A 668 26.10 3.18 8.01
N LEU A 669 27.32 3.11 7.46
CA LEU A 669 27.46 2.78 6.03
C LEU A 669 27.27 1.30 5.76
N LEU A 670 27.49 0.45 6.76
CA LEU A 670 27.25 -0.98 6.54
C LEU A 670 25.76 -1.29 6.50
N ASN A 671 25.00 -0.75 7.45
CA ASN A 671 23.56 -0.99 7.47
C ASN A 671 22.83 -0.17 6.42
N MET A 672 23.47 0.86 5.86
CA MET A 672 22.87 1.57 4.74
C MET A 672 22.92 0.73 3.47
N LEU A 673 23.99 -0.06 3.30
CA LEU A 673 24.08 -0.97 2.16
C LEU A 673 23.10 -2.12 2.31
N ILE A 674 22.92 -2.62 3.53
CA ILE A 674 21.99 -3.72 3.78
C ILE A 674 20.55 -3.26 3.55
N ALA A 675 20.24 -2.00 3.85
CA ALA A 675 18.92 -1.46 3.54
C ALA A 675 18.74 -1.26 2.04
N LEU A 676 19.82 -0.99 1.31
CA LEU A 676 19.72 -0.87 -0.13
C LEU A 676 19.72 -2.23 -0.82
N MET A 677 20.45 -3.21 -0.27
CA MET A 677 20.38 -4.57 -0.81
C MET A 677 19.03 -5.22 -0.52
N GLY A 678 18.40 -4.87 0.59
CA GLY A 678 17.11 -5.44 0.93
C GLY A 678 15.98 -4.96 0.05
N GLU A 679 16.11 -3.75 -0.51
CA GLU A 679 15.13 -3.27 -1.48
C GLU A 679 15.26 -4.00 -2.81
N THR A 680 16.47 -4.44 -3.14
CA THR A 680 16.69 -5.19 -4.37
C THR A 680 16.08 -6.59 -4.27
N VAL A 681 16.22 -7.23 -3.12
CA VAL A 681 15.72 -8.59 -2.92
C VAL A 681 14.20 -8.62 -2.97
N GLU A 682 13.54 -7.62 -2.39
CA GLU A 682 12.08 -7.61 -2.39
C GLU A 682 11.52 -7.23 -3.75
N ASN A 683 12.30 -6.50 -4.56
CA ASN A 683 11.83 -6.18 -5.91
C ASN A 683 11.97 -7.36 -6.85
N VAL A 684 13.00 -8.18 -6.68
CA VAL A 684 13.13 -9.41 -7.46
C VAL A 684 12.12 -10.46 -7.02
N SER A 685 11.84 -10.54 -5.71
CA SER A 685 10.89 -11.52 -5.19
C SER A 685 9.45 -11.24 -5.60
N LYS A 686 9.09 -9.98 -5.85
CA LYS A 686 7.78 -9.66 -6.40
C LYS A 686 7.66 -10.00 -7.88
N GLU A 687 8.75 -9.91 -8.63
CA GLU A 687 8.76 -10.22 -10.06
C GLU A 687 9.21 -11.64 -10.33
N SER A 688 9.22 -12.48 -9.28
CA SER A 688 9.91 -13.77 -9.36
C SER A 688 9.15 -14.78 -10.22
N GLU A 689 7.84 -14.61 -10.37
CA GLU A 689 7.08 -15.51 -11.24
C GLU A 689 7.29 -15.16 -12.71
N ARG A 690 7.72 -13.94 -12.99
CA ARG A 690 7.95 -13.54 -14.38
C ARG A 690 9.40 -13.78 -14.80
N ILE A 691 10.28 -14.13 -13.86
CA ILE A 691 11.70 -14.25 -14.17
C ILE A 691 12.01 -15.63 -14.74
N TRP A 692 11.56 -16.69 -14.06
CA TRP A 692 11.94 -18.04 -14.47
C TRP A 692 11.21 -18.47 -15.74
N ARG A 693 10.09 -17.84 -16.06
CA ARG A 693 9.42 -18.11 -17.32
C ARG A 693 10.17 -17.50 -18.49
N LEU A 694 10.86 -16.37 -18.27
CA LEU A 694 11.69 -15.79 -19.32
C LEU A 694 13.08 -16.42 -19.36
N GLN A 695 13.51 -17.03 -18.26
CA GLN A 695 14.80 -17.74 -18.25
C GLN A 695 14.71 -19.04 -19.03
N ARG A 696 13.60 -19.75 -18.92
CA ARG A 696 13.48 -21.02 -19.63
C ARG A 696 13.24 -20.80 -21.11
N ALA A 697 12.61 -19.67 -21.46
CA ALA A 697 12.27 -19.40 -22.86
C ALA A 697 13.52 -19.17 -23.70
N ARG A 698 14.56 -18.57 -23.11
CA ARG A 698 15.83 -18.42 -23.82
C ARG A 698 16.63 -19.71 -23.80
N THR A 699 16.39 -20.58 -22.81
CA THR A 699 17.12 -21.84 -22.73
C THR A 699 16.62 -22.83 -23.78
N ILE A 700 15.34 -22.73 -24.15
CA ILE A 700 14.75 -23.63 -25.14
C ILE A 700 15.29 -23.32 -26.54
N LEU A 701 15.30 -22.04 -26.91
CA LEU A 701 15.68 -21.68 -28.28
C LEU A 701 17.19 -21.77 -28.51
N GLU A 702 17.99 -21.75 -27.45
CA GLU A 702 19.42 -22.00 -27.62
C GLU A 702 19.71 -23.49 -27.79
N PHE A 703 18.88 -24.34 -27.17
CA PHE A 703 19.03 -25.78 -27.36
C PHE A 703 18.55 -26.20 -28.74
N GLU A 704 17.59 -25.48 -29.32
CA GLU A 704 17.11 -25.80 -30.66
C GLU A 704 18.14 -25.48 -31.72
N LYS A 705 18.95 -24.44 -31.52
CA LYS A 705 20.03 -24.10 -32.44
C LYS A 705 21.19 -25.09 -32.37
N MET A 706 21.30 -25.85 -31.29
CA MET A 706 22.35 -26.87 -31.15
C MET A 706 22.00 -28.16 -31.89
N LEU A 707 20.76 -28.31 -32.36
CA LEU A 707 20.26 -29.50 -33.01
C LEU A 707 20.59 -29.48 -34.50
N PRO A 708 20.90 -30.64 -35.09
CA PRO A 708 21.13 -30.69 -36.53
C PRO A 708 19.82 -30.59 -37.30
N GLU A 709 19.92 -30.46 -38.62
CA GLU A 709 18.75 -30.26 -39.47
C GLU A 709 17.87 -31.50 -39.56
N TRP A 710 18.47 -32.70 -39.57
CA TRP A 710 17.69 -33.92 -39.67
C TRP A 710 16.94 -34.22 -38.37
N LEU A 711 17.48 -33.78 -37.23
CA LEU A 711 16.82 -34.00 -35.95
C LEU A 711 15.83 -32.88 -35.63
N ARG A 712 16.05 -31.68 -36.16
CA ARG A 712 15.09 -30.60 -35.96
C ARG A 712 13.84 -30.83 -36.79
N SER A 713 13.97 -31.53 -37.92
CA SER A 713 12.81 -31.81 -38.77
C SER A 713 11.89 -32.85 -38.13
N ARG A 714 12.43 -33.70 -37.27
CA ARG A 714 11.58 -34.65 -36.56
C ARG A 714 10.81 -33.96 -35.44
N PHE A 715 11.39 -32.88 -34.89
CA PHE A 715 10.81 -32.12 -33.80
C PHE A 715 9.85 -31.02 -34.26
N ARG A 716 9.50 -30.98 -35.55
CA ARG A 716 8.68 -29.90 -36.07
C ARG A 716 7.22 -30.14 -35.75
N MET A 717 6.54 -29.11 -35.26
CA MET A 717 5.11 -29.17 -34.98
C MET A 717 4.31 -28.65 -36.17
N GLY A 718 3.11 -29.19 -36.33
CA GLY A 718 2.24 -28.63 -37.33
C GLY A 718 1.73 -29.68 -38.30
N GLU A 719 0.52 -29.46 -38.81
CA GLU A 719 -0.09 -30.30 -39.82
C GLU A 719 -0.70 -29.42 -40.91
N LEU A 720 -0.74 -29.95 -42.12
CA LEU A 720 -1.29 -29.20 -43.25
C LEU A 720 -2.81 -29.21 -43.19
N CYS A 721 -3.43 -28.06 -43.44
CA CYS A 721 -4.88 -27.91 -43.36
C CYS A 721 -5.43 -27.54 -44.73
N LYS A 722 -6.74 -27.64 -44.88
CA LYS A 722 -7.45 -27.09 -46.04
C LYS A 722 -8.34 -25.96 -45.55
N VAL A 723 -7.82 -24.73 -45.62
CA VAL A 723 -8.61 -23.57 -45.25
C VAL A 723 -9.67 -23.25 -46.30
N ALA A 724 -9.26 -23.05 -47.56
CA ALA A 724 -10.19 -22.80 -48.64
C ALA A 724 -9.61 -23.33 -49.95
N GLU A 725 -10.19 -22.92 -51.08
CA GLU A 725 -9.64 -23.27 -52.38
C GLU A 725 -8.31 -22.55 -52.59
N ASP A 726 -7.29 -23.31 -53.00
CA ASP A 726 -5.90 -22.86 -53.16
C ASP A 726 -5.32 -22.22 -51.90
N ASP A 727 -5.62 -22.78 -50.73
CA ASP A 727 -5.15 -22.25 -49.46
C ASP A 727 -4.82 -23.44 -48.56
N PHE A 728 -3.52 -23.77 -48.46
CA PHE A 728 -3.03 -24.89 -47.67
C PHE A 728 -1.90 -24.38 -46.78
N ARG A 729 -2.22 -24.08 -45.52
CA ARG A 729 -1.24 -23.53 -44.60
C ARG A 729 -0.97 -24.50 -43.45
N LEU A 730 0.05 -24.17 -42.65
CA LEU A 730 0.48 -25.02 -41.55
C LEU A 730 -0.24 -24.59 -40.28
N CYS A 731 -0.84 -25.54 -39.57
CA CYS A 731 -1.71 -25.24 -38.44
C CYS A 731 -1.09 -25.72 -37.13
N LEU A 732 -1.86 -25.56 -36.06
CA LEU A 732 -1.60 -26.18 -34.77
C LEU A 732 -2.91 -26.26 -34.00
N ARG A 733 -3.31 -27.46 -33.62
CA ARG A 733 -4.54 -27.65 -32.88
C ARG A 733 -4.27 -27.47 -31.39
N ILE A 734 -4.90 -26.47 -30.79
CA ILE A 734 -4.74 -26.17 -29.37
C ILE A 734 -6.10 -26.26 -28.72
N ASN A 735 -6.26 -27.22 -27.81
CA ASN A 735 -7.51 -27.40 -27.07
C ASN A 735 -7.47 -26.53 -25.82
N GLU A 736 -8.22 -25.43 -25.85
CA GLU A 736 -8.24 -24.47 -24.76
C GLU A 736 -9.51 -24.65 -23.93
N VAL A 737 -9.36 -24.56 -22.61
CA VAL A 737 -10.48 -24.54 -21.68
C VAL A 737 -10.32 -23.30 -20.80
N LYS A 738 -11.39 -22.53 -20.65
CA LYS A 738 -11.39 -21.26 -19.94
C LYS A 738 -12.60 -21.26 -19.00
N TRP A 739 -12.36 -21.62 -17.73
CA TRP A 739 -13.46 -21.72 -16.79
C TRP A 739 -13.91 -20.35 -16.28
N THR A 740 -12.95 -19.47 -15.98
CA THR A 740 -13.26 -18.17 -15.40
C THR A 740 -13.92 -17.25 -16.43
N GLU A 741 -13.44 -17.33 -17.68
CA GLU A 741 -14.01 -16.49 -18.74
C GLU A 741 -15.38 -16.98 -19.18
N TRP A 742 -15.71 -18.23 -18.85
CA TRP A 742 -17.02 -18.77 -19.23
C TRP A 742 -18.07 -18.45 -18.18
N LYS A 743 -17.69 -18.56 -16.89
CA LYS A 743 -18.66 -18.33 -15.81
C LYS A 743 -19.05 -16.85 -15.73
N THR A 744 -18.15 -15.95 -16.11
CA THR A 744 -18.52 -14.54 -16.13
C THR A 744 -19.33 -14.19 -17.38
N HIS A 745 -19.18 -14.99 -18.44
CA HIS A 745 -19.89 -14.70 -19.69
C HIS A 745 -21.36 -15.12 -19.60
N VAL A 746 -21.62 -16.27 -18.99
CA VAL A 746 -22.97 -16.82 -18.95
C VAL A 746 -23.85 -16.04 -17.96
N SER A 747 -23.21 -15.38 -16.98
CA SER A 747 -23.92 -14.81 -15.85
C SER A 747 -24.76 -13.59 -16.24
N PHE A 748 -24.30 -12.77 -17.18
CA PHE A 748 -25.04 -11.57 -17.53
C PHE A 748 -25.97 -11.75 -18.72
N LEU A 749 -25.96 -12.91 -19.39
CA LEU A 749 -26.95 -13.15 -20.44
C LEU A 749 -28.31 -13.50 -19.87
N ASN A 750 -28.39 -13.90 -18.61
CA ASN A 750 -29.66 -14.21 -17.97
C ASN A 750 -29.72 -13.57 -16.59
N GLU A 751 -29.34 -12.30 -16.49
CA GLU A 751 -29.37 -11.58 -15.23
C GLU A 751 -30.80 -11.24 -14.81
N PRO B 62 -5.93 -30.22 -22.92
CA PRO B 62 -6.30 -31.64 -23.04
C PRO B 62 -6.21 -32.14 -24.48
N VAL B 63 -6.57 -33.41 -24.69
CA VAL B 63 -6.53 -34.01 -26.02
C VAL B 63 -7.63 -35.09 -26.07
N PHE B 64 -8.27 -35.23 -27.24
CA PHE B 64 -9.34 -36.20 -27.42
C PHE B 64 -9.20 -36.99 -28.71
N SER B 65 -8.30 -36.60 -29.61
CA SER B 65 -7.90 -37.30 -30.83
C SER B 65 -9.01 -37.45 -31.87
N LYS B 66 -10.17 -36.82 -31.64
CA LYS B 66 -11.30 -36.75 -32.54
C LYS B 66 -12.23 -35.60 -32.14
N PRO B 67 -12.53 -34.69 -33.05
CA PRO B 67 -13.34 -33.52 -32.69
C PRO B 67 -14.82 -33.85 -32.61
N MET B 68 -15.54 -32.97 -31.89
CA MET B 68 -16.99 -33.04 -31.88
C MET B 68 -17.56 -32.67 -33.24
N ASP B 69 -17.25 -31.47 -33.72
CA ASP B 69 -17.66 -31.01 -35.04
C ASP B 69 -16.40 -30.71 -35.84
N SER B 70 -16.45 -31.01 -37.14
CA SER B 70 -15.30 -30.80 -38.01
C SER B 70 -15.77 -30.21 -39.34
N ASN B 71 -15.16 -29.09 -39.71
CA ASN B 71 -15.44 -28.45 -40.99
C ASN B 71 -14.16 -28.15 -41.76
N ILE B 72 -13.01 -28.50 -41.20
CA ILE B 72 -11.70 -28.28 -41.83
C ILE B 72 -11.03 -29.63 -42.01
N ARG B 73 -10.69 -29.97 -43.25
CA ARG B 73 -10.13 -31.28 -43.58
C ARG B 73 -8.63 -31.25 -43.35
N GLN B 74 -8.15 -32.21 -42.55
CA GLN B 74 -6.72 -32.32 -42.26
C GLN B 74 -6.04 -33.08 -43.38
N CYS B 75 -5.18 -32.40 -44.13
CA CYS B 75 -4.49 -33.03 -45.25
C CYS B 75 -3.34 -33.91 -44.76
N ARG B 118 -22.08 -39.98 -53.06
CA ARG B 118 -21.96 -38.54 -52.87
C ARG B 118 -23.25 -37.95 -52.33
N LEU B 119 -24.24 -38.82 -52.08
CA LEU B 119 -25.53 -38.36 -51.60
C LEU B 119 -25.47 -38.01 -50.11
N LYS B 120 -24.63 -38.73 -49.36
CA LYS B 120 -24.54 -38.51 -47.92
C LYS B 120 -23.80 -37.21 -47.61
N LYS B 121 -22.74 -36.93 -48.37
CA LYS B 121 -21.85 -35.81 -48.02
C LYS B 121 -22.48 -34.46 -48.38
N ARG B 122 -23.49 -34.47 -49.26
CA ARG B 122 -24.13 -33.22 -49.63
C ARG B 122 -25.19 -32.81 -48.62
N ILE B 123 -25.71 -33.77 -47.85
CA ILE B 123 -26.74 -33.47 -46.87
C ILE B 123 -26.13 -32.77 -45.66
N PHE B 124 -24.95 -33.24 -45.22
CA PHE B 124 -24.23 -32.56 -44.15
C PHE B 124 -23.70 -31.20 -44.62
N ALA B 125 -23.50 -31.05 -45.93
CA ALA B 125 -23.11 -29.75 -46.47
C ALA B 125 -24.33 -28.91 -46.84
N ALA B 126 -25.53 -29.39 -46.49
CA ALA B 126 -26.74 -28.59 -46.69
C ALA B 126 -27.31 -28.10 -45.37
N VAL B 127 -27.21 -28.92 -44.32
CA VAL B 127 -27.76 -28.54 -43.03
C VAL B 127 -26.83 -27.59 -42.29
N SER B 128 -25.58 -27.47 -42.74
CA SER B 128 -24.61 -26.62 -42.05
C SER B 128 -24.77 -25.15 -42.42
N GLU B 129 -24.72 -24.82 -43.71
CA GLU B 129 -24.81 -23.43 -44.15
C GLU B 129 -26.24 -22.89 -44.07
N GLY B 130 -27.24 -23.74 -44.31
CA GLY B 130 -28.62 -23.30 -44.20
C GLY B 130 -29.35 -23.26 -45.52
N CYS B 131 -28.89 -24.05 -46.49
CA CYS B 131 -29.53 -24.11 -47.80
C CYS B 131 -30.82 -24.92 -47.72
N VAL B 132 -31.96 -24.24 -47.72
CA VAL B 132 -33.24 -24.93 -47.60
C VAL B 132 -33.65 -25.55 -48.93
N GLU B 133 -33.52 -24.79 -50.02
CA GLU B 133 -33.97 -25.25 -51.33
C GLU B 133 -33.07 -26.35 -51.87
N GLU B 134 -31.81 -26.38 -51.42
CA GLU B 134 -30.92 -27.47 -51.79
C GLU B 134 -31.23 -28.73 -50.99
N LEU B 135 -31.63 -28.57 -49.72
CA LEU B 135 -31.87 -29.71 -48.86
C LEU B 135 -33.14 -30.46 -49.25
N VAL B 136 -34.13 -29.72 -49.76
CA VAL B 136 -35.38 -30.34 -50.22
C VAL B 136 -35.10 -31.20 -51.46
N GLU B 137 -34.24 -30.71 -52.35
CA GLU B 137 -33.91 -31.46 -53.56
C GLU B 137 -33.06 -32.69 -53.25
N LEU B 138 -32.29 -32.65 -52.17
CA LEU B 138 -31.47 -33.80 -51.81
C LEU B 138 -32.27 -34.88 -51.10
N LEU B 139 -33.32 -34.50 -50.36
CA LEU B 139 -34.10 -35.50 -49.64
C LEU B 139 -35.03 -36.26 -50.58
N VAL B 140 -35.44 -35.64 -51.68
CA VAL B 140 -36.25 -36.33 -52.69
C VAL B 140 -35.41 -37.38 -53.39
N GLU B 141 -34.13 -37.09 -53.61
CA GLU B 141 -33.23 -38.05 -54.25
C GLU B 141 -32.92 -39.23 -53.34
N LEU B 142 -33.08 -39.04 -52.02
CA LEU B 142 -32.87 -40.14 -51.09
C LEU B 142 -34.18 -40.83 -50.74
N GLN B 143 -35.30 -40.13 -50.95
CA GLN B 143 -36.61 -40.74 -50.74
C GLN B 143 -36.91 -41.74 -51.85
N GLU B 144 -36.43 -41.44 -53.06
CA GLU B 144 -36.61 -42.34 -54.19
C GLU B 144 -35.58 -43.46 -54.16
N LEU B 145 -34.51 -43.28 -53.38
CA LEU B 145 -33.46 -44.29 -53.30
C LEU B 145 -33.72 -45.16 -52.08
N CYS B 146 -34.85 -45.87 -52.08
CA CYS B 146 -35.16 -46.82 -51.01
C CYS B 146 -35.72 -48.10 -51.59
N ARG B 147 -36.25 -48.03 -52.81
CA ARG B 147 -37.08 -49.09 -53.36
C ARG B 147 -36.55 -49.67 -54.67
N ARG B 148 -35.42 -49.18 -55.17
CA ARG B 148 -34.93 -49.63 -56.47
C ARG B 148 -34.27 -51.00 -56.42
N ARG B 149 -33.96 -51.50 -55.23
CA ARG B 149 -33.30 -52.80 -55.15
C ARG B 149 -33.95 -53.75 -54.15
N HIS B 150 -34.66 -53.23 -53.14
CA HIS B 150 -35.34 -54.08 -52.16
C HIS B 150 -36.39 -53.23 -51.46
N ASP B 151 -37.47 -53.91 -51.04
CA ASP B 151 -38.40 -53.35 -50.05
C ASP B 151 -38.60 -54.41 -48.96
N GLU B 152 -37.62 -54.50 -48.06
CA GLU B 152 -37.75 -55.28 -46.84
C GLU B 152 -37.10 -54.53 -45.68
N ASP B 153 -36.21 -53.61 -46.01
CA ASP B 153 -35.31 -52.96 -45.07
C ASP B 153 -35.39 -51.44 -45.18
N VAL B 154 -36.61 -50.90 -45.16
CA VAL B 154 -36.79 -49.44 -45.25
C VAL B 154 -36.33 -48.71 -43.99
N PRO B 155 -36.76 -49.10 -42.71
CA PRO B 155 -36.33 -48.29 -41.56
C PRO B 155 -34.83 -48.33 -41.26
N ASP B 156 -34.13 -49.36 -41.72
CA ASP B 156 -32.71 -49.48 -41.41
C ASP B 156 -31.86 -48.72 -42.44
N PHE B 157 -32.22 -48.83 -43.72
CA PHE B 157 -31.41 -48.21 -44.78
C PHE B 157 -31.57 -46.69 -44.79
N LEU B 158 -32.70 -46.20 -44.27
CA LEU B 158 -32.91 -44.76 -44.17
C LEU B 158 -32.05 -44.13 -43.09
N MET B 159 -31.52 -44.93 -42.16
CA MET B 159 -30.75 -44.37 -41.06
C MET B 159 -29.25 -44.40 -41.34
N HIS B 160 -28.78 -45.37 -42.12
CA HIS B 160 -27.36 -45.46 -42.41
C HIS B 160 -26.86 -44.38 -43.37
N LYS B 161 -27.75 -43.75 -44.13
CA LYS B 161 -27.35 -42.69 -45.05
C LYS B 161 -27.47 -41.32 -44.43
N LEU B 162 -28.02 -41.21 -43.22
CA LEU B 162 -28.18 -39.94 -42.54
C LEU B 162 -27.28 -39.81 -41.32
N THR B 163 -26.52 -40.84 -40.99
CA THR B 163 -25.64 -40.83 -39.83
C THR B 163 -24.20 -41.05 -40.26
N ALA B 164 -23.28 -40.47 -39.50
CA ALA B 164 -21.85 -40.69 -39.73
C ALA B 164 -21.44 -42.02 -39.12
N SER B 165 -20.69 -42.81 -39.88
CA SER B 165 -20.29 -44.14 -39.45
C SER B 165 -19.08 -44.16 -38.52
N ASP B 166 -18.42 -43.02 -38.32
CA ASP B 166 -17.24 -42.95 -37.47
C ASP B 166 -17.53 -42.40 -36.08
N THR B 167 -18.47 -41.46 -35.96
CA THR B 167 -18.76 -40.85 -34.67
C THR B 167 -20.16 -41.21 -34.19
N GLY B 168 -21.10 -41.37 -35.12
CA GLY B 168 -22.50 -41.54 -34.80
C GLY B 168 -23.30 -40.25 -34.89
N LYS B 169 -22.71 -39.18 -35.41
CA LYS B 169 -23.40 -37.91 -35.51
C LYS B 169 -24.42 -37.93 -36.65
N THR B 170 -25.64 -37.50 -36.35
CA THR B 170 -26.70 -37.47 -37.34
C THR B 170 -26.67 -36.15 -38.11
N CYS B 171 -27.58 -36.00 -39.07
CA CYS B 171 -27.72 -34.73 -39.75
C CYS B 171 -28.47 -33.71 -38.89
N LEU B 172 -29.24 -34.19 -37.91
CA LEU B 172 -29.91 -33.28 -36.97
C LEU B 172 -28.90 -32.68 -36.00
N MET B 173 -27.89 -33.46 -35.60
CA MET B 173 -26.86 -32.93 -34.71
C MET B 173 -25.94 -31.96 -35.45
N LYS B 174 -25.77 -32.15 -36.75
CA LYS B 174 -24.88 -31.29 -37.53
C LYS B 174 -25.50 -29.91 -37.72
N ALA B 175 -26.82 -29.85 -37.83
CA ALA B 175 -27.50 -28.56 -37.96
C ALA B 175 -27.51 -27.80 -36.64
N LEU B 176 -27.52 -28.52 -35.52
CA LEU B 176 -27.56 -27.87 -34.22
C LEU B 176 -26.18 -27.45 -33.71
N LEU B 177 -25.11 -28.11 -34.17
CA LEU B 177 -23.77 -27.65 -33.82
C LEU B 177 -23.38 -26.39 -34.58
N ASN B 178 -23.98 -26.15 -35.74
CA ASN B 178 -23.69 -24.97 -36.54
C ASN B 178 -24.91 -24.05 -36.54
N ILE B 179 -24.95 -23.13 -35.57
CA ILE B 179 -26.09 -22.25 -35.42
C ILE B 179 -26.00 -21.11 -36.42
N ASN B 180 -27.05 -20.96 -37.22
CA ASN B 180 -27.22 -19.89 -38.20
C ASN B 180 -28.63 -19.31 -38.04
N PRO B 181 -28.96 -18.18 -38.65
CA PRO B 181 -30.37 -17.72 -38.60
C PRO B 181 -31.34 -18.55 -39.44
N ASN B 182 -30.86 -19.54 -40.18
CA ASN B 182 -31.71 -20.42 -40.98
C ASN B 182 -31.73 -21.81 -40.34
N THR B 183 -31.77 -21.85 -39.01
CA THR B 183 -31.64 -23.11 -38.27
C THR B 183 -32.99 -23.79 -38.07
N LYS B 184 -34.02 -23.03 -37.72
CA LYS B 184 -35.32 -23.61 -37.38
C LYS B 184 -36.02 -24.18 -38.62
N GLU B 185 -35.67 -23.68 -39.80
CA GLU B 185 -36.27 -24.17 -41.03
C GLU B 185 -35.71 -25.54 -41.40
N ILE B 186 -34.47 -25.82 -40.98
CA ILE B 186 -33.87 -27.11 -41.28
C ILE B 186 -34.43 -28.20 -40.38
N VAL B 187 -34.71 -27.85 -39.12
CA VAL B 187 -35.16 -28.83 -38.14
C VAL B 187 -36.58 -29.28 -38.44
N ARG B 188 -37.42 -28.35 -38.93
CA ARG B 188 -38.81 -28.69 -39.22
C ARG B 188 -38.94 -29.58 -40.45
N ILE B 189 -37.95 -29.54 -41.34
CA ILE B 189 -37.97 -30.40 -42.52
C ILE B 189 -37.48 -31.80 -42.17
N LEU B 190 -36.42 -31.87 -41.35
CA LEU B 190 -35.82 -33.17 -41.02
C LEU B 190 -36.71 -33.97 -40.07
N LEU B 191 -37.48 -33.29 -39.23
CA LEU B 191 -38.40 -34.01 -38.35
C LEU B 191 -39.66 -34.44 -39.09
N ALA B 192 -40.00 -33.73 -40.17
CA ALA B 192 -41.16 -34.11 -40.98
C ALA B 192 -40.77 -35.19 -41.98
N PHE B 193 -39.49 -35.29 -42.31
CA PHE B 193 -39.00 -36.29 -43.24
C PHE B 193 -39.02 -37.68 -42.62
N ALA B 194 -38.93 -37.73 -41.29
CA ALA B 194 -38.94 -39.03 -40.60
C ALA B 194 -40.37 -39.48 -40.29
N GLU B 195 -41.36 -38.69 -40.69
CA GLU B 195 -42.74 -39.04 -40.40
C GLU B 195 -43.29 -40.04 -41.41
N GLU B 196 -43.05 -39.80 -42.71
CA GLU B 196 -43.56 -40.73 -43.73
C GLU B 196 -42.72 -42.00 -43.78
N ASN B 197 -41.47 -41.93 -43.33
CA ASN B 197 -40.61 -43.09 -43.27
C ASN B 197 -40.78 -43.89 -41.97
N ASP B 198 -41.51 -43.35 -41.00
CA ASP B 198 -41.79 -43.96 -39.70
C ASP B 198 -40.50 -44.30 -38.94
N ILE B 199 -39.52 -43.40 -39.01
CA ILE B 199 -38.23 -43.59 -38.37
C ILE B 199 -37.97 -42.48 -37.37
N LEU B 200 -39.04 -41.80 -36.95
CA LEU B 200 -38.90 -40.67 -36.03
C LEU B 200 -38.51 -41.11 -34.62
N GLY B 201 -38.79 -42.36 -34.27
CA GLY B 201 -38.45 -42.87 -32.95
C GLY B 201 -36.96 -43.06 -32.73
N ARG B 202 -36.24 -43.46 -33.77
CA ARG B 202 -34.81 -43.70 -33.62
C ARG B 202 -33.96 -42.56 -34.15
N PHE B 203 -34.58 -41.58 -34.83
CA PHE B 203 -33.82 -40.45 -35.36
C PHE B 203 -33.63 -39.37 -34.30
N ILE B 204 -34.58 -39.24 -33.37
CA ILE B 204 -34.48 -38.21 -32.34
C ILE B 204 -33.77 -38.72 -31.10
N ASN B 205 -33.66 -40.05 -30.93
CA ASN B 205 -33.01 -40.64 -29.76
C ASN B 205 -31.65 -41.23 -30.11
N ALA B 206 -31.04 -40.79 -31.20
CA ALA B 206 -29.71 -41.27 -31.57
C ALA B 206 -28.65 -40.61 -30.71
N GLU B 207 -27.48 -41.22 -30.68
CA GLU B 207 -26.38 -40.76 -29.84
C GLU B 207 -25.05 -41.13 -30.49
N TYR B 208 -23.98 -40.52 -30.00
CA TYR B 208 -22.64 -40.84 -30.48
C TYR B 208 -22.22 -42.23 -30.04
N THR B 209 -21.62 -42.98 -30.95
CA THR B 209 -21.01 -44.27 -30.64
C THR B 209 -19.53 -44.14 -30.32
N GLU B 210 -18.99 -42.93 -30.31
CA GLU B 210 -17.58 -42.70 -30.03
C GLU B 210 -17.35 -42.66 -28.53
N GLU B 211 -16.19 -43.15 -28.07
CA GLU B 211 -15.93 -43.37 -26.66
C GLU B 211 -15.75 -42.12 -25.83
N ALA B 212 -15.52 -40.96 -26.43
CA ALA B 212 -15.33 -39.73 -25.67
C ALA B 212 -16.56 -38.84 -25.63
N TYR B 213 -17.57 -39.13 -26.44
CA TYR B 213 -18.78 -38.32 -26.46
C TYR B 213 -20.03 -39.18 -26.42
N GLU B 214 -19.95 -40.37 -25.82
CA GLU B 214 -21.02 -41.35 -25.88
C GLU B 214 -22.21 -40.89 -25.04
N GLY B 215 -23.41 -40.97 -25.60
CA GLY B 215 -24.61 -40.58 -24.91
C GLY B 215 -25.09 -39.17 -25.22
N GLN B 216 -24.29 -38.37 -25.91
CA GLN B 216 -24.72 -37.03 -26.28
C GLN B 216 -25.72 -37.10 -27.43
N THR B 217 -26.87 -36.46 -27.23
CA THR B 217 -27.97 -36.50 -28.18
C THR B 217 -28.20 -35.11 -28.73
N ALA B 218 -29.24 -34.97 -29.56
CA ALA B 218 -29.56 -33.67 -30.15
C ALA B 218 -30.15 -32.72 -29.11
N LEU B 219 -30.76 -33.27 -28.06
CA LEU B 219 -31.28 -32.42 -27.00
C LEU B 219 -30.16 -31.83 -26.15
N ASN B 220 -29.02 -32.53 -26.08
CA ASN B 220 -27.87 -32.02 -25.34
C ASN B 220 -27.25 -30.83 -26.05
N ILE B 221 -27.35 -30.80 -27.39
CA ILE B 221 -26.76 -29.71 -28.15
C ILE B 221 -27.69 -28.51 -28.19
N ALA B 222 -29.00 -28.74 -28.31
CA ALA B 222 -29.96 -27.65 -28.49
C ALA B 222 -30.11 -26.82 -27.21
N ILE B 223 -29.96 -27.45 -26.05
CA ILE B 223 -30.02 -26.70 -24.79
C ILE B 223 -28.74 -25.89 -24.59
N GLU B 224 -27.59 -26.43 -25.02
CA GLU B 224 -26.31 -25.76 -24.81
C GLU B 224 -26.13 -24.57 -25.75
N ARG B 225 -26.76 -24.61 -26.93
CA ARG B 225 -26.66 -23.48 -27.86
C ARG B 225 -27.69 -22.40 -27.60
N ARG B 226 -28.42 -22.47 -26.47
CA ARG B 226 -29.52 -21.57 -26.12
C ARG B 226 -30.59 -21.53 -27.21
N GLN B 227 -31.26 -22.66 -27.42
CA GLN B 227 -32.36 -22.77 -28.37
C GLN B 227 -33.55 -23.33 -27.62
N GLY B 228 -34.32 -22.45 -26.98
CA GLY B 228 -35.48 -22.88 -26.22
C GLY B 228 -36.65 -23.29 -27.09
N ASP B 229 -36.72 -22.76 -28.31
CA ASP B 229 -37.80 -23.14 -29.22
C ASP B 229 -37.52 -24.48 -29.88
N ILE B 230 -36.25 -24.75 -30.20
CA ILE B 230 -35.90 -26.01 -30.85
C ILE B 230 -35.95 -27.16 -29.85
N ALA B 231 -35.54 -26.91 -28.61
CA ALA B 231 -35.56 -27.94 -27.59
C ALA B 231 -36.98 -28.27 -27.16
N ALA B 232 -37.90 -27.32 -27.31
CA ALA B 232 -39.31 -27.58 -26.99
C ALA B 232 -39.95 -28.46 -28.06
N LEU B 233 -39.48 -28.34 -29.30
CA LEU B 233 -40.03 -29.15 -30.38
C LEU B 233 -39.52 -30.59 -30.31
N LEU B 234 -38.34 -30.80 -29.74
CA LEU B 234 -37.80 -32.15 -29.64
C LEU B 234 -38.49 -32.95 -28.54
N ILE B 235 -38.73 -32.31 -27.38
CA ILE B 235 -39.38 -32.97 -26.26
C ILE B 235 -40.84 -33.27 -26.59
N ALA B 236 -41.49 -32.39 -27.38
CA ALA B 236 -42.85 -32.61 -27.86
C ALA B 236 -42.91 -33.60 -29.02
N ALA B 237 -41.77 -34.15 -29.45
CA ALA B 237 -41.75 -35.15 -30.50
C ALA B 237 -41.25 -36.51 -30.03
N GLY B 238 -40.63 -36.61 -28.86
CA GLY B 238 -40.22 -37.90 -28.35
C GLY B 238 -38.75 -38.00 -27.97
N ALA B 239 -38.11 -36.86 -27.73
CA ALA B 239 -36.70 -36.86 -27.32
C ALA B 239 -36.58 -37.34 -25.89
N ASP B 240 -35.44 -37.95 -25.56
CA ASP B 240 -35.25 -38.50 -24.23
C ASP B 240 -34.75 -37.40 -23.29
N VAL B 241 -35.51 -37.16 -22.23
CA VAL B 241 -35.15 -36.17 -21.22
C VAL B 241 -34.28 -36.77 -20.13
N ASN B 242 -33.93 -38.06 -20.24
CA ASN B 242 -33.10 -38.73 -19.26
C ASN B 242 -31.89 -39.37 -19.92
N ALA B 243 -31.42 -38.79 -21.02
CA ALA B 243 -30.25 -39.28 -21.73
C ALA B 243 -28.99 -38.93 -20.97
N HIS B 244 -28.20 -39.94 -20.62
CA HIS B 244 -26.98 -39.77 -19.85
C HIS B 244 -25.80 -39.67 -20.82
N ALA B 245 -25.20 -38.49 -20.90
CA ALA B 245 -24.06 -38.26 -21.77
C ALA B 245 -22.78 -38.59 -21.01
N LYS B 246 -22.29 -39.82 -21.20
CA LYS B 246 -21.06 -40.27 -20.58
C LYS B 246 -19.87 -39.93 -21.47
N GLY B 247 -18.71 -40.51 -21.18
CA GLY B 247 -17.54 -40.30 -22.00
C GLY B 247 -16.43 -39.56 -21.28
N ALA B 248 -15.23 -39.54 -21.88
CA ALA B 248 -14.09 -38.89 -21.26
C ALA B 248 -14.22 -37.37 -21.27
N PHE B 249 -14.96 -36.81 -22.22
CA PHE B 249 -15.17 -35.37 -22.26
C PHE B 249 -16.16 -34.92 -21.19
N PHE B 250 -17.27 -35.64 -21.05
CA PHE B 250 -18.31 -35.26 -20.11
C PHE B 250 -18.06 -35.78 -18.70
N ASN B 251 -17.15 -36.74 -18.54
CA ASN B 251 -16.72 -37.24 -17.23
C ASN B 251 -15.20 -37.21 -17.18
N PRO B 252 -14.60 -36.04 -16.95
CA PRO B 252 -13.14 -35.97 -16.91
C PRO B 252 -12.60 -36.41 -15.56
N LYS B 253 -11.27 -36.42 -15.46
CA LYS B 253 -10.60 -36.73 -14.20
C LYS B 253 -10.17 -35.48 -13.44
N TYR B 254 -10.01 -34.36 -14.12
CA TYR B 254 -9.67 -33.09 -13.50
C TYR B 254 -10.53 -32.00 -14.13
N GLN B 255 -10.44 -30.78 -13.59
CA GLN B 255 -11.18 -29.67 -14.16
C GLN B 255 -10.35 -28.90 -15.19
N HIS B 256 -9.69 -29.63 -16.09
CA HIS B 256 -9.11 -29.02 -17.28
C HIS B 256 -9.16 -29.95 -18.48
N GLU B 257 -9.82 -31.11 -18.36
CA GLU B 257 -9.82 -32.12 -19.41
C GLU B 257 -11.23 -32.42 -19.89
N GLY B 258 -12.12 -31.44 -19.85
CA GLY B 258 -13.48 -31.64 -20.33
C GLY B 258 -14.43 -30.66 -19.69
N PHE B 259 -15.69 -31.09 -19.60
CA PHE B 259 -16.77 -30.26 -19.06
C PHE B 259 -17.79 -31.16 -18.38
N TYR B 260 -17.75 -31.18 -17.05
CA TYR B 260 -18.71 -31.93 -16.26
C TYR B 260 -19.84 -31.01 -15.81
N PHE B 261 -21.07 -31.43 -16.08
CA PHE B 261 -22.23 -30.64 -15.68
C PHE B 261 -23.26 -31.49 -14.92
N GLY B 262 -23.20 -32.81 -15.09
CA GLY B 262 -24.12 -33.68 -14.40
C GLY B 262 -24.69 -34.79 -15.27
N GLU B 263 -24.31 -34.79 -16.54
CA GLU B 263 -24.57 -35.78 -17.59
C GLU B 263 -26.04 -35.84 -18.02
N THR B 264 -26.94 -35.07 -17.43
CA THR B 264 -28.35 -35.08 -17.77
C THR B 264 -28.76 -33.75 -18.39
N PRO B 265 -29.80 -33.73 -19.24
CA PRO B 265 -30.26 -32.45 -19.80
C PRO B 265 -30.86 -31.50 -18.77
N LEU B 266 -31.34 -32.02 -17.62
CA LEU B 266 -31.79 -31.14 -16.56
C LEU B 266 -30.61 -30.45 -15.89
N ALA B 267 -29.46 -31.13 -15.80
CA ALA B 267 -28.29 -30.52 -15.21
C ALA B 267 -27.55 -29.62 -16.18
N LEU B 268 -27.80 -29.78 -17.48
CA LEU B 268 -27.14 -28.93 -18.46
C LEU B 268 -27.78 -27.55 -18.50
N ALA B 269 -29.10 -27.48 -18.36
CA ALA B 269 -29.78 -26.19 -18.32
C ALA B 269 -29.59 -25.51 -16.98
N ALA B 270 -29.32 -26.28 -15.92
CA ALA B 270 -29.14 -25.69 -14.59
C ALA B 270 -27.75 -25.10 -14.44
N CYS B 271 -26.74 -25.73 -15.03
CA CYS B 271 -25.37 -25.24 -14.93
C CYS B 271 -25.05 -24.13 -15.91
N THR B 272 -25.82 -24.00 -16.99
CA THR B 272 -25.61 -22.95 -17.97
C THR B 272 -26.60 -21.81 -17.84
N ASN B 273 -27.19 -21.62 -16.65
CA ASN B 273 -28.04 -20.49 -16.27
C ASN B 273 -29.25 -20.33 -17.19
N GLN B 274 -30.04 -21.39 -17.33
CA GLN B 274 -31.20 -21.39 -18.20
C GLN B 274 -32.42 -21.91 -17.44
N PRO B 275 -33.07 -21.08 -16.62
CA PRO B 275 -34.18 -21.58 -15.79
C PRO B 275 -35.47 -21.82 -16.56
N GLU B 276 -35.61 -21.24 -17.75
CA GLU B 276 -36.82 -21.44 -18.54
C GLU B 276 -36.88 -22.85 -19.12
N ILE B 277 -35.73 -23.49 -19.30
CA ILE B 277 -35.71 -24.87 -19.76
C ILE B 277 -35.82 -25.83 -18.57
N VAL B 278 -35.33 -25.41 -17.40
CA VAL B 278 -35.47 -26.20 -16.19
C VAL B 278 -36.94 -26.30 -15.77
N GLN B 279 -37.68 -25.20 -15.90
CA GLN B 279 -39.11 -25.22 -15.61
C GLN B 279 -39.87 -26.03 -16.66
N LEU B 280 -39.32 -26.11 -17.87
CA LEU B 280 -39.97 -26.91 -18.92
C LEU B 280 -39.68 -28.40 -18.73
N LEU B 281 -38.56 -28.73 -18.10
CA LEU B 281 -38.20 -30.13 -17.89
C LEU B 281 -38.84 -30.68 -16.62
N MET B 282 -38.97 -29.85 -15.57
CA MET B 282 -39.53 -30.35 -14.33
C MET B 282 -41.05 -30.51 -14.39
N GLU B 283 -41.70 -29.86 -15.35
CA GLU B 283 -43.13 -30.09 -15.55
C GLU B 283 -43.38 -31.31 -16.43
N HIS B 284 -42.34 -31.80 -17.10
CA HIS B 284 -42.47 -32.99 -17.92
C HIS B 284 -42.54 -34.23 -17.04
N GLU B 285 -43.60 -35.02 -17.21
CA GLU B 285 -43.92 -36.09 -16.27
C GLU B 285 -43.04 -37.33 -16.41
N GLN B 286 -42.23 -37.42 -17.46
CA GLN B 286 -41.30 -38.53 -17.59
C GLN B 286 -39.89 -38.18 -17.12
N THR B 287 -39.66 -36.95 -16.66
CA THR B 287 -38.33 -36.53 -16.22
C THR B 287 -38.07 -37.06 -14.82
N ASP B 288 -36.99 -37.82 -14.66
CA ASP B 288 -36.60 -38.36 -13.36
C ASP B 288 -35.64 -37.37 -12.71
N ILE B 289 -36.15 -36.61 -11.74
CA ILE B 289 -35.38 -35.58 -11.05
C ILE B 289 -34.28 -36.18 -10.17
N THR B 290 -34.56 -37.31 -9.53
CA THR B 290 -33.63 -37.94 -8.59
C THR B 290 -32.67 -38.92 -9.28
N SER B 291 -32.37 -38.69 -10.55
CA SER B 291 -31.46 -39.57 -11.28
C SER B 291 -30.03 -39.35 -10.85
N ARG B 292 -29.24 -40.41 -10.91
CA ARG B 292 -27.84 -40.40 -10.50
C ARG B 292 -26.96 -40.83 -11.67
N ASP B 293 -25.92 -40.04 -11.95
CA ASP B 293 -25.03 -40.30 -13.07
C ASP B 293 -23.95 -41.32 -12.72
N SER B 294 -22.91 -41.40 -13.55
CA SER B 294 -21.79 -42.32 -13.35
C SER B 294 -20.99 -42.01 -12.09
N ARG B 295 -20.98 -40.78 -11.61
CA ARG B 295 -20.36 -40.45 -10.33
C ARG B 295 -21.29 -40.67 -9.15
N GLY B 296 -22.56 -40.95 -9.40
CA GLY B 296 -23.55 -41.00 -8.35
C GLY B 296 -24.16 -39.65 -7.99
N ASN B 297 -23.78 -38.60 -8.71
CA ASN B 297 -24.28 -37.26 -8.43
C ASN B 297 -25.69 -37.09 -8.94
N ASN B 298 -26.52 -36.39 -8.17
CA ASN B 298 -27.85 -35.99 -8.61
C ASN B 298 -27.81 -34.52 -9.04
N ILE B 299 -29.00 -33.94 -9.21
CA ILE B 299 -29.14 -32.56 -9.67
C ILE B 299 -28.52 -31.56 -8.68
N LEU B 300 -28.44 -31.91 -7.39
CA LEU B 300 -27.92 -30.95 -6.42
C LEU B 300 -26.44 -31.17 -6.11
N HIS B 301 -25.91 -32.37 -6.35
CA HIS B 301 -24.47 -32.56 -6.24
C HIS B 301 -23.75 -31.83 -7.38
N ALA B 302 -24.34 -31.82 -8.57
CA ALA B 302 -23.66 -31.27 -9.74
C ALA B 302 -23.63 -29.75 -9.70
N LEU B 303 -24.59 -29.12 -9.03
CA LEU B 303 -24.53 -27.68 -8.83
C LEU B 303 -23.44 -27.29 -7.84
N VAL B 304 -23.15 -28.15 -6.87
CA VAL B 304 -22.06 -27.90 -5.93
C VAL B 304 -20.72 -27.96 -6.64
N THR B 305 -20.59 -28.89 -7.61
CA THR B 305 -19.33 -29.07 -8.31
C THR B 305 -18.99 -27.88 -9.20
N VAL B 306 -19.99 -27.32 -9.90
CA VAL B 306 -19.79 -26.17 -10.77
C VAL B 306 -19.84 -24.86 -10.02
N ALA B 307 -20.05 -24.88 -8.70
CA ALA B 307 -20.13 -23.66 -7.92
C ALA B 307 -18.74 -23.06 -7.71
N GLU B 308 -18.72 -21.82 -7.24
CA GLU B 308 -17.49 -21.10 -6.97
C GLU B 308 -17.26 -20.99 -5.47
N ASP B 309 -16.02 -20.63 -5.09
CA ASP B 309 -15.65 -20.69 -3.69
C ASP B 309 -16.04 -19.43 -2.91
N PHE B 310 -16.20 -18.30 -3.59
CA PHE B 310 -16.45 -17.02 -2.92
C PHE B 310 -17.66 -16.34 -3.54
N LYS B 311 -18.02 -15.19 -2.96
CA LYS B 311 -19.24 -14.48 -3.34
C LYS B 311 -18.92 -13.46 -4.43
N THR B 312 -19.49 -13.68 -5.62
CA THR B 312 -19.42 -12.68 -6.69
C THR B 312 -20.71 -11.87 -6.74
N GLN B 313 -20.86 -11.05 -7.78
CA GLN B 313 -22.06 -10.26 -7.98
C GLN B 313 -23.26 -11.09 -8.35
N ASN B 314 -23.13 -11.99 -9.33
CA ASN B 314 -24.22 -12.84 -9.77
C ASN B 314 -23.95 -14.27 -9.30
N ASP B 315 -24.90 -14.85 -8.58
CA ASP B 315 -24.80 -16.22 -8.10
C ASP B 315 -26.04 -16.98 -8.55
N PHE B 316 -25.98 -17.51 -9.77
CA PHE B 316 -27.09 -18.28 -10.31
C PHE B 316 -27.10 -19.71 -9.77
N VAL B 317 -25.96 -20.19 -9.27
CA VAL B 317 -25.88 -21.54 -8.71
C VAL B 317 -26.71 -21.64 -7.43
N LYS B 318 -26.66 -20.61 -6.58
CA LYS B 318 -27.53 -20.56 -5.41
C LYS B 318 -28.99 -20.39 -5.81
N ARG B 319 -29.25 -19.69 -6.92
CA ARG B 319 -30.62 -19.55 -7.39
C ARG B 319 -31.12 -20.84 -8.02
N MET B 320 -30.24 -21.59 -8.69
CA MET B 320 -30.63 -22.89 -9.22
C MET B 320 -30.78 -23.92 -8.11
N TYR B 321 -30.04 -23.75 -7.01
CA TYR B 321 -30.17 -24.67 -5.88
C TYR B 321 -31.51 -24.48 -5.19
N ASP B 322 -31.95 -23.23 -5.06
CA ASP B 322 -33.20 -22.94 -4.35
C ASP B 322 -34.41 -23.29 -5.20
N MET B 323 -34.30 -23.11 -6.52
CA MET B 323 -35.46 -23.30 -7.39
C MET B 323 -35.78 -24.78 -7.57
N ILE B 324 -34.74 -25.61 -7.67
CA ILE B 324 -34.95 -27.05 -7.89
C ILE B 324 -35.40 -27.72 -6.60
N LEU B 325 -34.86 -27.30 -5.45
CA LEU B 325 -35.14 -27.96 -4.19
C LEU B 325 -36.56 -27.67 -3.70
N LEU B 326 -37.03 -26.43 -3.87
CA LEU B 326 -38.35 -26.07 -3.36
C LEU B 326 -39.46 -26.65 -4.23
N ARG B 327 -39.20 -26.79 -5.54
CA ARG B 327 -40.20 -27.39 -6.41
C ARG B 327 -40.21 -28.91 -6.27
N SER B 328 -39.16 -29.49 -5.69
CA SER B 328 -39.17 -30.93 -5.41
C SER B 328 -40.04 -31.23 -4.21
N GLY B 329 -39.86 -30.49 -3.11
CA GLY B 329 -40.73 -30.61 -1.95
C GLY B 329 -40.50 -31.84 -1.10
N ASN B 330 -39.29 -32.38 -1.08
CA ASN B 330 -38.98 -33.56 -0.29
C ASN B 330 -37.50 -33.55 0.09
N TRP B 331 -37.11 -34.52 0.92
CA TRP B 331 -35.73 -34.67 1.34
C TRP B 331 -34.97 -35.72 0.55
N GLU B 332 -35.51 -36.19 -0.58
CA GLU B 332 -34.88 -37.26 -1.33
C GLU B 332 -33.62 -36.78 -2.05
N LEU B 333 -33.59 -35.51 -2.44
CA LEU B 333 -32.40 -34.98 -3.11
C LEU B 333 -31.31 -34.64 -2.12
N GLU B 334 -31.68 -34.40 -0.86
CA GLU B 334 -30.71 -34.02 0.16
C GLU B 334 -30.06 -35.23 0.84
N THR B 335 -30.81 -36.31 1.06
CA THR B 335 -30.26 -37.48 1.71
C THR B 335 -29.55 -38.43 0.75
N THR B 336 -29.57 -38.14 -0.55
CA THR B 336 -28.91 -38.98 -1.53
C THR B 336 -27.40 -38.84 -1.43
N ARG B 337 -26.72 -39.98 -1.36
CA ARG B 337 -25.28 -40.02 -1.25
C ARG B 337 -24.66 -40.49 -2.56
N ASN B 338 -23.40 -40.14 -2.77
CA ASN B 338 -22.68 -40.50 -3.98
C ASN B 338 -22.10 -41.89 -3.89
N ASN B 339 -21.24 -42.25 -4.84
CA ASN B 339 -20.44 -43.46 -4.72
C ASN B 339 -19.39 -43.35 -3.62
N ASP B 340 -18.97 -42.15 -3.28
CA ASP B 340 -18.11 -41.90 -2.13
C ASP B 340 -18.91 -41.71 -0.85
N GLY B 341 -20.23 -41.69 -0.92
CA GLY B 341 -21.06 -41.52 0.25
C GLY B 341 -21.22 -40.08 0.71
N LEU B 342 -21.45 -39.15 -0.21
CA LEU B 342 -21.53 -37.74 0.13
C LEU B 342 -22.88 -37.15 -0.29
N THR B 343 -23.50 -36.46 0.65
CA THR B 343 -24.65 -35.61 0.41
C THR B 343 -24.21 -34.31 -0.24
N PRO B 344 -25.14 -33.51 -0.81
CA PRO B 344 -24.73 -32.17 -1.28
C PRO B 344 -24.28 -31.23 -0.17
N LEU B 345 -24.67 -31.48 1.08
CA LEU B 345 -24.12 -30.74 2.20
C LEU B 345 -22.66 -31.11 2.46
N GLN B 346 -22.34 -32.40 2.39
CA GLN B 346 -20.98 -32.85 2.67
C GLN B 346 -20.05 -32.60 1.48
N LEU B 347 -20.61 -32.52 0.27
CA LEU B 347 -19.79 -32.23 -0.90
C LEU B 347 -19.34 -30.78 -0.93
N ALA B 348 -20.16 -29.88 -0.38
CA ALA B 348 -19.78 -28.47 -0.31
C ALA B 348 -18.69 -28.25 0.72
N ALA B 349 -18.61 -29.09 1.75
CA ALA B 349 -17.53 -29.00 2.72
C ALA B 349 -16.25 -29.64 2.18
N LYS B 350 -16.38 -30.65 1.32
CA LYS B 350 -15.20 -31.31 0.77
C LYS B 350 -14.51 -30.45 -0.29
N MET B 351 -15.29 -29.79 -1.14
CA MET B 351 -14.74 -28.96 -2.22
C MET B 351 -14.52 -27.51 -1.82
N GLY B 352 -14.95 -27.12 -0.62
CA GLY B 352 -14.63 -25.80 -0.10
C GLY B 352 -15.45 -24.66 -0.66
N LYS B 353 -16.72 -24.90 -0.95
CA LYS B 353 -17.61 -23.84 -1.46
C LYS B 353 -18.33 -23.22 -0.27
N ALA B 354 -17.78 -22.10 0.22
CA ALA B 354 -18.28 -21.46 1.42
C ALA B 354 -19.61 -20.76 1.21
N GLU B 355 -19.88 -20.24 0.02
CA GLU B 355 -21.15 -19.57 -0.25
C GLU B 355 -22.31 -20.56 -0.30
N ILE B 356 -22.10 -21.72 -0.90
CA ILE B 356 -23.13 -22.77 -0.93
C ILE B 356 -23.30 -23.41 0.45
N LEU B 357 -22.20 -23.61 1.18
CA LEU B 357 -22.28 -24.25 2.50
C LEU B 357 -22.94 -23.33 3.51
N LYS B 358 -22.86 -22.01 3.30
CA LYS B 358 -23.54 -21.07 4.18
C LYS B 358 -25.05 -21.06 3.90
N TYR B 359 -25.43 -21.23 2.63
CA TYR B 359 -26.84 -21.13 2.27
C TYR B 359 -27.63 -22.36 2.72
N ILE B 360 -27.02 -23.54 2.63
CA ILE B 360 -27.71 -24.77 3.00
C ILE B 360 -27.86 -24.85 4.51
N LEU B 361 -26.86 -24.37 5.24
CA LEU B 361 -26.76 -24.68 6.66
C LEU B 361 -27.53 -23.67 7.51
N SER B 362 -28.08 -22.63 6.88
CA SER B 362 -28.99 -21.68 7.51
C SER B 362 -30.21 -21.42 6.65
N ARG B 363 -30.67 -22.44 5.94
CA ARG B 363 -31.85 -22.33 5.08
C ARG B 363 -33.11 -22.30 5.94
N GLU B 364 -33.88 -21.22 5.84
CA GLU B 364 -35.11 -21.05 6.61
C GLU B 364 -36.22 -20.61 5.67
N ILE B 365 -37.29 -21.39 5.59
CA ILE B 365 -38.46 -21.07 4.77
C ILE B 365 -39.57 -20.66 5.73
N LYS B 366 -40.08 -19.44 5.57
CA LYS B 366 -41.11 -18.93 6.46
C LYS B 366 -42.48 -19.48 6.11
N GLU B 367 -42.65 -19.91 4.85
CA GLU B 367 -43.94 -20.34 4.36
C GLU B 367 -44.29 -21.76 4.81
N LYS B 368 -45.40 -21.90 5.52
CA LYS B 368 -45.98 -23.22 5.79
C LYS B 368 -46.51 -23.78 4.47
N ARG B 369 -46.45 -25.11 4.32
CA ARG B 369 -46.46 -26.01 3.15
C ARG B 369 -45.06 -26.11 2.54
N LEU B 370 -44.11 -25.33 3.06
CA LEU B 370 -42.75 -25.36 2.55
C LEU B 370 -41.73 -25.18 3.68
N ARG B 371 -42.23 -25.05 4.92
CA ARG B 371 -41.39 -24.80 6.08
C ARG B 371 -40.57 -26.01 6.50
N SER B 372 -41.05 -27.23 6.21
CA SER B 372 -40.40 -28.45 6.67
C SER B 372 -39.08 -28.73 5.96
N LEU B 373 -38.73 -28.00 4.90
CA LEU B 373 -37.46 -28.14 4.20
C LEU B 373 -36.39 -27.18 4.73
N SER B 374 -36.47 -26.79 5.99
CA SER B 374 -35.56 -25.82 6.58
C SER B 374 -34.59 -26.53 7.52
N ARG B 375 -33.43 -25.89 7.73
CA ARG B 375 -32.45 -26.34 8.70
C ARG B 375 -32.22 -25.34 9.83
N LYS B 376 -32.49 -24.06 9.58
CA LYS B 376 -32.47 -23.04 10.61
C LYS B 376 -33.90 -22.68 10.99
N PHE B 377 -34.17 -22.61 12.29
CA PHE B 377 -35.52 -22.35 12.81
C PHE B 377 -35.42 -21.24 13.85
N THR B 378 -35.79 -20.02 13.46
CA THR B 378 -35.73 -18.88 14.37
C THR B 378 -36.85 -18.98 15.40
N ASP B 379 -36.48 -18.93 16.68
CA ASP B 379 -37.48 -19.06 17.73
C ASP B 379 -38.12 -17.71 18.04
N TRP B 380 -37.32 -16.68 18.29
CA TRP B 380 -37.82 -15.34 18.51
C TRP B 380 -36.72 -14.35 18.16
N ALA B 381 -37.15 -13.12 17.85
CA ALA B 381 -36.23 -12.04 17.50
C ALA B 381 -36.72 -10.74 18.10
N TYR B 382 -35.78 -9.96 18.66
CA TYR B 382 -36.12 -8.68 19.27
C TYR B 382 -34.93 -7.74 19.03
N GLY B 383 -35.01 -6.96 17.96
CA GLY B 383 -33.94 -6.06 17.60
C GLY B 383 -32.72 -6.81 17.08
N PRO B 384 -31.56 -6.57 17.70
CA PRO B 384 -30.34 -7.28 17.31
C PRO B 384 -30.20 -8.68 17.87
N VAL B 385 -31.04 -9.07 18.83
CA VAL B 385 -30.93 -10.35 19.51
C VAL B 385 -31.88 -11.34 18.86
N SER B 386 -31.34 -12.49 18.46
CA SER B 386 -32.12 -13.53 17.81
C SER B 386 -31.79 -14.88 18.45
N SER B 387 -32.78 -15.76 18.50
CA SER B 387 -32.62 -17.11 19.03
C SER B 387 -33.09 -18.09 17.96
N SER B 388 -32.21 -19.00 17.54
CA SER B 388 -32.49 -19.90 16.44
C SER B 388 -32.13 -21.34 16.82
N LEU B 389 -32.72 -22.28 16.09
CA LEU B 389 -32.43 -23.70 16.23
C LEU B 389 -31.82 -24.19 14.92
N TYR B 390 -30.68 -24.88 15.02
CA TYR B 390 -29.92 -25.31 13.85
C TYR B 390 -29.94 -26.83 13.76
N ASP B 391 -30.11 -27.34 12.55
CA ASP B 391 -30.13 -28.79 12.33
C ASP B 391 -28.72 -29.34 12.44
N LEU B 392 -28.58 -30.47 13.12
CA LEU B 392 -27.30 -31.12 13.34
C LEU B 392 -27.34 -32.57 12.90
N THR B 393 -27.87 -32.82 11.71
CA THR B 393 -28.04 -34.19 11.20
C THR B 393 -26.71 -34.81 10.81
N ASN B 394 -25.98 -34.15 9.91
CA ASN B 394 -24.69 -34.64 9.43
C ASN B 394 -23.57 -33.65 9.77
N VAL B 395 -23.84 -32.75 10.71
CA VAL B 395 -22.92 -31.67 11.06
C VAL B 395 -22.08 -32.03 12.27
N ASP B 396 -22.71 -32.53 13.32
CA ASP B 396 -21.98 -32.90 14.53
C ASP B 396 -21.23 -34.21 14.30
N THR B 397 -20.18 -34.42 15.09
CA THR B 397 -19.30 -35.58 14.89
C THR B 397 -19.85 -36.83 15.55
N THR B 398 -21.07 -37.23 15.20
CA THR B 398 -21.65 -38.49 15.64
C THR B 398 -21.81 -39.49 14.50
N THR B 399 -21.77 -39.03 13.25
CA THR B 399 -21.71 -39.92 12.10
C THR B 399 -20.26 -40.02 11.66
N ASP B 400 -20.01 -40.86 10.66
CA ASP B 400 -18.64 -41.08 10.20
C ASP B 400 -18.07 -39.89 9.44
N ASN B 401 -18.67 -39.51 8.32
CA ASN B 401 -18.10 -38.47 7.46
C ASN B 401 -18.86 -37.15 7.69
N SER B 402 -18.71 -36.57 8.88
CA SER B 402 -19.50 -35.40 9.26
C SER B 402 -18.92 -34.11 8.68
N VAL B 403 -19.73 -33.05 8.63
CA VAL B 403 -19.33 -31.78 8.00
C VAL B 403 -18.25 -31.08 8.83
N LEU B 404 -18.34 -31.16 10.16
CA LEU B 404 -17.32 -30.57 11.02
C LEU B 404 -15.98 -31.30 10.91
N GLU B 405 -16.03 -32.62 10.67
CA GLU B 405 -14.79 -33.38 10.53
C GLU B 405 -14.15 -33.15 9.17
N ILE B 406 -14.97 -32.89 8.14
CA ILE B 406 -14.45 -32.63 6.80
C ILE B 406 -13.74 -31.29 6.75
N THR B 407 -14.40 -30.21 7.17
CA THR B 407 -13.91 -28.84 7.03
C THR B 407 -12.61 -28.59 7.81
N VAL B 408 -12.50 -29.15 9.01
CA VAL B 408 -11.28 -29.00 9.80
C VAL B 408 -10.11 -29.75 9.16
N TYR B 409 -10.34 -30.96 8.66
CA TYR B 409 -9.30 -31.78 8.07
C TYR B 409 -9.25 -31.68 6.55
N ASN B 410 -9.59 -30.52 5.98
CA ASN B 410 -9.61 -30.32 4.53
C ASN B 410 -8.42 -29.45 4.16
N THR B 411 -7.26 -30.07 3.96
CA THR B 411 -6.05 -29.34 3.60
C THR B 411 -6.00 -28.97 2.12
N ASN B 412 -6.96 -29.43 1.31
CA ASN B 412 -6.96 -29.10 -0.10
C ASN B 412 -7.44 -27.68 -0.36
N ILE B 413 -8.24 -27.13 0.55
CA ILE B 413 -8.90 -25.85 0.32
C ILE B 413 -8.15 -24.75 1.06
N ASP B 414 -8.50 -23.50 0.72
CA ASP B 414 -7.82 -22.32 1.22
C ASP B 414 -8.71 -21.51 2.17
N ASN B 415 -9.99 -21.87 2.27
CA ASN B 415 -10.97 -21.06 3.00
C ASN B 415 -11.57 -21.83 4.18
N ARG B 416 -10.73 -22.49 4.98
CA ARG B 416 -11.22 -23.14 6.18
C ARG B 416 -11.63 -22.14 7.25
N HIS B 417 -10.99 -20.97 7.27
CA HIS B 417 -11.33 -19.96 8.27
C HIS B 417 -12.67 -19.30 7.96
N GLU B 418 -13.02 -19.22 6.68
CA GLU B 418 -14.32 -18.69 6.29
C GLU B 418 -15.45 -19.67 6.59
N MET B 419 -15.18 -20.98 6.50
CA MET B 419 -16.21 -21.99 6.67
C MET B 419 -16.41 -22.42 8.12
N LEU B 420 -15.37 -22.35 8.95
CA LEU B 420 -15.48 -22.68 10.37
C LEU B 420 -15.97 -21.52 11.21
N THR B 421 -16.23 -20.38 10.60
CA THR B 421 -16.85 -19.24 11.25
C THR B 421 -18.38 -19.31 11.14
N LEU B 422 -18.89 -20.25 10.35
CA LEU B 422 -20.30 -20.34 10.01
C LEU B 422 -21.14 -20.79 11.20
N GLU B 423 -22.44 -20.91 10.96
CA GLU B 423 -23.43 -20.67 11.99
C GLU B 423 -23.63 -21.77 13.05
N PRO B 424 -23.56 -23.08 12.76
CA PRO B 424 -23.39 -24.03 13.88
C PRO B 424 -21.96 -24.49 14.06
N LEU B 425 -21.07 -24.23 13.10
CA LEU B 425 -19.75 -24.85 13.12
C LEU B 425 -18.84 -24.15 14.10
N HIS B 426 -19.08 -22.86 14.34
CA HIS B 426 -18.27 -22.12 15.30
C HIS B 426 -18.72 -22.37 16.73
N THR B 427 -19.99 -22.76 16.92
CA THR B 427 -20.51 -22.96 18.26
C THR B 427 -20.19 -24.36 18.80
N LEU B 428 -20.32 -25.38 17.94
CA LEU B 428 -19.87 -26.72 18.31
C LEU B 428 -18.37 -26.77 18.57
N LEU B 429 -17.60 -25.98 17.83
CA LEU B 429 -16.16 -25.95 18.03
C LEU B 429 -15.81 -25.21 19.32
N HIS B 430 -16.67 -24.29 19.74
CA HIS B 430 -16.42 -23.54 20.98
C HIS B 430 -16.94 -24.28 22.20
N MET B 431 -18.03 -25.02 22.06
CA MET B 431 -18.59 -25.73 23.21
C MET B 431 -17.78 -26.98 23.56
N LYS B 432 -17.08 -27.56 22.58
CA LYS B 432 -16.23 -28.71 22.88
C LYS B 432 -14.94 -28.26 23.59
N TRP B 433 -14.50 -27.03 23.34
CA TRP B 433 -13.33 -26.51 24.02
C TRP B 433 -13.61 -26.23 25.49
N LYS B 434 -14.81 -25.74 25.80
CA LYS B 434 -15.16 -25.40 27.18
C LYS B 434 -15.70 -26.59 27.96
N LYS B 435 -15.65 -27.80 27.42
CA LYS B 435 -16.08 -28.99 28.15
C LYS B 435 -14.99 -30.01 28.40
N PHE B 436 -14.20 -30.37 27.39
CA PHE B 436 -13.15 -31.37 27.60
C PHE B 436 -11.81 -30.95 27.02
N ALA B 437 -11.82 -30.15 25.95
CA ALA B 437 -10.60 -29.94 25.18
C ALA B 437 -9.63 -28.99 25.87
N LYS B 438 -10.12 -28.10 26.74
CA LYS B 438 -9.22 -27.25 27.50
C LYS B 438 -8.59 -28.04 28.66
N HIS B 439 -9.33 -29.01 29.20
CA HIS B 439 -8.80 -29.85 30.25
C HIS B 439 -7.78 -30.85 29.72
N MET B 440 -8.05 -31.41 28.53
CA MET B 440 -7.13 -32.39 27.96
C MET B 440 -5.88 -31.74 27.41
N PHE B 441 -5.94 -30.45 27.06
CA PHE B 441 -4.75 -29.74 26.61
C PHE B 441 -3.86 -29.33 27.76
N PHE B 442 -4.46 -29.06 28.93
CA PHE B 442 -3.66 -28.67 30.10
C PHE B 442 -2.92 -29.86 30.69
N LEU B 443 -3.57 -31.03 30.74
CA LEU B 443 -2.94 -32.22 31.29
C LEU B 443 -1.91 -32.80 30.32
N SER B 444 -2.12 -32.59 29.01
CA SER B 444 -1.11 -33.01 28.05
C SER B 444 0.13 -32.13 28.15
N PHE B 445 -0.04 -30.89 28.61
CA PHE B 445 1.11 -30.04 28.92
C PHE B 445 1.81 -30.54 30.19
N CYS B 446 1.04 -30.96 31.18
CA CYS B 446 1.62 -31.27 32.49
C CYS B 446 2.31 -32.63 32.49
N PHE B 447 1.76 -33.63 31.81
CA PHE B 447 2.42 -34.93 31.78
C PHE B 447 3.63 -34.93 30.85
N TYR B 448 3.72 -33.96 29.94
CA TYR B 448 4.85 -33.92 29.03
C TYR B 448 5.96 -32.99 29.54
N PHE B 449 5.60 -31.99 30.34
CA PHE B 449 6.61 -31.14 30.96
C PHE B 449 7.29 -31.86 32.12
N PHE B 450 6.56 -32.76 32.79
CA PHE B 450 7.17 -33.62 33.79
C PHE B 450 8.05 -34.68 33.15
N TYR B 451 7.74 -35.03 31.89
CA TYR B 451 8.51 -36.04 31.18
C TYR B 451 9.86 -35.49 30.71
N ASN B 452 9.92 -34.20 30.40
CA ASN B 452 11.16 -33.60 29.94
C ASN B 452 12.11 -33.30 31.09
N ILE B 453 11.58 -33.05 32.29
CA ILE B 453 12.42 -32.84 33.47
C ILE B 453 13.09 -34.14 33.88
N THR B 454 12.36 -35.25 33.83
CA THR B 454 12.92 -36.53 34.25
C THR B 454 13.96 -37.04 33.26
N LEU B 455 13.79 -36.75 31.97
CA LEU B 455 14.85 -37.03 30.99
C LEU B 455 16.09 -36.20 31.23
N THR B 456 15.91 -34.94 31.65
CA THR B 456 17.01 -34.04 31.92
C THR B 456 17.83 -34.46 33.13
N LEU B 457 17.16 -34.84 34.22
CA LEU B 457 17.84 -35.17 35.48
C LEU B 457 18.46 -36.56 35.48
N VAL B 458 18.26 -37.36 34.44
CA VAL B 458 18.96 -38.64 34.33
C VAL B 458 20.05 -38.52 33.26
N SER B 459 19.93 -37.48 32.43
CA SER B 459 20.98 -37.23 31.44
C SER B 459 22.10 -36.38 32.04
N TYR B 460 21.75 -35.45 32.92
CA TYR B 460 22.75 -34.61 33.57
C TYR B 460 23.46 -35.38 34.67
N TYR B 461 22.71 -36.06 35.53
CA TYR B 461 23.29 -36.86 36.61
C TYR B 461 23.49 -38.32 36.19
N ARG B 462 24.24 -38.52 35.11
CA ARG B 462 24.56 -39.86 34.64
C ARG B 462 25.74 -40.42 35.44
N PRO B 463 25.90 -41.74 35.47
CA PRO B 463 27.13 -42.31 36.05
C PRO B 463 28.35 -41.99 35.19
N ARG B 464 29.23 -41.15 35.73
CA ARG B 464 30.33 -40.57 34.99
C ARG B 464 31.43 -41.56 34.65
N GLU B 465 32.08 -42.17 35.65
CA GLU B 465 33.18 -43.08 35.39
C GLU B 465 32.92 -44.47 35.95
N GLU B 466 32.42 -44.53 37.18
CA GLU B 466 32.19 -45.81 37.85
C GLU B 466 30.98 -46.53 37.27
N GLU B 467 31.23 -47.63 36.55
CA GLU B 467 30.17 -48.43 35.97
C GLU B 467 30.61 -49.88 35.81
N GLY B 480 15.96 -44.28 45.70
CA GLY B 480 14.76 -43.91 46.41
C GLY B 480 13.49 -44.26 45.67
N TRP B 481 12.34 -44.03 46.31
CA TRP B 481 11.05 -44.31 45.69
C TRP B 481 10.72 -43.28 44.61
N LEU B 482 11.24 -42.06 44.75
CA LEU B 482 11.02 -41.03 43.74
C LEU B 482 11.88 -41.29 42.52
N GLN B 483 13.06 -41.89 42.71
CA GLN B 483 13.93 -42.24 41.60
C GLN B 483 13.35 -43.40 40.79
N LEU B 484 12.63 -44.30 41.45
CA LEU B 484 11.97 -45.41 40.76
C LEU B 484 10.70 -44.92 40.09
N LEU B 485 10.06 -43.90 40.65
CA LEU B 485 8.84 -43.35 40.08
C LEU B 485 9.17 -42.55 38.82
N GLY B 486 10.36 -41.96 38.78
CA GLY B 486 10.78 -41.18 37.64
C GLY B 486 11.18 -42.01 36.43
N ARG B 487 12.05 -42.99 36.64
CA ARG B 487 12.59 -43.75 35.51
C ARG B 487 11.57 -44.72 34.93
N MET B 488 10.61 -45.18 35.74
CA MET B 488 9.55 -46.03 35.21
C MET B 488 8.50 -45.20 34.47
N PHE B 489 8.42 -43.90 34.79
CA PHE B 489 7.53 -43.02 34.04
C PHE B 489 8.10 -42.72 32.66
N VAL B 490 9.42 -42.77 32.53
CA VAL B 490 10.07 -42.55 31.24
C VAL B 490 9.82 -43.74 30.31
N LEU B 491 9.88 -44.96 30.86
CA LEU B 491 9.73 -46.16 30.05
C LEU B 491 8.29 -46.36 29.58
N ILE B 492 7.32 -45.86 30.34
CA ILE B 492 5.92 -46.03 29.97
C ILE B 492 5.45 -44.93 29.02
N TRP B 493 5.80 -43.67 29.34
CA TRP B 493 5.31 -42.54 28.55
C TRP B 493 5.95 -42.48 27.17
N ALA B 494 7.13 -43.09 27.00
CA ALA B 494 7.74 -43.15 25.68
C ALA B 494 7.07 -44.21 24.81
N MET B 495 6.52 -45.25 25.45
CA MET B 495 5.82 -46.28 24.70
C MET B 495 4.38 -45.84 24.38
N CYS B 496 3.84 -44.92 25.17
CA CYS B 496 2.50 -44.40 24.90
C CYS B 496 2.51 -43.47 23.69
N ILE B 497 3.61 -42.73 23.51
CA ILE B 497 3.71 -41.84 22.36
C ILE B 497 4.03 -42.62 21.10
N SER B 498 4.90 -43.63 21.21
CA SER B 498 5.36 -44.37 20.03
C SER B 498 4.26 -45.23 19.42
N VAL B 499 3.28 -45.64 20.23
CA VAL B 499 2.13 -46.37 19.70
C VAL B 499 1.12 -45.38 19.11
N LYS B 500 0.86 -44.28 19.82
CA LYS B 500 -0.15 -43.33 19.41
C LYS B 500 0.28 -42.55 18.16
N GLU B 501 1.52 -42.08 18.14
CA GLU B 501 1.99 -41.33 16.98
C GLU B 501 2.39 -42.25 15.83
N GLY B 502 2.59 -43.55 16.11
CA GLY B 502 2.92 -44.47 15.04
C GLY B 502 1.71 -44.82 14.18
N ILE B 503 0.52 -44.78 14.78
CA ILE B 503 -0.70 -45.04 14.03
C ILE B 503 -1.02 -43.86 13.11
N ALA B 504 -0.75 -42.63 13.59
CA ALA B 504 -1.07 -41.44 12.83
C ALA B 504 -0.17 -41.26 11.62
N ILE B 505 1.05 -41.81 11.66
CA ILE B 505 1.93 -41.78 10.50
C ILE B 505 1.51 -42.84 9.49
N PHE B 506 1.07 -44.00 9.98
CA PHE B 506 0.61 -45.09 9.12
C PHE B 506 -0.71 -44.73 8.45
N LEU B 507 -1.59 -44.06 9.16
CA LEU B 507 -2.84 -43.55 8.58
C LEU B 507 -2.65 -42.15 8.02
N LEU B 508 -1.76 -42.03 7.03
CA LEU B 508 -1.39 -40.73 6.47
C LEU B 508 -0.85 -40.95 5.06
N ARG B 509 -1.21 -40.03 4.17
CA ARG B 509 -0.96 -40.18 2.74
C ARG B 509 0.36 -39.50 2.35
N PRO B 510 1.06 -40.00 1.31
CA PRO B 510 2.40 -39.49 1.00
C PRO B 510 2.44 -38.19 0.21
N SER B 511 1.32 -37.47 0.14
CA SER B 511 1.29 -36.23 -0.63
C SER B 511 1.51 -34.99 0.24
N ASP B 512 2.43 -35.08 1.21
CA ASP B 512 2.62 -34.01 2.19
C ASP B 512 3.26 -32.77 1.60
N LEU B 513 2.44 -31.81 1.20
CA LEU B 513 2.88 -30.46 0.86
C LEU B 513 1.91 -29.50 1.52
N GLN B 514 0.72 -30.01 1.85
CA GLN B 514 -0.36 -29.22 2.41
C GLN B 514 -0.69 -29.60 3.85
N SER B 515 -0.26 -30.77 4.31
CA SER B 515 -0.52 -31.23 5.67
C SER B 515 0.65 -30.92 6.61
N ILE B 516 1.86 -30.75 6.05
CA ILE B 516 3.04 -30.48 6.88
C ILE B 516 3.30 -28.99 7.04
N LEU B 517 2.31 -28.14 6.77
CA LEU B 517 2.41 -26.70 6.94
C LEU B 517 2.63 -26.36 8.41
N SER B 518 1.71 -26.79 9.28
CA SER B 518 1.90 -26.66 10.72
C SER B 518 1.45 -27.91 11.45
N ASP B 519 0.81 -28.84 10.71
CA ASP B 519 0.01 -29.89 11.34
C ASP B 519 0.74 -31.22 11.42
N ALA B 520 1.15 -31.76 10.28
CA ALA B 520 1.73 -33.11 10.28
C ALA B 520 3.22 -33.11 10.54
N TRP B 521 3.82 -31.94 10.81
CA TRP B 521 5.24 -31.91 11.17
C TRP B 521 5.44 -32.39 12.60
N PHE B 522 4.45 -32.17 13.46
CA PHE B 522 4.57 -32.59 14.86
C PHE B 522 4.31 -34.07 15.05
N HIS B 523 3.71 -34.73 14.08
CA HIS B 523 3.46 -36.16 14.21
C HIS B 523 4.74 -36.97 14.02
N PHE B 524 5.75 -36.39 13.37
CA PHE B 524 7.02 -37.08 13.23
C PHE B 524 7.95 -36.81 14.41
N VAL B 525 8.02 -35.56 14.87
CA VAL B 525 9.04 -35.20 15.84
C VAL B 525 8.67 -35.65 17.25
N PHE B 526 7.38 -35.86 17.54
CA PHE B 526 7.02 -36.55 18.76
C PHE B 526 7.31 -38.05 18.65
N PHE B 527 7.30 -38.60 17.43
CA PHE B 527 7.55 -40.03 17.25
C PHE B 527 9.05 -40.33 17.27
N ILE B 528 9.85 -39.48 16.61
CA ILE B 528 11.30 -39.67 16.57
C ILE B 528 11.89 -39.49 17.96
N GLN B 529 11.34 -38.56 18.75
CA GLN B 529 11.81 -38.35 20.11
C GLN B 529 11.44 -39.53 21.01
N ALA B 530 10.30 -40.18 20.75
CA ALA B 530 9.88 -41.30 21.58
C ALA B 530 10.66 -42.57 21.27
N VAL B 531 11.10 -42.74 20.02
CA VAL B 531 11.87 -43.92 19.66
C VAL B 531 13.29 -43.84 20.22
N LEU B 532 13.89 -42.65 20.19
CA LEU B 532 15.27 -42.48 20.68
C LEU B 532 15.36 -42.64 22.19
N VAL B 533 14.25 -42.44 22.91
CA VAL B 533 14.23 -42.80 24.33
C VAL B 533 14.22 -44.32 24.48
N ILE B 534 13.42 -45.01 23.67
CA ILE B 534 13.35 -46.47 23.72
C ILE B 534 14.63 -47.11 23.20
N LEU B 535 15.24 -46.51 22.17
CA LEU B 535 16.50 -47.03 21.65
C LEU B 535 17.65 -46.84 22.65
N SER B 536 17.54 -45.83 23.51
CA SER B 536 18.60 -45.61 24.50
C SER B 536 18.51 -46.63 25.63
N VAL B 537 17.36 -47.29 25.78
CA VAL B 537 17.20 -48.32 26.81
C VAL B 537 17.89 -49.61 26.38
N PHE B 538 17.74 -49.98 25.10
CA PHE B 538 18.35 -51.22 24.61
C PHE B 538 19.86 -51.10 24.52
N LEU B 539 20.37 -49.89 24.27
CA LEU B 539 21.80 -49.70 24.19
C LEU B 539 22.46 -49.66 25.56
N TYR B 540 21.82 -49.03 26.54
CA TYR B 540 22.43 -48.88 27.87
C TYR B 540 22.39 -50.18 28.65
N LEU B 541 21.33 -50.96 28.49
CA LEU B 541 21.17 -52.16 29.32
C LEU B 541 22.06 -53.30 28.85
N PHE B 542 22.08 -53.58 27.55
CA PHE B 542 22.73 -54.79 27.04
C PHE B 542 24.25 -54.81 27.20
N ALA B 543 24.97 -54.06 26.36
CA ALA B 543 26.42 -53.94 26.53
C ALA B 543 27.00 -52.63 26.01
N TYR B 544 26.15 -51.75 25.45
CA TYR B 544 26.66 -50.78 24.51
C TYR B 544 26.83 -49.40 25.13
N LYS B 545 27.69 -48.59 24.51
CA LYS B 545 28.02 -47.25 24.98
C LYS B 545 27.44 -46.15 24.11
N GLU B 546 26.64 -46.50 23.10
CA GLU B 546 26.00 -45.52 22.24
C GLU B 546 24.68 -45.01 22.81
N TYR B 547 24.40 -45.27 24.09
CA TYR B 547 23.16 -44.77 24.70
C TYR B 547 23.21 -43.27 24.87
N LEU B 548 24.41 -42.71 25.06
CA LEU B 548 24.56 -41.27 25.25
C LEU B 548 24.27 -40.52 23.95
N ALA B 549 24.49 -41.15 22.80
CA ALA B 549 24.18 -40.50 21.53
C ALA B 549 22.68 -40.50 21.27
N CYS B 550 21.93 -41.37 21.95
CA CYS B 550 20.49 -41.44 21.73
C CYS B 550 19.72 -40.73 22.84
N LEU B 551 20.25 -40.76 24.07
CA LEU B 551 19.55 -40.11 25.18
C LEU B 551 19.65 -38.60 25.11
N VAL B 552 20.81 -38.08 24.66
CA VAL B 552 21.01 -36.65 24.57
C VAL B 552 20.21 -36.04 23.42
N LEU B 553 20.18 -36.71 22.26
CA LEU B 553 19.41 -36.20 21.13
C LEU B 553 17.91 -36.32 21.35
N ALA B 554 17.47 -37.26 22.19
CA ALA B 554 16.06 -37.32 22.56
C ALA B 554 15.70 -36.25 23.55
N MET B 555 16.65 -35.89 24.43
CA MET B 555 16.38 -34.87 25.43
C MET B 555 16.39 -33.47 24.83
N ALA B 556 17.27 -33.24 23.84
CA ALA B 556 17.30 -31.96 23.17
C ALA B 556 16.08 -31.78 22.27
N LEU B 557 15.63 -32.86 21.62
CA LEU B 557 14.41 -32.79 20.83
C LEU B 557 13.17 -32.79 21.73
N GLY B 558 13.31 -33.34 22.93
CA GLY B 558 12.18 -33.36 23.87
C GLY B 558 11.83 -31.98 24.39
N TRP B 559 12.86 -31.18 24.71
CA TRP B 559 12.59 -29.79 25.10
C TRP B 559 12.17 -28.95 23.89
N ALA B 560 12.65 -29.30 22.70
CA ALA B 560 12.29 -28.56 21.49
C ALA B 560 10.84 -28.77 21.08
N ASN B 561 10.20 -29.86 21.54
CA ASN B 561 8.80 -30.12 21.23
C ASN B 561 7.85 -29.42 22.19
N MET B 562 8.36 -28.56 23.08
CA MET B 562 7.50 -27.78 23.96
C MET B 562 6.83 -26.61 23.25
N LEU B 563 7.22 -26.31 22.01
CA LEU B 563 6.57 -25.28 21.21
C LEU B 563 5.27 -25.76 20.58
N TYR B 564 4.96 -27.05 20.71
CA TYR B 564 3.65 -27.56 20.31
C TYR B 564 2.54 -27.02 21.19
N TYR B 565 2.83 -26.72 22.45
CA TYR B 565 1.84 -26.22 23.39
C TYR B 565 1.71 -24.70 23.36
N THR B 566 2.48 -24.03 22.51
CA THR B 566 2.24 -22.63 22.20
C THR B 566 1.17 -22.44 21.13
N ARG B 567 0.73 -23.53 20.50
CA ARG B 567 -0.21 -23.48 19.40
C ARG B 567 -1.63 -23.27 19.91
N GLY B 568 -2.44 -22.61 19.10
CA GLY B 568 -3.82 -22.36 19.43
C GLY B 568 -4.09 -21.16 20.30
N PHE B 569 -3.11 -20.31 20.53
CA PHE B 569 -3.26 -19.13 21.36
C PHE B 569 -2.99 -17.89 20.53
N GLN B 570 -3.67 -16.79 20.87
CA GLN B 570 -3.64 -15.59 20.05
C GLN B 570 -2.28 -14.91 20.10
N SER B 571 -1.58 -15.03 21.23
CA SER B 571 -0.30 -14.38 21.41
C SER B 571 0.89 -15.25 21.03
N MET B 572 0.74 -16.57 21.07
CA MET B 572 1.87 -17.48 20.90
C MET B 572 1.70 -18.47 19.77
N GLY B 573 0.61 -18.42 19.01
CA GLY B 573 0.35 -19.48 18.04
C GLY B 573 1.14 -19.35 16.76
N MET B 574 1.61 -18.13 16.46
CA MET B 574 2.28 -17.90 15.18
C MET B 574 3.78 -18.19 15.24
N TYR B 575 4.33 -18.44 16.43
CA TYR B 575 5.78 -18.63 16.54
C TYR B 575 6.23 -19.98 15.98
N SER B 576 5.40 -21.01 16.15
CA SER B 576 5.77 -22.32 15.61
C SER B 576 5.63 -22.37 14.10
N VAL B 577 4.77 -21.53 13.53
CA VAL B 577 4.65 -21.47 12.08
C VAL B 577 5.81 -20.70 11.47
N MET B 578 6.31 -19.67 12.17
CA MET B 578 7.44 -18.90 11.69
C MET B 578 8.72 -19.73 11.65
N ILE B 579 8.88 -20.66 12.58
CA ILE B 579 10.09 -21.48 12.59
C ILE B 579 10.06 -22.51 11.47
N GLN B 580 8.90 -23.12 11.23
CA GLN B 580 8.78 -24.16 10.22
C GLN B 580 8.81 -23.59 8.81
N LYS B 581 8.19 -22.42 8.59
CA LYS B 581 8.10 -21.89 7.24
C LYS B 581 9.42 -21.27 6.80
N VAL B 582 10.22 -20.77 7.75
CA VAL B 582 11.55 -20.28 7.42
C VAL B 582 12.51 -21.42 7.05
N ILE B 583 12.47 -22.54 7.77
CA ILE B 583 13.29 -23.71 7.42
C ILE B 583 12.91 -24.29 6.07
N LEU B 584 11.61 -24.49 5.82
CA LEU B 584 11.17 -25.21 4.63
C LEU B 584 11.13 -24.35 3.37
N HIS B 585 10.91 -23.04 3.49
CA HIS B 585 10.71 -22.20 2.32
C HIS B 585 11.81 -21.17 2.12
N ASP B 586 12.70 -20.98 3.09
CA ASP B 586 13.79 -20.04 2.91
C ASP B 586 15.16 -20.70 3.04
N VAL B 587 15.35 -21.52 4.08
CA VAL B 587 16.67 -22.05 4.38
C VAL B 587 17.10 -23.17 3.43
N LEU B 588 16.30 -24.23 3.31
CA LEU B 588 16.64 -25.40 2.48
C LEU B 588 16.78 -25.08 1.00
N LYS B 589 16.05 -24.10 0.47
CA LYS B 589 16.29 -23.67 -0.90
C LYS B 589 17.49 -22.73 -1.03
N PHE B 590 18.14 -22.39 0.09
CA PHE B 590 19.32 -21.54 0.06
C PHE B 590 20.60 -22.31 0.36
N LEU B 591 20.49 -23.57 0.82
CA LEU B 591 21.66 -24.44 0.91
C LEU B 591 22.27 -24.71 -0.46
N PHE B 592 21.44 -24.85 -1.50
CA PHE B 592 21.98 -25.12 -2.84
C PHE B 592 22.66 -23.89 -3.43
N VAL B 593 22.40 -22.72 -2.86
CA VAL B 593 23.13 -21.51 -3.27
C VAL B 593 24.46 -21.42 -2.53
N TYR B 594 24.50 -21.86 -1.27
CA TYR B 594 25.66 -21.65 -0.41
C TYR B 594 26.71 -22.75 -0.49
N ILE B 595 26.30 -24.01 -0.67
CA ILE B 595 27.27 -25.11 -0.81
C ILE B 595 28.05 -24.97 -2.11
N VAL B 596 27.46 -24.31 -3.12
CA VAL B 596 28.18 -23.81 -4.28
C VAL B 596 29.42 -22.99 -3.90
N PHE B 597 29.27 -22.07 -2.94
CA PHE B 597 30.40 -21.23 -2.54
C PHE B 597 31.21 -21.83 -1.39
N LEU B 598 30.62 -22.75 -0.63
CA LEU B 598 31.34 -23.36 0.47
C LEU B 598 32.29 -24.45 -0.01
N LEU B 599 31.88 -25.21 -1.02
CA LEU B 599 32.71 -26.29 -1.53
C LEU B 599 33.66 -25.78 -2.61
N GLY B 600 33.31 -24.67 -3.26
CA GLY B 600 34.18 -24.11 -4.27
C GLY B 600 35.41 -23.43 -3.67
N PHE B 601 35.18 -22.55 -2.69
CA PHE B 601 36.29 -21.89 -2.02
C PHE B 601 36.97 -22.79 -1.00
N GLY B 602 36.31 -23.87 -0.57
CA GLY B 602 36.90 -24.76 0.41
C GLY B 602 38.05 -25.58 -0.13
N VAL B 603 37.90 -26.10 -1.35
CA VAL B 603 39.00 -26.80 -2.00
C VAL B 603 40.01 -25.81 -2.56
N ALA B 604 39.55 -24.60 -2.90
CA ALA B 604 40.42 -23.57 -3.46
C ALA B 604 41.46 -23.09 -2.45
N LEU B 605 41.04 -22.85 -1.22
CA LEU B 605 41.97 -22.34 -0.20
C LEU B 605 42.79 -23.46 0.42
N ALA B 606 42.31 -24.71 0.34
CA ALA B 606 43.07 -25.84 0.88
C ALA B 606 44.15 -26.32 -0.08
N SER B 607 44.00 -26.04 -1.38
CA SER B 607 44.98 -26.43 -2.37
C SER B 607 46.21 -25.55 -2.37
N LEU B 608 46.09 -24.29 -1.95
CA LEU B 608 47.23 -23.39 -1.85
C LEU B 608 48.09 -23.66 -0.62
N ILE B 609 47.54 -24.28 0.41
CA ILE B 609 48.29 -24.55 1.63
C ILE B 609 49.33 -25.64 1.38
N GLU B 610 50.59 -25.24 1.46
CA GLU B 610 51.72 -26.15 1.36
C GLU B 610 51.75 -27.06 2.58
N LYS B 611 52.25 -28.28 2.39
CA LYS B 611 52.49 -29.20 3.50
C LYS B 611 53.45 -28.60 4.50
N CYS B 612 53.00 -28.53 5.75
CA CYS B 612 53.71 -27.79 6.79
C CYS B 612 54.97 -28.56 7.20
N PRO B 613 56.09 -27.86 7.51
CA PRO B 613 57.25 -28.54 8.09
C PRO B 613 56.89 -29.15 9.44
N LYS B 614 57.54 -30.26 9.79
CA LYS B 614 57.05 -31.35 10.64
C LYS B 614 56.21 -30.99 11.87
N ASP B 615 56.73 -30.09 12.72
CA ASP B 615 56.02 -29.73 13.95
C ASP B 615 55.00 -28.63 13.70
N ASN B 616 54.49 -28.02 14.77
CA ASN B 616 53.66 -26.80 14.75
C ASN B 616 52.38 -26.95 13.92
N LYS B 617 51.43 -27.77 14.39
CA LYS B 617 50.18 -28.03 13.66
C LYS B 617 49.34 -26.77 13.47
N ASP B 618 49.50 -25.79 14.36
CA ASP B 618 48.87 -24.48 14.18
C ASP B 618 49.69 -23.54 13.30
N CYS B 619 50.08 -24.00 12.11
CA CYS B 619 50.75 -23.16 11.12
C CYS B 619 49.82 -22.72 10.01
N SER B 620 48.78 -23.50 9.71
CA SER B 620 47.76 -23.12 8.74
C SER B 620 46.44 -23.78 9.12
N SER B 621 45.39 -22.98 9.29
CA SER B 621 44.09 -23.51 9.65
C SER B 621 43.35 -24.12 8.47
N TYR B 622 43.78 -23.85 7.25
CA TYR B 622 43.16 -24.38 6.03
C TYR B 622 43.94 -25.57 5.48
N GLY B 623 44.54 -26.38 6.35
CA GLY B 623 45.44 -27.43 5.92
C GLY B 623 44.78 -28.69 5.40
N SER B 624 43.46 -28.73 5.36
CA SER B 624 42.71 -29.85 4.84
C SER B 624 41.34 -29.34 4.41
N PHE B 625 40.62 -30.15 3.64
CA PHE B 625 39.29 -29.77 3.21
C PHE B 625 38.30 -29.76 4.38
N SER B 626 38.45 -30.71 5.31
CA SER B 626 37.58 -30.73 6.49
C SER B 626 37.89 -29.55 7.41
N ASP B 627 39.15 -29.14 7.45
CA ASP B 627 39.51 -27.94 8.20
C ASP B 627 38.97 -26.69 7.53
N ALA B 628 39.07 -26.61 6.20
CA ALA B 628 38.76 -25.37 5.48
C ALA B 628 37.27 -25.05 5.47
N VAL B 629 36.41 -26.07 5.51
CA VAL B 629 34.96 -25.82 5.59
C VAL B 629 34.60 -25.23 6.94
N LEU B 630 35.37 -25.55 7.99
CA LEU B 630 35.05 -25.07 9.34
C LEU B 630 35.31 -23.58 9.48
N GLU B 631 36.46 -23.09 9.01
CA GLU B 631 36.72 -21.65 9.15
C GLU B 631 35.91 -20.82 8.16
N LEU B 632 35.63 -21.36 6.98
CA LEU B 632 34.80 -20.61 6.03
C LEU B 632 33.34 -20.53 6.47
N PHE B 633 32.87 -21.49 7.27
CA PHE B 633 31.58 -21.33 7.91
C PHE B 633 31.63 -20.26 8.99
N LYS B 634 32.81 -20.04 9.59
CA LYS B 634 32.94 -19.04 10.64
C LYS B 634 33.05 -17.64 10.06
N LEU B 635 33.63 -17.50 8.85
CA LEU B 635 33.65 -16.20 8.20
C LEU B 635 32.27 -15.81 7.69
N THR B 636 31.41 -16.79 7.38
CA THR B 636 30.08 -16.51 6.87
C THR B 636 29.16 -15.97 7.96
N ILE B 637 29.21 -16.53 9.15
CA ILE B 637 28.33 -16.11 10.25
C ILE B 637 28.95 -14.94 11.00
N GLY B 638 30.27 -14.77 10.87
CA GLY B 638 30.92 -13.61 11.44
C GLY B 638 31.81 -13.91 12.63
N LEU B 639 32.18 -15.18 12.81
CA LEU B 639 33.08 -15.60 13.87
C LEU B 639 34.48 -15.94 13.34
N GLY B 640 34.84 -15.37 12.19
CA GLY B 640 36.04 -15.75 11.49
C GLY B 640 37.24 -14.89 11.82
N ASP B 641 38.31 -15.12 11.06
CA ASP B 641 39.58 -14.43 11.22
C ASP B 641 40.21 -14.25 9.86
N LEU B 642 40.57 -13.01 9.53
CA LEU B 642 41.26 -12.72 8.26
C LEU B 642 42.77 -12.84 8.43
N ASN B 643 43.23 -14.07 8.66
CA ASN B 643 44.63 -14.31 8.93
C ASN B 643 45.42 -14.24 7.63
N ILE B 644 46.61 -13.63 7.69
CA ILE B 644 47.40 -13.37 6.49
C ILE B 644 48.76 -14.05 6.65
N GLN B 645 48.94 -14.78 7.75
CA GLN B 645 50.20 -15.47 8.01
C GLN B 645 50.37 -16.63 7.04
N GLN B 646 49.51 -17.66 7.19
CA GLN B 646 49.02 -18.55 6.13
C GLN B 646 50.06 -19.07 5.15
N ASN B 647 50.94 -19.96 5.58
CA ASN B 647 52.18 -20.28 4.87
C ASN B 647 51.89 -21.03 3.57
N SER B 648 51.72 -20.24 2.52
CA SER B 648 51.54 -20.71 1.15
C SER B 648 52.61 -20.09 0.26
N LYS B 649 52.66 -20.58 -0.99
CA LYS B 649 53.50 -19.96 -2.00
C LYS B 649 52.81 -18.83 -2.75
N TYR B 650 51.54 -18.54 -2.42
CA TYR B 650 50.79 -17.46 -3.04
C TYR B 650 50.09 -16.67 -1.93
N PRO B 651 50.79 -15.74 -1.28
CA PRO B 651 50.17 -14.98 -0.18
C PRO B 651 49.17 -13.93 -0.65
N ILE B 652 49.41 -13.28 -1.78
CA ILE B 652 48.46 -12.32 -2.32
C ILE B 652 47.24 -13.03 -2.92
N LEU B 653 47.47 -14.17 -3.58
CA LEU B 653 46.36 -14.89 -4.21
C LEU B 653 45.48 -15.57 -3.17
N PHE B 654 46.06 -15.97 -2.04
CA PHE B 654 45.26 -16.46 -0.93
C PHE B 654 44.44 -15.34 -0.32
N LEU B 655 45.03 -14.14 -0.24
CA LEU B 655 44.36 -13.01 0.39
C LEU B 655 43.25 -12.46 -0.50
N PHE B 656 43.36 -12.66 -1.82
CA PHE B 656 42.31 -12.20 -2.72
C PHE B 656 41.06 -13.07 -2.60
N LEU B 657 41.23 -14.39 -2.59
CA LEU B 657 40.07 -15.29 -2.54
C LEU B 657 39.47 -15.34 -1.15
N LEU B 658 40.23 -14.93 -0.13
CA LEU B 658 39.68 -14.95 1.22
C LEU B 658 38.76 -13.76 1.46
N ILE B 659 39.15 -12.58 0.99
CA ILE B 659 38.28 -11.40 1.11
C ILE B 659 37.10 -11.49 0.16
N THR B 660 37.29 -12.09 -1.02
CA THR B 660 36.19 -12.31 -1.97
C THR B 660 35.12 -13.23 -1.38
N TYR B 661 35.54 -14.19 -0.55
CA TYR B 661 34.58 -15.06 0.13
C TYR B 661 33.79 -14.29 1.18
N VAL B 662 34.42 -13.35 1.87
CA VAL B 662 33.76 -12.59 2.92
C VAL B 662 32.74 -11.62 2.34
N ILE B 663 33.06 -11.00 1.21
CA ILE B 663 32.14 -10.06 0.57
C ILE B 663 30.93 -10.80 0.00
N LEU B 664 31.13 -11.98 -0.58
CA LEU B 664 30.01 -12.74 -1.13
C LEU B 664 29.14 -13.33 -0.03
N THR B 665 29.72 -14.11 0.88
CA THR B 665 28.92 -14.85 1.85
C THR B 665 28.43 -13.99 3.00
N PHE B 666 29.33 -13.32 3.71
CA PHE B 666 28.95 -12.56 4.90
C PHE B 666 28.21 -11.26 4.57
N VAL B 667 28.64 -10.53 3.56
CA VAL B 667 28.04 -9.24 3.27
C VAL B 667 26.80 -9.37 2.36
N LEU B 668 26.88 -10.19 1.31
CA LEU B 668 25.81 -10.29 0.35
C LEU B 668 24.88 -11.47 0.61
N LEU B 669 25.39 -12.70 0.68
CA LEU B 669 24.51 -13.86 0.75
C LEU B 669 23.90 -14.05 2.14
N LEU B 670 24.55 -13.52 3.19
CA LEU B 670 23.96 -13.64 4.51
C LEU B 670 22.79 -12.69 4.67
N ASN B 671 22.94 -11.44 4.25
CA ASN B 671 21.87 -10.47 4.36
C ASN B 671 20.79 -10.68 3.30
N MET B 672 21.10 -11.45 2.24
CA MET B 672 20.07 -11.82 1.28
C MET B 672 19.12 -12.84 1.89
N LEU B 673 19.63 -13.75 2.72
CA LEU B 673 18.79 -14.72 3.40
C LEU B 673 17.94 -14.05 4.47
N ILE B 674 18.51 -13.05 5.17
CA ILE B 674 17.78 -12.32 6.21
C ILE B 674 16.65 -11.49 5.58
N ALA B 675 16.87 -10.98 4.38
CA ALA B 675 15.81 -10.26 3.68
C ALA B 675 14.73 -11.22 3.20
N LEU B 676 15.11 -12.47 2.89
CA LEU B 676 14.10 -13.46 2.49
C LEU B 676 13.40 -14.06 3.69
N MET B 677 14.10 -14.22 4.82
CA MET B 677 13.43 -14.68 6.04
C MET B 677 12.51 -13.61 6.61
N GLY B 678 12.86 -12.33 6.42
CA GLY B 678 12.02 -11.27 6.93
C GLY B 678 10.70 -11.12 6.19
N GLU B 679 10.66 -11.53 4.91
CA GLU B 679 9.40 -11.52 4.17
C GLU B 679 8.49 -12.66 4.65
N THR B 680 9.08 -13.75 5.13
CA THR B 680 8.29 -14.85 5.65
C THR B 680 7.64 -14.49 6.98
N VAL B 681 8.38 -13.78 7.84
CA VAL B 681 7.88 -13.41 9.17
C VAL B 681 6.73 -12.42 9.05
N GLU B 682 6.81 -11.47 8.12
CA GLU B 682 5.75 -10.49 7.98
C GLU B 682 4.52 -11.08 7.30
N ASN B 683 4.69 -12.15 6.51
CA ASN B 683 3.54 -12.79 5.90
C ASN B 683 2.79 -13.66 6.90
N VAL B 684 3.51 -14.30 7.83
CA VAL B 684 2.86 -15.06 8.90
C VAL B 684 2.21 -14.13 9.92
N SER B 685 2.83 -12.99 10.21
CA SER B 685 2.30 -12.04 11.18
C SER B 685 1.02 -11.34 10.70
N LYS B 686 0.84 -11.20 9.39
CA LYS B 686 -0.42 -10.69 8.86
C LYS B 686 -1.53 -11.72 8.91
N GLU B 687 -1.21 -13.00 8.77
CA GLU B 687 -2.19 -14.08 8.81
C GLU B 687 -2.30 -14.69 10.20
N SER B 688 -1.77 -14.00 11.21
CA SER B 688 -1.57 -14.62 12.52
C SER B 688 -2.88 -14.82 13.28
N GLU B 689 -3.91 -14.04 12.97
CA GLU B 689 -5.20 -14.23 13.62
C GLU B 689 -5.94 -15.42 13.03
N ARG B 690 -5.58 -15.83 11.82
CA ARG B 690 -6.24 -16.97 11.18
C ARG B 690 -5.51 -18.27 11.47
N ILE B 691 -4.31 -18.19 12.06
CA ILE B 691 -3.49 -19.39 12.26
C ILE B 691 -3.90 -20.13 13.53
N TRP B 692 -3.98 -19.41 14.66
CA TRP B 692 -4.24 -20.07 15.93
C TRP B 692 -5.68 -20.55 16.05
N ARG B 693 -6.59 -19.97 15.27
CA ARG B 693 -7.96 -20.47 15.24
C ARG B 693 -8.06 -21.79 14.49
N LEU B 694 -7.19 -22.01 13.50
CA LEU B 694 -7.16 -23.29 12.81
C LEU B 694 -6.28 -24.31 13.54
N GLN B 695 -5.36 -23.84 14.38
CA GLN B 695 -4.56 -24.75 15.18
C GLN B 695 -5.37 -25.38 16.31
N ARG B 696 -6.25 -24.59 16.93
CA ARG B 696 -7.04 -25.12 18.03
C ARG B 696 -8.15 -26.04 17.51
N ALA B 697 -8.63 -25.79 16.28
CA ALA B 697 -9.73 -26.56 15.73
C ALA B 697 -9.32 -28.01 15.46
N ARG B 698 -8.07 -28.23 15.07
CA ARG B 698 -7.56 -29.59 14.92
C ARG B 698 -7.21 -30.22 16.26
N THR B 699 -6.90 -29.40 17.26
CA THR B 699 -6.56 -29.92 18.58
C THR B 699 -7.80 -30.44 19.30
N ILE B 700 -8.96 -29.84 19.02
CA ILE B 700 -10.21 -30.24 19.67
C ILE B 700 -10.68 -31.60 19.16
N LEU B 701 -10.66 -31.79 17.83
CA LEU B 701 -11.20 -33.02 17.26
C LEU B 701 -10.26 -34.22 17.45
N GLU B 702 -8.98 -33.97 17.69
CA GLU B 702 -8.09 -35.08 18.03
C GLU B 702 -8.28 -35.51 19.48
N PHE B 703 -8.64 -34.57 20.36
CA PHE B 703 -8.94 -34.93 21.74
C PHE B 703 -10.27 -35.65 21.86
N GLU B 704 -11.21 -35.37 20.96
CA GLU B 704 -12.50 -36.05 20.98
C GLU B 704 -12.37 -37.50 20.56
N LYS B 705 -11.44 -37.81 19.65
CA LYS B 705 -11.19 -39.19 19.25
C LYS B 705 -10.49 -40.01 20.33
N MET B 706 -9.84 -39.36 21.29
CA MET B 706 -9.19 -40.03 22.40
C MET B 706 -10.16 -40.44 23.50
N LEU B 707 -11.40 -39.96 23.45
CA LEU B 707 -12.43 -40.18 24.45
C LEU B 707 -13.16 -41.50 24.18
N PRO B 708 -13.53 -42.23 25.23
CA PRO B 708 -14.32 -43.46 25.04
C PRO B 708 -15.76 -43.12 24.67
N GLU B 709 -16.52 -44.16 24.32
CA GLU B 709 -17.90 -43.97 23.86
C GLU B 709 -18.84 -43.55 24.98
N TRP B 710 -18.63 -44.05 26.19
CA TRP B 710 -19.50 -43.68 27.30
C TRP B 710 -19.27 -42.26 27.76
N LEU B 711 -18.04 -41.76 27.60
CA LEU B 711 -17.72 -40.39 27.99
C LEU B 711 -18.02 -39.39 26.88
N ARG B 712 -17.98 -39.83 25.62
CA ARG B 712 -18.35 -38.96 24.50
C ARG B 712 -19.86 -38.74 24.47
N SER B 713 -20.64 -39.71 24.95
CA SER B 713 -22.09 -39.58 24.97
C SER B 713 -22.55 -38.56 26.02
N ARG B 714 -21.75 -38.36 27.07
CA ARG B 714 -22.09 -37.33 28.05
C ARG B 714 -21.79 -35.94 27.51
N PHE B 715 -20.80 -35.85 26.62
CA PHE B 715 -20.37 -34.59 26.01
C PHE B 715 -21.16 -34.21 24.77
N ARG B 716 -22.26 -34.92 24.47
CA ARG B 716 -22.99 -34.66 23.23
C ARG B 716 -23.91 -33.46 23.40
N MET B 717 -23.89 -32.55 22.42
CA MET B 717 -24.76 -31.39 22.40
C MET B 717 -26.02 -31.69 21.60
N GLY B 718 -27.11 -31.04 21.98
CA GLY B 718 -28.30 -31.14 21.18
C GLY B 718 -29.51 -31.59 21.98
N GLU B 719 -30.68 -31.14 21.56
CA GLU B 719 -31.94 -31.54 22.14
C GLU B 719 -32.93 -31.86 21.02
N LEU B 720 -33.86 -32.76 21.31
CA LEU B 720 -34.85 -33.16 20.33
C LEU B 720 -35.94 -32.09 20.21
N CYS B 721 -36.33 -31.77 18.98
CA CYS B 721 -37.31 -30.72 18.71
C CYS B 721 -38.54 -31.32 18.05
N LYS B 722 -39.62 -30.55 18.00
CA LYS B 722 -40.78 -30.89 17.20
C LYS B 722 -40.90 -29.85 16.09
N VAL B 723 -40.33 -30.16 14.92
CA VAL B 723 -40.45 -29.25 13.78
C VAL B 723 -41.85 -29.28 13.18
N ALA B 724 -42.33 -30.46 12.79
CA ALA B 724 -43.68 -30.61 12.26
C ALA B 724 -44.21 -32.00 12.58
N GLU B 725 -45.28 -32.42 11.92
CA GLU B 725 -45.80 -33.78 12.07
C GLU B 725 -44.83 -34.76 11.46
N ASP B 726 -44.49 -35.82 12.21
CA ASP B 726 -43.49 -36.84 11.85
C ASP B 726 -42.13 -36.24 11.52
N ASP B 727 -41.68 -35.23 12.26
CA ASP B 727 -40.41 -34.58 12.03
C ASP B 727 -39.79 -34.23 13.38
N PHE B 728 -38.85 -35.05 13.83
CA PHE B 728 -38.20 -34.89 15.13
C PHE B 728 -36.69 -34.96 14.89
N ARG B 729 -36.04 -33.80 14.81
CA ARG B 729 -34.61 -33.73 14.52
C ARG B 729 -33.84 -33.16 15.71
N LEU B 730 -32.52 -33.23 15.63
CA LEU B 730 -31.64 -32.78 16.71
C LEU B 730 -31.27 -31.33 16.45
N CYS B 731 -31.43 -30.47 17.46
CA CYS B 731 -31.27 -29.04 17.31
C CYS B 731 -30.06 -28.53 18.07
N LEU B 732 -29.89 -27.22 18.04
CA LEU B 732 -28.97 -26.49 18.91
C LEU B 732 -29.44 -25.04 19.00
N ARG B 733 -29.71 -24.59 20.23
CA ARG B 733 -30.17 -23.22 20.45
C ARG B 733 -28.97 -22.31 20.56
N ILE B 734 -28.84 -21.37 19.64
CA ILE B 734 -27.74 -20.40 19.62
C ILE B 734 -28.34 -19.01 19.72
N ASN B 735 -28.04 -18.31 20.80
CA ASN B 735 -28.51 -16.94 21.00
C ASN B 735 -27.50 -15.98 20.39
N GLU B 736 -27.85 -15.41 19.24
CA GLU B 736 -26.98 -14.52 18.50
C GLU B 736 -27.40 -13.07 18.72
N VAL B 737 -26.40 -12.19 18.88
CA VAL B 737 -26.63 -10.75 18.95
C VAL B 737 -25.69 -10.12 17.91
N LYS B 738 -26.24 -9.24 17.09
CA LYS B 738 -25.51 -8.61 15.98
C LYS B 738 -25.79 -7.11 16.04
N TRP B 739 -24.87 -6.36 16.65
CA TRP B 739 -25.07 -4.93 16.82
C TRP B 739 -24.81 -4.16 15.54
N THR B 740 -23.74 -4.51 14.82
CA THR B 740 -23.33 -3.78 13.62
C THR B 740 -24.32 -4.03 12.48
N GLU B 741 -24.80 -5.26 12.35
CA GLU B 741 -25.75 -5.59 11.30
C GLU B 741 -27.14 -5.03 11.58
N TRP B 742 -27.41 -4.67 12.84
CA TRP B 742 -28.72 -4.10 13.17
C TRP B 742 -28.73 -2.59 12.96
N LYS B 743 -27.65 -1.91 13.34
CA LYS B 743 -27.60 -0.45 13.22
C LYS B 743 -27.55 -0.01 11.76
N THR B 744 -26.97 -0.83 10.88
CA THR B 744 -26.98 -0.49 9.46
C THR B 744 -28.32 -0.83 8.82
N HIS B 745 -29.06 -1.77 9.41
CA HIS B 745 -30.34 -2.19 8.85
C HIS B 745 -31.43 -1.17 9.13
N VAL B 746 -31.45 -0.63 10.35
CA VAL B 746 -32.52 0.27 10.77
C VAL B 746 -32.36 1.65 10.12
N SER B 747 -31.13 1.99 9.72
CA SER B 747 -30.81 3.34 9.29
C SER B 747 -31.46 3.72 7.96
N PHE B 748 -31.56 2.77 7.02
CA PHE B 748 -32.11 3.12 5.72
C PHE B 748 -33.61 2.86 5.59
N LEU B 749 -34.25 2.27 6.60
CA LEU B 749 -35.71 2.14 6.56
C LEU B 749 -36.40 3.45 6.87
N ASN B 750 -35.71 4.40 7.50
CA ASN B 750 -36.29 5.70 7.80
C ASN B 750 -35.31 6.81 7.43
N GLU B 751 -34.73 6.72 6.24
CA GLU B 751 -33.78 7.72 5.77
C GLU B 751 -34.49 9.02 5.38
N PRO C 62 -25.13 -15.19 24.64
CA PRO C 62 -25.75 -15.15 25.97
C PRO C 62 -26.71 -16.32 26.20
N VAL C 63 -27.36 -16.32 27.36
CA VAL C 63 -28.32 -17.37 27.71
C VAL C 63 -29.37 -16.76 28.65
N PHE C 64 -30.62 -17.20 28.51
CA PHE C 64 -31.71 -16.68 29.33
C PHE C 64 -32.61 -17.78 29.87
N SER C 65 -32.46 -19.03 29.39
CA SER C 65 -33.10 -20.25 29.88
C SER C 65 -34.62 -20.26 29.74
N LYS C 66 -35.20 -19.26 29.06
CA LYS C 66 -36.61 -19.16 28.72
C LYS C 66 -36.79 -18.14 27.59
N PRO C 67 -37.43 -18.53 26.49
CA PRO C 67 -37.56 -17.63 25.35
C PRO C 67 -38.66 -16.59 25.55
N MET C 68 -38.56 -15.51 24.77
CA MET C 68 -39.63 -14.53 24.71
C MET C 68 -40.86 -15.11 24.04
N ASP C 69 -40.71 -15.57 22.80
CA ASP C 69 -41.77 -16.23 22.07
C ASP C 69 -41.32 -17.65 21.73
N SER C 70 -42.27 -18.59 21.77
CA SER C 70 -41.96 -19.98 21.52
C SER C 70 -43.04 -20.59 20.64
N ASN C 71 -42.63 -21.19 19.53
CA ASN C 71 -43.55 -21.89 18.62
C ASN C 71 -43.06 -23.30 18.31
N ILE C 72 -41.91 -23.69 18.85
CA ILE C 72 -41.32 -25.01 18.64
C ILE C 72 -41.21 -25.70 19.99
N ARG C 73 -41.84 -26.86 20.11
CA ARG C 73 -41.90 -27.60 21.37
C ARG C 73 -40.64 -28.44 21.53
N GLN C 74 -39.94 -28.26 22.65
CA GLN C 74 -38.72 -29.01 22.94
C GLN C 74 -39.11 -30.35 23.54
N CYS C 75 -38.85 -31.43 22.81
CA CYS C 75 -39.19 -32.77 23.27
C CYS C 75 -38.21 -33.27 24.32
N ARG C 118 -58.52 -27.19 27.02
CA ARG C 118 -58.03 -27.01 25.66
C ARG C 118 -58.51 -25.70 25.07
N LEU C 119 -59.24 -24.93 25.88
CA LEU C 119 -59.78 -23.65 25.42
C LEU C 119 -58.70 -22.57 25.36
N LYS C 120 -57.73 -22.64 26.28
CA LYS C 120 -56.67 -21.64 26.35
C LYS C 120 -55.68 -21.80 25.20
N LYS C 121 -55.34 -23.06 24.87
CA LYS C 121 -54.26 -23.31 23.93
C LYS C 121 -54.69 -23.04 22.48
N ARG C 122 -56.00 -23.00 22.24
CA ARG C 122 -56.47 -22.74 20.88
C ARG C 122 -56.52 -21.24 20.58
N ILE C 123 -56.58 -20.41 21.62
CA ILE C 123 -56.63 -18.97 21.42
C ILE C 123 -55.26 -18.44 21.02
N PHE C 124 -54.20 -18.95 21.66
CA PHE C 124 -52.84 -18.60 21.26
C PHE C 124 -52.50 -19.19 19.91
N ALA C 125 -53.17 -20.28 19.52
CA ALA C 125 -52.99 -20.83 18.18
C ALA C 125 -53.97 -20.20 17.18
N ALA C 126 -54.70 -19.17 17.61
CA ALA C 126 -55.57 -18.45 16.68
C ALA C 126 -55.03 -17.06 16.40
N VAL C 127 -54.43 -16.42 17.41
CA VAL C 127 -53.92 -15.06 17.23
C VAL C 127 -52.57 -15.07 16.53
N SER C 128 -51.93 -16.23 16.44
CA SER C 128 -50.60 -16.31 15.83
C SER C 128 -50.66 -16.36 14.31
N GLU C 129 -51.41 -17.31 13.74
CA GLU C 129 -51.50 -17.46 12.29
C GLU C 129 -52.39 -16.40 11.65
N GLY C 130 -53.44 -15.97 12.34
CA GLY C 130 -54.30 -14.92 11.82
C GLY C 130 -55.69 -15.39 11.46
N CYS C 131 -56.13 -16.48 12.08
CA CYS C 131 -57.47 -17.01 11.84
C CYS C 131 -58.52 -16.15 12.54
N VAL C 132 -59.23 -15.32 11.78
CA VAL C 132 -60.22 -14.43 12.36
C VAL C 132 -61.51 -15.18 12.67
N GLU C 133 -61.97 -15.99 11.73
CA GLU C 133 -63.25 -16.69 11.90
C GLU C 133 -63.15 -17.79 12.95
N GLU C 134 -61.94 -18.31 13.18
CA GLU C 134 -61.74 -19.27 14.26
C GLU C 134 -61.69 -18.57 15.61
N LEU C 135 -61.12 -17.37 15.66
CA LEU C 135 -60.96 -16.66 16.93
C LEU C 135 -62.29 -16.14 17.45
N VAL C 136 -63.21 -15.79 16.55
CA VAL C 136 -64.54 -15.35 16.96
C VAL C 136 -65.31 -16.50 17.59
N GLU C 137 -65.16 -17.71 17.02
CA GLU C 137 -65.87 -18.88 17.55
C GLU C 137 -65.28 -19.32 18.89
N LEU C 138 -64.00 -19.04 19.12
CA LEU C 138 -63.38 -19.42 20.39
C LEU C 138 -63.72 -18.45 21.51
N LEU C 139 -63.93 -17.17 21.18
CA LEU C 139 -64.23 -16.19 22.22
C LEU C 139 -65.66 -16.32 22.71
N VAL C 140 -66.57 -16.81 21.85
CA VAL C 140 -67.95 -17.04 22.27
C VAL C 140 -68.00 -18.22 23.24
N GLU C 141 -67.14 -19.22 23.03
CA GLU C 141 -67.09 -20.37 23.92
C GLU C 141 -66.49 -20.01 25.27
N LEU C 142 -65.72 -18.92 25.33
CA LEU C 142 -65.16 -18.46 26.60
C LEU C 142 -66.03 -17.38 27.22
N GLN C 143 -66.85 -16.72 26.40
CA GLN C 143 -67.80 -15.73 26.91
C GLN C 143 -68.93 -16.43 27.66
N GLU C 144 -69.31 -17.61 27.18
CA GLU C 144 -70.36 -18.40 27.83
C GLU C 144 -69.80 -19.17 29.02
N LEU C 145 -68.46 -19.30 29.09
CA LEU C 145 -67.84 -20.03 30.18
C LEU C 145 -67.41 -19.02 31.24
N CYS C 146 -68.37 -18.33 31.84
CA CYS C 146 -68.08 -17.41 32.93
C CYS C 146 -69.12 -17.55 34.04
N ARG C 147 -70.29 -18.09 33.68
CA ARG C 147 -71.46 -18.02 34.54
C ARG C 147 -72.04 -19.38 34.91
N ARG C 148 -71.44 -20.48 34.43
CA ARG C 148 -72.03 -21.79 34.66
C ARG C 148 -71.76 -22.32 36.07
N ARG C 149 -70.86 -21.68 36.82
CA ARG C 149 -70.58 -22.19 38.16
C ARG C 149 -70.59 -21.09 39.23
N HIS C 150 -70.34 -19.83 38.85
CA HIS C 150 -70.36 -18.72 39.80
C HIS C 150 -70.52 -17.42 39.02
N ASP C 151 -71.16 -16.44 39.66
CA ASP C 151 -71.09 -15.05 39.23
C ASP C 151 -70.73 -14.20 40.45
N GLU C 152 -69.44 -14.21 40.80
CA GLU C 152 -68.89 -13.28 41.78
C GLU C 152 -67.52 -12.82 41.32
N ASP C 153 -66.90 -13.59 40.43
CA ASP C 153 -65.49 -13.45 40.06
C ASP C 153 -65.33 -13.36 38.54
N VAL C 154 -66.11 -12.47 37.92
CA VAL C 154 -66.01 -12.30 36.46
C VAL C 154 -64.71 -11.62 36.02
N PRO C 155 -64.27 -10.43 36.61
CA PRO C 155 -63.05 -9.80 36.08
C PRO C 155 -61.76 -10.60 36.30
N ASP C 156 -61.75 -11.50 37.29
CA ASP C 156 -60.53 -12.25 37.58
C ASP C 156 -60.43 -13.50 36.72
N PHE C 157 -61.55 -14.21 36.55
CA PHE C 157 -61.53 -15.49 35.82
C PHE C 157 -61.36 -15.26 34.32
N LEU C 158 -61.75 -14.07 33.84
CA LEU C 158 -61.57 -13.74 32.42
C LEU C 158 -60.10 -13.48 32.09
N MET C 159 -59.27 -13.23 33.09
CA MET C 159 -57.87 -12.89 32.83
C MET C 159 -56.97 -14.10 32.93
N HIS C 160 -57.32 -15.08 33.79
CA HIS C 160 -56.48 -16.26 33.95
C HIS C 160 -56.54 -17.21 32.75
N LYS C 161 -57.57 -17.12 31.91
CA LYS C 161 -57.67 -17.98 30.74
C LYS C 161 -57.08 -17.33 29.49
N LEU C 162 -56.69 -16.06 29.57
CA LEU C 162 -56.11 -15.35 28.44
C LEU C 162 -54.63 -15.05 28.62
N THR C 163 -54.05 -15.40 29.77
CA THR C 163 -52.65 -15.14 30.05
C THR C 163 -51.92 -16.46 30.32
N ALA C 164 -50.64 -16.48 29.97
CA ALA C 164 -49.79 -17.63 30.27
C ALA C 164 -49.34 -17.57 31.72
N SER C 165 -49.43 -18.69 32.42
CA SER C 165 -49.13 -18.76 33.84
C SER C 165 -47.64 -18.89 34.13
N ASP C 166 -46.80 -19.11 33.12
CA ASP C 166 -45.38 -19.27 33.32
C ASP C 166 -44.56 -18.01 33.01
N THR C 167 -45.00 -17.20 32.04
CA THR C 167 -44.25 -16.01 31.67
C THR C 167 -45.03 -14.74 31.98
N GLY C 168 -46.36 -14.81 31.88
CA GLY C 168 -47.20 -13.64 31.97
C GLY C 168 -47.60 -13.06 30.64
N LYS C 169 -47.30 -13.76 29.54
CA LYS C 169 -47.62 -13.26 28.21
C LYS C 169 -49.12 -13.41 27.93
N THR C 170 -49.74 -12.33 27.46
CA THR C 170 -51.15 -12.34 27.15
C THR C 170 -51.37 -12.81 25.71
N CYS C 171 -52.64 -12.88 25.31
CA CYS C 171 -52.95 -13.19 23.92
C CYS C 171 -52.73 -11.97 23.02
N LEU C 172 -52.75 -10.77 23.60
CA LEU C 172 -52.45 -9.56 22.83
C LEU C 172 -50.96 -9.47 22.51
N MET C 173 -50.11 -9.93 23.44
CA MET C 173 -48.67 -9.93 23.19
C MET C 173 -48.30 -11.01 22.18
N LYS C 174 -49.05 -12.11 22.14
CA LYS C 174 -48.75 -13.20 21.22
C LYS C 174 -49.06 -12.81 19.79
N ALA C 175 -50.09 -11.99 19.59
CA ALA C 175 -50.42 -11.53 18.24
C ALA C 175 -49.41 -10.50 17.74
N LEU C 176 -48.83 -9.72 18.67
CA LEU C 176 -47.88 -8.69 18.28
C LEU C 176 -46.47 -9.22 18.08
N LEU C 177 -46.10 -10.32 18.73
CA LEU C 177 -44.81 -10.95 18.48
C LEU C 177 -44.77 -11.66 17.13
N ASN C 178 -45.93 -12.08 16.62
CA ASN C 178 -46.02 -12.77 15.34
C ASN C 178 -46.73 -11.88 14.33
N ILE C 179 -45.94 -11.06 13.62
CA ILE C 179 -46.51 -10.10 12.69
C ILE C 179 -46.88 -10.80 11.38
N ASN C 180 -48.14 -10.66 10.99
CA ASN C 180 -48.69 -11.18 9.75
C ASN C 180 -49.51 -10.06 9.09
N PRO C 181 -49.94 -10.20 7.83
CA PRO C 181 -50.85 -9.19 7.26
C PRO C 181 -52.26 -9.21 7.84
N ASN C 182 -52.59 -10.16 8.71
CA ASN C 182 -53.90 -10.24 9.33
C ASN C 182 -53.76 -9.87 10.81
N THR C 183 -52.93 -8.87 11.11
CA THR C 183 -52.60 -8.52 12.48
C THR C 183 -53.59 -7.52 13.08
N LYS C 184 -53.97 -6.50 12.30
CA LYS C 184 -54.81 -5.42 12.82
C LYS C 184 -56.24 -5.91 13.09
N GLU C 185 -56.66 -6.95 12.39
CA GLU C 185 -58.00 -7.50 12.60
C GLU C 185 -58.10 -8.25 13.92
N ILE C 186 -56.98 -8.81 14.37
CA ILE C 186 -56.97 -9.55 15.64
C ILE C 186 -57.01 -8.60 16.81
N VAL C 187 -56.32 -7.45 16.69
CA VAL C 187 -56.19 -6.50 17.79
C VAL C 187 -57.53 -5.80 18.05
N ARG C 188 -58.28 -5.53 16.98
CA ARG C 188 -59.55 -4.82 17.13
C ARG C 188 -60.62 -5.71 17.75
N ILE C 189 -60.47 -7.03 17.63
CA ILE C 189 -61.43 -7.95 18.25
C ILE C 189 -61.10 -8.13 19.73
N LEU C 190 -59.81 -8.26 20.05
CA LEU C 190 -59.40 -8.53 21.43
C LEU C 190 -59.58 -7.30 22.32
N LEU C 191 -59.48 -6.10 21.74
CA LEU C 191 -59.71 -4.89 22.52
C LEU C 191 -61.20 -4.62 22.69
N ALA C 192 -62.01 -5.13 21.78
CA ALA C 192 -63.47 -4.98 21.88
C ALA C 192 -64.05 -6.06 22.79
N PHE C 193 -63.33 -7.17 22.93
CA PHE C 193 -63.78 -8.27 23.78
C PHE C 193 -63.66 -7.90 25.25
N ALA C 194 -62.74 -6.99 25.57
CA ALA C 194 -62.54 -6.59 26.96
C ALA C 194 -63.47 -5.43 27.34
N GLU C 195 -64.31 -4.99 26.40
CA GLU C 195 -65.21 -3.88 26.68
C GLU C 195 -66.46 -4.33 27.42
N GLU C 196 -67.09 -5.42 26.96
CA GLU C 196 -68.30 -5.90 27.63
C GLU C 196 -67.96 -6.61 28.93
N ASN C 197 -66.74 -7.11 29.06
CA ASN C 197 -66.29 -7.75 30.29
C ASN C 197 -65.73 -6.76 31.29
N ASP C 198 -65.52 -5.50 30.88
CA ASP C 198 -64.99 -4.40 31.71
C ASP C 198 -63.63 -4.75 32.30
N ILE C 199 -62.78 -5.38 31.48
CA ILE C 199 -61.45 -5.81 31.92
C ILE C 199 -60.39 -5.16 31.03
N LEU C 200 -60.76 -4.07 30.36
CA LEU C 200 -59.84 -3.41 29.44
C LEU C 200 -58.73 -2.67 30.17
N GLY C 201 -58.94 -2.32 31.44
CA GLY C 201 -57.94 -1.63 32.21
C GLY C 201 -56.74 -2.48 32.57
N ARG C 202 -56.96 -3.77 32.84
CA ARG C 202 -55.86 -4.64 33.23
C ARG C 202 -55.37 -5.51 32.08
N PHE C 203 -56.07 -5.51 30.95
CA PHE C 203 -55.66 -6.32 29.81
C PHE C 203 -54.61 -5.58 28.96
N ILE C 204 -54.67 -4.25 28.93
CA ILE C 204 -53.73 -3.48 28.14
C ILE C 204 -52.49 -3.09 28.93
N ASN C 205 -52.55 -3.15 30.26
CA ASN C 205 -51.44 -2.77 31.12
C ASN C 205 -50.77 -4.00 31.75
N ALA C 206 -50.96 -5.18 31.17
CA ALA C 206 -50.33 -6.38 31.69
C ALA C 206 -48.86 -6.42 31.30
N GLU C 207 -48.09 -7.24 32.01
CA GLU C 207 -46.65 -7.33 31.81
C GLU C 207 -46.17 -8.72 32.18
N TYR C 208 -44.95 -9.04 31.76
CA TYR C 208 -44.35 -10.33 32.10
C TYR C 208 -44.02 -10.40 33.58
N THR C 209 -44.33 -11.54 34.20
CA THR C 209 -43.92 -11.82 35.57
C THR C 209 -42.60 -12.57 35.63
N GLU C 210 -41.97 -12.83 34.49
CA GLU C 210 -40.71 -13.56 34.46
C GLU C 210 -39.55 -12.61 34.72
N GLU C 211 -38.51 -13.10 35.39
CA GLU C 211 -37.43 -12.25 35.90
C GLU C 211 -36.51 -11.66 34.84
N ALA C 212 -36.52 -12.17 33.61
CA ALA C 212 -35.63 -11.65 32.58
C ALA C 212 -36.34 -10.71 31.60
N TYR C 213 -37.67 -10.64 31.65
CA TYR C 213 -38.42 -9.77 30.74
C TYR C 213 -39.48 -8.97 31.48
N GLU C 214 -39.24 -8.68 32.77
CA GLU C 214 -40.26 -8.08 33.62
C GLU C 214 -40.49 -6.62 33.23
N GLY C 215 -41.75 -6.24 33.09
CA GLY C 215 -42.11 -4.89 32.73
C GLY C 215 -42.39 -4.68 31.25
N GLN C 216 -42.10 -5.66 30.41
CA GLN C 216 -42.40 -5.53 29.00
C GLN C 216 -43.89 -5.71 28.76
N THR C 217 -44.48 -4.73 28.07
CA THR C 217 -45.91 -4.69 27.83
C THR C 217 -46.17 -4.82 26.33
N ALA C 218 -47.45 -4.72 25.95
CA ALA C 218 -47.82 -4.83 24.55
C ALA C 218 -47.39 -3.59 23.77
N LEU C 219 -47.26 -2.45 24.44
CA LEU C 219 -46.77 -1.24 23.77
C LEU C 219 -45.29 -1.34 23.45
N ASN C 220 -44.54 -2.11 24.25
CA ASN C 220 -43.12 -2.29 23.99
C ASN C 220 -42.90 -3.15 22.75
N ILE C 221 -43.85 -4.06 22.46
CA ILE C 221 -43.70 -4.94 21.30
C ILE C 221 -44.17 -4.23 20.03
N ALA C 222 -45.26 -3.45 20.12
CA ALA C 222 -45.86 -2.85 18.94
C ALA C 222 -44.98 -1.75 18.35
N ILE C 223 -44.22 -1.05 19.20
CA ILE C 223 -43.31 -0.02 18.70
C ILE C 223 -42.07 -0.68 18.07
N GLU C 224 -41.62 -1.81 18.61
CA GLU C 224 -40.43 -2.46 18.11
C GLU C 224 -40.68 -3.18 16.79
N ARG C 225 -41.92 -3.62 16.54
CA ARG C 225 -42.23 -4.28 15.28
C ARG C 225 -42.61 -3.30 14.16
N ARG C 226 -42.42 -1.99 14.39
CA ARG C 226 -42.82 -0.92 13.48
C ARG C 226 -44.31 -0.99 13.15
N GLN C 227 -45.16 -0.78 14.15
CA GLN C 227 -46.60 -0.75 13.97
C GLN C 227 -47.09 0.57 14.56
N GLY C 228 -47.07 1.62 13.75
CA GLY C 228 -47.50 2.93 14.22
C GLY C 228 -49.01 3.05 14.35
N ASP C 229 -49.76 2.24 13.59
CA ASP C 229 -51.21 2.27 13.69
C ASP C 229 -51.69 1.49 14.90
N ILE C 230 -51.03 0.38 15.22
CA ILE C 230 -51.43 -0.44 16.36
C ILE C 230 -51.04 0.23 17.66
N ALA C 231 -49.88 0.89 17.69
CA ALA C 231 -49.43 1.57 18.90
C ALA C 231 -50.26 2.82 19.17
N ALA C 232 -50.84 3.41 18.13
CA ALA C 232 -51.72 4.57 18.32
C ALA C 232 -53.06 4.14 18.92
N LEU C 233 -53.50 2.93 18.61
CA LEU C 233 -54.77 2.43 19.15
C LEU C 233 -54.63 2.03 20.61
N LEU C 234 -53.43 1.64 21.04
CA LEU C 234 -53.22 1.24 22.43
C LEU C 234 -53.16 2.44 23.35
N ILE C 235 -52.45 3.50 22.93
CA ILE C 235 -52.34 4.72 23.72
C ILE C 235 -53.68 5.44 23.82
N ALA C 236 -54.50 5.36 22.76
CA ALA C 236 -55.85 5.91 22.76
C ALA C 236 -56.84 5.02 23.50
N ALA C 237 -56.40 3.89 24.06
CA ALA C 237 -57.26 3.02 24.84
C ALA C 237 -56.85 2.92 26.30
N GLY C 238 -55.65 3.36 26.68
CA GLY C 238 -55.26 3.34 28.07
C GLY C 238 -53.96 2.63 28.37
N ALA C 239 -53.11 2.45 27.36
CA ALA C 239 -51.82 1.81 27.57
C ALA C 239 -50.89 2.74 28.32
N ASP C 240 -49.96 2.16 29.09
CA ASP C 240 -49.05 2.96 29.88
C ASP C 240 -47.86 3.41 29.03
N VAL C 241 -47.68 4.73 28.93
CA VAL C 241 -46.56 5.30 28.19
C VAL C 241 -45.33 5.47 29.06
N ASN C 242 -45.40 5.04 30.32
CA ASN C 242 -44.28 5.14 31.25
C ASN C 242 -43.95 3.78 31.85
N ALA C 243 -44.21 2.71 31.12
CA ALA C 243 -43.91 1.36 31.57
C ALA C 243 -42.42 1.09 31.48
N HIS C 244 -41.81 0.74 32.60
CA HIS C 244 -40.39 0.48 32.69
C HIS C 244 -40.14 -1.01 32.52
N ALA C 245 -39.52 -1.38 31.40
CA ALA C 245 -39.20 -2.77 31.10
C ALA C 245 -37.83 -3.10 31.69
N LYS C 246 -37.84 -3.67 32.89
CA LYS C 246 -36.62 -4.08 33.57
C LYS C 246 -36.27 -5.52 33.18
N GLY C 247 -35.33 -6.12 33.89
CA GLY C 247 -34.97 -7.50 33.63
C GLY C 247 -33.56 -7.67 33.15
N ALA C 248 -33.06 -8.91 33.13
CA ALA C 248 -31.69 -9.17 32.70
C ALA C 248 -31.50 -8.98 31.21
N PHE C 249 -32.56 -9.13 30.41
CA PHE C 249 -32.46 -8.89 28.98
C PHE C 249 -32.40 -7.41 28.66
N PHE C 250 -33.26 -6.61 29.28
CA PHE C 250 -33.32 -5.18 29.00
C PHE C 250 -32.33 -4.37 29.80
N ASN C 251 -31.74 -4.94 30.85
CA ASN C 251 -30.67 -4.30 31.61
C ASN C 251 -29.52 -5.30 31.74
N PRO C 252 -28.70 -5.44 30.69
CA PRO C 252 -27.59 -6.39 30.76
C PRO C 252 -26.39 -5.80 31.50
N LYS C 253 -25.36 -6.62 31.65
CA LYS C 253 -24.11 -6.17 32.24
C LYS C 253 -23.06 -5.81 31.21
N TYR C 254 -23.17 -6.32 29.99
CA TYR C 254 -22.27 -6.01 28.90
C TYR C 254 -23.08 -5.80 27.63
N GLN C 255 -22.43 -5.36 26.56
CA GLN C 255 -23.15 -5.18 25.29
C GLN C 255 -23.06 -6.44 24.42
N HIS C 256 -23.30 -7.60 25.02
CA HIS C 256 -23.53 -8.82 24.25
C HIS C 256 -24.55 -9.74 24.93
N GLU C 257 -25.17 -9.30 26.02
CA GLU C 257 -26.05 -10.15 26.81
C GLU C 257 -27.46 -9.58 26.89
N GLY C 258 -27.89 -8.87 25.86
CA GLY C 258 -29.23 -8.32 25.85
C GLY C 258 -29.33 -7.12 24.93
N PHE C 259 -30.27 -6.24 25.25
CA PHE C 259 -30.55 -5.06 24.44
C PHE C 259 -31.02 -3.94 25.36
N TYR C 260 -30.13 -3.00 25.64
CA TYR C 260 -30.45 -1.82 26.44
C TYR C 260 -30.81 -0.66 25.54
N PHE C 261 -31.97 -0.05 25.77
CA PHE C 261 -32.42 1.08 24.98
C PHE C 261 -32.83 2.25 25.86
N GLY C 262 -33.15 1.99 27.12
CA GLY C 262 -33.55 3.05 28.03
C GLY C 262 -34.74 2.71 28.89
N GLU C 263 -35.31 1.51 28.69
CA GLU C 263 -36.37 0.84 29.43
C GLU C 263 -37.74 1.51 29.28
N THR C 264 -37.86 2.62 28.56
CA THR C 264 -39.12 3.32 28.38
C THR C 264 -39.56 3.25 26.92
N PRO C 265 -40.87 3.33 26.66
CA PRO C 265 -41.33 3.34 25.25
C PRO C 265 -40.91 4.58 24.48
N LEU C 266 -40.62 5.69 25.15
CA LEU C 266 -40.08 6.86 24.46
C LEU C 266 -38.65 6.61 24.01
N ALA C 267 -37.88 5.84 24.79
CA ALA C 267 -36.51 5.53 24.42
C ALA C 267 -36.44 4.39 23.41
N LEU C 268 -37.51 3.59 23.29
CA LEU C 268 -37.49 2.49 22.34
C LEU C 268 -37.72 3.01 20.92
N ALA C 269 -38.59 4.01 20.77
CA ALA C 269 -38.80 4.61 19.46
C ALA C 269 -37.66 5.52 19.06
N ALA C 270 -36.92 6.06 20.04
CA ALA C 270 -35.81 6.94 19.73
C ALA C 270 -34.58 6.17 19.31
N CYS C 271 -34.35 5.00 19.89
CA CYS C 271 -33.17 4.20 19.56
C CYS C 271 -33.37 3.34 18.32
N THR C 272 -34.63 3.08 17.93
CA THR C 272 -34.90 2.31 16.72
C THR C 272 -35.33 3.18 15.54
N ASN C 273 -34.94 4.45 15.53
CA ASN C 273 -35.09 5.41 14.43
C ASN C 273 -36.55 5.55 14.00
N GLN C 274 -37.42 5.90 14.94
CA GLN C 274 -38.85 6.05 14.65
C GLN C 274 -39.35 7.38 15.19
N PRO C 275 -39.12 8.49 14.48
CA PRO C 275 -39.49 9.80 15.04
C PRO C 275 -40.98 10.09 15.01
N GLU C 276 -41.75 9.35 14.20
CA GLU C 276 -43.19 9.58 14.15
C GLU C 276 -43.89 9.08 15.40
N ILE C 277 -43.29 8.12 16.11
CA ILE C 277 -43.85 7.66 17.37
C ILE C 277 -43.33 8.53 18.51
N VAL C 278 -42.12 9.09 18.37
CA VAL C 278 -41.58 10.01 19.37
C VAL C 278 -42.40 11.30 19.41
N GLN C 279 -42.82 11.79 18.25
CA GLN C 279 -43.68 12.96 18.20
C GLN C 279 -45.08 12.65 18.72
N LEU C 280 -45.50 11.38 18.62
CA LEU C 280 -46.80 10.99 19.14
C LEU C 280 -46.75 10.81 20.65
N LEU C 281 -45.58 10.48 21.20
CA LEU C 281 -45.46 10.29 22.64
C LEU C 281 -45.21 11.60 23.36
N MET C 282 -44.46 12.53 22.75
CA MET C 282 -44.15 13.78 23.42
C MET C 282 -45.33 14.74 23.42
N GLU C 283 -46.31 14.53 22.55
CA GLU C 283 -47.53 15.32 22.61
C GLU C 283 -48.52 14.75 23.61
N HIS C 284 -48.29 13.52 24.06
CA HIS C 284 -49.16 12.91 25.05
C HIS C 284 -48.87 13.51 26.43
N GLU C 285 -49.91 14.03 27.07
CA GLU C 285 -49.75 14.85 28.28
C GLU C 285 -49.42 14.05 29.53
N GLN C 286 -49.54 12.73 29.49
CA GLN C 286 -49.15 11.91 30.64
C GLN C 286 -47.74 11.33 30.51
N THR C 287 -47.05 11.62 29.42
CA THR C 287 -45.70 11.08 29.20
C THR C 287 -44.69 11.88 30.02
N ASP C 288 -43.94 11.21 30.88
CA ASP C 288 -42.91 11.86 31.70
C ASP C 288 -41.60 11.77 30.94
N ILE C 289 -41.19 12.89 30.33
CA ILE C 289 -39.98 12.96 29.53
C ILE C 289 -38.71 12.81 30.37
N THR C 290 -38.72 13.38 31.59
CA THR C 290 -37.54 13.38 32.45
C THR C 290 -37.48 12.15 33.36
N SER C 291 -38.04 11.03 32.92
CA SER C 291 -38.03 9.82 33.72
C SER C 291 -36.65 9.18 33.71
N ARG C 292 -36.32 8.51 34.82
CA ARG C 292 -35.03 7.87 35.01
C ARG C 292 -35.23 6.39 35.28
N ASP C 293 -34.49 5.55 34.55
CA ASP C 293 -34.63 4.10 34.67
C ASP C 293 -33.80 3.55 35.83
N SER C 294 -33.60 2.22 35.84
CA SER C 294 -32.82 1.55 36.87
C SER C 294 -31.36 1.95 36.89
N ARG C 295 -30.80 2.40 35.77
CA ARG C 295 -29.45 2.94 35.74
C ARG C 295 -29.41 4.42 36.11
N GLY C 296 -30.55 5.08 36.23
CA GLY C 296 -30.59 6.51 36.38
C GLY C 296 -30.55 7.28 35.08
N ASN C 297 -30.53 6.59 33.94
CA ASN C 297 -30.46 7.24 32.65
C ASN C 297 -31.81 7.83 32.26
N ASN C 298 -31.76 9.01 31.64
CA ASN C 298 -32.94 9.63 31.06
C ASN C 298 -32.92 9.40 29.54
N ILE C 299 -33.78 10.12 28.83
CA ILE C 299 -33.92 9.99 27.39
C ILE C 299 -32.62 10.38 26.65
N LEU C 300 -31.80 11.25 27.25
CA LEU C 300 -30.60 11.68 26.54
C LEU C 300 -29.35 10.89 26.94
N HIS C 301 -29.35 10.27 28.12
CA HIS C 301 -28.26 9.35 28.44
C HIS C 301 -28.33 8.09 27.58
N ALA C 302 -29.55 7.62 27.29
CA ALA C 302 -29.71 6.35 26.60
C ALA C 302 -29.36 6.47 25.11
N LEU C 303 -29.50 7.68 24.55
CA LEU C 303 -29.05 7.90 23.18
C LEU C 303 -27.53 7.92 23.07
N VAL C 304 -26.86 8.37 24.13
CA VAL C 304 -25.40 8.34 24.16
C VAL C 304 -24.89 6.91 24.21
N THR C 305 -25.60 6.04 24.94
CA THR C 305 -25.17 4.64 25.10
C THR C 305 -25.29 3.87 23.79
N VAL C 306 -26.37 4.08 23.03
CA VAL C 306 -26.56 3.39 21.76
C VAL C 306 -25.85 4.10 20.61
N ALA C 307 -25.15 5.20 20.87
CA ALA C 307 -24.46 5.91 19.81
C ALA C 307 -23.19 5.18 19.39
N GLU C 308 -22.63 5.62 18.27
CA GLU C 308 -21.41 5.04 17.72
C GLU C 308 -20.24 5.99 17.92
N ASP C 309 -19.03 5.47 17.75
CA ASP C 309 -17.84 6.23 18.11
C ASP C 309 -17.38 7.17 16.99
N PHE C 310 -17.71 6.88 15.73
CA PHE C 310 -17.22 7.64 14.60
C PHE C 310 -18.38 8.06 13.71
N LYS C 311 -18.05 8.82 12.65
CA LYS C 311 -19.05 9.42 11.78
C LYS C 311 -19.33 8.49 10.60
N THR C 312 -20.56 7.98 10.55
CA THR C 312 -21.02 7.23 9.38
C THR C 312 -21.83 8.13 8.46
N GLN C 313 -22.46 7.54 7.45
CA GLN C 313 -23.32 8.27 6.53
C GLN C 313 -24.61 8.74 7.17
N ASN C 314 -25.32 7.86 7.87
CA ASN C 314 -26.58 8.21 8.52
C ASN C 314 -26.35 8.24 10.02
N ASP C 315 -26.68 9.37 10.64
CA ASP C 315 -26.55 9.55 12.09
C ASP C 315 -27.92 9.99 12.64
N PHE C 316 -28.77 9.00 12.92
CA PHE C 316 -30.08 9.31 13.49
C PHE C 316 -30.02 9.59 14.98
N VAL C 317 -28.95 9.16 15.65
CA VAL C 317 -28.77 9.40 17.08
C VAL C 317 -28.57 10.88 17.34
N LYS C 318 -27.78 11.56 16.50
CA LYS C 318 -27.63 13.01 16.60
C LYS C 318 -28.94 13.71 16.24
N ARG C 319 -29.71 13.14 15.31
CA ARG C 319 -31.00 13.72 14.97
C ARG C 319 -32.03 13.49 16.07
N MET C 320 -31.97 12.34 16.75
CA MET C 320 -32.85 12.12 17.89
C MET C 320 -32.44 12.96 19.09
N TYR C 321 -31.14 13.27 19.20
CA TYR C 321 -30.68 14.11 20.30
C TYR C 321 -31.17 15.54 20.12
N ASP C 322 -31.17 16.04 18.88
CA ASP C 322 -31.55 17.42 18.63
C ASP C 322 -33.07 17.58 18.70
N MET C 323 -33.82 16.56 18.28
CA MET C 323 -35.27 16.69 18.20
C MET C 323 -35.91 16.65 19.59
N ILE C 324 -35.37 15.82 20.48
CA ILE C 324 -35.95 15.68 21.81
C ILE C 324 -35.57 16.87 22.69
N LEU C 325 -34.33 17.37 22.54
CA LEU C 325 -33.85 18.44 23.39
C LEU C 325 -34.50 19.78 23.08
N LEU C 326 -34.72 20.07 21.79
CA LEU C 326 -35.29 21.37 21.42
C LEU C 326 -36.78 21.43 21.72
N ARG C 327 -37.47 20.29 21.64
CA ARG C 327 -38.89 20.27 21.98
C ARG C 327 -39.11 20.26 23.48
N SER C 328 -38.07 19.93 24.26
CA SER C 328 -38.18 20.03 25.71
C SER C 328 -38.08 21.48 26.16
N GLY C 329 -37.09 22.21 25.66
CA GLY C 329 -37.00 23.64 25.92
C GLY C 329 -36.52 24.01 27.30
N ASN C 330 -35.71 23.16 27.94
CA ASN C 330 -35.20 23.43 29.27
C ASN C 330 -33.86 22.72 29.46
N TRP C 331 -33.23 22.99 30.60
CA TRP C 331 -31.96 22.35 30.96
C TRP C 331 -32.13 21.17 31.90
N GLU C 332 -33.35 20.67 32.10
CA GLU C 332 -33.59 19.60 33.05
C GLU C 332 -33.04 18.26 32.56
N LEU C 333 -33.03 18.06 31.24
CA LEU C 333 -32.50 16.80 30.70
C LEU C 333 -30.98 16.82 30.66
N GLU C 334 -30.38 18.02 30.63
CA GLU C 334 -28.94 18.13 30.55
C GLU C 334 -28.25 18.11 31.91
N THR C 335 -28.87 18.68 32.94
CA THR C 335 -28.27 18.70 34.26
C THR C 335 -28.55 17.44 35.06
N THR C 336 -29.36 16.53 34.53
CA THR C 336 -29.69 15.29 35.23
C THR C 336 -28.48 14.35 35.24
N ARG C 337 -28.16 13.85 36.43
CA ARG C 337 -27.03 12.95 36.63
C ARG C 337 -27.53 11.54 36.88
N ASN C 338 -26.67 10.56 36.60
CA ASN C 338 -27.01 9.15 36.79
C ASN C 338 -26.80 8.73 38.24
N ASN C 339 -26.86 7.42 38.47
CA ASN C 339 -26.43 6.86 39.76
C ASN C 339 -24.92 6.97 39.95
N ASP C 340 -24.15 7.03 38.87
CA ASP C 340 -22.72 7.32 38.92
C ASP C 340 -22.43 8.82 38.91
N GLY C 341 -23.45 9.65 38.76
CA GLY C 341 -23.26 11.09 38.74
C GLY C 341 -22.79 11.64 37.41
N LEU C 342 -23.39 11.20 36.30
CA LEU C 342 -22.95 11.62 34.98
C LEU C 342 -24.09 12.27 34.21
N THR C 343 -23.81 13.43 33.65
CA THR C 343 -24.65 14.12 32.68
C THR C 343 -24.50 13.44 31.32
N PRO C 344 -25.38 13.72 30.35
CA PRO C 344 -25.14 13.21 28.99
C PRO C 344 -23.90 13.78 28.33
N LEU C 345 -23.43 14.94 28.76
CA LEU C 345 -22.14 15.46 28.30
C LEU C 345 -20.99 14.63 28.84
N GLN C 346 -21.04 14.26 30.13
CA GLN C 346 -19.95 13.51 30.74
C GLN C 346 -19.99 12.03 30.34
N LEU C 347 -21.17 11.52 29.99
CA LEU C 347 -21.29 10.14 29.56
C LEU C 347 -20.69 9.93 28.16
N ALA C 348 -20.77 10.97 27.32
CA ALA C 348 -20.17 10.88 25.99
C ALA C 348 -18.65 10.91 26.07
N ALA C 349 -18.10 11.54 27.10
CA ALA C 349 -16.65 11.54 27.29
C ALA C 349 -16.19 10.23 27.92
N LYS C 350 -17.04 9.60 28.73
CA LYS C 350 -16.65 8.35 29.37
C LYS C 350 -16.67 7.18 28.39
N MET C 351 -17.67 7.12 27.52
CA MET C 351 -17.81 6.02 26.57
C MET C 351 -17.10 6.29 25.24
N GLY C 352 -16.56 7.49 25.04
CA GLY C 352 -15.75 7.76 23.88
C GLY C 352 -16.49 8.00 22.59
N LYS C 353 -17.66 8.62 22.64
CA LYS C 353 -18.43 8.94 21.44
C LYS C 353 -18.06 10.35 21.00
N ALA C 354 -17.12 10.42 20.05
CA ALA C 354 -16.58 11.70 19.60
C ALA C 354 -17.55 12.51 18.76
N GLU C 355 -18.44 11.85 18.00
CA GLU C 355 -19.41 12.57 17.18
C GLU C 355 -20.49 13.23 18.03
N ILE C 356 -20.94 12.55 19.08
CA ILE C 356 -21.91 13.14 20.00
C ILE C 356 -21.27 14.22 20.88
N LEU C 357 -20.02 14.00 21.31
CA LEU C 357 -19.35 14.96 22.18
C LEU C 357 -18.98 16.23 21.41
N LYS C 358 -18.82 16.12 20.09
CA LYS C 358 -18.56 17.30 19.27
C LYS C 358 -19.83 18.12 19.08
N TYR C 359 -20.98 17.44 18.98
CA TYR C 359 -22.23 18.14 18.69
C TYR C 359 -22.75 18.90 19.90
N ILE C 360 -22.61 18.31 21.09
CA ILE C 360 -23.10 18.96 22.30
C ILE C 360 -22.23 20.16 22.65
N LEU C 361 -20.93 20.06 22.41
CA LEU C 361 -19.99 21.00 22.99
C LEU C 361 -19.81 22.23 22.09
N SER C 362 -20.43 22.22 20.92
CA SER C 362 -20.48 23.38 20.03
C SER C 362 -21.90 23.59 19.50
N ARG C 363 -22.90 23.29 20.32
CA ARG C 363 -24.30 23.48 19.94
C ARG C 363 -24.65 24.96 19.97
N GLU C 364 -25.08 25.49 18.82
CA GLU C 364 -25.45 26.90 18.69
C GLU C 364 -26.79 26.99 17.98
N ILE C 365 -27.76 27.60 18.65
CA ILE C 365 -29.10 27.82 18.07
C ILE C 365 -29.22 29.30 17.75
N LYS C 366 -29.45 29.62 16.48
CA LYS C 366 -29.51 31.01 16.06
C LYS C 366 -30.87 31.63 16.41
N GLU C 367 -31.89 30.79 16.57
CA GLU C 367 -33.25 31.27 16.79
C GLU C 367 -33.47 31.71 18.22
N LYS C 368 -33.85 32.98 18.41
CA LYS C 368 -34.35 33.45 19.70
C LYS C 368 -35.71 32.81 19.94
N ARG C 369 -36.03 32.55 21.23
CA ARG C 369 -36.97 31.62 21.88
C ARG C 369 -36.36 30.23 21.99
N LEU C 370 -35.18 30.03 21.41
CA LEU C 370 -34.52 28.72 21.45
C LEU C 370 -33.00 28.89 21.59
N ARG C 371 -32.53 30.13 21.65
CA ARG C 371 -31.11 30.44 21.70
C ARG C 371 -30.48 30.10 23.05
N SER C 372 -31.25 30.12 24.14
CA SER C 372 -30.71 29.91 25.47
C SER C 372 -30.26 28.47 25.73
N LEU C 373 -30.55 27.53 24.83
CA LEU C 373 -30.10 26.14 24.96
C LEU C 373 -28.80 25.89 24.22
N SER C 374 -27.95 26.91 24.07
CA SER C 374 -26.72 26.79 23.31
C SER C 374 -25.52 26.76 24.26
N ARG C 375 -24.42 26.19 23.79
CA ARG C 375 -23.15 26.21 24.50
C ARG C 375 -22.06 26.96 23.76
N LYS C 376 -22.16 27.07 22.44
CA LYS C 376 -21.28 27.89 21.63
C LYS C 376 -22.01 29.16 21.22
N PHE C 377 -21.34 30.30 21.38
CA PHE C 377 -21.95 31.61 21.10
C PHE C 377 -20.98 32.41 20.23
N THR C 378 -21.27 32.46 18.93
CA THR C 378 -20.41 33.18 17.99
C THR C 378 -20.58 34.69 18.18
N ASP C 379 -19.47 35.38 18.41
CA ASP C 379 -19.53 36.81 18.65
C ASP C 379 -19.54 37.59 17.33
N TRP C 380 -18.59 37.31 16.45
CA TRP C 380 -18.55 37.92 15.13
C TRP C 380 -17.79 37.00 14.18
N ALA C 381 -18.05 37.16 12.89
CA ALA C 381 -17.41 36.37 11.85
C ALA C 381 -17.11 37.26 10.65
N TYR C 382 -15.92 37.09 10.08
CA TYR C 382 -15.52 37.87 8.91
C TYR C 382 -14.63 36.97 8.06
N GLY C 383 -15.24 36.30 7.08
CA GLY C 383 -14.51 35.38 6.23
C GLY C 383 -14.10 34.13 6.97
N PRO C 384 -12.80 33.82 6.96
CA PRO C 384 -12.31 32.64 7.69
C PRO C 384 -12.10 32.85 9.17
N VAL C 385 -12.16 34.09 9.66
CA VAL C 385 -11.89 34.41 11.05
C VAL C 385 -13.21 34.49 11.81
N SER C 386 -13.29 33.74 12.90
CA SER C 386 -14.49 33.71 13.74
C SER C 386 -14.08 33.84 15.20
N SER C 387 -14.95 34.48 15.99
CA SER C 387 -14.75 34.64 17.42
C SER C 387 -15.98 34.10 18.14
N SER C 388 -15.78 33.12 19.02
CA SER C 388 -16.87 32.43 19.67
C SER C 388 -16.65 32.35 21.18
N LEU C 389 -17.74 32.14 21.90
CA LEU C 389 -17.71 31.93 23.35
C LEU C 389 -18.22 30.52 23.63
N TYR C 390 -17.45 29.76 24.42
CA TYR C 390 -17.74 28.36 24.70
C TYR C 390 -18.10 28.18 26.16
N ASP C 391 -19.12 27.36 26.41
CA ASP C 391 -19.55 27.11 27.78
C ASP C 391 -18.56 26.18 28.47
N LEU C 392 -18.22 26.50 29.72
CA LEU C 392 -17.27 25.75 30.51
C LEU C 392 -17.86 25.33 31.85
N THR C 393 -19.09 24.79 31.81
CA THR C 393 -19.80 24.43 33.03
C THR C 393 -19.21 23.19 33.68
N ASN C 394 -19.13 22.08 32.94
CA ASN C 394 -18.59 20.83 33.44
C ASN C 394 -17.36 20.40 32.64
N VAL C 395 -16.77 21.35 31.92
CA VAL C 395 -15.66 21.07 31.00
C VAL C 395 -14.32 21.35 31.67
N ASP C 396 -14.18 22.51 32.29
CA ASP C 396 -12.94 22.88 32.95
C ASP C 396 -12.80 22.10 34.25
N THR C 397 -11.55 21.95 34.71
CA THR C 397 -11.26 21.12 35.87
C THR C 397 -11.48 21.88 37.17
N THR C 398 -12.67 22.40 37.39
CA THR C 398 -13.05 23.01 38.65
C THR C 398 -14.11 22.21 39.39
N THR C 399 -14.81 21.30 38.72
CA THR C 399 -15.69 20.35 39.37
C THR C 399 -14.93 19.04 39.51
N ASP C 400 -15.56 18.07 40.17
CA ASP C 400 -14.90 16.79 40.42
C ASP C 400 -14.76 15.94 39.17
N ASN C 401 -15.84 15.55 38.52
CA ASN C 401 -15.79 14.63 37.39
C ASN C 401 -15.94 15.40 36.08
N SER C 402 -14.95 16.23 35.76
CA SER C 402 -15.05 17.12 34.61
C SER C 402 -14.75 16.41 33.29
N VAL C 403 -15.18 17.02 32.17
CA VAL C 403 -15.04 16.40 30.86
C VAL C 403 -13.58 16.34 30.42
N LEU C 404 -12.79 17.35 30.74
CA LEU C 404 -11.36 17.34 30.41
C LEU C 404 -10.61 16.30 31.24
N GLU C 405 -11.04 16.05 32.46
CA GLU C 405 -10.38 15.05 33.29
C GLU C 405 -10.77 13.64 32.86
N ILE C 406 -11.99 13.46 32.35
CA ILE C 406 -12.42 12.15 31.88
C ILE C 406 -11.68 11.74 30.62
N THR C 407 -11.69 12.58 29.58
CA THR C 407 -11.14 12.26 28.26
C THR C 407 -9.65 11.97 28.28
N VAL C 408 -8.88 12.73 29.08
CA VAL C 408 -7.44 12.50 29.19
C VAL C 408 -7.15 11.18 29.90
N TYR C 409 -7.89 10.87 30.97
CA TYR C 409 -7.66 9.66 31.76
C TYR C 409 -8.60 8.53 31.36
N ASN C 410 -9.00 8.44 30.09
CA ASN C 410 -9.91 7.40 29.63
C ASN C 410 -9.11 6.40 28.80
N THR C 411 -8.52 5.42 29.48
CA THR C 411 -7.73 4.40 28.79
C THR C 411 -8.57 3.30 28.16
N ASN C 412 -9.89 3.33 28.38
CA ASN C 412 -10.77 2.32 27.78
C ASN C 412 -11.01 2.57 26.30
N ILE C 413 -10.89 3.82 25.87
CA ILE C 413 -11.28 4.20 24.52
C ILE C 413 -10.04 4.33 23.64
N ASP C 414 -10.27 4.42 22.34
CA ASP C 414 -9.21 4.42 21.33
C ASP C 414 -9.09 5.78 20.64
N ASN C 415 -10.04 6.69 20.89
CA ASN C 415 -10.12 7.95 20.16
C ASN C 415 -9.94 9.16 21.08
N ARG C 416 -8.93 9.13 21.95
CA ARG C 416 -8.63 10.28 22.78
C ARG C 416 -8.04 11.43 21.96
N HIS C 417 -7.32 11.11 20.87
CA HIS C 417 -6.73 12.15 20.06
C HIS C 417 -7.79 12.88 19.23
N GLU C 418 -8.87 12.18 18.88
CA GLU C 418 -9.97 12.82 18.17
C GLU C 418 -10.79 13.73 19.08
N MET C 419 -10.90 13.37 20.36
CA MET C 419 -11.74 14.11 21.30
C MET C 419 -11.02 15.27 21.97
N LEU C 420 -9.71 15.18 22.16
CA LEU C 420 -8.93 16.27 22.75
C LEU C 420 -8.51 17.31 21.73
N THR C 421 -8.88 17.13 20.46
CA THR C 421 -8.69 18.12 19.42
C THR C 421 -9.89 19.07 19.33
N LEU C 422 -10.96 18.76 20.07
CA LEU C 422 -12.24 19.45 19.95
C LEU C 422 -12.17 20.85 20.55
N GLU C 423 -13.29 21.54 20.51
CA GLU C 423 -13.30 22.99 20.38
C GLU C 423 -12.98 23.81 21.63
N PRO C 424 -13.36 23.45 22.87
CA PRO C 424 -12.68 24.07 24.02
C PRO C 424 -11.61 23.20 24.65
N LEU C 425 -11.54 21.93 24.28
CA LEU C 425 -10.68 21.00 25.01
C LEU C 425 -9.23 21.14 24.59
N HIS C 426 -9.00 21.59 23.35
CA HIS C 426 -7.65 21.81 22.88
C HIS C 426 -7.09 23.15 23.36
N THR C 427 -7.97 24.11 23.66
CA THR C 427 -7.51 25.44 24.07
C THR C 427 -7.21 25.48 25.57
N LEU C 428 -8.04 24.86 26.39
CA LEU C 428 -7.73 24.73 27.82
C LEU C 428 -6.48 23.90 28.03
N LEU C 429 -6.25 22.90 27.20
CA LEU C 429 -5.05 22.08 27.33
C LEU C 429 -3.81 22.85 26.89
N HIS C 430 -3.99 23.82 25.99
CA HIS C 430 -2.85 24.61 25.52
C HIS C 430 -2.57 25.80 26.42
N MET C 431 -3.61 26.38 27.03
CA MET C 431 -3.41 27.53 27.89
C MET C 431 -2.82 27.14 29.24
N LYS C 432 -3.07 25.91 29.68
CA LYS C 432 -2.46 25.45 30.94
C LYS C 432 -0.99 25.15 30.76
N TRP C 433 -0.57 24.78 29.54
CA TRP C 433 0.83 24.52 29.27
C TRP C 433 1.63 25.81 29.25
N LYS C 434 1.05 26.88 28.72
CA LYS C 434 1.76 28.15 28.62
C LYS C 434 1.65 29.00 29.88
N LYS C 435 1.10 28.47 30.98
CA LYS C 435 1.03 29.20 32.24
C LYS C 435 1.79 28.56 33.38
N PHE C 436 1.64 27.25 33.61
CA PHE C 436 2.36 26.63 34.72
C PHE C 436 3.04 25.32 34.32
N ALA C 437 2.49 24.62 33.33
CA ALA C 437 2.92 23.24 33.09
C ALA C 437 4.26 23.17 32.37
N LYS C 438 4.64 24.21 31.62
CA LYS C 438 5.96 24.23 31.02
C LYS C 438 7.02 24.60 32.06
N HIS C 439 6.65 25.41 33.05
CA HIS C 439 7.57 25.76 34.13
C HIS C 439 7.76 24.59 35.08
N MET C 440 6.69 23.85 35.38
CA MET C 440 6.80 22.74 36.32
C MET C 440 7.49 21.54 35.68
N PHE C 441 7.46 21.44 34.35
CA PHE C 441 8.17 20.35 33.69
C PHE C 441 9.66 20.64 33.57
N PHE C 442 10.04 21.91 33.48
CA PHE C 442 11.46 22.27 33.39
C PHE C 442 12.15 22.11 34.73
N LEU C 443 11.48 22.48 35.82
CA LEU C 443 12.08 22.36 37.15
C LEU C 443 12.08 20.91 37.62
N SER C 444 11.13 20.12 37.16
CA SER C 444 11.14 18.69 37.46
C SER C 444 12.29 17.99 36.74
N PHE C 445 12.70 18.55 35.59
CA PHE C 445 13.92 18.07 34.94
C PHE C 445 15.15 18.48 35.72
N CYS C 446 15.16 19.71 36.25
CA CYS C 446 16.38 20.25 36.87
C CYS C 446 16.63 19.66 38.25
N PHE C 447 15.57 19.47 39.05
CA PHE C 447 15.79 18.89 40.37
C PHE C 447 16.07 17.39 40.31
N TYR C 448 15.74 16.74 39.19
CA TYR C 448 15.98 15.30 39.08
C TYR C 448 17.30 15.01 38.37
N PHE C 449 17.75 15.93 37.50
CA PHE C 449 19.06 15.77 36.88
C PHE C 449 20.18 16.09 37.87
N PHE C 450 19.90 17.02 38.80
CA PHE C 450 20.85 17.26 39.89
C PHE C 450 20.85 16.10 40.88
N TYR C 451 19.75 15.37 40.96
CA TYR C 451 19.66 14.25 41.88
C TYR C 451 20.43 13.04 41.38
N ASN C 452 20.53 12.88 40.05
CA ASN C 452 21.25 11.74 39.49
C ASN C 452 22.76 11.97 39.50
N ILE C 453 23.19 13.23 39.44
CA ILE C 453 24.62 13.55 39.53
C ILE C 453 25.14 13.28 40.94
N THR C 454 24.36 13.65 41.96
CA THR C 454 24.78 13.47 43.34
C THR C 454 24.81 12.01 43.74
N LEU C 455 23.89 11.20 43.19
CA LEU C 455 23.97 9.74 43.38
C LEU C 455 25.21 9.15 42.71
N THR C 456 25.59 9.69 41.55
CA THR C 456 26.75 9.20 40.82
C THR C 456 28.06 9.52 41.54
N LEU C 457 28.22 10.74 42.05
CA LEU C 457 29.45 11.16 42.67
C LEU C 457 29.65 10.64 44.09
N VAL C 458 28.66 9.94 44.66
CA VAL C 458 28.87 9.28 45.95
C VAL C 458 28.98 7.79 45.72
N SER C 459 28.55 7.32 44.54
CA SER C 459 28.73 5.92 44.20
C SER C 459 30.09 5.67 43.58
N TYR C 460 30.59 6.64 42.81
CA TYR C 460 31.91 6.50 42.21
C TYR C 460 33.01 6.77 43.23
N TYR C 461 32.89 7.85 43.99
CA TYR C 461 33.87 8.18 45.03
C TYR C 461 33.45 7.61 46.39
N ARG C 462 33.25 6.31 46.45
CA ARG C 462 32.93 5.64 47.70
C ARG C 462 34.20 5.37 48.50
N PRO C 463 34.09 5.19 49.81
CA PRO C 463 35.26 4.74 50.58
C PRO C 463 35.65 3.31 50.21
N ARG C 464 36.81 3.19 49.57
CA ARG C 464 37.24 1.93 48.96
C ARG C 464 37.63 0.87 49.97
N GLU C 465 38.64 1.11 50.81
CA GLU C 465 39.11 0.09 51.74
C GLU C 465 39.01 0.58 53.19
N GLU C 466 39.44 1.82 53.45
CA GLU C 466 39.46 2.36 54.80
C GLU C 466 38.06 2.68 55.29
N GLU C 467 37.56 1.90 56.24
CA GLU C 467 36.24 2.13 56.83
C GLU C 467 36.19 1.59 58.25
N GLY C 480 32.99 19.18 53.35
CA GLY C 480 32.65 20.55 53.02
C GLY C 480 31.16 20.84 53.11
N TRP C 481 30.80 22.11 52.90
CA TRP C 481 29.39 22.49 52.95
C TRP C 481 28.64 22.01 51.71
N LEU C 482 29.35 21.86 50.59
CA LEU C 482 28.73 21.36 49.37
C LEU C 482 28.50 19.86 49.46
N GLN C 483 29.37 19.16 50.20
CA GLN C 483 29.22 17.72 50.40
C GLN C 483 28.04 17.43 51.33
N LEU C 484 27.78 18.32 52.28
CA LEU C 484 26.63 18.18 53.16
C LEU C 484 25.35 18.58 52.45
N LEU C 485 25.46 19.50 51.50
CA LEU C 485 24.30 19.95 50.74
C LEU C 485 23.87 18.87 49.76
N GLY C 486 24.83 18.08 49.28
CA GLY C 486 24.54 17.03 48.34
C GLY C 486 23.88 15.81 48.94
N ARG C 487 24.46 15.29 50.03
CA ARG C 487 23.98 14.04 50.61
C ARG C 487 22.66 14.22 51.35
N MET C 488 22.41 15.42 51.87
CA MET C 488 21.11 15.69 52.50
C MET C 488 20.03 15.92 51.46
N PHE C 489 20.42 16.31 50.25
CA PHE C 489 19.46 16.43 49.17
C PHE C 489 19.03 15.06 48.66
N VAL C 490 19.91 14.06 48.80
CA VAL C 490 19.57 12.70 48.40
C VAL C 490 18.56 12.09 49.36
N LEU C 491 18.72 12.37 50.66
CA LEU C 491 17.84 11.77 51.67
C LEU C 491 16.45 12.39 51.65
N ILE C 492 16.33 13.64 51.22
CA ILE C 492 15.03 14.30 51.19
C ILE C 492 14.28 14.01 49.89
N TRP C 493 14.99 14.10 48.75
CA TRP C 493 14.34 13.96 47.45
C TRP C 493 13.91 12.51 47.19
N ALA C 494 14.55 11.55 47.85
CA ALA C 494 14.12 10.15 47.72
C ALA C 494 12.86 9.88 48.54
N MET C 495 12.67 10.63 49.63
CA MET C 495 11.46 10.49 50.43
C MET C 495 10.29 11.24 49.81
N CYS C 496 10.60 12.27 49.01
CA CYS C 496 9.54 13.01 48.33
C CYS C 496 8.93 12.20 47.20
N ILE C 497 9.76 11.39 46.53
CA ILE C 497 9.26 10.55 45.44
C ILE C 497 8.52 9.34 46.01
N SER C 498 9.03 8.75 47.10
CA SER C 498 8.46 7.51 47.62
C SER C 498 7.09 7.74 48.26
N VAL C 499 6.82 8.97 48.72
CA VAL C 499 5.48 9.29 49.23
C VAL C 499 4.56 9.63 48.07
N LYS C 500 5.05 10.41 47.10
CA LYS C 500 4.21 10.87 46.00
C LYS C 500 3.86 9.73 45.04
N GLU C 501 4.85 8.91 44.69
CA GLU C 501 4.59 7.80 43.78
C GLU C 501 3.94 6.62 44.50
N GLY C 502 4.02 6.58 45.83
CA GLY C 502 3.39 5.50 46.56
C GLY C 502 1.88 5.66 46.63
N ILE C 503 1.40 6.90 46.60
CA ILE C 503 -0.03 7.16 46.60
C ILE C 503 -0.64 6.80 45.25
N ALA C 504 0.12 7.07 44.17
CA ALA C 504 -0.39 6.82 42.82
C ALA C 504 -0.48 5.34 42.50
N ILE C 505 0.33 4.51 43.15
CA ILE C 505 0.21 3.06 42.98
C ILE C 505 -0.96 2.51 43.78
N PHE C 506 -1.18 3.07 44.98
CA PHE C 506 -2.29 2.67 45.84
C PHE C 506 -3.62 3.09 45.24
N LEU C 507 -3.68 4.27 44.65
CA LEU C 507 -4.87 4.73 43.93
C LEU C 507 -4.83 4.30 42.46
N LEU C 508 -4.79 2.99 42.24
CA LEU C 508 -4.65 2.43 40.89
C LEU C 508 -5.21 1.01 40.89
N ARG C 509 -5.87 0.67 39.79
CA ARG C 509 -6.65 -0.56 39.68
C ARG C 509 -5.82 -1.68 39.07
N PRO C 510 -6.07 -2.94 39.42
CA PRO C 510 -5.19 -4.04 38.98
C PRO C 510 -5.45 -4.54 37.56
N SER C 511 -6.17 -3.78 36.74
CA SER C 511 -6.44 -4.22 35.38
C SER C 511 -5.47 -3.63 34.36
N ASP C 512 -4.18 -3.54 34.71
CA ASP C 512 -3.20 -2.86 33.87
C ASP C 512 -2.87 -3.63 32.60
N LEU C 513 -3.56 -3.29 31.51
CA LEU C 513 -3.20 -3.73 30.17
C LEU C 513 -3.28 -2.51 29.27
N GLN C 514 -4.04 -1.51 29.73
CA GLN C 514 -4.31 -0.30 28.97
C GLN C 514 -3.68 0.94 29.58
N SER C 515 -3.30 0.90 30.85
CA SER C 515 -2.69 2.03 31.53
C SER C 515 -1.16 1.95 31.51
N ILE C 516 -0.61 0.74 31.35
CA ILE C 516 0.84 0.57 31.34
C ILE C 516 1.43 0.64 29.94
N LEU C 517 0.69 1.18 28.97
CA LEU C 517 1.17 1.35 27.61
C LEU C 517 2.35 2.30 27.58
N SER C 518 2.16 3.52 28.07
CA SER C 518 3.27 4.46 28.23
C SER C 518 3.17 5.21 29.56
N ASP C 519 2.05 5.02 30.27
CA ASP C 519 1.67 5.94 31.34
C ASP C 519 2.00 5.40 32.73
N ALA C 520 1.45 4.24 33.09
CA ALA C 520 1.60 3.74 34.45
C ALA C 520 2.87 2.92 34.63
N TRP C 521 3.71 2.81 33.60
CA TRP C 521 4.99 2.12 33.74
C TRP C 521 5.98 2.99 34.51
N PHE C 522 5.86 4.31 34.38
CA PHE C 522 6.78 5.22 35.06
C PHE C 522 6.42 5.42 36.52
N HIS C 523 5.21 5.05 36.93
CA HIS C 523 4.85 5.19 38.34
C HIS C 523 5.51 4.13 39.20
N PHE C 524 5.93 3.03 38.60
CA PHE C 524 6.64 2.01 39.35
C PHE C 524 8.14 2.27 39.40
N VAL C 525 8.73 2.66 38.27
CA VAL C 525 10.19 2.70 38.19
C VAL C 525 10.75 3.95 38.88
N PHE C 526 9.94 5.02 39.01
CA PHE C 526 10.35 6.10 39.89
C PHE C 526 10.20 5.70 41.37
N PHE C 527 9.29 4.78 41.66
CA PHE C 527 9.08 4.36 43.05
C PHE C 527 10.12 3.33 43.48
N ILE C 528 10.45 2.39 42.59
CA ILE C 528 11.45 1.36 42.91
C ILE C 528 12.84 1.99 43.04
N GLN C 529 13.11 3.01 42.24
CA GLN C 529 14.39 3.71 42.34
C GLN C 529 14.49 4.52 43.63
N ALA C 530 13.35 5.04 44.11
CA ALA C 530 13.38 5.85 45.32
C ALA C 530 13.50 4.99 46.57
N VAL C 531 12.96 3.77 46.54
CA VAL C 531 13.06 2.88 47.70
C VAL C 531 14.48 2.34 47.85
N LEU C 532 15.15 2.01 46.73
CA LEU C 532 16.50 1.46 46.78
C LEU C 532 17.53 2.49 47.24
N VAL C 533 17.23 3.78 47.07
CA VAL C 533 18.06 4.81 47.70
C VAL C 533 17.86 4.80 49.21
N ILE C 534 16.61 4.69 49.66
CA ILE C 534 16.30 4.66 51.09
C ILE C 534 16.79 3.36 51.73
N LEU C 535 16.67 2.24 51.00
CA LEU C 535 17.16 0.97 51.52
C LEU C 535 18.68 0.94 51.63
N SER C 536 19.37 1.73 50.80
CA SER C 536 20.82 1.77 50.86
C SER C 536 21.30 2.57 52.08
N VAL C 537 20.43 3.40 52.64
CA VAL C 537 20.79 4.17 53.83
C VAL C 537 20.76 3.29 55.07
N PHE C 538 19.75 2.43 55.18
CA PHE C 538 19.64 1.56 56.35
C PHE C 538 20.70 0.47 56.35
N LEU C 539 21.14 0.05 55.16
CA LEU C 539 22.19 -0.98 55.08
C LEU C 539 23.56 -0.40 55.37
N TYR C 540 23.87 0.80 54.88
CA TYR C 540 25.19 1.37 55.04
C TYR C 540 25.44 1.87 56.46
N LEU C 541 24.40 2.40 57.11
CA LEU C 541 24.59 3.02 58.40
C LEU C 541 24.73 1.99 59.52
N PHE C 542 23.82 1.00 59.54
CA PHE C 542 23.74 0.09 60.69
C PHE C 542 24.95 -0.82 60.86
N ALA C 543 25.08 -1.88 60.05
CA ALA C 543 26.28 -2.71 60.09
C ALA C 543 26.60 -3.38 58.76
N TYR C 544 25.80 -3.15 57.72
CA TYR C 544 25.74 -4.10 56.63
C TYR C 544 26.54 -3.64 55.41
N LYS C 545 26.92 -4.61 54.59
CA LYS C 545 27.73 -4.39 53.40
C LYS C 545 26.94 -4.53 52.11
N GLU C 546 25.63 -4.77 52.19
CA GLU C 546 24.79 -4.88 50.99
C GLU C 546 24.29 -3.54 50.50
N TYR C 547 24.87 -2.43 50.96
CA TYR C 547 24.47 -1.11 50.49
C TYR C 547 24.90 -0.90 49.05
N LEU C 548 26.02 -1.52 48.65
CA LEU C 548 26.52 -1.36 47.29
C LEU C 548 25.60 -2.05 46.28
N ALA C 549 24.90 -3.09 46.70
CA ALA C 549 23.97 -3.78 45.81
C ALA C 549 22.69 -2.96 45.61
N CYS C 550 22.43 -2.02 46.53
CA CYS C 550 21.22 -1.22 46.42
C CYS C 550 21.51 0.18 45.88
N LEU C 551 22.69 0.72 46.18
CA LEU C 551 23.03 2.06 45.71
C LEU C 551 23.36 2.06 44.22
N VAL C 552 24.01 1.00 43.73
CA VAL C 552 24.38 0.90 42.33
C VAL C 552 23.15 0.66 41.44
N LEU C 553 22.25 -0.23 41.87
CA LEU C 553 21.05 -0.49 41.09
C LEU C 553 20.07 0.68 41.12
N ALA C 554 20.11 1.50 42.17
CA ALA C 554 19.30 2.72 42.17
C ALA C 554 19.90 3.79 41.28
N MET C 555 21.23 3.81 41.17
CA MET C 555 21.89 4.82 40.34
C MET C 555 21.77 4.47 38.87
N ALA C 556 21.82 3.18 38.53
CA ALA C 556 21.64 2.77 37.15
C ALA C 556 20.20 2.94 36.70
N LEU C 557 19.24 2.69 37.59
CA LEU C 557 17.85 2.93 37.26
C LEU C 557 17.52 4.43 37.33
N GLY C 558 18.30 5.18 38.10
CA GLY C 558 18.08 6.61 38.19
C GLY C 558 18.44 7.35 36.91
N TRP C 559 19.55 6.97 36.29
CA TRP C 559 19.87 7.53 34.98
C TRP C 559 18.95 7.01 33.90
N ALA C 560 18.44 5.79 34.05
CA ALA C 560 17.54 5.20 33.07
C ALA C 560 16.17 5.86 33.06
N ASN C 561 15.79 6.53 34.16
CA ASN C 561 14.51 7.24 34.23
C ASN C 561 14.58 8.64 33.65
N MET C 562 15.69 9.02 33.02
CA MET C 562 15.79 10.31 32.34
C MET C 562 15.06 10.33 31.01
N LEU C 563 14.61 9.18 30.51
CA LEU C 563 13.80 9.12 29.29
C LEU C 563 12.35 9.50 29.53
N TYR C 564 11.95 9.70 30.79
CA TYR C 564 10.64 10.25 31.10
C TYR C 564 10.50 11.69 30.63
N TYR C 565 11.60 12.43 30.60
CA TYR C 565 11.58 13.83 30.21
C TYR C 565 11.75 14.02 28.71
N THR C 566 11.90 12.93 27.95
CA THR C 566 11.78 12.99 26.50
C THR C 566 10.34 12.93 26.03
N ARG C 567 9.40 12.67 26.94
CA ARG C 567 8.00 12.52 26.59
C ARG C 567 7.34 13.87 26.36
N GLY C 568 6.34 13.87 25.48
CA GLY C 568 5.58 15.07 25.19
C GLY C 568 6.19 15.99 24.15
N PHE C 569 7.23 15.55 23.45
CA PHE C 569 7.90 16.37 22.44
C PHE C 569 7.79 15.67 21.09
N GLN C 570 7.71 16.48 20.03
CA GLN C 570 7.44 15.95 18.69
C GLN C 570 8.60 15.13 18.16
N SER C 571 9.82 15.47 18.56
CA SER C 571 11.01 14.79 18.06
C SER C 571 11.46 13.64 18.95
N MET C 572 11.12 13.66 20.24
CA MET C 572 11.66 12.71 21.20
C MET C 572 10.61 11.90 21.93
N GLY C 573 9.32 12.09 21.64
CA GLY C 573 8.29 11.48 22.47
C GLY C 573 8.07 10.01 22.16
N MET C 574 8.45 9.56 20.96
CA MET C 574 8.15 8.20 20.56
C MET C 574 9.23 7.20 20.98
N TYR C 575 10.36 7.68 21.51
CA TYR C 575 11.46 6.77 21.83
C TYR C 575 11.16 5.94 23.09
N SER C 576 10.46 6.54 24.06
CA SER C 576 10.13 5.80 25.27
C SER C 576 9.03 4.78 25.02
N VAL C 577 8.20 5.00 24.01
CA VAL C 577 7.16 4.03 23.67
C VAL C 577 7.77 2.86 22.90
N MET C 578 8.79 3.13 22.08
CA MET C 578 9.45 2.06 21.33
C MET C 578 10.20 1.11 22.24
N ILE C 579 10.75 1.60 23.35
CA ILE C 579 11.49 0.73 24.25
C ILE C 579 10.54 -0.16 25.05
N GLN C 580 9.41 0.41 25.49
CA GLN C 580 8.46 -0.34 26.31
C GLN C 580 7.66 -1.35 25.49
N LYS C 581 7.30 -0.99 24.25
CA LYS C 581 6.45 -1.88 23.45
C LYS C 581 7.26 -3.04 22.89
N VAL C 582 8.55 -2.86 22.66
CA VAL C 582 9.41 -3.95 22.24
C VAL C 582 9.65 -4.96 23.36
N ILE C 583 9.87 -4.50 24.58
CA ILE C 583 10.02 -5.39 25.73
C ILE C 583 8.74 -6.18 26.01
N LEU C 584 7.60 -5.50 26.05
CA LEU C 584 6.35 -6.14 26.48
C LEU C 584 5.67 -6.97 25.40
N HIS C 585 5.83 -6.62 24.13
CA HIS C 585 5.09 -7.29 23.07
C HIS C 585 5.97 -8.08 22.11
N ASP C 586 7.29 -7.96 22.19
CA ASP C 586 8.15 -8.75 21.33
C ASP C 586 9.11 -9.63 22.12
N VAL C 587 9.77 -9.07 23.13
CA VAL C 587 10.83 -9.79 23.83
C VAL C 587 10.31 -10.85 24.79
N LEU C 588 9.44 -10.49 25.73
CA LEU C 588 8.92 -11.42 26.74
C LEU C 588 8.11 -12.58 26.18
N LYS C 589 7.43 -12.40 25.05
CA LYS C 589 6.80 -13.52 24.37
C LYS C 589 7.77 -14.35 23.55
N PHE C 590 9.04 -13.94 23.48
CA PHE C 590 10.05 -14.69 22.75
C PHE C 590 11.03 -15.40 23.68
N LEU C 591 11.01 -15.10 24.98
CA LEU C 591 11.75 -15.89 25.95
C LEU C 591 11.26 -17.32 26.01
N PHE C 592 9.95 -17.54 25.88
CA PHE C 592 9.42 -18.91 25.94
C PHE C 592 9.76 -19.69 24.68
N VAL C 593 10.17 -19.01 23.62
CA VAL C 593 10.67 -19.70 22.43
C VAL C 593 12.14 -20.05 22.60
N TYR C 594 12.91 -19.20 23.27
CA TYR C 594 14.36 -19.33 23.32
C TYR C 594 14.87 -20.18 24.48
N ILE C 595 14.21 -20.14 25.64
CA ILE C 595 14.61 -20.98 26.78
C ILE C 595 14.36 -22.46 26.47
N VAL C 596 13.41 -22.75 25.58
CA VAL C 596 13.27 -24.05 24.93
C VAL C 596 14.59 -24.52 24.31
N PHE C 597 15.28 -23.65 23.58
CA PHE C 597 16.53 -24.05 22.93
C PHE C 597 17.75 -23.80 23.81
N LEU C 598 17.64 -22.92 24.80
CA LEU C 598 18.78 -22.65 25.68
C LEU C 598 18.94 -23.74 26.73
N LEU C 599 17.82 -24.26 27.25
CA LEU C 599 17.90 -25.29 28.28
C LEU C 599 17.99 -26.68 27.66
N GLY C 600 17.52 -26.82 26.42
CA GLY C 600 17.61 -28.11 25.75
C GLY C 600 19.03 -28.44 25.32
N PHE C 601 19.68 -27.51 24.62
CA PHE C 601 21.06 -27.71 24.20
C PHE C 601 22.04 -27.49 25.34
N GLY C 602 21.62 -26.82 26.41
CA GLY C 602 22.54 -26.57 27.52
C GLY C 602 22.85 -27.80 28.33
N VAL C 603 21.85 -28.64 28.58
CA VAL C 603 22.10 -29.92 29.25
C VAL C 603 22.67 -30.93 28.25
N ALA C 604 22.34 -30.78 26.97
CA ALA C 604 22.81 -31.68 25.93
C ALA C 604 24.32 -31.60 25.75
N LEU C 605 24.88 -30.39 25.71
CA LEU C 605 26.30 -30.25 25.49
C LEU C 605 27.10 -30.44 26.79
N ALA C 606 26.46 -30.26 27.94
CA ALA C 606 27.15 -30.48 29.21
C ALA C 606 27.21 -31.95 29.59
N SER C 607 26.31 -32.77 29.06
CA SER C 607 26.31 -34.20 29.34
C SER C 607 27.38 -34.96 28.59
N LEU C 608 27.81 -34.47 27.43
CA LEU C 608 28.89 -35.09 26.66
C LEU C 608 30.26 -34.79 27.24
N ILE C 609 30.42 -33.72 28.00
CA ILE C 609 31.71 -33.35 28.56
C ILE C 609 32.09 -34.32 29.66
N GLU C 610 33.15 -35.08 29.41
CA GLU C 610 33.73 -35.99 30.37
C GLU C 610 34.38 -35.18 31.49
N LYS C 611 34.39 -35.76 32.70
CA LYS C 611 35.10 -35.19 33.83
C LYS C 611 36.58 -35.06 33.51
N CYS C 612 37.09 -33.83 33.65
CA CYS C 612 38.42 -33.49 33.18
C CYS C 612 39.46 -34.10 34.12
N PRO C 613 40.61 -34.56 33.60
CA PRO C 613 41.71 -34.98 34.48
C PRO C 613 42.21 -33.80 35.29
N LYS C 614 42.70 -34.07 36.52
CA LYS C 614 42.69 -33.20 37.70
C LYS C 614 42.96 -31.71 37.49
N ASP C 615 44.05 -31.36 36.83
CA ASP C 615 44.42 -29.95 36.65
C ASP C 615 43.71 -29.36 35.43
N ASN C 616 44.16 -28.18 34.99
CA ASN C 616 43.78 -27.53 33.73
C ASN C 616 42.27 -27.29 33.61
N LYS C 617 41.72 -26.38 34.41
CA LYS C 617 40.28 -26.09 34.41
C LYS C 617 39.78 -25.55 33.08
N ASP C 618 40.67 -24.94 32.29
CA ASP C 618 40.34 -24.53 30.93
C ASP C 618 40.54 -25.65 29.92
N CYS C 619 39.97 -26.82 30.17
CA CYS C 619 39.98 -27.93 29.23
C CYS C 619 38.65 -28.09 28.49
N SER C 620 37.55 -27.67 29.11
CA SER C 620 36.25 -27.65 28.47
C SER C 620 35.40 -26.55 29.07
N SER C 621 34.89 -25.65 28.23
CA SER C 621 34.07 -24.54 28.69
C SER C 621 32.63 -24.96 29.00
N TYR C 622 32.21 -26.13 28.55
CA TYR C 622 30.86 -26.64 28.77
C TYR C 622 30.84 -27.67 29.90
N GLY C 623 31.70 -27.49 30.91
CA GLY C 623 31.87 -28.50 31.94
C GLY C 623 30.80 -28.56 33.01
N SER C 624 29.81 -27.69 32.92
CA SER C 624 28.69 -27.65 33.85
C SER C 624 27.51 -27.00 33.15
N PHE C 625 26.33 -27.15 33.75
CA PHE C 625 25.14 -26.52 33.16
C PHE C 625 25.18 -25.01 33.30
N SER C 626 25.71 -24.50 34.41
CA SER C 626 25.84 -23.06 34.57
C SER C 626 26.89 -22.49 33.62
N ASP C 627 27.93 -23.28 33.34
CA ASP C 627 28.92 -22.87 32.34
C ASP C 627 28.32 -22.89 30.93
N ALA C 628 27.53 -23.94 30.62
CA ALA C 628 27.08 -24.16 29.25
C ALA C 628 26.06 -23.13 28.80
N VAL C 629 25.25 -22.60 29.72
CA VAL C 629 24.29 -21.55 29.38
C VAL C 629 25.02 -20.26 29.01
N LEU C 630 26.21 -20.04 29.59
CA LEU C 630 26.94 -18.80 29.37
C LEU C 630 27.51 -18.74 27.95
N GLU C 631 28.15 -19.82 27.48
CA GLU C 631 28.71 -19.78 26.13
C GLU C 631 27.63 -19.90 25.06
N LEU C 632 26.54 -20.61 25.33
CA LEU C 632 25.46 -20.69 24.35
C LEU C 632 24.70 -19.38 24.22
N PHE C 633 24.69 -18.55 25.27
CA PHE C 633 24.19 -17.19 25.13
C PHE C 633 25.15 -16.35 24.28
N LYS C 634 26.43 -16.69 24.30
CA LYS C 634 27.41 -15.93 23.53
C LYS C 634 27.38 -16.32 22.05
N LEU C 635 27.05 -17.57 21.74
CA LEU C 635 26.89 -17.96 20.34
C LEU C 635 25.62 -17.37 19.74
N THR C 636 24.60 -17.11 20.56
CA THR C 636 23.35 -16.56 20.07
C THR C 636 23.48 -15.10 19.67
N ILE C 637 24.19 -14.29 20.46
CA ILE C 637 24.35 -12.87 20.18
C ILE C 637 25.53 -12.64 19.24
N GLY C 638 26.43 -13.61 19.16
CA GLY C 638 27.51 -13.54 18.19
C GLY C 638 28.88 -13.29 18.79
N LEU C 639 29.02 -13.51 20.10
CA LEU C 639 30.30 -13.38 20.78
C LEU C 639 30.90 -14.73 21.14
N GLY C 640 30.53 -15.77 20.40
CA GLY C 640 30.87 -17.13 20.74
C GLY C 640 32.14 -17.63 20.06
N ASP C 641 32.37 -18.93 20.25
CA ASP C 641 33.56 -19.61 19.71
C ASP C 641 33.15 -21.02 19.34
N LEU C 642 33.43 -21.41 18.09
CA LEU C 642 33.17 -22.76 17.63
C LEU C 642 34.36 -23.68 17.92
N ASN C 643 34.62 -23.91 19.20
CA ASN C 643 35.78 -24.69 19.61
C ASN C 643 35.52 -26.17 19.36
N ILE C 644 36.54 -26.88 18.89
CA ILE C 644 36.39 -28.27 18.47
C ILE C 644 37.36 -29.13 19.28
N GLN C 645 38.07 -28.50 20.22
CA GLN C 645 39.03 -29.21 21.06
C GLN C 645 38.28 -30.13 22.03
N GLN C 646 37.56 -29.53 22.99
CA GLN C 646 36.34 -30.05 23.62
C GLN C 646 36.35 -31.51 24.02
N ASN C 647 37.11 -31.86 25.06
CA ASN C 647 37.50 -33.25 25.34
C ASN C 647 36.29 -34.07 25.80
N SER C 648 35.63 -34.66 24.81
CA SER C 648 34.52 -35.57 25.00
C SER C 648 34.83 -36.90 24.32
N LYS C 649 33.97 -37.89 24.56
CA LYS C 649 34.04 -39.15 23.85
C LYS C 649 33.26 -39.14 22.54
N TYR C 650 32.60 -38.03 22.21
CA TYR C 650 31.86 -37.88 20.96
C TYR C 650 32.23 -36.53 20.33
N PRO C 651 33.34 -36.45 19.61
CA PRO C 651 33.74 -35.16 19.03
C PRO C 651 32.91 -34.75 17.82
N ILE C 652 32.48 -35.68 16.99
CA ILE C 652 31.61 -35.35 15.87
C ILE C 652 30.20 -35.04 16.34
N LEU C 653 29.71 -35.77 17.35
CA LEU C 653 28.35 -35.55 17.83
C LEU C 653 28.25 -34.25 18.63
N PHE C 654 29.34 -33.83 19.28
CA PHE C 654 29.38 -32.51 19.90
C PHE C 654 29.40 -31.42 18.84
N LEU C 655 30.10 -31.67 17.74
CA LEU C 655 30.24 -30.66 16.69
C LEU C 655 28.96 -30.53 15.89
N PHE C 656 28.15 -31.59 15.84
CA PHE C 656 26.87 -31.50 15.13
C PHE C 656 25.88 -30.63 15.89
N LEU C 657 25.75 -30.85 17.20
CA LEU C 657 24.76 -30.11 17.99
C LEU C 657 25.22 -28.68 18.24
N LEU C 658 26.52 -28.41 18.10
CA LEU C 658 27.00 -27.05 18.33
C LEU C 658 26.71 -26.15 17.14
N ILE C 659 26.91 -26.67 15.91
CA ILE C 659 26.58 -25.91 14.71
C ILE C 659 25.07 -25.80 14.52
N THR C 660 24.33 -26.85 14.91
CA THR C 660 22.87 -26.82 14.83
C THR C 660 22.28 -25.75 15.76
N TYR C 661 22.95 -25.49 16.88
CA TYR C 661 22.52 -24.41 17.78
C TYR C 661 22.78 -23.05 17.16
N VAL C 662 23.88 -22.90 16.42
CA VAL C 662 24.22 -21.61 15.83
C VAL C 662 23.28 -21.27 14.68
N ILE C 663 22.90 -22.27 13.88
CA ILE C 663 21.99 -22.04 12.76
C ILE C 663 20.58 -21.70 13.27
N LEU C 664 20.13 -22.37 14.33
CA LEU C 664 18.81 -22.06 14.87
C LEU C 664 18.77 -20.72 15.58
N THR C 665 19.64 -20.51 16.57
CA THR C 665 19.54 -19.32 17.40
C THR C 665 20.10 -18.07 16.73
N PHE C 666 21.36 -18.10 16.29
CA PHE C 666 22.00 -16.92 15.74
C PHE C 666 21.49 -16.55 14.35
N VAL C 667 21.29 -17.52 13.47
CA VAL C 667 20.90 -17.23 12.11
C VAL C 667 19.39 -17.07 11.96
N LEU C 668 18.61 -17.97 12.56
CA LEU C 668 17.15 -17.96 12.38
C LEU C 668 16.42 -17.22 13.50
N LEU C 669 16.61 -17.62 14.76
CA LEU C 669 15.78 -17.07 15.83
C LEU C 669 16.21 -15.65 16.22
N LEU C 670 17.47 -15.28 15.97
CA LEU C 670 17.89 -13.92 16.29
C LEU C 670 17.31 -12.93 15.28
N ASN C 671 17.39 -13.25 13.99
CA ASN C 671 16.86 -12.36 12.97
C ASN C 671 15.33 -12.44 12.88
N MET C 672 14.72 -13.48 13.45
CA MET C 672 13.27 -13.51 13.55
C MET C 672 12.77 -12.50 14.57
N LEU C 673 13.52 -12.32 15.66
CA LEU C 673 13.16 -11.33 16.67
C LEU C 673 13.36 -9.92 16.14
N ILE C 674 14.43 -9.71 15.36
CA ILE C 674 14.71 -8.40 14.77
C ILE C 674 13.65 -8.02 13.75
N ALA C 675 13.12 -9.01 13.02
CA ALA C 675 12.02 -8.75 12.10
C ALA C 675 10.72 -8.46 12.85
N LEU C 676 10.56 -9.03 14.04
CA LEU C 676 9.37 -8.74 14.85
C LEU C 676 9.52 -7.43 15.61
N MET C 677 10.75 -7.09 16.04
CA MET C 677 10.97 -5.78 16.66
C MET C 677 10.88 -4.66 15.64
N GLY C 678 11.24 -4.91 14.38
CA GLY C 678 11.16 -3.89 13.37
C GLY C 678 9.75 -3.54 12.96
N GLU C 679 8.82 -4.47 13.11
CA GLU C 679 7.41 -4.17 12.87
C GLU C 679 6.83 -3.30 13.98
N THR C 680 7.36 -3.42 15.19
CA THR C 680 6.92 -2.60 16.30
C THR C 680 7.38 -1.16 16.15
N VAL C 681 8.62 -0.97 15.67
CA VAL C 681 9.19 0.36 15.52
C VAL C 681 8.46 1.15 14.43
N GLU C 682 8.10 0.48 13.33
CA GLU C 682 7.42 1.17 12.24
C GLU C 682 5.96 1.46 12.59
N ASN C 683 5.37 0.67 13.49
CA ASN C 683 4.00 0.95 13.91
C ASN C 683 3.94 2.13 14.89
N VAL C 684 4.94 2.26 15.75
CA VAL C 684 5.02 3.42 16.63
C VAL C 684 5.38 4.68 15.86
N SER C 685 6.25 4.57 14.86
CA SER C 685 6.68 5.73 14.07
C SER C 685 5.57 6.29 13.19
N LYS C 686 4.60 5.47 12.77
CA LYS C 686 3.43 5.97 12.06
C LYS C 686 2.45 6.67 12.98
N GLU C 687 2.35 6.25 14.24
CA GLU C 687 1.45 6.85 15.21
C GLU C 687 2.15 7.89 16.06
N SER C 688 3.34 8.33 15.63
CA SER C 688 4.22 9.12 16.50
C SER C 688 3.72 10.53 16.72
N GLU C 689 2.91 11.07 15.81
CA GLU C 689 2.36 12.40 16.01
C GLU C 689 1.20 12.37 16.99
N ARG C 690 0.60 11.20 17.19
CA ARG C 690 -0.53 11.09 18.13
C ARG C 690 -0.05 10.70 19.52
N ILE C 691 1.23 10.34 19.67
CA ILE C 691 1.72 9.83 20.95
C ILE C 691 2.12 10.98 21.88
N TRP C 692 2.93 11.92 21.38
CA TRP C 692 3.44 12.97 22.25
C TRP C 692 2.37 13.99 22.60
N ARG C 693 1.31 14.09 21.81
CA ARG C 693 0.19 14.95 22.17
C ARG C 693 -0.63 14.35 23.31
N LEU C 694 -0.68 13.02 23.41
CA LEU C 694 -1.36 12.38 24.55
C LEU C 694 -0.43 12.25 25.75
N GLN C 695 0.88 12.29 25.54
CA GLN C 695 1.82 12.25 26.65
C GLN C 695 1.84 13.57 27.40
N ARG C 696 1.76 14.69 26.68
CA ARG C 696 1.78 15.99 27.34
C ARG C 696 0.46 16.28 28.03
N ALA C 697 -0.64 15.73 27.51
CA ALA C 697 -1.97 16.00 28.06
C ALA C 697 -2.12 15.41 29.46
N ARG C 698 -1.50 14.26 29.71
CA ARG C 698 -1.49 13.69 31.06
C ARG C 698 -0.48 14.39 31.97
N THR C 699 0.56 14.99 31.38
CA THR C 699 1.57 15.68 32.17
C THR C 699 1.03 17.00 32.71
N ILE C 700 0.12 17.63 31.96
CA ILE C 700 -0.45 18.91 32.37
C ILE C 700 -1.39 18.74 33.56
N LEU C 701 -2.29 17.74 33.49
CA LEU C 701 -3.29 17.59 34.54
C LEU C 701 -2.71 17.00 35.82
N GLU C 702 -1.56 16.33 35.75
CA GLU C 702 -0.90 15.89 36.97
C GLU C 702 -0.17 17.05 37.65
N PHE C 703 0.31 18.01 36.87
CA PHE C 703 0.93 19.20 37.45
C PHE C 703 -0.11 20.13 38.07
N GLU C 704 -1.34 20.12 37.54
CA GLU C 704 -2.39 20.95 38.09
C GLU C 704 -2.86 20.44 39.44
N LYS C 705 -2.84 19.12 39.66
CA LYS C 705 -3.18 18.55 40.95
C LYS C 705 -2.12 18.79 42.02
N MET C 706 -0.89 19.11 41.62
CA MET C 706 0.19 19.43 42.54
C MET C 706 0.11 20.86 43.07
N LEU C 707 -0.73 21.70 42.47
CA LEU C 707 -0.88 23.11 42.80
C LEU C 707 -1.84 23.30 43.97
N PRO C 708 -1.57 24.26 44.85
CA PRO C 708 -2.51 24.55 45.94
C PRO C 708 -3.74 25.28 45.42
N GLU C 709 -4.73 25.45 46.30
CA GLU C 709 -6.00 26.06 45.90
C GLU C 709 -5.88 27.55 45.62
N TRP C 710 -5.03 28.26 46.36
CA TRP C 710 -4.88 29.69 46.14
C TRP C 710 -4.12 29.99 44.85
N LEU C 711 -3.23 29.08 44.43
CA LEU C 711 -2.49 29.26 43.19
C LEU C 711 -3.24 28.73 41.99
N ARG C 712 -4.12 27.74 42.19
CA ARG C 712 -4.94 27.24 41.08
C ARG C 712 -6.04 28.26 40.73
N SER C 713 -6.46 29.06 41.71
CA SER C 713 -7.50 30.06 41.45
C SER C 713 -6.95 31.22 40.62
N ARG C 714 -5.64 31.47 40.69
CA ARG C 714 -5.05 32.50 39.84
C ARG C 714 -4.91 32.02 38.41
N PHE C 715 -4.76 30.70 38.22
CA PHE C 715 -4.59 30.08 36.92
C PHE C 715 -5.91 29.73 36.24
N ARG C 716 -7.04 30.18 36.78
CA ARG C 716 -8.34 29.80 36.23
C ARG C 716 -8.67 30.63 35.00
N MET C 717 -9.12 29.97 33.94
CA MET C 717 -9.54 30.64 32.73
C MET C 717 -11.05 30.89 32.75
N GLY C 718 -11.47 31.95 32.09
CA GLY C 718 -12.90 32.16 31.93
C GLY C 718 -13.34 33.53 32.42
N GLU C 719 -14.38 34.05 31.78
CA GLU C 719 -15.00 35.30 32.18
C GLU C 719 -16.52 35.12 32.19
N LEU C 720 -17.19 35.88 33.04
CA LEU C 720 -18.64 35.80 33.16
C LEU C 720 -19.30 36.53 32.00
N CYS C 721 -20.32 35.92 31.41
CA CYS C 721 -21.01 36.47 30.25
C CYS C 721 -22.46 36.76 30.61
N LYS C 722 -23.14 37.52 29.75
CA LYS C 722 -24.59 37.69 29.82
C LYS C 722 -25.19 37.04 28.58
N VAL C 723 -25.59 35.78 28.72
CA VAL C 723 -26.26 35.09 27.60
C VAL C 723 -27.67 35.59 27.40
N ALA C 724 -28.52 35.54 28.43
CA ALA C 724 -29.88 36.05 28.36
C ALA C 724 -30.31 36.53 29.73
N GLU C 725 -31.62 36.74 29.92
CA GLU C 725 -32.16 37.09 31.23
C GLU C 725 -32.05 35.90 32.17
N ASP C 726 -31.51 36.13 33.37
CA ASP C 726 -31.21 35.12 34.39
C ASP C 726 -30.31 34.00 33.86
N ASP C 727 -29.31 34.33 33.06
CA ASP C 727 -28.39 33.35 32.48
C ASP C 727 -27.00 33.95 32.45
N PHE C 728 -26.17 33.58 33.43
CA PHE C 728 -24.80 34.11 33.57
C PHE C 728 -23.88 32.91 33.73
N ARG C 729 -23.23 32.50 32.64
CA ARG C 729 -22.35 31.34 32.64
C ARG C 729 -20.91 31.73 32.37
N LEU C 730 -20.01 30.77 32.54
CA LEU C 730 -18.58 31.01 32.39
C LEU C 730 -18.18 30.69 30.95
N CYS C 731 -17.48 31.61 30.30
CA CYS C 731 -17.18 31.50 28.88
C CYS C 731 -15.70 31.28 28.64
N LEU C 732 -15.34 31.25 27.35
CA LEU C 732 -13.97 31.33 26.89
C LEU C 732 -13.97 31.83 25.46
N ARG C 733 -13.28 32.95 25.21
CA ARG C 733 -13.20 33.53 23.88
C ARG C 733 -12.07 32.88 23.11
N ILE C 734 -12.40 32.19 22.03
CA ILE C 734 -11.42 31.51 21.18
C ILE C 734 -11.52 32.10 19.78
N ASN C 735 -10.46 32.75 19.33
CA ASN C 735 -10.41 33.34 18.00
C ASN C 735 -9.89 32.28 17.03
N GLU C 736 -10.79 31.72 16.22
CA GLU C 736 -10.46 30.66 15.29
C GLU C 736 -10.34 31.22 13.88
N VAL C 737 -9.34 30.74 13.14
CA VAL C 737 -9.18 31.05 11.71
C VAL C 737 -9.05 29.72 10.99
N LYS C 738 -9.82 29.55 9.91
CA LYS C 738 -9.89 28.31 9.16
C LYS C 738 -9.76 28.66 7.68
N TRP C 739 -8.55 28.53 7.14
CA TRP C 739 -8.30 28.92 5.76
C TRP C 739 -8.80 27.86 4.79
N THR C 740 -8.56 26.59 5.09
CA THR C 740 -8.90 25.50 4.18
C THR C 740 -10.41 25.30 4.11
N GLU C 741 -11.09 25.44 5.26
CA GLU C 741 -12.54 25.27 5.30
C GLU C 741 -13.26 26.46 4.67
N TRP C 742 -12.57 27.59 4.54
CA TRP C 742 -13.20 28.77 3.93
C TRP C 742 -13.06 28.75 2.42
N LYS C 743 -11.89 28.35 1.92
CA LYS C 743 -11.65 28.34 0.47
C LYS C 743 -12.48 27.28 -0.24
N THR C 744 -12.78 26.17 0.45
CA THR C 744 -13.65 25.17 -0.15
C THR C 744 -15.11 25.58 -0.06
N HIS C 745 -15.45 26.44 0.91
CA HIS C 745 -16.84 26.85 1.10
C HIS C 745 -17.26 27.88 0.06
N VAL C 746 -16.37 28.83 -0.25
CA VAL C 746 -16.70 29.94 -1.14
C VAL C 746 -16.75 29.46 -2.58
N SER C 747 -16.05 28.37 -2.89
CA SER C 747 -15.82 27.94 -4.27
C SER C 747 -17.10 27.43 -4.95
N PHE C 748 -17.97 26.74 -4.21
CA PHE C 748 -19.15 26.18 -4.84
C PHE C 748 -20.39 27.08 -4.75
N LEU C 749 -20.31 28.20 -4.03
CA LEU C 749 -21.43 29.15 -4.05
C LEU C 749 -21.48 29.96 -5.33
N ASN C 750 -20.38 30.02 -6.08
CA ASN C 750 -20.36 30.74 -7.34
C ASN C 750 -19.66 29.90 -8.41
N GLU C 751 -20.03 28.63 -8.50
CA GLU C 751 -19.46 27.72 -9.48
C GLU C 751 -19.98 28.03 -10.89
N PRO D 62 -5.19 33.85 17.28
CA PRO D 62 -4.78 35.24 17.44
C PRO D 62 -5.55 35.97 18.54
N VAL D 63 -5.27 37.26 18.71
CA VAL D 63 -5.95 38.09 19.71
C VAL D 63 -5.98 39.52 19.20
N PHE D 64 -7.07 40.24 19.49
CA PHE D 64 -7.23 41.62 19.04
C PHE D 64 -7.75 42.54 20.14
N SER D 65 -8.18 41.98 21.28
CA SER D 65 -8.58 42.68 22.51
C SER D 65 -9.79 43.60 22.36
N LYS D 66 -10.45 43.57 21.21
CA LYS D 66 -11.69 44.29 20.91
C LYS D 66 -12.36 43.67 19.69
N PRO D 67 -13.62 43.26 19.81
CA PRO D 67 -14.30 42.59 18.71
C PRO D 67 -14.77 43.56 17.64
N MET D 68 -14.99 43.00 16.44
CA MET D 68 -15.63 43.76 15.36
C MET D 68 -17.08 44.06 15.70
N ASP D 69 -17.87 43.01 15.93
CA ASP D 69 -19.26 43.14 16.35
C ASP D 69 -19.42 42.47 17.70
N SER D 70 -20.27 43.06 18.54
CA SER D 70 -20.47 42.56 19.89
C SER D 70 -21.95 42.61 20.24
N ASN D 71 -22.50 41.46 20.64
CA ASN D 71 -23.89 41.36 21.08
C ASN D 71 -24.01 40.68 22.43
N ILE D 72 -22.88 40.28 23.03
CA ILE D 72 -22.86 39.63 24.33
C ILE D 72 -22.03 40.48 25.27
N ARG D 73 -22.63 40.90 26.38
CA ARG D 73 -21.99 41.81 27.32
C ARG D 73 -21.12 41.00 28.29
N GLN D 74 -19.84 41.36 28.39
CA GLN D 74 -18.91 40.70 29.28
C GLN D 74 -19.05 41.30 30.68
N CYS D 75 -19.55 40.50 31.62
CA CYS D 75 -19.76 40.96 32.98
C CYS D 75 -18.44 41.02 33.75
N ARG D 118 -30.37 57.22 26.52
CA ARG D 118 -30.87 55.90 26.13
C ARG D 118 -31.35 55.90 24.68
N LEU D 119 -31.21 57.04 24.02
CA LEU D 119 -31.66 57.16 22.64
C LEU D 119 -30.70 56.48 21.67
N LYS D 120 -29.41 56.49 22.00
CA LYS D 120 -28.40 55.91 21.12
C LYS D 120 -28.45 54.39 21.16
N LYS D 121 -28.65 53.82 22.35
CA LYS D 121 -28.53 52.37 22.51
C LYS D 121 -29.74 51.62 21.94
N ARG D 122 -30.86 52.33 21.74
CA ARG D 122 -32.04 51.68 21.19
C ARG D 122 -31.97 51.61 19.67
N ILE D 123 -31.18 52.49 19.05
CA ILE D 123 -31.07 52.48 17.59
C ILE D 123 -30.23 51.30 17.12
N PHE D 124 -29.14 51.02 17.84
CA PHE D 124 -28.33 49.83 17.54
C PHE D 124 -29.08 48.56 17.89
N ALA D 125 -30.05 48.65 18.81
CA ALA D 125 -30.90 47.50 19.12
C ALA D 125 -32.14 47.49 18.23
N ALA D 126 -32.21 48.38 17.25
CA ALA D 126 -33.30 48.34 16.29
C ALA D 126 -32.82 47.88 14.92
N VAL D 127 -31.60 48.26 14.54
CA VAL D 127 -31.08 47.89 13.22
C VAL D 127 -30.55 46.46 13.22
N SER D 128 -30.36 45.87 14.39
CA SER D 128 -29.81 44.53 14.47
C SER D 128 -30.86 43.45 14.23
N GLU D 129 -31.96 43.46 14.99
CA GLU D 129 -33.00 42.46 14.85
C GLU D 129 -33.87 42.67 13.61
N GLY D 130 -34.11 43.92 13.23
CA GLY D 130 -34.88 44.19 12.02
C GLY D 130 -36.22 44.84 12.29
N CYS D 131 -36.34 45.51 13.44
CA CYS D 131 -37.58 46.19 13.79
C CYS D 131 -37.72 47.48 12.99
N VAL D 132 -38.58 47.46 11.98
CA VAL D 132 -38.76 48.63 11.12
C VAL D 132 -39.63 49.68 11.80
N GLU D 133 -40.76 49.24 12.39
CA GLU D 133 -41.71 50.17 12.99
C GLU D 133 -41.16 50.78 14.27
N GLU D 134 -40.23 50.08 14.93
CA GLU D 134 -39.56 50.67 16.09
C GLU D 134 -38.51 51.68 15.66
N LEU D 135 -37.83 51.43 14.54
CA LEU D 135 -36.74 52.30 14.10
C LEU D 135 -37.27 53.63 13.57
N VAL D 136 -38.48 53.61 12.98
CA VAL D 136 -39.09 54.86 12.51
C VAL D 136 -39.46 55.75 13.69
N GLU D 137 -39.95 55.14 14.77
CA GLU D 137 -40.35 55.90 15.95
C GLU D 137 -39.13 56.44 16.69
N LEU D 138 -37.98 55.77 16.57
CA LEU D 138 -36.77 56.25 17.24
C LEU D 138 -36.10 57.38 16.47
N LEU D 139 -36.22 57.39 15.14
CA LEU D 139 -35.58 58.43 14.36
C LEU D 139 -36.33 59.75 14.44
N VAL D 140 -37.65 59.69 14.68
CA VAL D 140 -38.43 60.90 14.87
C VAL D 140 -38.06 61.57 16.19
N GLU D 141 -37.76 60.74 17.20
CA GLU D 141 -37.36 61.27 18.51
C GLU D 141 -35.97 61.90 18.46
N LEU D 142 -35.16 61.49 17.47
CA LEU D 142 -33.83 62.08 17.32
C LEU D 142 -33.86 63.21 16.29
N GLN D 143 -34.86 63.23 15.42
CA GLN D 143 -35.03 64.32 14.47
C GLN D 143 -35.50 65.56 15.19
N GLU D 144 -36.33 65.38 16.23
CA GLU D 144 -36.81 66.50 17.02
C GLU D 144 -35.78 66.93 18.05
N LEU D 145 -34.79 66.08 18.31
CA LEU D 145 -33.75 66.40 19.29
C LEU D 145 -32.54 66.96 18.54
N CYS D 146 -32.72 68.10 17.88
CA CYS D 146 -31.63 68.78 17.22
C CYS D 146 -31.69 70.29 17.47
N ARG D 147 -32.88 70.77 17.83
CA ARG D 147 -33.17 72.20 17.82
C ARG D 147 -33.61 72.75 19.16
N ARG D 148 -33.69 71.92 20.19
CA ARG D 148 -34.22 72.36 21.48
C ARG D 148 -33.21 73.18 22.28
N ARG D 149 -31.94 73.18 21.88
CA ARG D 149 -30.94 73.92 22.65
C ARG D 149 -30.05 74.80 21.78
N HIS D 150 -29.87 74.45 20.51
CA HIS D 150 -29.06 75.26 19.59
C HIS D 150 -29.43 74.88 18.16
N ASP D 151 -29.30 75.87 17.26
CA ASP D 151 -29.26 75.62 15.81
C ASP D 151 -28.03 76.33 15.26
N GLU D 152 -26.86 75.72 15.45
CA GLU D 152 -25.63 76.14 14.77
C GLU D 152 -24.84 74.92 14.35
N ASP D 153 -25.12 73.79 15.00
CA ASP D 153 -24.31 72.58 14.91
C ASP D 153 -25.17 71.36 14.55
N VAL D 154 -25.98 71.50 13.50
CA VAL D 154 -26.83 70.39 13.06
C VAL D 154 -26.04 69.24 12.43
N PRO D 155 -25.09 69.46 11.43
CA PRO D 155 -24.43 68.29 10.82
C PRO D 155 -23.49 67.52 11.74
N ASP D 156 -23.01 68.17 12.81
CA ASP D 156 -22.08 67.50 13.70
C ASP D 156 -22.80 66.70 14.78
N PHE D 157 -23.87 67.27 15.35
CA PHE D 157 -24.57 66.62 16.45
C PHE D 157 -25.39 65.42 15.97
N LEU D 158 -25.77 65.43 14.68
CA LEU D 158 -26.49 64.30 14.11
C LEU D 158 -25.59 63.09 13.92
N MET D 159 -24.26 63.28 13.94
CA MET D 159 -23.36 62.16 13.68
C MET D 159 -22.86 61.53 14.97
N HIS D 160 -22.75 62.32 16.05
CA HIS D 160 -22.26 61.78 17.31
C HIS D 160 -23.26 60.87 18.00
N LYS D 161 -24.55 60.95 17.67
CA LYS D 161 -25.55 60.09 18.28
C LYS D 161 -25.82 58.84 17.46
N LEU D 162 -25.23 58.73 16.28
CA LEU D 162 -25.41 57.56 15.41
C LEU D 162 -24.14 56.72 15.29
N THR D 163 -23.04 57.14 15.90
CA THR D 163 -21.78 56.42 15.83
C THR D 163 -21.33 56.02 17.22
N ALA D 164 -20.62 54.89 17.29
CA ALA D 164 -20.02 54.45 18.54
C ALA D 164 -18.73 55.21 18.80
N SER D 165 -18.57 55.70 20.03
CA SER D 165 -17.42 56.53 20.38
C SER D 165 -16.17 55.73 20.70
N ASP D 166 -16.27 54.41 20.79
CA ASP D 166 -15.12 53.56 21.11
C ASP D 166 -14.49 52.90 19.90
N THR D 167 -15.28 52.55 18.88
CA THR D 167 -14.75 51.86 17.72
C THR D 167 -14.87 52.72 16.46
N GLY D 168 -15.92 53.54 16.39
CA GLY D 168 -16.25 54.28 15.20
C GLY D 168 -17.31 53.61 14.35
N LYS D 169 -17.94 52.55 14.84
CA LYS D 169 -18.95 51.82 14.08
C LYS D 169 -20.26 52.61 14.04
N THR D 170 -20.81 52.78 12.85
CA THR D 170 -22.05 53.51 12.67
C THR D 170 -23.24 52.57 12.84
N CYS D 171 -24.45 53.12 12.72
CA CYS D 171 -25.65 52.29 12.73
C CYS D 171 -25.83 51.58 11.39
N LEU D 172 -25.23 52.12 10.32
CA LEU D 172 -25.29 51.45 9.03
C LEU D 172 -24.39 50.21 9.01
N MET D 173 -23.25 50.28 9.71
CA MET D 173 -22.36 49.13 9.79
C MET D 173 -22.95 48.05 10.68
N LYS D 174 -23.75 48.44 11.68
CA LYS D 174 -24.33 47.48 12.60
C LYS D 174 -25.42 46.67 11.93
N ALA D 175 -26.15 47.28 10.99
CA ALA D 175 -27.18 46.55 10.27
C ALA D 175 -26.57 45.60 9.26
N LEU D 176 -25.39 45.93 8.72
CA LEU D 176 -24.75 45.09 7.72
C LEU D 176 -23.95 43.95 8.32
N LEU D 177 -23.47 44.09 9.56
CA LEU D 177 -22.81 42.98 10.23
C LEU D 177 -23.81 41.92 10.68
N ASN D 178 -25.06 42.29 10.90
CA ASN D 178 -26.10 41.36 11.32
C ASN D 178 -27.11 41.16 10.19
N ILE D 179 -26.84 40.18 9.33
CA ILE D 179 -27.68 39.95 8.17
C ILE D 179 -28.93 39.20 8.58
N ASN D 180 -30.09 39.77 8.26
CA ASN D 180 -31.41 39.19 8.47
C ASN D 180 -32.23 39.35 7.20
N PRO D 181 -33.38 38.71 7.05
CA PRO D 181 -34.23 38.99 5.86
C PRO D 181 -34.89 40.36 5.87
N ASN D 182 -34.75 41.14 6.94
CA ASN D 182 -35.31 42.48 7.01
C ASN D 182 -34.17 43.50 6.95
N THR D 183 -33.18 43.24 6.10
CA THR D 183 -31.96 44.05 6.04
C THR D 183 -32.11 45.24 5.08
N LYS D 184 -32.70 45.00 3.90
CA LYS D 184 -32.78 46.04 2.88
C LYS D 184 -33.73 47.16 3.28
N GLU D 185 -34.70 46.85 4.14
CA GLU D 185 -35.66 47.86 4.59
C GLU D 185 -35.01 48.83 5.57
N ILE D 186 -33.99 48.37 6.30
CA ILE D 186 -33.31 49.23 7.26
C ILE D 186 -32.37 50.19 6.54
N VAL D 187 -31.73 49.73 5.46
CA VAL D 187 -30.74 50.53 4.76
C VAL D 187 -31.41 51.67 4.00
N ARG D 188 -32.61 51.42 3.46
CA ARG D 188 -33.31 52.44 2.69
C ARG D 188 -33.86 53.55 3.58
N ILE D 189 -34.07 53.26 4.87
CA ILE D 189 -34.54 54.28 5.79
C ILE D 189 -33.37 55.13 6.28
N LEU D 190 -32.24 54.49 6.57
CA LEU D 190 -31.09 55.20 7.13
C LEU D 190 -30.41 56.08 6.08
N LEU D 191 -30.48 55.67 4.81
CA LEU D 191 -29.90 56.50 3.76
C LEU D 191 -30.83 57.65 3.39
N ALA D 192 -32.12 57.49 3.64
CA ALA D 192 -33.09 58.56 3.38
C ALA D 192 -33.13 59.53 4.55
N PHE D 193 -32.72 59.07 5.74
CA PHE D 193 -32.72 59.90 6.93
C PHE D 193 -31.59 60.93 6.86
N ALA D 194 -30.54 60.61 6.11
CA ALA D 194 -29.40 61.53 6.00
C ALA D 194 -29.61 62.52 4.86
N GLU D 195 -30.75 62.44 4.17
CA GLU D 195 -31.01 63.34 3.06
C GLU D 195 -31.53 64.69 3.54
N GLU D 196 -32.51 64.70 4.45
CA GLU D 196 -33.04 65.96 4.95
C GLU D 196 -32.08 66.63 5.91
N ASN D 197 -31.19 65.86 6.54
CA ASN D 197 -30.19 66.41 7.43
C ASN D 197 -28.93 66.84 6.70
N ASP D 198 -28.81 66.50 5.40
CA ASP D 198 -27.67 66.84 4.54
C ASP D 198 -26.35 66.32 5.11
N ILE D 199 -26.39 65.10 5.65
CA ILE D 199 -25.21 64.48 6.26
C ILE D 199 -24.90 63.17 5.56
N LEU D 200 -25.39 63.02 4.33
CA LEU D 200 -25.20 61.77 3.59
C LEU D 200 -23.76 61.62 3.11
N GLY D 201 -23.02 62.72 2.99
CA GLY D 201 -21.65 62.67 2.54
C GLY D 201 -20.69 62.04 3.54
N ARG D 202 -20.94 62.28 4.84
CA ARG D 202 -20.04 61.76 5.86
C ARG D 202 -20.61 60.52 6.55
N PHE D 203 -21.86 60.16 6.27
CA PHE D 203 -22.45 58.98 6.87
C PHE D 203 -22.10 57.71 6.10
N ILE D 204 -21.90 57.84 4.78
CA ILE D 204 -21.59 56.68 3.96
C ILE D 204 -20.09 56.46 3.84
N ASN D 205 -19.27 57.47 4.14
CA ASN D 205 -17.82 57.38 4.04
C ASN D 205 -17.16 57.29 5.41
N ALA D 206 -17.90 56.90 6.44
CA ALA D 206 -17.34 56.76 7.76
C ALA D 206 -16.52 55.47 7.85
N GLU D 207 -15.65 55.42 8.86
CA GLU D 207 -14.74 54.28 9.04
C GLU D 207 -14.42 54.12 10.52
N TYR D 208 -13.86 52.96 10.86
CA TYR D 208 -13.45 52.70 12.23
C TYR D 208 -12.26 53.56 12.61
N THR D 209 -12.30 54.12 13.82
CA THR D 209 -11.16 54.83 14.37
C THR D 209 -10.29 53.93 15.24
N GLU D 210 -10.61 52.65 15.34
CA GLU D 210 -9.86 51.71 16.16
C GLU D 210 -8.66 51.20 15.39
N GLU D 211 -7.55 50.94 16.08
CA GLU D 211 -6.27 50.66 15.45
C GLU D 211 -6.17 49.30 14.74
N ALA D 212 -7.08 48.36 15.01
CA ALA D 212 -7.01 47.05 14.38
C ALA D 212 -7.99 46.89 13.22
N TYR D 213 -8.92 47.83 13.04
CA TYR D 213 -9.88 47.74 11.96
C TYR D 213 -10.02 49.06 11.22
N GLU D 214 -8.95 49.87 11.21
CA GLU D 214 -9.02 51.23 10.69
C GLU D 214 -9.17 51.22 9.16
N GLY D 215 -10.11 52.00 8.65
CA GLY D 215 -10.36 52.08 7.23
C GLY D 215 -11.47 51.20 6.72
N GLN D 216 -12.01 50.32 7.54
CA GLN D 216 -13.13 49.49 7.12
C GLN D 216 -14.41 50.31 7.12
N THR D 217 -15.11 50.28 5.98
CA THR D 217 -16.31 51.08 5.78
C THR D 217 -17.49 50.15 5.60
N ALA D 218 -18.66 50.74 5.31
CA ALA D 218 -19.86 49.95 5.12
C ALA D 218 -19.83 49.18 3.80
N LEU D 219 -19.07 49.68 2.83
CA LEU D 219 -18.93 48.96 1.56
C LEU D 219 -18.06 47.72 1.73
N ASN D 220 -17.15 47.74 2.71
CA ASN D 220 -16.31 46.56 2.96
C ASN D 220 -17.13 45.43 3.59
N ILE D 221 -18.18 45.79 4.33
CA ILE D 221 -19.00 44.77 4.98
C ILE D 221 -20.04 44.23 4.02
N ALA D 222 -20.62 45.08 3.17
CA ALA D 222 -21.72 44.67 2.31
C ALA D 222 -21.25 43.74 1.19
N ILE D 223 -20.01 43.90 0.74
CA ILE D 223 -19.47 43.00 -0.27
C ILE D 223 -19.11 41.65 0.35
N GLU D 224 -18.64 41.66 1.61
CA GLU D 224 -18.21 40.43 2.26
C GLU D 224 -19.40 39.57 2.67
N ARG D 225 -20.55 40.18 2.96
CA ARG D 225 -21.74 39.42 3.34
C ARG D 225 -22.55 38.94 2.14
N ARG D 226 -22.01 39.09 0.92
CA ARG D 226 -22.70 38.77 -0.34
C ARG D 226 -24.02 39.53 -0.46
N GLN D 227 -23.94 40.85 -0.55
CA GLN D 227 -25.11 41.70 -0.75
C GLN D 227 -24.84 42.57 -1.97
N GLY D 228 -25.15 42.04 -3.15
CA GLY D 228 -24.90 42.79 -4.37
C GLY D 228 -25.89 43.91 -4.59
N ASP D 229 -27.10 43.79 -4.02
CA ASP D 229 -28.09 44.85 -4.17
C ASP D 229 -27.80 46.01 -3.22
N ILE D 230 -27.32 45.70 -2.01
CA ILE D 230 -27.03 46.75 -1.03
C ILE D 230 -25.76 47.49 -1.41
N ALA D 231 -24.76 46.78 -1.94
CA ALA D 231 -23.51 47.41 -2.34
C ALA D 231 -23.69 48.27 -3.58
N ALA D 232 -24.70 47.95 -4.40
CA ALA D 232 -24.98 48.77 -5.58
C ALA D 232 -25.66 50.07 -5.17
N LEU D 233 -26.43 50.05 -4.08
CA LEU D 233 -27.09 51.27 -3.61
C LEU D 233 -26.11 52.21 -2.93
N LEU D 234 -25.03 51.68 -2.36
CA LEU D 234 -24.05 52.53 -1.68
C LEU D 234 -23.17 53.26 -2.69
N ILE D 235 -22.73 52.56 -3.74
CA ILE D 235 -21.88 53.16 -4.76
C ILE D 235 -22.66 54.20 -5.57
N ALA D 236 -23.97 53.96 -5.77
CA ALA D 236 -24.84 54.92 -6.43
C ALA D 236 -25.27 56.07 -5.50
N ALA D 237 -24.80 56.08 -4.26
CA ALA D 237 -25.08 57.17 -3.33
C ALA D 237 -23.85 57.96 -2.93
N GLY D 238 -22.64 57.46 -3.18
CA GLY D 238 -21.44 58.21 -2.86
C GLY D 238 -20.43 57.49 -1.99
N ALA D 239 -20.51 56.17 -1.94
CA ALA D 239 -19.55 55.40 -1.16
C ALA D 239 -18.18 55.39 -1.84
N ASP D 240 -17.13 55.27 -1.05
CA ASP D 240 -15.78 55.31 -1.59
C ASP D 240 -15.39 53.93 -2.09
N VAL D 241 -15.07 53.83 -3.38
CA VAL D 241 -14.63 52.58 -3.98
C VAL D 241 -13.12 52.40 -3.87
N ASN D 242 -12.43 53.33 -3.22
CA ASN D 242 -10.98 53.27 -3.05
C ASN D 242 -10.60 53.37 -1.58
N ALA D 243 -11.49 52.92 -0.69
CA ALA D 243 -11.23 52.95 0.74
C ALA D 243 -10.25 51.85 1.11
N HIS D 244 -9.14 52.24 1.73
CA HIS D 244 -8.08 51.31 2.11
C HIS D 244 -8.30 50.91 3.56
N ALA D 245 -8.65 49.64 3.77
CA ALA D 245 -8.88 49.10 5.12
C ALA D 245 -7.56 48.58 5.66
N LYS D 246 -6.88 49.42 6.44
CA LYS D 246 -5.63 49.04 7.08
C LYS D 246 -5.90 48.41 8.44
N GLY D 247 -4.87 48.26 9.26
CA GLY D 247 -5.04 47.71 10.59
C GLY D 247 -4.35 46.37 10.78
N ALA D 248 -4.24 45.94 12.04
CA ALA D 248 -3.57 44.68 12.33
C ALA D 248 -4.37 43.47 11.88
N PHE D 249 -5.69 43.59 11.78
CA PHE D 249 -6.51 42.49 11.29
C PHE D 249 -6.39 42.33 9.79
N PHE D 250 -6.46 43.43 9.04
CA PHE D 250 -6.42 43.38 7.60
C PHE D 250 -5.01 43.36 7.04
N ASN D 251 -4.00 43.70 7.85
CA ASN D 251 -2.59 43.58 7.46
C ASN D 251 -1.86 42.81 8.56
N PRO D 252 -1.98 41.49 8.58
CA PRO D 252 -1.30 40.70 9.61
C PRO D 252 0.17 40.48 9.27
N LYS D 253 0.87 39.83 10.21
CA LYS D 253 2.26 39.45 9.99
C LYS D 253 2.41 38.01 9.53
N TYR D 254 1.43 37.16 9.79
CA TYR D 254 1.45 35.77 9.35
C TYR D 254 0.06 35.42 8.84
N GLN D 255 -0.08 34.22 8.27
CA GLN D 255 -1.40 33.79 7.80
C GLN D 255 -2.14 32.99 8.87
N HIS D 256 -2.15 33.51 10.10
CA HIS D 256 -3.05 33.00 11.13
C HIS D 256 -3.54 34.11 12.06
N GLU D 257 -3.19 35.37 11.78
CA GLU D 257 -3.48 36.48 12.68
C GLU D 257 -4.35 37.53 12.01
N GLY D 258 -5.21 37.12 11.09
CA GLY D 258 -6.08 38.06 10.43
C GLY D 258 -6.52 37.55 9.08
N PHE D 259 -6.84 38.49 8.19
CA PHE D 259 -7.35 38.18 6.86
C PHE D 259 -6.87 39.27 5.90
N TYR D 260 -5.86 38.94 5.10
CA TYR D 260 -5.35 39.84 4.08
C TYR D 260 -5.98 39.51 2.74
N PHE D 261 -6.56 40.52 2.09
CA PHE D 261 -7.19 40.33 0.79
C PHE D 261 -6.68 41.35 -0.23
N GLY D 262 -6.15 42.47 0.25
CA GLY D 262 -5.63 43.48 -0.66
C GLY D 262 -6.01 44.90 -0.27
N GLU D 263 -6.79 45.03 0.80
CA GLU D 263 -7.21 46.24 1.51
C GLU D 263 -8.18 47.10 0.70
N THR D 264 -8.53 46.76 -0.52
CA THR D 264 -9.43 47.53 -1.35
C THR D 264 -10.72 46.75 -1.60
N PRO D 265 -11.85 47.45 -1.84
CA PRO D 265 -13.09 46.73 -2.16
C PRO D 265 -13.06 45.98 -3.48
N LEU D 266 -12.19 46.37 -4.41
CA LEU D 266 -12.03 45.59 -5.63
C LEU D 266 -11.32 44.27 -5.35
N ALA D 267 -10.40 44.27 -4.39
CA ALA D 267 -9.70 43.04 -4.03
C ALA D 267 -10.51 42.16 -3.10
N LEU D 268 -11.53 42.74 -2.44
CA LEU D 268 -12.35 41.94 -1.54
C LEU D 268 -13.35 41.09 -2.33
N ALA D 269 -13.89 41.65 -3.42
CA ALA D 269 -14.79 40.88 -4.26
C ALA D 269 -14.03 39.88 -5.13
N ALA D 270 -12.76 40.15 -5.41
CA ALA D 270 -11.97 39.25 -6.24
C ALA D 270 -11.49 38.03 -5.45
N CYS D 271 -11.17 38.22 -4.17
CA CYS D 271 -10.69 37.12 -3.34
C CYS D 271 -11.81 36.28 -2.77
N THR D 272 -13.02 36.81 -2.69
CA THR D 272 -14.17 36.06 -2.19
C THR D 272 -15.08 35.54 -3.29
N ASN D 273 -14.56 35.38 -4.51
CA ASN D 273 -15.21 34.75 -5.66
C ASN D 273 -16.54 35.43 -6.02
N GLN D 274 -16.49 36.74 -6.26
CA GLN D 274 -17.68 37.51 -6.58
C GLN D 274 -17.44 38.35 -7.82
N PRO D 275 -17.53 37.76 -9.02
CA PRO D 275 -17.19 38.52 -10.24
C PRO D 275 -18.24 39.53 -10.66
N GLU D 276 -19.47 39.40 -10.16
CA GLU D 276 -20.52 40.35 -10.52
C GLU D 276 -20.30 41.70 -9.86
N ILE D 277 -19.59 41.73 -8.72
CA ILE D 277 -19.26 43.00 -8.09
C ILE D 277 -17.96 43.56 -8.68
N VAL D 278 -17.07 42.68 -9.15
CA VAL D 278 -15.84 43.13 -9.81
C VAL D 278 -16.17 43.82 -11.14
N GLN D 279 -17.14 43.28 -11.87
CA GLN D 279 -17.59 43.92 -13.11
C GLN D 279 -18.32 45.23 -12.81
N LEU D 280 -18.93 45.33 -11.64
CA LEU D 280 -19.62 46.56 -11.27
C LEU D 280 -18.63 47.62 -10.81
N LEU D 281 -17.48 47.20 -10.29
CA LEU D 281 -16.49 48.17 -9.82
C LEU D 281 -15.57 48.63 -10.94
N MET D 282 -15.25 47.74 -11.89
CA MET D 282 -14.35 48.12 -12.97
C MET D 282 -15.02 49.01 -14.01
N GLU D 283 -16.36 49.01 -14.05
CA GLU D 283 -17.06 49.94 -14.92
C GLU D 283 -17.22 51.30 -14.26
N HIS D 284 -17.01 51.38 -12.95
CA HIS D 284 -17.11 52.64 -12.25
C HIS D 284 -15.88 53.50 -12.54
N GLU D 285 -16.12 54.72 -13.03
CA GLU D 285 -15.06 55.55 -13.60
C GLU D 285 -14.16 56.20 -12.55
N GLN D 286 -14.52 56.14 -11.27
CA GLN D 286 -13.64 56.65 -10.21
C GLN D 286 -12.81 55.56 -9.55
N THR D 287 -12.96 54.30 -9.97
CA THR D 287 -12.22 53.20 -9.37
C THR D 287 -10.80 53.18 -9.93
N ASP D 288 -9.81 53.25 -9.03
CA ASP D 288 -8.41 53.21 -9.42
C ASP D 288 -7.95 51.75 -9.35
N ILE D 289 -7.84 51.12 -10.53
CA ILE D 289 -7.46 49.72 -10.65
C ILE D 289 -6.01 49.47 -10.23
N THR D 290 -5.12 50.40 -10.55
CA THR D 290 -3.68 50.26 -10.30
C THR D 290 -3.28 50.77 -8.92
N SER D 291 -4.19 50.74 -7.95
CA SER D 291 -3.89 51.23 -6.61
C SER D 291 -3.01 50.24 -5.86
N ARG D 292 -2.17 50.77 -4.98
CA ARG D 292 -1.22 49.98 -4.19
C ARG D 292 -1.48 50.20 -2.71
N ASP D 293 -1.59 49.10 -1.97
CA ASP D 293 -1.89 49.16 -0.54
C ASP D 293 -0.63 49.41 0.30
N SER D 294 -0.73 49.18 1.61
CA SER D 294 0.38 49.35 2.53
C SER D 294 1.56 48.41 2.28
N ARG D 295 1.32 47.25 1.67
CA ARG D 295 2.39 46.36 1.26
C ARG D 295 2.95 46.71 -0.11
N GLY D 296 2.31 47.63 -0.84
CA GLY D 296 2.65 47.89 -2.22
C GLY D 296 1.98 46.97 -3.21
N ASN D 297 1.11 46.07 -2.75
CA ASN D 297 0.44 45.11 -3.62
C ASN D 297 -0.67 45.79 -4.39
N ASN D 298 -0.82 45.41 -5.65
CA ASN D 298 -1.96 45.82 -6.47
C ASN D 298 -2.97 44.67 -6.53
N ILE D 299 -3.92 44.79 -7.45
CA ILE D 299 -5.00 43.82 -7.60
C ILE D 299 -4.45 42.44 -8.01
N LEU D 300 -3.29 42.38 -8.67
CA LEU D 300 -2.80 41.09 -9.13
C LEU D 300 -1.78 40.48 -8.17
N HIS D 301 -1.12 41.29 -7.33
CA HIS D 301 -0.29 40.72 -6.27
C HIS D 301 -1.14 40.04 -5.22
N ALA D 302 -2.31 40.60 -4.92
CA ALA D 302 -3.14 40.10 -3.82
C ALA D 302 -3.82 38.79 -4.19
N LEU D 303 -4.06 38.57 -5.49
CA LEU D 303 -4.60 37.28 -5.91
C LEU D 303 -3.55 36.18 -5.82
N VAL D 304 -2.27 36.53 -6.00
CA VAL D 304 -1.19 35.57 -5.85
C VAL D 304 -1.05 35.15 -4.38
N THR D 305 -1.27 36.09 -3.46
CA THR D 305 -1.12 35.81 -2.04
C THR D 305 -2.20 34.86 -1.53
N VAL D 306 -3.45 35.05 -1.97
CA VAL D 306 -4.56 34.19 -1.56
C VAL D 306 -4.66 32.93 -2.40
N ALA D 307 -3.77 32.73 -3.36
CA ALA D 307 -3.81 31.55 -4.21
C ALA D 307 -3.30 30.32 -3.45
N GLU D 308 -3.54 29.16 -4.04
CA GLU D 308 -3.12 27.89 -3.48
C GLU D 308 -1.95 27.32 -4.27
N ASP D 309 -1.27 26.34 -3.68
CA ASP D 309 -0.02 25.85 -4.26
C ASP D 309 -0.23 24.79 -5.34
N PHE D 310 -1.36 24.09 -5.32
CA PHE D 310 -1.59 22.98 -6.24
C PHE D 310 -2.94 23.13 -6.92
N LYS D 311 -3.24 22.21 -7.83
CA LYS D 311 -4.43 22.29 -8.67
C LYS D 311 -5.58 21.54 -8.01
N THR D 312 -6.61 22.29 -7.63
CA THR D 312 -7.86 21.69 -7.16
C THR D 312 -8.88 21.63 -8.28
N GLN D 313 -10.12 21.28 -7.95
CA GLN D 313 -11.22 21.23 -8.91
C GLN D 313 -11.65 22.61 -9.37
N ASN D 314 -11.88 23.54 -8.43
CA ASN D 314 -12.31 24.90 -8.76
C ASN D 314 -11.15 25.84 -8.49
N ASP D 315 -10.77 26.61 -9.50
CA ASP D 315 -9.70 27.60 -9.40
C ASP D 315 -10.24 28.95 -9.85
N PHE D 316 -10.87 29.66 -8.91
CA PHE D 316 -11.41 30.98 -9.21
C PHE D 316 -10.33 32.06 -9.21
N VAL D 317 -9.19 31.79 -8.56
CA VAL D 317 -8.09 32.74 -8.52
C VAL D 317 -7.47 32.92 -9.90
N LYS D 318 -7.32 31.82 -10.64
CA LYS D 318 -6.88 31.92 -12.03
C LYS D 318 -7.93 32.58 -12.91
N ARG D 319 -9.21 32.38 -12.58
CA ARG D 319 -10.27 33.05 -13.33
C ARG D 319 -10.35 34.53 -13.00
N MET D 320 -10.08 34.89 -11.73
CA MET D 320 -10.02 36.31 -11.38
C MET D 320 -8.78 36.97 -11.94
N TYR D 321 -7.69 36.21 -12.11
CA TYR D 321 -6.48 36.76 -12.68
C TYR D 321 -6.67 37.08 -14.16
N ASP D 322 -7.38 36.21 -14.87
CA ASP D 322 -7.57 36.40 -16.31
C ASP D 322 -8.60 37.49 -16.60
N MET D 323 -9.62 37.60 -15.74
CA MET D 323 -10.70 38.54 -16.00
C MET D 323 -10.27 39.98 -15.76
N ILE D 324 -9.46 40.21 -14.73
CA ILE D 324 -9.04 41.56 -14.40
C ILE D 324 -7.96 42.04 -15.37
N LEU D 325 -7.06 41.13 -15.77
CA LEU D 325 -5.93 41.52 -16.62
C LEU D 325 -6.36 41.84 -18.05
N LEU D 326 -7.31 41.07 -18.59
CA LEU D 326 -7.72 41.28 -19.98
C LEU D 326 -8.61 42.52 -20.12
N ARG D 327 -9.38 42.83 -19.08
CA ARG D 327 -10.20 44.03 -19.12
C ARG D 327 -9.37 45.28 -18.84
N SER D 328 -8.18 45.12 -18.28
CA SER D 328 -7.28 46.26 -18.11
C SER D 328 -6.64 46.65 -19.44
N GLY D 329 -6.10 45.67 -20.17
CA GLY D 329 -5.58 45.91 -21.50
C GLY D 329 -4.26 46.63 -21.56
N ASN D 330 -3.41 46.48 -20.55
CA ASN D 330 -2.12 47.14 -20.51
C ASN D 330 -1.16 46.32 -19.66
N TRP D 331 0.11 46.74 -19.65
CA TRP D 331 1.14 46.10 -18.85
C TRP D 331 1.42 46.81 -17.53
N GLU D 332 0.55 47.74 -17.12
CA GLU D 332 0.80 48.51 -15.91
C GLU D 332 0.62 47.67 -14.64
N LEU D 333 -0.27 46.69 -14.69
CA LEU D 333 -0.48 45.83 -13.52
C LEU D 333 0.61 44.77 -13.42
N GLU D 334 1.25 44.44 -14.54
CA GLU D 334 2.28 43.42 -14.54
C GLU D 334 3.67 43.94 -14.20
N THR D 335 4.00 45.16 -14.61
CA THR D 335 5.31 45.73 -14.34
C THR D 335 5.38 46.41 -12.97
N THR D 336 4.27 46.50 -12.25
CA THR D 336 4.25 47.12 -10.94
C THR D 336 4.96 46.25 -9.91
N ARG D 337 5.87 46.87 -9.17
CA ARG D 337 6.65 46.16 -8.16
C ARG D 337 6.19 46.58 -6.78
N ASN D 338 6.45 45.72 -5.79
CA ASN D 338 6.05 45.98 -4.40
C ASN D 338 7.06 46.85 -3.70
N ASN D 339 6.93 46.96 -2.37
CA ASN D 339 7.98 47.56 -1.55
C ASN D 339 9.22 46.70 -1.49
N ASP D 340 9.09 45.39 -1.69
CA ASP D 340 10.23 44.49 -1.84
C ASP D 340 10.71 44.40 -3.27
N GLY D 341 10.04 45.05 -4.21
CA GLY D 341 10.44 45.02 -5.60
C GLY D 341 10.01 43.78 -6.35
N LEU D 342 8.77 43.33 -6.18
CA LEU D 342 8.31 42.10 -6.80
C LEU D 342 7.09 42.35 -7.68
N THR D 343 7.16 41.84 -8.90
CA THR D 343 6.05 41.75 -9.82
C THR D 343 5.13 40.60 -9.41
N PRO D 344 3.90 40.52 -9.94
CA PRO D 344 3.10 39.32 -9.67
C PRO D 344 3.67 38.04 -10.25
N LEU D 345 4.53 38.14 -11.26
CA LEU D 345 5.26 36.97 -11.74
C LEU D 345 6.31 36.51 -10.73
N GLN D 346 7.04 37.46 -10.13
CA GLN D 346 8.09 37.11 -9.18
C GLN D 346 7.52 36.73 -7.82
N LEU D 347 6.33 37.23 -7.49
CA LEU D 347 5.70 36.88 -6.22
C LEU D 347 5.18 35.45 -6.23
N ALA D 348 4.77 34.96 -7.41
CA ALA D 348 4.32 33.57 -7.52
C ALA D 348 5.49 32.60 -7.40
N ALA D 349 6.69 33.04 -7.77
CA ALA D 349 7.87 32.21 -7.60
C ALA D 349 8.37 32.24 -6.17
N LYS D 350 8.16 33.36 -5.47
CA LYS D 350 8.62 33.48 -4.09
C LYS D 350 7.74 32.68 -3.14
N MET D 351 6.42 32.70 -3.33
CA MET D 351 5.49 32.02 -2.45
C MET D 351 5.19 30.58 -2.90
N GLY D 352 5.69 30.17 -4.07
CA GLY D 352 5.58 28.79 -4.47
C GLY D 352 4.23 28.36 -5.02
N LYS D 353 3.54 29.24 -5.72
CA LYS D 353 2.25 28.91 -6.33
C LYS D 353 2.49 28.45 -7.76
N ALA D 354 2.57 27.12 -7.92
CA ALA D 354 2.92 26.53 -9.21
C ALA D 354 1.82 26.63 -10.25
N GLU D 355 0.54 26.62 -9.82
CA GLU D 355 -0.56 26.74 -10.77
C GLU D 355 -0.66 28.14 -11.34
N ILE D 356 -0.44 29.17 -10.53
CA ILE D 356 -0.44 30.55 -11.02
C ILE D 356 0.82 30.84 -11.83
N LEU D 357 1.97 30.30 -11.44
CA LEU D 357 3.21 30.56 -12.15
C LEU D 357 3.22 29.84 -13.51
N LYS D 358 2.46 28.76 -13.64
CA LYS D 358 2.34 28.08 -14.93
C LYS D 358 1.43 28.86 -15.87
N TYR D 359 0.39 29.50 -15.33
CA TYR D 359 -0.57 30.20 -16.17
C TYR D 359 -0.01 31.49 -16.74
N ILE D 360 0.76 32.22 -15.93
CA ILE D 360 1.32 33.50 -16.38
C ILE D 360 2.41 33.27 -17.41
N LEU D 361 3.18 32.20 -17.23
CA LEU D 361 4.44 32.06 -17.98
C LEU D 361 4.21 31.38 -19.32
N SER D 362 2.99 30.93 -19.60
CA SER D 362 2.58 30.42 -20.90
C SER D 362 1.25 31.00 -21.33
N ARG D 363 1.00 32.25 -20.98
CA ARG D 363 -0.24 32.93 -21.34
C ARG D 363 -0.19 33.31 -22.83
N GLU D 364 -1.15 32.80 -23.60
CA GLU D 364 -1.23 33.07 -25.03
C GLU D 364 -2.67 33.46 -25.37
N ILE D 365 -2.83 34.66 -25.93
CA ILE D 365 -4.14 35.15 -26.37
C ILE D 365 -4.15 35.12 -27.89
N LYS D 366 -5.09 34.36 -28.46
CA LYS D 366 -5.15 34.22 -29.91
C LYS D 366 -5.79 35.44 -30.56
N GLU D 367 -6.59 36.18 -29.80
CA GLU D 367 -7.35 37.30 -30.35
C GLU D 367 -6.49 38.55 -30.54
N LYS D 368 -6.40 39.04 -31.78
CA LYS D 368 -5.84 40.35 -32.04
C LYS D 368 -6.80 41.40 -31.48
N ARG D 369 -6.24 42.53 -31.02
CA ARG D 369 -6.67 43.57 -30.07
C ARG D 369 -6.43 43.13 -28.63
N LEU D 370 -5.98 41.89 -28.44
CA LEU D 370 -5.71 41.37 -27.11
C LEU D 370 -4.49 40.45 -27.10
N ARG D 371 -3.86 40.29 -28.27
CA ARG D 371 -2.74 39.38 -28.43
C ARG D 371 -1.45 39.91 -27.79
N SER D 372 -1.31 41.23 -27.67
CA SER D 372 -0.07 41.83 -27.16
C SER D 372 0.15 41.61 -25.67
N LEU D 373 -0.84 41.08 -24.95
CA LEU D 373 -0.69 40.75 -23.53
C LEU D 373 -0.27 39.30 -23.30
N SER D 374 0.44 38.71 -24.24
CA SER D 374 0.84 37.30 -24.17
C SER D 374 2.32 37.19 -23.86
N ARG D 375 2.71 36.05 -23.29
CA ARG D 375 4.11 35.72 -23.06
C ARG D 375 4.56 34.50 -23.84
N LYS D 376 3.65 33.60 -24.20
CA LYS D 376 3.93 32.48 -25.08
C LYS D 376 3.37 32.78 -26.47
N PHE D 377 4.17 32.53 -27.50
CA PHE D 377 3.80 32.84 -28.87
C PHE D 377 4.09 31.62 -29.73
N THR D 378 3.04 30.86 -30.07
CA THR D 378 3.20 29.65 -30.86
C THR D 378 3.48 30.02 -32.31
N ASP D 379 4.58 29.49 -32.85
CA ASP D 379 4.97 29.82 -34.22
C ASP D 379 4.25 28.93 -35.22
N TRP D 380 4.32 27.62 -35.03
CA TRP D 380 3.59 26.67 -35.87
C TRP D 380 3.35 25.40 -35.08
N ALA D 381 2.35 24.64 -35.51
CA ALA D 381 1.98 23.38 -34.87
C ALA D 381 1.58 22.37 -35.94
N TYR D 382 2.05 21.14 -35.78
CA TYR D 382 1.73 20.07 -36.72
C TYR D 382 1.65 18.77 -35.93
N GLY D 383 0.44 18.40 -35.51
CA GLY D 383 0.24 17.22 -34.70
C GLY D 383 0.79 17.39 -33.30
N PRO D 384 1.67 16.48 -32.89
CA PRO D 384 2.28 16.58 -31.56
C PRO D 384 3.44 17.56 -31.46
N VAL D 385 3.95 18.05 -32.59
CA VAL D 385 5.14 18.90 -32.61
C VAL D 385 4.68 20.36 -32.67
N SER D 386 5.18 21.17 -31.73
CA SER D 386 4.84 22.58 -31.65
C SER D 386 6.13 23.39 -31.47
N SER D 387 6.13 24.60 -32.02
CA SER D 387 7.25 25.52 -31.90
C SER D 387 6.71 26.84 -31.34
N SER D 388 7.24 27.27 -30.20
CA SER D 388 6.74 28.44 -29.50
C SER D 388 7.87 29.38 -29.12
N LEU D 389 7.51 30.64 -28.86
CA LEU D 389 8.43 31.66 -28.38
C LEU D 389 7.98 32.09 -27.00
N TYR D 390 8.92 32.10 -26.05
CA TYR D 390 8.61 32.37 -24.65
C TYR D 390 9.26 33.69 -24.23
N ASP D 391 8.53 34.49 -23.48
CA ASP D 391 9.06 35.76 -23.00
C ASP D 391 10.07 35.52 -21.88
N LEU D 392 11.18 36.24 -21.93
CA LEU D 392 12.26 36.11 -20.95
C LEU D 392 12.61 37.46 -20.35
N THR D 393 11.59 38.21 -19.93
CA THR D 393 11.80 39.56 -19.42
C THR D 393 12.42 39.54 -18.03
N ASN D 394 11.78 38.86 -17.09
CA ASN D 394 12.26 38.75 -15.71
C ASN D 394 12.56 37.31 -15.34
N VAL D 395 12.69 36.44 -16.35
CA VAL D 395 12.85 35.01 -16.15
C VAL D 395 14.32 34.61 -16.18
N ASP D 396 15.06 35.07 -17.19
CA ASP D 396 16.46 34.75 -17.32
C ASP D 396 17.27 35.54 -16.29
N THR D 397 18.45 35.02 -15.94
CA THR D 397 19.26 35.61 -14.89
C THR D 397 20.11 36.77 -15.40
N THR D 398 19.47 37.78 -15.98
CA THR D 398 20.14 39.01 -16.38
C THR D 398 19.70 40.21 -15.55
N THR D 399 18.57 40.10 -14.85
CA THR D 399 18.16 41.10 -13.87
C THR D 399 18.56 40.59 -12.50
N ASP D 400 18.35 41.42 -11.48
CA ASP D 400 18.74 41.06 -10.12
C ASP D 400 17.87 39.97 -9.51
N ASN D 401 16.57 40.21 -9.35
CA ASN D 401 15.70 39.26 -8.66
C ASN D 401 14.88 38.47 -9.67
N SER D 402 15.56 37.62 -10.46
CA SER D 402 14.91 36.92 -11.56
C SER D 402 14.12 35.70 -11.09
N VAL D 403 13.19 35.22 -11.92
CA VAL D 403 12.31 34.11 -11.55
C VAL D 403 13.09 32.80 -11.44
N LEU D 404 14.08 32.58 -12.31
CA LEU D 404 14.90 31.38 -12.24
C LEU D 404 15.78 31.38 -10.99
N GLU D 405 16.23 32.56 -10.55
CA GLU D 405 17.06 32.63 -9.36
C GLU D 405 16.23 32.47 -8.09
N ILE D 406 14.97 32.91 -8.13
CA ILE D 406 14.09 32.76 -6.97
C ILE D 406 13.72 31.29 -6.73
N THR D 407 13.21 30.61 -7.76
CA THR D 407 12.68 29.25 -7.64
C THR D 407 13.74 28.22 -7.23
N VAL D 408 14.95 28.35 -7.75
CA VAL D 408 16.03 27.44 -7.38
C VAL D 408 16.46 27.65 -5.93
N TYR D 409 16.57 28.92 -5.49
CA TYR D 409 17.01 29.25 -4.15
C TYR D 409 15.85 29.50 -3.19
N ASN D 410 14.71 28.82 -3.37
CA ASN D 410 13.54 29.02 -2.53
C ASN D 410 13.39 27.80 -1.64
N THR D 411 14.08 27.82 -0.49
CA THR D 411 14.02 26.70 0.44
C THR D 411 12.77 26.73 1.31
N ASN D 412 11.95 27.77 1.23
CA ASN D 412 10.73 27.85 2.02
C ASN D 412 9.63 26.94 1.48
N ILE D 413 9.67 26.65 0.18
CA ILE D 413 8.58 25.95 -0.47
C ILE D 413 8.95 24.48 -0.65
N ASP D 414 7.93 23.68 -1.01
CA ASP D 414 8.05 22.23 -1.12
C ASP D 414 7.95 21.76 -2.57
N ASN D 415 7.59 22.65 -3.49
CA ASN D 415 7.30 22.27 -4.86
C ASN D 415 8.26 22.92 -5.86
N ARG D 416 9.56 22.87 -5.57
CA ARG D 416 10.55 23.37 -6.52
C ARG D 416 10.67 22.46 -7.74
N HIS D 417 10.42 21.16 -7.57
CA HIS D 417 10.51 20.24 -8.70
C HIS D 417 9.34 20.41 -9.66
N GLU D 418 8.18 20.82 -9.13
CA GLU D 418 7.04 21.10 -9.99
C GLU D 418 7.22 22.40 -10.77
N MET D 419 7.91 23.39 -10.20
CA MET D 419 8.04 24.69 -10.82
C MET D 419 9.23 24.80 -11.76
N LEU D 420 10.30 24.04 -11.52
CA LEU D 420 11.46 24.03 -12.41
C LEU D 420 11.30 23.08 -13.58
N THR D 421 10.16 22.39 -13.68
CA THR D 421 9.81 21.58 -14.83
C THR D 421 9.07 22.40 -15.87
N LEU D 422 8.69 23.63 -15.53
CA LEU D 422 7.82 24.47 -16.34
C LEU D 422 8.53 24.98 -17.59
N GLU D 423 7.81 25.76 -18.38
CA GLU D 423 8.00 25.79 -19.82
C GLU D 423 9.22 26.55 -20.35
N PRO D 424 9.68 27.69 -19.80
CA PRO D 424 11.05 28.12 -20.14
C PRO D 424 12.07 27.78 -19.07
N LEU D 425 11.64 27.37 -17.88
CA LEU D 425 12.57 27.25 -16.76
C LEU D 425 13.37 25.97 -16.86
N HIS D 426 12.82 24.95 -17.51
CA HIS D 426 13.54 23.70 -17.70
C HIS D 426 14.53 23.78 -18.86
N THR D 427 14.28 24.68 -19.83
CA THR D 427 15.13 24.77 -21.00
C THR D 427 16.34 25.66 -20.74
N LEU D 428 16.14 26.79 -20.05
CA LEU D 428 17.28 27.61 -19.62
C LEU D 428 18.18 26.85 -18.66
N LEU D 429 17.60 26.00 -17.82
CA LEU D 429 18.41 25.23 -16.89
C LEU D 429 19.18 24.13 -17.61
N HIS D 430 18.64 23.66 -18.74
CA HIS D 430 19.31 22.61 -19.51
C HIS D 430 20.34 23.19 -20.48
N MET D 431 20.09 24.38 -21.02
CA MET D 431 21.02 24.97 -21.98
C MET D 431 22.26 25.53 -21.29
N LYS D 432 22.14 25.92 -20.02
CA LYS D 432 23.31 26.40 -19.29
C LYS D 432 24.22 25.23 -18.88
N TRP D 433 23.64 24.05 -18.71
CA TRP D 433 24.45 22.87 -18.38
C TRP D 433 25.27 22.42 -19.58
N LYS D 434 24.71 22.51 -20.79
CA LYS D 434 25.41 22.06 -21.98
C LYS D 434 26.31 23.12 -22.58
N LYS D 435 26.52 24.26 -21.90
CA LYS D 435 27.43 25.29 -22.40
C LYS D 435 28.61 25.56 -21.48
N PHE D 436 28.40 25.72 -20.18
CA PHE D 436 29.53 26.00 -19.29
C PHE D 436 29.52 25.14 -18.03
N ALA D 437 28.34 24.74 -17.58
CA ALA D 437 28.23 24.15 -16.24
C ALA D 437 28.73 22.71 -16.18
N LYS D 438 28.72 22.00 -17.31
CA LYS D 438 29.30 20.66 -17.33
C LYS D 438 30.82 20.73 -17.39
N HIS D 439 31.35 21.78 -18.03
CA HIS D 439 32.79 21.97 -18.09
C HIS D 439 33.34 22.45 -16.75
N MET D 440 32.62 23.33 -16.07
CA MET D 440 33.09 23.86 -14.79
C MET D 440 32.94 22.83 -13.68
N PHE D 441 32.04 21.87 -13.83
CA PHE D 441 31.90 20.81 -12.83
C PHE D 441 32.98 19.75 -13.00
N PHE D 442 33.44 19.53 -14.23
CA PHE D 442 34.48 18.53 -14.47
C PHE D 442 35.85 19.03 -14.00
N LEU D 443 36.14 20.31 -14.22
CA LEU D 443 37.42 20.87 -13.80
C LEU D 443 37.46 21.10 -12.30
N SER D 444 36.29 21.34 -11.69
CA SER D 444 36.24 21.44 -10.23
C SER D 444 36.47 20.08 -9.58
N PHE D 445 36.13 19.01 -10.30
CA PHE D 445 36.49 17.67 -9.86
C PHE D 445 37.99 17.43 -10.00
N CYS D 446 38.58 17.92 -11.10
CA CYS D 446 39.97 17.59 -11.41
C CYS D 446 40.95 18.38 -10.56
N PHE D 447 40.67 19.66 -10.30
CA PHE D 447 41.58 20.45 -9.47
C PHE D 447 41.45 20.09 -8.00
N TYR D 448 40.34 19.44 -7.59
CA TYR D 448 40.19 19.08 -6.19
C TYR D 448 40.63 17.65 -5.93
N PHE D 449 40.56 16.78 -6.93
CA PHE D 449 41.09 15.43 -6.79
C PHE D 449 42.61 15.42 -6.82
N PHE D 450 43.21 16.37 -7.57
CA PHE D 450 44.65 16.55 -7.53
C PHE D 450 45.08 17.17 -6.20
N TYR D 451 44.18 17.93 -5.57
CA TYR D 451 44.50 18.57 -4.30
C TYR D 451 44.51 17.58 -3.14
N ASN D 452 43.68 16.53 -3.23
CA ASN D 452 43.63 15.54 -2.16
C ASN D 452 44.79 14.55 -2.25
N ILE D 453 45.31 14.31 -3.46
CA ILE D 453 46.45 13.43 -3.61
C ILE D 453 47.71 14.10 -3.06
N THR D 454 47.88 15.40 -3.29
CA THR D 454 49.06 16.11 -2.82
C THR D 454 49.06 16.27 -1.30
N LEU D 455 47.88 16.43 -0.69
CA LEU D 455 47.78 16.39 0.77
C LEU D 455 48.13 15.02 1.33
N THR D 456 47.75 13.95 0.62
CA THR D 456 48.03 12.59 1.06
C THR D 456 49.51 12.26 1.00
N LEU D 457 50.19 12.63 -0.08
CA LEU D 457 51.60 12.28 -0.27
C LEU D 457 52.56 13.15 0.52
N VAL D 458 52.08 14.17 1.23
CA VAL D 458 52.95 14.93 2.14
C VAL D 458 52.59 14.56 3.57
N SER D 459 51.42 13.95 3.76
CA SER D 459 51.06 13.48 5.09
C SER D 459 51.60 12.07 5.33
N TYR D 460 51.65 11.24 4.28
CA TYR D 460 52.19 9.90 4.42
C TYR D 460 53.72 9.93 4.45
N TYR D 461 54.33 10.66 3.52
CA TYR D 461 55.79 10.80 3.48
C TYR D 461 56.27 12.02 4.25
N ARG D 462 55.92 12.09 5.53
CA ARG D 462 56.36 13.18 6.39
C ARG D 462 57.77 12.88 6.91
N PRO D 463 58.51 13.90 7.33
CA PRO D 463 59.78 13.64 8.01
C PRO D 463 59.56 12.99 9.38
N ARG D 464 59.96 11.73 9.49
CA ARG D 464 59.64 10.89 10.63
C ARG D 464 60.38 11.28 11.90
N GLU D 465 61.71 11.22 11.90
CA GLU D 465 62.47 11.52 13.11
C GLU D 465 63.43 12.68 12.91
N GLU D 466 64.16 12.68 11.78
CA GLU D 466 65.16 13.70 11.51
C GLU D 466 64.51 15.04 11.16
N GLU D 467 64.63 16.01 12.07
CA GLU D 467 64.09 17.34 11.83
C GLU D 467 64.88 18.39 12.62
N GLY D 480 62.71 18.35 -5.79
CA GLY D 480 62.51 18.45 -7.23
C GLY D 480 61.54 19.55 -7.63
N TRP D 481 61.36 19.74 -8.93
CA TRP D 481 60.44 20.76 -9.43
C TRP D 481 58.99 20.32 -9.25
N LEU D 482 58.76 19.01 -9.26
CA LEU D 482 57.41 18.49 -9.05
C LEU D 482 57.01 18.59 -7.58
N GLN D 483 57.99 18.48 -6.68
CA GLN D 483 57.74 18.63 -5.26
C GLN D 483 57.43 20.08 -4.89
N LEU D 484 58.03 21.01 -5.62
CA LEU D 484 57.74 22.44 -5.41
C LEU D 484 56.41 22.81 -6.05
N LEU D 485 56.04 22.11 -7.11
CA LEU D 485 54.78 22.39 -7.81
C LEU D 485 53.62 21.86 -6.97
N GLY D 486 53.86 20.80 -6.20
CA GLY D 486 52.82 20.22 -5.38
C GLY D 486 52.51 21.01 -4.13
N ARG D 487 53.55 21.38 -3.36
CA ARG D 487 53.33 22.02 -2.07
C ARG D 487 52.89 23.47 -2.23
N MET D 488 53.28 24.13 -3.34
CA MET D 488 52.79 25.48 -3.58
C MET D 488 51.36 25.48 -4.10
N PHE D 489 50.93 24.35 -4.68
CA PHE D 489 49.54 24.21 -5.09
C PHE D 489 48.63 24.03 -3.88
N VAL D 490 49.17 23.46 -2.80
CA VAL D 490 48.41 23.28 -1.57
C VAL D 490 48.18 24.63 -0.89
N LEU D 491 49.19 25.49 -0.89
CA LEU D 491 49.10 26.77 -0.19
C LEU D 491 48.18 27.74 -0.93
N ILE D 492 48.05 27.60 -2.25
CA ILE D 492 47.22 28.52 -3.01
C ILE D 492 45.77 28.05 -3.04
N TRP D 493 45.55 26.75 -3.28
CA TRP D 493 44.19 26.22 -3.43
C TRP D 493 43.44 26.21 -2.11
N ALA D 494 44.15 26.18 -0.98
CA ALA D 494 43.48 26.26 0.31
C ALA D 494 43.05 27.69 0.62
N MET D 495 43.77 28.68 0.07
CA MET D 495 43.37 30.07 0.26
C MET D 495 42.26 30.46 -0.70
N CYS D 496 42.16 29.76 -1.83
CA CYS D 496 41.08 30.04 -2.78
C CYS D 496 39.74 29.55 -2.24
N ILE D 497 39.75 28.44 -1.50
CA ILE D 497 38.52 27.91 -0.94
C ILE D 497 38.11 28.72 0.29
N SER D 498 39.08 29.13 1.11
CA SER D 498 38.77 29.81 2.37
C SER D 498 38.23 31.22 2.14
N VAL D 499 38.57 31.84 1.02
CA VAL D 499 37.99 33.13 0.67
C VAL D 499 36.61 32.94 0.04
N LYS D 500 36.49 31.96 -0.86
CA LYS D 500 35.25 31.75 -1.59
C LYS D 500 34.14 31.20 -0.69
N GLU D 501 34.48 30.21 0.14
CA GLU D 501 33.48 29.63 1.02
C GLU D 501 33.25 30.49 2.26
N GLY D 502 34.18 31.41 2.56
CA GLY D 502 33.99 32.30 3.69
C GLY D 502 32.95 33.38 3.42
N ILE D 503 32.82 33.78 2.16
CA ILE D 503 31.82 34.77 1.78
C ILE D 503 30.42 34.15 1.81
N ALA D 504 30.32 32.88 1.42
CA ALA D 504 29.02 32.22 1.36
C ALA D 504 28.46 31.93 2.75
N ILE D 505 29.32 31.79 3.75
CA ILE D 505 28.85 31.62 5.12
C ILE D 505 28.42 32.96 5.70
N PHE D 506 29.14 34.03 5.36
CA PHE D 506 28.81 35.37 5.83
C PHE D 506 27.53 35.88 5.18
N LEU D 507 27.32 35.56 3.90
CA LEU D 507 26.07 35.88 3.22
C LEU D 507 25.06 34.75 3.37
N LEU D 508 24.67 34.46 4.61
CA LEU D 508 23.81 33.34 4.92
C LEU D 508 23.13 33.59 6.25
N ARG D 509 21.85 33.21 6.33
CA ARG D 509 20.97 33.56 7.44
C ARG D 509 20.97 32.46 8.48
N PRO D 510 20.77 32.79 9.78
CA PRO D 510 20.91 31.78 10.84
C PRO D 510 19.71 30.87 11.04
N SER D 511 18.79 30.81 10.08
CA SER D 511 17.60 29.97 10.22
C SER D 511 17.77 28.62 9.55
N ASP D 512 18.95 28.01 9.64
CA ASP D 512 19.25 26.78 8.90
C ASP D 512 18.51 25.57 9.44
N LEU D 513 17.37 25.26 8.85
CA LEU D 513 16.67 24.00 9.06
C LEU D 513 16.25 23.50 7.69
N GLN D 514 16.19 24.42 6.73
CA GLN D 514 15.72 24.14 5.37
C GLN D 514 16.82 24.27 4.33
N SER D 515 17.92 24.94 4.66
CA SER D 515 19.04 25.11 3.73
C SER D 515 20.13 24.06 3.94
N ILE D 516 20.19 23.47 5.14
CA ILE D 516 21.22 22.47 5.43
C ILE D 516 20.75 21.05 5.15
N LEU D 517 19.68 20.88 4.38
CA LEU D 517 19.16 19.57 3.99
C LEU D 517 20.19 18.83 3.16
N SER D 518 20.61 19.42 2.04
CA SER D 518 21.71 18.86 1.25
C SER D 518 22.64 19.97 0.77
N ASP D 519 22.25 21.22 0.97
CA ASP D 519 22.84 22.34 0.25
C ASP D 519 23.90 23.09 1.07
N ALA D 520 23.50 23.64 2.22
CA ALA D 520 24.41 24.48 2.98
C ALA D 520 25.30 23.69 3.93
N TRP D 521 25.21 22.36 3.91
CA TRP D 521 26.12 21.56 4.73
C TRP D 521 27.51 21.52 4.11
N PHE D 522 27.59 21.60 2.78
CA PHE D 522 28.88 21.55 2.11
C PHE D 522 29.62 22.88 2.15
N HIS D 523 28.93 23.97 2.49
CA HIS D 523 29.61 25.26 2.57
C HIS D 523 30.46 25.36 3.83
N PHE D 524 30.16 24.54 4.84
CA PHE D 524 30.97 24.54 6.05
C PHE D 524 32.15 23.58 5.93
N VAL D 525 31.93 22.38 5.39
CA VAL D 525 32.95 21.34 5.45
C VAL D 525 34.05 21.57 4.41
N PHE D 526 33.74 22.29 3.33
CA PHE D 526 34.83 22.76 2.47
C PHE D 526 35.61 23.89 3.12
N PHE D 527 34.96 24.66 4.00
CA PHE D 527 35.63 25.78 4.66
C PHE D 527 36.48 25.32 5.83
N ILE D 528 35.97 24.37 6.62
CA ILE D 528 36.70 23.84 7.77
C ILE D 528 37.92 23.06 7.31
N GLN D 529 37.80 22.35 6.17
CA GLN D 529 38.92 21.62 5.62
C GLN D 529 39.99 22.57 5.08
N ALA D 530 39.58 23.73 4.56
CA ALA D 530 40.55 24.66 4.00
C ALA D 530 41.29 25.43 5.09
N VAL D 531 40.64 25.67 6.23
CA VAL D 531 41.30 26.38 7.32
C VAL D 531 42.33 25.48 8.01
N LEU D 532 42.02 24.20 8.17
CA LEU D 532 42.94 23.28 8.84
C LEU D 532 44.19 23.00 8.02
N VAL D 533 44.11 23.18 6.70
CA VAL D 533 45.32 23.15 5.88
C VAL D 533 46.17 24.40 6.15
N ILE D 534 45.53 25.57 6.24
CA ILE D 534 46.24 26.82 6.51
C ILE D 534 46.75 26.86 7.94
N LEU D 535 45.98 26.32 8.90
CA LEU D 535 46.43 26.27 10.28
C LEU D 535 47.61 25.32 10.46
N SER D 536 47.72 24.31 9.60
CA SER D 536 48.84 23.36 9.71
C SER D 536 50.13 23.99 9.19
N VAL D 537 50.02 25.07 8.40
CA VAL D 537 51.21 25.75 7.90
C VAL D 537 51.83 26.60 9.00
N PHE D 538 50.99 27.30 9.77
CA PHE D 538 51.50 28.17 10.83
C PHE D 538 52.09 27.36 11.99
N LEU D 539 51.55 26.16 12.22
CA LEU D 539 52.06 25.32 13.29
C LEU D 539 53.37 24.64 12.91
N TYR D 540 53.50 24.17 11.67
CA TYR D 540 54.69 23.43 11.25
C TYR D 540 55.89 24.35 11.05
N LEU D 541 55.65 25.57 10.56
CA LEU D 541 56.77 26.45 10.22
C LEU D 541 57.39 27.09 11.45
N PHE D 542 56.56 27.64 12.35
CA PHE D 542 57.08 28.46 13.44
C PHE D 542 57.90 27.70 14.48
N ALA D 543 57.26 26.93 15.37
CA ALA D 543 57.99 26.09 16.30
C ALA D 543 57.23 24.84 16.72
N TYR D 544 56.02 24.64 16.23
CA TYR D 544 55.07 23.80 16.96
C TYR D 544 54.96 22.41 16.35
N LYS D 545 54.51 21.46 17.18
CA LYS D 545 54.36 20.07 16.80
C LYS D 545 52.91 19.64 16.64
N GLU D 546 51.96 20.56 16.76
CA GLU D 546 50.55 20.25 16.58
C GLU D 546 50.11 20.33 15.13
N TYR D 547 51.06 20.37 14.18
CA TYR D 547 50.71 20.40 12.76
C TYR D 547 50.12 19.07 12.32
N LEU D 548 50.56 17.97 12.95
CA LEU D 548 50.06 16.65 12.59
C LEU D 548 48.60 16.46 13.00
N ALA D 549 48.16 17.18 14.03
CA ALA D 549 46.76 17.09 14.44
C ALA D 549 45.86 17.87 13.49
N CYS D 550 46.44 18.81 12.73
CA CYS D 550 45.64 19.62 11.81
C CYS D 550 45.77 19.12 10.38
N LEU D 551 46.94 18.59 10.01
CA LEU D 551 47.14 18.12 8.63
C LEU D 551 46.39 16.81 8.38
N VAL D 552 46.35 15.92 9.39
CA VAL D 552 45.69 14.64 9.24
C VAL D 552 44.16 14.81 9.22
N LEU D 553 43.62 15.66 10.08
CA LEU D 553 42.17 15.88 10.09
C LEU D 553 41.69 16.65 8.86
N ALA D 554 42.57 17.45 8.25
CA ALA D 554 42.22 18.10 7.00
C ALA D 554 42.28 17.13 5.83
N MET D 555 43.19 16.16 5.91
CA MET D 555 43.32 15.18 4.83
C MET D 555 42.20 14.15 4.87
N ALA D 556 41.77 13.77 6.09
CA ALA D 556 40.64 12.84 6.22
C ALA D 556 39.33 13.50 5.83
N LEU D 557 39.18 14.78 6.16
CA LEU D 557 37.98 15.51 5.73
C LEU D 557 38.07 15.89 4.26
N GLY D 558 39.30 15.99 3.73
CA GLY D 558 39.46 16.32 2.32
C GLY D 558 39.03 15.20 1.41
N TRP D 559 39.36 13.96 1.76
CA TRP D 559 38.87 12.83 0.99
C TRP D 559 37.37 12.62 1.22
N ALA D 560 36.86 12.97 2.40
CA ALA D 560 35.46 12.82 2.70
C ALA D 560 34.57 13.80 1.94
N ASN D 561 35.14 14.90 1.45
CA ASN D 561 34.38 15.87 0.66
C ASN D 561 34.33 15.52 -0.81
N MET D 562 34.79 14.33 -1.21
CA MET D 562 34.67 13.88 -2.58
C MET D 562 33.28 13.40 -2.93
N LEU D 563 32.40 13.25 -1.94
CA LEU D 563 31.01 12.89 -2.17
C LEU D 563 30.17 14.07 -2.63
N TYR D 564 30.74 15.28 -2.62
CA TYR D 564 30.08 16.44 -3.22
C TYR D 564 29.95 16.31 -4.73
N TYR D 565 30.88 15.61 -5.36
CA TYR D 565 30.88 15.45 -6.81
C TYR D 565 30.07 14.24 -7.26
N THR D 566 29.46 13.51 -6.32
CA THR D 566 28.44 12.52 -6.66
C THR D 566 27.07 13.14 -6.82
N ARG D 567 26.92 14.42 -6.49
CA ARG D 567 25.65 15.11 -6.52
C ARG D 567 25.26 15.49 -7.94
N GLY D 568 23.96 15.52 -8.20
CA GLY D 568 23.45 15.92 -9.49
C GLY D 568 23.38 14.81 -10.53
N PHE D 569 23.61 13.56 -10.15
CA PHE D 569 23.58 12.44 -11.08
C PHE D 569 22.49 11.47 -10.66
N GLN D 570 21.90 10.81 -11.65
CA GLN D 570 20.72 9.97 -11.41
C GLN D 570 21.07 8.73 -10.60
N SER D 571 22.29 8.23 -10.76
CA SER D 571 22.70 7.01 -10.07
C SER D 571 23.39 7.26 -8.75
N MET D 572 24.00 8.43 -8.56
CA MET D 572 24.83 8.69 -7.40
C MET D 572 24.39 9.89 -6.56
N GLY D 573 23.29 10.56 -6.91
CA GLY D 573 22.96 11.81 -6.25
C GLY D 573 22.31 11.62 -4.88
N MET D 574 21.72 10.44 -4.65
CA MET D 574 20.97 10.24 -3.41
C MET D 574 21.85 9.74 -2.27
N TYR D 575 23.11 9.40 -2.53
CA TYR D 575 23.95 8.83 -1.48
C TYR D 575 24.40 9.88 -0.47
N SER D 576 24.65 11.11 -0.93
CA SER D 576 25.05 12.16 0.00
C SER D 576 23.89 12.64 0.85
N VAL D 577 22.66 12.48 0.36
CA VAL D 577 21.49 12.86 1.16
C VAL D 577 21.20 11.79 2.21
N MET D 578 21.46 10.51 1.88
CA MET D 578 21.25 9.43 2.84
C MET D 578 22.21 9.52 4.02
N ILE D 579 23.43 10.00 3.79
CA ILE D 579 24.41 10.09 4.88
C ILE D 579 24.05 11.26 5.81
N GLN D 580 23.62 12.39 5.24
CA GLN D 580 23.32 13.56 6.04
C GLN D 580 22.01 13.41 6.81
N LYS D 581 21.00 12.78 6.20
CA LYS D 581 19.69 12.71 6.84
C LYS D 581 19.68 11.66 7.94
N VAL D 582 20.52 10.62 7.82
CA VAL D 582 20.67 9.64 8.90
C VAL D 582 21.37 10.22 10.12
N ILE D 583 22.43 11.02 9.91
CA ILE D 583 23.12 11.68 11.02
C ILE D 583 22.22 12.69 11.72
N LEU D 584 21.54 13.55 10.97
CA LEU D 584 20.79 14.65 11.57
C LEU D 584 19.42 14.26 12.12
N HIS D 585 18.77 13.24 11.55
CA HIS D 585 17.40 12.91 11.93
C HIS D 585 17.27 11.55 12.60
N ASP D 586 18.31 10.74 12.62
CA ASP D 586 18.23 9.44 13.31
C ASP D 586 19.28 9.32 14.41
N VAL D 587 20.53 9.65 14.10
CA VAL D 587 21.63 9.40 15.02
C VAL D 587 21.66 10.36 16.20
N LEU D 588 21.71 11.68 15.95
CA LEU D 588 21.82 12.68 17.00
C LEU D 588 20.64 12.72 17.96
N LYS D 589 19.44 12.37 17.50
CA LYS D 589 18.31 12.22 18.43
C LYS D 589 18.32 10.88 19.17
N PHE D 590 19.29 10.01 18.87
CA PHE D 590 19.41 8.73 19.54
C PHE D 590 20.59 8.69 20.51
N LEU D 591 21.49 9.69 20.45
CA LEU D 591 22.51 9.84 21.48
C LEU D 591 21.91 10.10 22.85
N PHE D 592 20.82 10.87 22.92
CA PHE D 592 20.23 11.16 24.22
C PHE D 592 19.49 9.95 24.79
N VAL D 593 19.23 8.94 23.95
CA VAL D 593 18.68 7.68 24.45
C VAL D 593 19.81 6.78 24.96
N TYR D 594 20.98 6.82 24.31
CA TYR D 594 22.05 5.87 24.58
C TYR D 594 23.02 6.31 25.68
N ILE D 595 23.29 7.61 25.79
CA ILE D 595 24.17 8.11 26.87
C ILE D 595 23.50 7.93 28.24
N VAL D 596 22.16 7.89 28.26
CA VAL D 596 21.39 7.41 29.41
C VAL D 596 21.85 6.03 29.87
N PHE D 597 22.05 5.09 28.94
CA PHE D 597 22.46 3.74 29.32
C PHE D 597 23.97 3.58 29.35
N LEU D 598 24.73 4.45 28.66
CA LEU D 598 26.17 4.34 28.67
C LEU D 598 26.78 4.92 29.94
N LEU D 599 26.20 6.01 30.45
CA LEU D 599 26.74 6.64 31.65
C LEU D 599 26.13 6.02 32.91
N GLY D 600 24.95 5.41 32.77
CA GLY D 600 24.32 4.75 33.91
C GLY D 600 25.01 3.46 34.27
N PHE D 601 25.21 2.58 33.29
CA PHE D 601 25.91 1.32 33.53
C PHE D 601 27.42 1.51 33.62
N GLY D 602 27.95 2.63 33.13
CA GLY D 602 29.38 2.84 33.17
C GLY D 602 29.91 3.13 34.56
N VAL D 603 29.18 3.92 35.34
CA VAL D 603 29.55 4.14 36.74
C VAL D 603 29.12 2.95 37.59
N ALA D 604 28.07 2.24 37.17
CA ALA D 604 27.57 1.08 37.90
C ALA D 604 28.57 -0.06 37.93
N LEU D 605 29.18 -0.36 36.78
CA LEU D 605 30.11 -1.48 36.73
C LEU D 605 31.49 -1.09 37.22
N ALA D 606 31.82 0.21 37.22
CA ALA D 606 33.11 0.66 37.73
C ALA D 606 33.12 0.77 39.24
N SER D 607 31.96 0.92 39.86
CA SER D 607 31.87 1.02 41.31
C SER D 607 32.02 -0.32 42.01
N LEU D 608 31.65 -1.42 41.35
CA LEU D 608 31.83 -2.75 41.90
C LEU D 608 33.27 -3.24 41.85
N ILE D 609 34.09 -2.70 40.95
CA ILE D 609 35.48 -3.14 40.81
C ILE D 609 36.29 -2.66 42.01
N GLU D 610 36.75 -3.63 42.80
CA GLU D 610 37.64 -3.38 43.92
C GLU D 610 39.00 -2.93 43.39
N LYS D 611 39.67 -2.11 44.20
CA LYS D 611 41.04 -1.71 43.90
C LYS D 611 41.95 -2.94 43.84
N CYS D 612 42.64 -3.08 42.72
CA CYS D 612 43.37 -4.29 42.41
C CYS D 612 44.63 -4.35 43.28
N PRO D 613 45.04 -5.56 43.74
CA PRO D 613 46.36 -5.69 44.40
C PRO D 613 47.48 -5.33 43.45
N LYS D 614 48.58 -4.80 43.99
CA LYS D 614 49.50 -3.85 43.36
C LYS D 614 49.86 -4.05 41.88
N ASP D 615 50.30 -5.26 41.52
CA ASP D 615 50.71 -5.53 40.14
C ASP D 615 49.51 -5.90 39.26
N ASN D 616 49.79 -6.42 38.06
CA ASN D 616 48.80 -7.04 37.17
C ASN D 616 47.67 -6.09 36.77
N LYS D 617 47.96 -5.06 35.98
CA LYS D 617 46.97 -4.06 35.57
C LYS D 617 45.83 -4.65 34.74
N ASP D 618 46.08 -5.78 34.08
CA ASP D 618 45.03 -6.53 33.40
C ASP D 618 44.31 -7.50 34.32
N CYS D 619 43.82 -7.01 35.46
CA CYS D 619 43.00 -7.81 36.38
C CYS D 619 41.52 -7.46 36.26
N SER D 620 41.20 -6.22 35.88
CA SER D 620 39.82 -5.82 35.63
C SER D 620 39.81 -4.71 34.59
N SER D 621 39.06 -4.91 33.50
CA SER D 621 38.98 -3.93 32.43
C SER D 621 38.05 -2.77 32.77
N TYR D 622 37.21 -2.91 33.80
CA TYR D 622 36.28 -1.87 34.21
C TYR D 622 36.80 -1.11 35.43
N GLY D 623 38.12 -0.94 35.53
CA GLY D 623 38.73 -0.38 36.73
C GLY D 623 38.65 1.12 36.88
N SER D 624 38.02 1.80 35.92
CA SER D 624 37.82 3.24 35.97
C SER D 624 36.63 3.58 35.09
N PHE D 625 36.11 4.80 35.24
CA PHE D 625 34.98 5.23 34.42
C PHE D 625 35.39 5.41 32.97
N SER D 626 36.61 5.91 32.72
CA SER D 626 37.08 6.06 31.35
C SER D 626 37.34 4.69 30.72
N ASP D 627 37.76 3.73 31.52
CA ASP D 627 37.91 2.36 31.03
C ASP D 627 36.55 1.73 30.74
N ALA D 628 35.58 1.94 31.63
CA ALA D 628 34.30 1.23 31.54
C ALA D 628 33.45 1.68 30.36
N VAL D 629 33.57 2.94 29.95
CA VAL D 629 32.84 3.41 28.77
C VAL D 629 33.39 2.76 27.51
N LEU D 630 34.67 2.40 27.50
CA LEU D 630 35.30 1.84 26.31
C LEU D 630 34.81 0.42 26.04
N GLU D 631 34.75 -0.44 27.07
CA GLU D 631 34.29 -1.80 26.82
C GLU D 631 32.78 -1.87 26.64
N LEU D 632 32.02 -0.99 27.29
CA LEU D 632 30.58 -0.99 27.08
C LEU D 632 30.19 -0.46 25.71
N PHE D 633 31.03 0.38 25.10
CA PHE D 633 30.83 0.72 23.70
C PHE D 633 31.13 -0.47 22.80
N LYS D 634 32.02 -1.36 23.25
CA LYS D 634 32.37 -2.53 22.45
C LYS D 634 31.32 -3.63 22.55
N LEU D 635 30.64 -3.73 23.69
CA LEU D 635 29.52 -4.67 23.79
C LEU D 635 28.31 -4.21 22.98
N THR D 636 28.16 -2.90 22.80
CA THR D 636 27.02 -2.36 22.06
C THR D 636 27.14 -2.64 20.56
N ILE D 637 28.33 -2.47 19.98
CA ILE D 637 28.54 -2.66 18.55
C ILE D 637 28.83 -4.13 18.26
N GLY D 638 29.25 -4.88 19.28
CA GLY D 638 29.43 -6.31 19.11
C GLY D 638 30.86 -6.78 19.10
N LEU D 639 31.78 -5.94 19.59
CA LEU D 639 33.19 -6.28 19.69
C LEU D 639 33.60 -6.54 21.13
N GLY D 640 32.64 -6.91 21.98
CA GLY D 640 32.86 -7.00 23.40
C GLY D 640 33.24 -8.39 23.89
N ASP D 641 33.29 -8.53 25.20
CA ASP D 641 33.67 -9.76 25.87
C ASP D 641 32.86 -9.89 27.14
N LEU D 642 32.18 -11.01 27.32
CA LEU D 642 31.43 -11.28 28.54
C LEU D 642 32.31 -11.96 29.59
N ASN D 643 33.29 -11.21 30.08
CA ASN D 643 34.26 -11.75 31.02
C ASN D 643 33.62 -11.88 32.40
N ILE D 644 33.92 -12.97 33.10
CA ILE D 644 33.27 -13.29 34.37
C ILE D 644 34.35 -13.41 35.43
N GLN D 645 35.61 -13.15 35.06
CA GLN D 645 36.72 -13.24 36.01
C GLN D 645 36.64 -12.11 37.02
N GLN D 646 36.84 -10.87 36.55
CA GLN D 646 36.26 -9.63 37.06
C GLN D 646 36.25 -9.45 38.58
N ASN D 647 37.43 -9.24 39.17
CA ASN D 647 37.62 -9.40 40.62
C ASN D 647 36.88 -8.31 41.40
N SER D 648 35.64 -8.64 41.73
CA SER D 648 34.77 -7.82 42.57
C SER D 648 34.30 -8.63 43.77
N LYS D 649 33.63 -7.95 44.70
CA LYS D 649 32.98 -8.62 45.82
C LYS D 649 31.55 -9.07 45.48
N TYR D 650 31.07 -8.77 44.28
CA TYR D 650 29.75 -9.16 43.82
C TYR D 650 29.86 -9.76 42.42
N PRO D 651 30.21 -11.05 42.31
CA PRO D 651 30.38 -11.64 40.98
C PRO D 651 29.06 -11.93 40.27
N ILE D 652 28.02 -12.32 40.99
CA ILE D 652 26.72 -12.54 40.38
C ILE D 652 26.05 -11.20 40.04
N LEU D 653 26.21 -10.19 40.89
CA LEU D 653 25.57 -8.90 40.65
C LEU D 653 26.27 -8.14 39.52
N PHE D 654 27.57 -8.38 39.33
CA PHE D 654 28.26 -7.83 38.16
C PHE D 654 27.79 -8.54 36.89
N LEU D 655 27.54 -9.84 37.00
CA LEU D 655 27.15 -10.64 35.82
C LEU D 655 25.71 -10.35 35.42
N PHE D 656 24.88 -9.91 36.38
CA PHE D 656 23.51 -9.55 36.05
C PHE D 656 23.43 -8.26 35.25
N LEU D 657 24.15 -7.23 35.71
CA LEU D 657 24.10 -5.93 35.04
C LEU D 657 24.87 -5.93 33.73
N LEU D 658 25.79 -6.90 33.55
CA LEU D 658 26.55 -6.95 32.31
C LEU D 658 25.72 -7.55 31.19
N ILE D 659 24.97 -8.63 31.47
CA ILE D 659 24.09 -9.23 30.47
C ILE D 659 22.88 -8.34 30.21
N THR D 660 22.39 -7.63 31.23
CA THR D 660 21.27 -6.69 31.06
C THR D 660 21.67 -5.54 30.13
N TYR D 661 22.94 -5.14 30.15
CA TYR D 661 23.41 -4.12 29.24
C TYR D 661 23.46 -4.63 27.80
N VAL D 662 23.81 -5.90 27.62
CA VAL D 662 23.91 -6.47 26.27
C VAL D 662 22.54 -6.64 25.65
N ILE D 663 21.55 -7.05 26.44
CA ILE D 663 20.20 -7.23 25.92
C ILE D 663 19.57 -5.90 25.56
N LEU D 664 19.80 -4.86 26.37
CA LEU D 664 19.24 -3.55 26.06
C LEU D 664 19.93 -2.90 24.88
N THR D 665 21.25 -2.74 24.93
CA THR D 665 21.97 -1.97 23.91
C THR D 665 22.17 -2.74 22.61
N PHE D 666 22.80 -3.91 22.67
CA PHE D 666 23.14 -4.66 21.47
C PHE D 666 21.92 -5.30 20.80
N VAL D 667 21.02 -5.89 21.58
CA VAL D 667 19.90 -6.60 20.99
C VAL D 667 18.72 -5.68 20.67
N LEU D 668 18.37 -4.78 21.59
CA LEU D 668 17.20 -3.92 21.42
C LEU D 668 17.53 -2.55 20.85
N LEU D 669 18.42 -1.79 21.49
CA LEU D 669 18.62 -0.40 21.08
C LEU D 669 19.46 -0.29 19.81
N LEU D 670 20.28 -1.29 19.52
CA LEU D 670 21.06 -1.23 18.28
C LEU D 670 20.17 -1.50 17.07
N ASN D 671 19.32 -2.53 17.15
CA ASN D 671 18.44 -2.85 16.03
C ASN D 671 17.25 -1.89 15.96
N MET D 672 16.98 -1.14 17.03
CA MET D 672 15.97 -0.10 16.95
C MET D 672 16.46 1.07 16.11
N LEU D 673 17.77 1.38 16.21
CA LEU D 673 18.34 2.45 15.40
C LEU D 673 18.42 2.03 13.94
N ILE D 674 18.73 0.75 13.68
CA ILE D 674 18.81 0.24 12.31
C ILE D 674 17.43 0.23 11.66
N ALA D 675 16.38 -0.01 12.45
CA ALA D 675 15.02 0.08 11.91
C ALA D 675 14.62 1.52 11.65
N LEU D 676 15.17 2.46 12.42
CA LEU D 676 14.89 3.88 12.18
C LEU D 676 15.74 4.44 11.06
N MET D 677 16.99 3.96 10.91
CA MET D 677 17.81 4.36 9.77
C MET D 677 17.29 3.77 8.47
N GLY D 678 16.69 2.58 8.52
CA GLY D 678 16.15 1.96 7.33
C GLY D 678 14.93 2.66 6.78
N GLU D 679 14.16 3.32 7.63
CA GLU D 679 13.03 4.12 7.17
C GLU D 679 13.50 5.39 6.47
N THR D 680 14.66 5.91 6.88
CA THR D 680 15.21 7.09 6.24
C THR D 680 15.73 6.78 4.84
N VAL D 681 16.36 5.61 4.67
CA VAL D 681 16.93 5.22 3.39
C VAL D 681 15.84 4.97 2.36
N GLU D 682 14.73 4.36 2.77
CA GLU D 682 13.66 4.08 1.82
C GLU D 682 12.86 5.34 1.49
N ASN D 683 12.86 6.34 2.37
CA ASN D 683 12.20 7.60 2.05
C ASN D 683 13.01 8.44 1.09
N VAL D 684 14.35 8.41 1.20
CA VAL D 684 15.20 9.10 0.25
C VAL D 684 15.21 8.39 -1.11
N SER D 685 15.17 7.05 -1.11
CA SER D 685 15.18 6.28 -2.35
C SER D 685 13.89 6.43 -3.16
N LYS D 686 12.76 6.71 -2.52
CA LYS D 686 11.54 7.02 -3.25
C LYS D 686 11.55 8.42 -3.85
N GLU D 687 12.23 9.37 -3.21
CA GLU D 687 12.32 10.74 -3.70
C GLU D 687 13.59 10.98 -4.50
N SER D 688 14.26 9.89 -4.91
CA SER D 688 15.62 9.99 -5.42
C SER D 688 15.67 10.60 -6.82
N GLU D 689 14.58 10.52 -7.57
CA GLU D 689 14.56 11.15 -8.90
C GLU D 689 14.36 12.66 -8.79
N ARG D 690 13.82 13.12 -7.65
CA ARG D 690 13.60 14.54 -7.47
C ARG D 690 14.79 15.22 -6.78
N ILE D 691 15.74 14.44 -6.29
CA ILE D 691 16.83 15.00 -5.51
C ILE D 691 17.95 15.50 -6.42
N TRP D 692 18.40 14.66 -7.36
CA TRP D 692 19.55 15.04 -8.18
C TRP D 692 19.21 16.11 -9.21
N ARG D 693 17.91 16.25 -9.54
CA ARG D 693 17.50 17.34 -10.41
C ARG D 693 17.54 18.68 -9.69
N LEU D 694 17.31 18.69 -8.37
CA LEU D 694 17.43 19.92 -7.61
C LEU D 694 18.87 20.17 -7.17
N GLN D 695 19.69 19.12 -7.13
CA GLN D 695 21.10 19.30 -6.80
C GLN D 695 21.87 19.95 -7.95
N ARG D 696 21.55 19.56 -9.19
CA ARG D 696 22.24 20.13 -10.33
C ARG D 696 21.79 21.55 -10.60
N ALA D 697 20.53 21.87 -10.25
CA ALA D 697 19.98 23.20 -10.53
C ALA D 697 20.66 24.28 -9.70
N ARG D 698 21.07 23.95 -8.48
CA ARG D 698 21.84 24.89 -7.67
C ARG D 698 23.31 24.92 -8.09
N THR D 699 23.80 23.84 -8.69
CA THR D 699 25.19 23.80 -9.13
C THR D 699 25.40 24.66 -10.37
N ILE D 700 24.37 24.77 -11.20
CA ILE D 700 24.47 25.56 -12.43
C ILE D 700 24.52 27.05 -12.13
N LEU D 701 23.64 27.53 -11.24
CA LEU D 701 23.56 28.96 -10.98
C LEU D 701 24.70 29.46 -10.12
N GLU D 702 25.37 28.59 -9.37
CA GLU D 702 26.57 29.00 -8.65
C GLU D 702 27.76 29.10 -9.59
N PHE D 703 27.80 28.28 -10.64
CA PHE D 703 28.85 28.38 -11.64
C PHE D 703 28.68 29.60 -12.52
N GLU D 704 27.43 30.04 -12.72
CA GLU D 704 27.17 31.23 -13.52
C GLU D 704 27.62 32.51 -12.81
N LYS D 705 27.52 32.53 -11.48
CA LYS D 705 28.02 33.66 -10.70
C LYS D 705 29.54 33.75 -10.65
N MET D 706 30.23 32.64 -10.93
CA MET D 706 31.69 32.62 -10.97
C MET D 706 32.24 33.18 -12.28
N LEU D 707 31.40 33.38 -13.28
CA LEU D 707 31.78 33.83 -14.61
C LEU D 707 31.88 35.35 -14.67
N PRO D 708 32.83 35.89 -15.42
CA PRO D 708 32.92 37.35 -15.58
C PRO D 708 31.82 37.86 -16.51
N GLU D 709 31.70 39.19 -16.59
CA GLU D 709 30.62 39.80 -17.37
C GLU D 709 30.82 39.63 -18.87
N TRP D 710 32.06 39.65 -19.35
CA TRP D 710 32.30 39.50 -20.78
C TRP D 710 32.08 38.07 -21.25
N LEU D 711 32.28 37.09 -20.36
CA LEU D 711 32.05 35.70 -20.70
C LEU D 711 30.60 35.28 -20.48
N ARG D 712 29.89 35.94 -19.55
CA ARG D 712 28.48 35.65 -19.34
C ARG D 712 27.65 36.21 -20.50
N SER D 713 28.13 37.28 -21.14
CA SER D 713 27.39 37.87 -22.25
C SER D 713 27.46 36.99 -23.50
N ARG D 714 28.52 36.17 -23.61
CA ARG D 714 28.60 35.24 -24.73
C ARG D 714 27.66 34.05 -24.51
N PHE D 715 27.40 33.71 -23.25
CA PHE D 715 26.56 32.59 -22.87
C PHE D 715 25.08 32.96 -22.77
N ARG D 716 24.69 34.15 -23.21
CA ARG D 716 23.30 34.59 -23.05
C ARG D 716 22.43 33.98 -24.14
N MET D 717 21.27 33.46 -23.72
CA MET D 717 20.29 32.90 -24.65
C MET D 717 19.26 33.97 -25.02
N GLY D 718 18.72 33.84 -26.21
CA GLY D 718 17.61 34.70 -26.58
C GLY D 718 17.87 35.47 -27.86
N GLU D 719 16.79 35.76 -28.58
CA GLU D 719 16.83 36.57 -29.79
C GLU D 719 15.70 37.58 -29.74
N LEU D 720 15.91 38.72 -30.38
CA LEU D 720 14.92 39.78 -30.41
C LEU D 720 13.81 39.43 -31.40
N CYS D 721 12.56 39.65 -31.01
CA CYS D 721 11.40 39.31 -31.83
C CYS D 721 10.63 40.58 -32.17
N LYS D 722 9.73 40.46 -33.14
CA LYS D 722 8.74 41.51 -33.42
C LYS D 722 7.37 40.95 -33.07
N VAL D 723 6.91 41.22 -31.84
CA VAL D 723 5.57 40.80 -31.45
C VAL D 723 4.50 41.65 -32.10
N ALA D 724 4.55 42.96 -31.92
CA ALA D 724 3.60 43.88 -32.55
C ALA D 724 4.27 45.22 -32.81
N GLU D 725 3.48 46.25 -33.09
CA GLU D 725 4.01 47.60 -33.23
C GLU D 725 4.47 48.12 -31.88
N ASP D 726 5.70 48.65 -31.84
CA ASP D 726 6.39 49.12 -30.63
C ASP D 726 6.49 48.04 -29.56
N ASP D 727 6.76 46.80 -29.94
CA ASP D 727 6.86 45.68 -29.00
C ASP D 727 7.98 44.76 -29.48
N PHE D 728 9.16 44.88 -28.86
CA PHE D 728 10.34 44.11 -29.22
C PHE D 728 10.90 43.51 -27.94
N ARG D 729 10.58 42.24 -27.69
CA ARG D 729 11.00 41.56 -26.47
C ARG D 729 11.96 40.42 -26.78
N LEU D 730 12.55 39.85 -25.73
CA LEU D 730 13.53 38.80 -25.87
C LEU D 730 12.82 37.45 -25.79
N CYS D 731 13.09 36.56 -26.75
CA CYS D 731 12.35 35.31 -26.89
C CYS D 731 13.24 34.12 -26.58
N LEU D 732 12.66 32.93 -26.76
CA LEU D 732 13.38 31.67 -26.80
C LEU D 732 12.53 30.67 -27.57
N ARG D 733 13.09 30.11 -28.64
CA ARG D 733 12.39 29.13 -29.46
C ARG D 733 12.59 27.74 -28.87
N ILE D 734 11.51 27.12 -28.43
CA ILE D 734 11.54 25.79 -27.84
C ILE D 734 10.66 24.87 -28.68
N ASN D 735 11.27 23.88 -29.32
CA ASN D 735 10.55 22.91 -30.12
C ASN D 735 10.09 21.77 -29.22
N GLU D 736 8.80 21.74 -28.92
CA GLU D 736 8.22 20.75 -28.02
C GLU D 736 7.49 19.68 -28.83
N VAL D 737 7.65 18.43 -28.41
CA VAL D 737 6.91 17.29 -28.97
C VAL D 737 6.26 16.57 -27.78
N LYS D 738 4.97 16.29 -27.90
CA LYS D 738 4.18 15.68 -26.82
C LYS D 738 3.37 14.54 -27.43
N TRP D 739 3.89 13.32 -27.30
CA TRP D 739 3.23 12.17 -27.93
C TRP D 739 2.02 11.71 -27.11
N THR D 740 2.15 11.66 -25.79
CA THR D 740 1.10 11.14 -24.93
C THR D 740 -0.08 12.10 -24.88
N GLU D 741 0.20 13.41 -24.86
CA GLU D 741 -0.87 14.40 -24.81
C GLU D 741 -1.58 14.53 -26.16
N TRP D 742 -0.94 14.06 -27.23
CA TRP D 742 -1.57 14.13 -28.55
C TRP D 742 -2.46 12.92 -28.80
N LYS D 743 -2.01 11.72 -28.40
CA LYS D 743 -2.77 10.51 -28.64
C LYS D 743 -4.05 10.47 -27.81
N THR D 744 -4.04 11.09 -26.64
CA THR D 744 -5.26 11.15 -25.84
C THR D 744 -6.19 12.24 -26.35
N HIS D 745 -5.64 13.24 -27.04
CA HIS D 745 -6.45 14.35 -27.53
C HIS D 745 -7.25 13.96 -28.77
N VAL D 746 -6.62 13.22 -29.68
CA VAL D 746 -7.22 12.87 -30.96
C VAL D 746 -8.30 11.80 -30.77
N SER D 747 -8.20 11.02 -29.69
CA SER D 747 -9.01 9.83 -29.53
C SER D 747 -10.48 10.15 -29.26
N PHE D 748 -10.77 11.23 -28.52
CA PHE D 748 -12.17 11.52 -28.19
C PHE D 748 -12.83 12.49 -29.17
N LEU D 749 -12.10 13.05 -30.13
CA LEU D 749 -12.75 13.87 -31.15
C LEU D 749 -13.46 13.03 -32.20
N ASN D 750 -13.13 11.75 -32.29
CA ASN D 750 -13.80 10.87 -33.24
C ASN D 750 -14.15 9.54 -32.55
N GLU D 751 -14.73 9.63 -31.36
CA GLU D 751 -15.13 8.45 -30.60
C GLU D 751 -16.37 7.80 -31.21
N POV E . 53.91 -4.45 3.58
P POV E . 49.47 -6.66 4.15
C1 POV E . 46.97 -6.26 3.28
C2 POV E . 46.73 -6.60 1.79
C3 POV E . 47.80 -5.96 0.88
C210 POV E . 34.11 -4.04 0.69
C310 POV E . 39.16 -7.02 -3.98
C11 POV E . 52.07 -6.18 3.97
O11 POV E . 48.29 -5.75 3.41
C211 POV E . 32.84 -4.94 0.60
C311 POV E . 38.31 -8.31 -3.77
C12 POV E . 53.18 -5.27 4.60
O12 POV E . 50.80 -5.71 4.41
C212 POV E . 32.49 -5.55 1.98
C312 POV E . 37.10 -8.35 -4.73
C13 POV E . 53.66 -4.60 2.13
O13 POV E . 49.84 -7.82 3.25
C213 POV E . 32.43 -4.49 3.11
C313 POV E . 35.93 -9.22 -4.19
C14 POV E . 55.35 -4.72 3.77
O14 POV E . 48.95 -7.18 5.48
C214 POV E . 31.01 -3.86 3.19
C314 POV E . 34.59 -8.95 -4.92
C15 POV E . 53.61 -3.04 3.91
C215 POV E . 31.07 -2.34 3.52
C315 POV E . 33.41 -9.76 -4.33
C216 POV E . 31.73 -1.54 2.37
C316 POV E . 32.05 -9.29 -4.87
C217 POV E . 31.02 -1.77 1.02
C218 POV E . 31.84 -1.28 -0.19
C21 POV E . 44.79 -5.07 1.77
O21 POV E . 45.43 -6.27 1.35
C22 POV E . 43.34 -5.15 2.34
O22 POV E . 45.30 -4.00 1.67
C23 POV E . 42.27 -5.00 1.23
C24 POV E . 40.89 -4.51 1.76
C25 POV E . 39.76 -4.80 0.73
C26 POV E . 38.63 -3.73 0.73
C27 POV E . 37.59 -4.04 -0.38
C28 POV E . 36.28 -3.20 -0.21
C29 POV E . 35.02 -4.08 -0.30
C31 POV E . 48.87 -6.34 -1.21
O31 POV E . 48.06 -6.87 -0.18
C32 POV E . 48.40 -6.45 -2.68
O32 POV E . 49.90 -5.82 -0.95
C33 POV E . 46.91 -6.08 -2.86
C34 POV E . 45.96 -7.31 -2.76
C35 POV E . 44.62 -6.97 -2.07
C36 POV E . 43.45 -7.87 -2.55
C37 POV E . 42.22 -7.77 -1.61
C38 POV E . 40.87 -8.08 -2.33
C39 POV E . 40.66 -7.20 -3.60
C1 ACD F . 25.19 -16.24 -10.23
C2 ACD F . 26.56 -16.87 -10.02
C3 ACD F . 27.23 -16.38 -8.75
C4 ACD F . 27.90 -15.02 -8.94
C5 ACD F . 28.93 -14.71 -7.85
C6 ACD F . 30.22 -14.92 -8.05
C7 ACD F . 30.75 -15.49 -9.36
C8 ACD F . 31.73 -14.55 -10.06
C9 ACD F . 31.46 -14.07 -11.25
C10 ACD F . 32.47 -13.15 -11.93
C11 ACD F . 33.89 -13.67 -11.70
C12 ACD F . 34.82 -13.55 -12.60
C13 ACD F . 34.60 -12.89 -13.96
C14 ACD F . 34.87 -11.39 -13.96
C15 ACD F . 36.08 -10.87 -14.14
C16 ACD F . 37.31 -11.74 -14.37
C17 ACD F . 38.54 -10.91 -14.76
C18 ACD F . 38.72 -10.83 -16.26
C19 ACD F . 38.98 -12.21 -16.88
C20 ACD F . 39.21 -12.14 -18.39
O1 ACD F . 25.09 -15.09 -10.77
O2 ACD F . 24.14 -16.84 -9.85
N POV G . 5.48 -35.98 -21.55
P POV G . 9.42 -34.98 -20.94
C1 POV G . 11.41 -34.23 -22.51
C2 POV G . 12.31 -35.46 -22.32
C3 POV G . 13.18 -35.27 -21.07
C210 POV G . 21.54 -33.34 -28.69
C310 POV G . 18.96 -30.54 -13.65
C11 POV G . 7.04 -34.78 -19.83
O11 POV G . 10.71 -33.98 -21.31
C211 POV G . 22.68 -32.96 -29.68
C311 POV G . 18.69 -29.26 -12.83
C12 POV G . 5.80 -34.72 -20.77
O12 POV G . 8.12 -34.08 -20.43
C212 POV G . 23.63 -31.89 -29.10
C312 POV G . 18.83 -29.49 -11.30
C13 POV G . 5.81 -36.02 -22.99
O13 POV G . 9.02 -35.78 -22.16
C213 POV G . 24.13 -32.29 -27.68
C313 POV G . 18.43 -28.24 -10.48
C14 POV G . 6.09 -37.19 -20.96
O14 POV G . 9.84 -35.92 -19.83
C214 POV G . 25.60 -32.76 -27.68
C314 POV G . 19.08 -28.23 -9.06
C15 POV G . 4.01 -36.09 -21.49
C215 POV G . 26.59 -31.63 -27.29
C315 POV G . 19.96 -26.98 -8.83
C216 POV G . 27.82 -31.56 -28.22
C316 POV G . 21.10 -26.88 -9.86
C217 POV G . 29.01 -30.81 -27.57
C218 POV G . 30.28 -30.88 -28.44
C21 POV G . 13.17 -36.93 -24.00
O21 POV G . 13.10 -35.62 -23.46
C22 POV G . 13.49 -37.14 -25.50
O22 POV G . 12.98 -37.87 -23.29
C23 POV G . 15.00 -37.02 -25.79
C24 POV G . 15.33 -36.18 -27.05
C25 POV G . 16.56 -35.25 -26.82
C26 POV G . 17.07 -34.57 -28.12
C27 POV G . 18.35 -35.25 -28.69
C28 POV G . 19.64 -34.80 -27.95
C29 POV G . 20.77 -34.41 -28.93
C31 POV G . 14.16 -36.69 -19.36
O31 POV G . 13.70 -36.54 -20.69
C32 POV G . 14.33 -35.47 -18.40
O32 POV G . 14.42 -37.78 -18.95
C33 POV G . 14.76 -35.93 -16.98
C34 POV G . 14.34 -34.92 -15.88
C35 POV G . 15.01 -33.52 -16.05
C36 POV G . 14.75 -32.59 -14.85
C37 POV G . 15.30 -31.15 -15.07
C38 POV G . 16.42 -30.77 -14.07
C39 POV G . 17.85 -30.83 -14.69
N POV H . 57.70 -1.46 0.79
P POV H . 53.22 0.86 1.38
C1 POV H . 52.15 3.13 0.47
C2 POV H . 51.62 3.62 -0.88
C3 POV H . 51.24 5.11 -0.75
C210 POV H . 41.48 -2.73 -2.81
C310 POV H . 40.82 7.06 -6.11
C11 POV H . 55.47 -0.54 1.63
O11 POV H . 53.01 2.03 0.22
C211 POV H . 40.15 -2.14 -3.36
C311 POV H . 39.62 7.06 -5.13
C12 POV H . 56.73 -0.32 0.74
O12 POV H . 54.34 -0.24 0.83
C212 POV H . 39.33 -3.15 -4.20
C312 POV H . 38.83 8.41 -5.15
C13 POV H . 58.94 -1.37 -0.02
O13 POV H . 51.90 0.17 1.64
C213 POV H . 37.80 -2.99 -4.00
C313 POV H . 37.54 8.34 -6.01
C14 POV H . 58.15 -1.60 2.20
O14 POV H . 53.71 1.49 2.66
C214 POV H . 36.98 -4.08 -4.73
C314 POV H . 36.48 9.35 -5.52
C15 POV H . 57.00 -2.67 0.34
C215 POV H . 36.07 -4.88 -3.76
C315 POV H . 35.06 9.02 -6.04
C216 POV H . 34.60 -4.94 -4.23
C316 POV H . 33.96 9.38 -5.01
C217 POV H . 34.47 -5.30 -5.72
C218 POV H . 33.03 -5.69 -6.11
C21 POV H . 50.71 1.72 -2.01
O21 POV H . 50.48 2.89 -1.24
C22 POV H . 49.53 0.78 -2.35
O22 POV H . 51.80 1.47 -2.42
C23 POV H . 49.78 -0.67 -1.85
C24 POV H . 48.57 -1.61 -2.10
C25 POV H . 47.25 -1.02 -1.53
C26 POV H . 46.13 -2.09 -1.40
C27 POV H . 44.71 -1.47 -1.40
C28 POV H . 43.59 -2.55 -1.47
C29 POV H . 42.26 -1.99 -2.02
C31 POV H . 49.32 6.38 -0.15
O31 POV H . 50.06 5.19 0.02
C32 POV H . 47.95 6.34 -0.87
O32 POV H . 49.75 7.41 0.26
C33 POV H . 47.83 7.45 -1.95
C34 POV H . 46.97 6.99 -3.17
C35 POV H . 46.28 8.18 -3.89
C36 POV H . 44.79 7.88 -4.19
C37 POV H . 44.39 8.31 -5.63
C38 POV H . 43.39 7.30 -6.29
C39 POV H . 42.18 6.98 -5.37
B01 FZ4 I . 5.09 -20.21 -19.62
C02 FZ4 I . 5.50 -18.75 -20.02
C03 FZ4 I . 6.75 -18.51 -20.56
C04 FZ4 I . 7.13 -17.23 -20.91
C05 FZ4 I . 6.25 -16.18 -20.72
C06 FZ4 I . 4.99 -16.41 -20.18
C07 FZ4 I . 4.61 -17.69 -19.83
C08 FZ4 I . 6.03 -21.40 -20.05
C09 FZ4 I . 5.88 -21.97 -21.30
C10 FZ4 I . 6.71 -23.00 -21.69
C11 FZ4 I . 7.69 -23.48 -20.83
C12 FZ4 I . 7.84 -22.91 -19.58
C13 FZ4 I . 7.01 -21.87 -19.19
C15 FZ4 I . 3.87 -21.06 -17.70
C16 FZ4 I . 3.15 -22.41 -17.80
N17 FZ4 I . 3.59 -23.28 -16.72
O14 FZ4 I . 3.94 -20.48 -18.96
B01 FZ4 J . 26.54 -27.16 -23.48
C02 FZ4 J . 26.24 -25.95 -22.50
C03 FZ4 J . 27.30 -25.30 -21.88
C04 FZ4 J . 27.05 -24.23 -21.02
C05 FZ4 J . 25.74 -23.82 -20.79
C06 FZ4 J . 24.70 -24.45 -21.42
C07 FZ4 J . 24.94 -25.52 -22.28
C08 FZ4 J . 25.60 -28.42 -23.57
C09 FZ4 J . 24.36 -28.32 -24.19
C10 FZ4 J . 23.54 -29.44 -24.27
C11 FZ4 J . 23.94 -30.64 -23.73
C12 FZ4 J . 25.19 -30.74 -23.12
C13 FZ4 J . 26.00 -29.63 -23.04
C15 FZ4 J . 28.85 -27.70 -24.05
C16 FZ4 J . 29.75 -27.50 -25.28
N17 FZ4 J . 29.02 -26.81 -26.32
O14 FZ4 J . 27.61 -27.09 -24.30
N POV K . 48.11 -38.67 -4.21
P POV K . 43.94 -40.94 -3.97
C1 POV K . 43.01 -39.50 -6.00
C2 POV K . 41.75 -39.57 -6.87
C3 POV K . 40.92 -40.82 -6.49
C210 POV K . 32.07 -39.77 -9.83
C310 POV K . 32.78 -38.49 -6.10
C11 POV K . 46.53 -40.67 -4.40
O11 POV K . 42.73 -40.11 -4.75
C211 POV K . 31.38 -38.50 -10.42
C311 POV K . 31.35 -39.08 -6.26
C12 POV K . 46.96 -39.30 -4.97
O12 POV K . 45.27 -40.99 -4.97
C212 POV K . 29.90 -38.77 -10.80
C312 POV K . 30.34 -38.07 -6.85
C13 POV K . 48.59 -37.33 -4.63
O13 POV K . 43.47 -42.36 -3.69
C213 POV K . 29.16 -37.49 -11.26
C313 POV K . 28.94 -38.71 -7.07
C14 POV K . 49.26 -39.58 -4.32
O14 POV K . 44.29 -40.26 -2.68
C214 POV K . 28.49 -37.66 -12.64
C314 POV K . 27.93 -37.74 -7.71
C15 POV K . 47.67 -38.52 -2.80
C215 POV K . 27.19 -36.82 -12.78
C315 POV K . 26.54 -38.38 -7.90
C216 POV K . 26.23 -37.01 -11.59
C316 POV K . 26.58 -39.60 -8.86
C217 POV K . 24.78 -36.54 -11.91
C218 POV K . 24.23 -35.56 -10.86
C21 POV K . 41.38 -38.77 -9.06
O21 POV K . 42.10 -39.64 -8.21
C22 POV K . 40.12 -39.29 -9.81
O22 POV K . 41.74 -37.65 -9.21
C23 POV K . 40.27 -39.22 -11.35
C24 POV K . 39.02 -39.79 -12.09
C25 POV K . 37.80 -38.82 -12.00
C26 POV K . 36.46 -39.58 -11.74
C27 POV K . 35.80 -39.13 -10.40
C28 POV K . 34.29 -38.85 -10.56
C29 POV K . 33.41 -39.92 -9.90
C31 POV K . 39.59 -40.34 -4.58
O31 POV K . 39.66 -40.41 -6.00
C32 POV K . 38.91 -39.13 -3.89
O32 POV K . 40.05 -41.22 -3.93
C33 POV K . 38.03 -39.56 -2.68
C34 POV K . 37.06 -38.42 -2.25
C35 POV K . 35.90 -38.25 -3.24
C36 POV K . 34.61 -37.69 -2.54
C37 POV K . 33.31 -38.25 -3.17
C38 POV K . 32.49 -37.15 -3.90
C39 POV K . 32.78 -37.09 -5.43
N POV L . 42.58 6.40 32.61
P POV L . 40.97 4.82 28.19
C1 POV L . 38.78 5.29 26.72
C2 POV L . 38.78 6.66 26.02
C3 POV L . 39.08 7.81 27.01
C210 POV L . 27.73 5.62 19.38
C310 POV L . 33.10 10.74 19.68
C11 POV L . 42.51 5.56 30.21
O11 POV L . 39.43 5.44 27.98
C211 POV L . 27.39 5.39 17.89
C311 POV L . 33.36 10.33 18.21
C12 POV L . 42.82 5.23 31.70
O12 POV L . 41.34 4.89 29.81
C212 POV L . 27.58 3.91 17.47
C312 POV L . 32.41 11.05 17.22
C13 POV L . 42.37 7.77 32.08
O13 POV L . 41.95 5.67 27.43
C213 POV L . 26.89 2.91 18.45
C313 POV L . 32.16 10.22 15.92
C14 POV L . 43.74 6.48 33.52
O14 POV L . 41.01 3.40 27.71
C214 POV L . 25.42 2.67 18.04
C314 POV L . 30.88 10.68 15.18
C15 POV L . 41.36 6.07 33.38
C215 POV L . 24.48 2.46 19.25
C315 POV L . 30.62 9.87 13.89
C216 POV L . 24.24 3.79 20.01
C316 POV L . 29.23 10.14 13.29
C217 POV L . 23.90 4.98 19.08
C218 POV L . 23.99 6.34 19.78
C21 POV L . 36.33 6.55 25.80
O21 POV L . 37.61 6.93 25.29
C22 POV L . 35.39 5.69 24.89
O22 POV L . 35.96 6.89 26.86
C23 POV L . 34.28 6.56 24.26
C24 POV L . 33.11 5.73 23.64
C25 POV L . 32.42 6.51 22.50
C26 POV L . 30.87 6.42 22.55
C27 POV L . 30.21 7.29 21.45
C28 POV L . 28.70 6.96 21.25
C29 POV L . 28.35 6.75 19.76
C31 POV L . 40.14 9.93 27.01
O31 POV L . 40.03 8.67 26.39
C32 POV L . 39.94 11.21 26.17
O32 POV L . 40.41 10.01 28.17
C33 POV L . 38.57 11.21 25.43
C34 POV L . 38.65 10.59 24.01
C35 POV L . 37.30 9.96 23.57
C36 POV L . 37.07 10.04 22.04
C37 POV L . 36.05 8.96 21.56
C38 POV L . 35.23 9.40 20.32
C39 POV L . 34.36 10.66 20.59
N POV M . 49.44 17.89 23.02
P POV M . 46.67 14.13 22.34
C1 POV M . 45.61 16.45 21.69
C2 POV M . 44.27 16.88 21.06
C3 POV M . 43.11 16.07 21.66
C210 POV M . 37.45 19.86 12.40
C310 POV M . 33.29 15.83 15.89
C11 POV M . 48.69 15.44 23.48
O11 POV M . 45.44 15.25 22.41
C211 POV M . 37.68 18.33 12.48
C311 POV M . 32.49 15.23 14.71
C12 POV M . 49.83 16.44 23.14
O12 POV M . 48.14 14.92 22.27
C212 POV M . 36.97 17.58 11.33
C312 POV M . 32.89 13.76 14.42
C13 POV M . 50.49 18.92 23.22
O13 POV M . 46.64 13.23 23.56
C213 POV M . 37.70 16.26 10.94
C313 POV M . 33.71 13.64 13.10
C14 POV M . 48.37 18.22 23.99
O14 POV M . 46.49 13.29 21.10
C214 POV M . 37.00 15.01 11.53
C314 POV M . 32.82 13.78 11.84
C15 POV M . 48.97 18.08 21.63
C215 POV M . 37.12 13.75 10.62
C315 POV M . 31.61 12.82 11.86
C216 POV M . 36.90 14.09 9.12
C316 POV M . 30.38 13.41 11.15
C217 POV M . 36.50 12.84 8.28
C218 POV M . 35.15 12.26 8.73
C21 POV M . 44.57 17.82 18.90
O21 POV M . 44.32 16.65 19.67
C22 POV M . 43.51 18.31 17.88
O22 POV M . 45.58 18.42 19.03
C23 POV M . 43.81 19.73 17.34
C24 POV M . 42.96 20.07 16.07
C25 POV M . 41.46 19.73 16.28
C26 POV M . 40.56 21.01 16.23
C27 POV M . 40.00 21.27 14.82
C28 POV M . 38.97 20.20 14.38
C29 POV M . 38.03 20.71 13.26
C31 POV M . 41.34 15.12 20.41
O31 POV M . 42.72 15.09 20.71
C32 POV M . 40.80 16.22 19.45
O32 POV M . 40.61 14.32 20.87
C33 POV M . 39.40 15.86 18.89
C34 POV M . 39.33 16.07 17.35
C35 POV M . 38.53 17.35 16.98
C36 POV M . 37.35 17.05 16.02
C37 POV M . 36.28 18.17 16.04
C38 POV M . 34.92 17.69 16.62
C39 POV M . 33.95 17.19 15.52
NA NA N . 12.02 -3.94 6.07
N POV O . 54.69 -15.00 -8.70
P POV O . 51.41 -13.93 -5.48
C1 POV O . 50.71 -13.43 -7.98
C2 POV O . 49.34 -13.05 -8.57
C3 POV O . 48.68 -11.94 -7.73
C210 POV O . 39.40 -14.67 -13.76
C310 POV O . 37.80 -9.47 -9.73
C11 POV O . 53.91 -14.23 -6.34
O11 POV O . 50.84 -12.92 -6.67
C211 POV O . 39.36 -15.02 -12.26
C311 POV O . 36.32 -9.91 -9.53
C12 POV O . 54.78 -15.19 -7.20
O12 POV O . 52.66 -14.86 -6.06
C212 POV O . 37.92 -15.08 -11.68
C312 POV O . 36.03 -10.36 -8.07
C13 POV O . 55.79 -15.54 -9.53
O13 POV O . 51.90 -13.12 -4.31
C213 POV O . 37.80 -16.04 -10.46
C313 POV O . 35.88 -11.90 -7.97
C14 POV O . 54.62 -13.55 -9.03
O14 POV O . 50.28 -14.83 -5.03
C214 POV O . 37.37 -15.30 -9.16
C314 POV O . 34.45 -12.37 -8.35
C15 POV O . 53.48 -15.70 -9.16
C215 POV O . 36.80 -16.26 -8.08
C315 POV O . 33.35 -11.63 -7.55
C216 POV O . 35.81 -17.30 -8.67
C316 POV O . 32.11 -11.31 -8.41
C217 POV O . 34.60 -17.55 -7.73
C218 POV O . 33.84 -16.25 -7.41
C21 POV O . 48.41 -14.86 -9.80
O21 POV O . 48.50 -14.18 -8.55
C22 POV O . 47.08 -14.87 -10.58
O22 POV O . 49.36 -15.41 -10.26
C23 POV O . 47.25 -15.30 -12.06
C24 POV O . 45.89 -15.61 -12.75
C25 POV O . 44.86 -14.48 -12.53
C26 POV O . 44.41 -13.80 -13.86
C27 POV O . 43.13 -14.45 -14.45
C28 POV O . 41.89 -14.26 -13.56
C29 POV O . 40.57 -14.32 -14.35
C31 POV O . 46.34 -11.72 -7.46
O31 POV O . 47.51 -12.46 -7.13
C32 POV O . 45.71 -11.87 -8.87
O32 POV O . 45.85 -11.00 -6.67
C33 POV O . 44.37 -11.11 -9.01
C34 POV O . 43.16 -12.06 -8.92
C35 POV O . 42.62 -12.50 -10.31
C36 POV O . 41.09 -12.23 -10.46
C37 POV O . 40.79 -11.16 -11.54
C38 POV O . 40.01 -9.94 -10.99
C39 POV O . 38.47 -10.22 -10.92
N POV P . 40.95 -33.99 9.70
P POV P . 37.67 -30.82 11.64
C1 POV P . 35.35 -29.73 10.88
C2 POV P . 34.15 -30.69 10.91
C3 POV P . 34.47 -32.03 10.23
C210 POV P . 24.60 -22.84 7.07
C310 POV P . 24.77 -29.78 9.58
C11 POV P . 39.57 -32.66 11.38
O11 POV P . 36.50 -30.47 10.51
C211 POV P . 23.43 -22.12 7.80
C311 POV P . 24.00 -29.23 10.81
C12 POV P . 40.96 -32.86 10.69
O12 POV P . 38.99 -31.46 10.87
C212 POV P . 23.95 -20.88 8.58
C312 POV P . 22.47 -29.13 10.53
C13 POV P . 39.82 -34.95 9.62
O13 POV P . 37.14 -31.83 12.63
C213 POV P . 24.83 -19.93 7.72
C313 POV P . 21.78 -28.02 11.36
C14 POV P . 42.16 -34.80 9.96
O14 POV P . 38.07 -29.54 12.37
C214 POV P . 23.94 -18.93 6.95
C314 POV P . 20.39 -27.65 10.80
C15 POV P . 41.05 -33.36 8.36
C215 POV P . 24.49 -18.60 5.54
C315 POV P . 19.72 -26.47 11.58
C216 POV P . 24.32 -19.79 4.57
C316 POV P . 18.47 -25.93 10.85
C217 POV P . 22.89 -20.39 4.60
C218 POV P . 22.80 -21.78 3.92
C21 POV P . 32.98 -29.30 9.24
O21 POV P . 32.96 -30.13 10.40
C22 POV P . 32.29 -27.91 9.29
O22 POV P . 33.47 -29.66 8.22
C23 POV P . 30.80 -28.00 8.86
C24 POV P . 30.23 -26.64 8.36
C25 POV P . 28.67 -26.64 8.38
C26 POV P . 28.03 -25.84 7.22
C27 POV P . 26.49 -25.96 7.21
C28 POV P . 25.81 -24.88 6.32
C29 POV P . 24.64 -24.18 7.04
C31 POV P . 33.85 -34.33 10.32
O31 POV P . 33.82 -33.07 10.96
C32 POV P . 32.52 -35.11 10.13
O32 POV P . 34.88 -34.79 9.95
C33 POV P . 31.38 -34.19 9.59
C34 POV P . 30.53 -33.57 10.72
C35 POV P . 29.99 -32.17 10.35
C36 POV P . 28.65 -31.82 11.05
C37 POV P . 28.37 -30.29 11.06
C38 POV P . 26.85 -29.95 11.11
C39 POV P . 26.05 -30.59 9.96
C1 ACD Q . 8.65 -25.77 16.00
C2 ACD Q . 9.63 -26.53 16.89
C3 ACD Q . 11.06 -26.02 16.74
C4 ACD Q . 11.72 -26.52 15.46
C5 ACD Q . 13.26 -26.41 15.50
C6 ACD Q . 14.01 -27.45 15.80
C7 ACD Q . 13.39 -28.81 16.13
C8 ACD Q . 13.84 -29.90 15.17
C9 ACD Q . 12.96 -30.56 14.44
C10 ACD Q . 13.45 -31.64 13.50
C11 ACD Q . 14.54 -32.48 14.16
C12 ACD Q . 14.65 -33.78 13.97
C13 ACD Q . 13.70 -34.57 13.05
C14 ACD Q . 14.17 -34.63 11.60
C15 ACD Q . 15.01 -35.55 11.17
C16 ACD Q . 15.59 -36.64 12.07
C17 ACD Q . 16.39 -37.67 11.30
C18 ACD Q . 15.56 -38.89 10.93
C19 ACD Q . 15.10 -39.65 12.18
C20 ACD Q . 14.24 -40.87 11.82
O1 ACD Q . 8.49 -26.12 14.81
O2 ACD Q . 8.02 -24.79 16.47
N POV R . -17.00 -22.34 31.70
P POV R . -13.58 -24.50 31.03
C1 POV R . -12.97 -26.93 30.14
C2 POV R . -12.51 -27.51 31.49
C3 POV R . -11.03 -27.17 31.69
C210 POV R . -9.41 -38.19 29.12
C310 POV R . -1.05 -25.21 28.89
C11 POV R . -14.52 -22.04 30.90
O11 POV R . -12.67 -25.54 30.11
C211 POV R . -9.14 -39.65 28.66
C311 POV R . -0.48 -24.31 27.76
C12 POV R . -16.05 -21.98 30.58
O12 POV R . -13.96 -23.13 30.17
C212 POV R . -7.84 -39.77 27.82
C312 POV R . 0.78 -23.53 28.23
C13 POV R . -17.84 -23.55 31.54
O13 POV R . -14.87 -25.18 31.45
C213 POV R . -6.64 -39.09 28.52
C313 POV R . 1.26 -22.52 27.14
C14 POV R . -16.32 -22.52 33.01
O14 POV R . -12.80 -24.12 32.27
C214 POV R . -5.65 -40.12 29.13
C314 POV R . 2.61 -21.87 27.53
C15 POV R . -17.94 -21.21 31.79
C215 POV R . -4.46 -40.41 28.19
C315 POV R . 3.70 -22.13 26.46
C216 POV R . -4.15 -41.93 28.10
C316 POV R . 3.90 -23.65 26.18
C217 POV R . -2.74 -42.20 27.52
C218 POV R . -2.38 -43.70 27.56
C21 POV R . -13.24 -29.42 32.68
O21 POV R . -12.70 -28.90 31.48
C22 POV R . -13.96 -30.80 32.68
O22 POV R . -13.14 -28.82 33.71
C23 POV R . -12.97 -32.00 32.66
C24 POV R . -13.39 -33.11 31.66
C25 POV R . -12.18 -33.61 30.82
C26 POV R . -12.53 -34.86 29.95
C27 POV R . -12.12 -36.19 30.64
C28 POV R . -10.60 -36.49 30.52
C29 POV R . -10.35 -37.94 30.06
C31 POV R . -9.46 -26.64 33.44
O31 POV R . -10.78 -27.02 33.08
C32 POV R . -8.53 -25.88 32.45
O32 POV R . -9.05 -26.90 34.53
C33 POV R . -7.32 -25.25 33.17
C34 POV R . -6.69 -24.08 32.36
C35 POV R . -6.06 -24.55 31.03
C36 POV R . -5.24 -23.43 30.33
C37 POV R . -4.77 -23.81 28.91
C38 POV R . -3.21 -23.79 28.79
C39 POV R . -2.60 -25.21 28.95
N POV S . 42.52 -38.48 6.81
P POV S . 40.18 -34.80 4.22
C1 POV S . 39.08 -34.58 1.79
C2 POV S . 37.94 -35.20 0.98
C3 POV S . 38.07 -34.75 -0.48
C210 POV S . 28.01 -30.29 5.87
C310 POV S . 27.36 -31.59 -4.49
C11 POV S . 41.62 -36.27 5.90
O11 POV S . 39.30 -35.41 2.93
C211 POV S . 26.80 -29.73 5.06
C311 POV S . 27.09 -30.07 -4.35
C12 POV S . 41.96 -37.77 5.62
O12 POV S . 40.34 -36.02 5.34
C212 POV S . 25.46 -29.87 5.82
C312 POV S . 26.87 -29.38 -5.72
C13 POV S . 42.89 -39.91 6.67
O13 POV S . 39.43 -33.64 4.83
C213 POV S . 24.50 -28.69 5.53
C313 POV S . 25.36 -29.28 -6.09
C14 POV S . 43.76 -37.78 7.23
O14 POV S . 41.53 -34.35 3.75
C214 POV S . 23.19 -28.75 6.35
C314 POV S . 25.08 -28.06 -7.00
C15 POV S . 41.50 -38.43 7.89
C215 POV S . 22.97 -27.48 7.21
C315 POV S . 23.58 -27.64 -6.98
C216 POV S . 21.58 -26.83 6.98
C316 POV S . 23.42 -26.11 -7.02
C217 POV S . 20.42 -27.85 7.07
C218 POV S . 19.05 -27.17 7.20
C21 POV S . 36.15 -35.56 2.50
O21 POV S . 36.72 -34.75 1.49
C22 POV S . 34.87 -35.05 3.25
O22 POV S . 36.62 -36.60 2.80
C23 POV S . 35.05 -35.08 4.79
C24 POV S . 33.82 -34.48 5.54
C25 POV S . 33.47 -33.06 5.02
C26 POV S . 32.51 -32.30 5.99
C27 POV S . 31.53 -31.38 5.22
C28 POV S . 30.46 -30.74 6.15
C29 POV S . 29.24 -30.20 5.36
C31 POV S . 37.35 -32.91 -1.81
O31 POV S . 37.78 -33.37 -0.53
C32 POV S . 35.88 -32.48 -2.02
O32 POV S . 38.13 -32.85 -2.71
C33 POV S . 35.28 -33.08 -3.32
C34 POV S . 33.77 -33.41 -3.16
C35 POV S . 33.03 -33.47 -4.52
C36 POV S . 31.66 -32.75 -4.48
C37 POV S . 30.54 -33.53 -5.22
C38 POV S . 29.18 -33.43 -4.50
C39 POV S . 28.81 -31.98 -4.10
B01 FZ4 T . -13.00 -19.44 16.50
C02 FZ4 T . -12.67 -19.89 15.03
C03 FZ4 T . -12.06 -21.12 14.82
C04 FZ4 T . -11.76 -21.53 13.52
C05 FZ4 T . -12.06 -20.70 12.46
C06 FZ4 T . -12.67 -19.48 12.67
C07 FZ4 T . -12.98 -19.07 13.96
C08 FZ4 T . -12.85 -20.48 17.67
C09 FZ4 T . -13.86 -21.40 17.89
C10 FZ4 T . -13.73 -22.33 18.92
C11 FZ4 T . -12.59 -22.33 19.72
C12 FZ4 T . -11.59 -21.41 19.49
C13 FZ4 T . -11.71 -20.49 18.47
C15 FZ4 T . -12.82 -17.24 17.53
C16 FZ4 T . -13.74 -16.83 18.69
N17 FZ4 T . -12.96 -16.67 19.91
O14 FZ4 T . -13.46 -18.19 16.75
B01 FZ4 U . -1.16 -37.29 24.45
C02 FZ4 U . -0.49 -36.27 23.44
C03 FZ4 U . 0.86 -36.36 23.17
C04 FZ4 U . 1.46 -35.47 22.28
C05 FZ4 U . 0.70 -34.48 21.68
C06 FZ4 U . -0.66 -34.38 21.95
C07 FZ4 U . -1.25 -35.28 22.84
C08 FZ4 U . -2.15 -36.81 25.58
C09 FZ4 U . -3.44 -36.43 25.26
C10 FZ4 U . -4.32 -36.00 26.25
C11 FZ4 U . -3.90 -35.97 27.56
C12 FZ4 U . -2.60 -36.35 27.90
C13 FZ4 U . -1.74 -36.77 26.90
C15 FZ4 U . 0.06 -39.31 25.07
C16 FZ4 U . -0.11 -40.80 24.80
N17 FZ4 U . -1.18 -41.03 23.85
O14 FZ4 U . -0.90 -38.60 24.32
N POV V . 25.04 -38.58 41.26
P POV V . 21.71 -35.76 43.11
C1 POV V . 19.96 -36.51 41.26
C2 POV V . 18.45 -36.29 41.09
C3 POV V . 17.88 -35.63 42.34
C210 POV V . 9.42 -31.94 39.85
C310 POV V . 12.51 -29.68 39.33
C11 POV V . 23.37 -37.82 43.04
O11 POV V . 20.47 -35.44 42.05
C211 POV V . 8.76 -31.83 38.46
C311 POV V . 11.38 -28.66 39.68
C12 POV V . 23.59 -38.50 41.66
O12 POV V . 22.02 -37.39 43.10
C212 POV V . 7.35 -31.19 38.52
C312 POV V . 10.36 -28.48 38.51
C13 POV V . 25.38 -39.19 39.95
O13 POV V . 21.32 -35.32 44.49
C213 POV V . 6.72 -30.97 37.13
C313 POV V . 9.07 -27.78 39.00
C14 POV V . 25.74 -39.38 42.29
O14 POV V . 22.96 -35.00 42.68
C214 POV V . 5.26 -31.49 37.05
C314 POV V . 8.07 -27.51 37.84
C15 POV V . 25.57 -37.20 41.22
C215 POV V . 4.37 -30.67 36.08
C315 POV V . 6.83 -26.73 38.32
C216 POV V . 4.48 -29.14 36.31
C316 POV V . 6.00 -27.52 39.37
C217 POV V . 3.26 -28.37 35.74
C218 POV V . 3.67 -27.00 35.15
C21 POV V . 16.94 -37.61 39.81
O21 POV V . 17.83 -37.54 40.92
C22 POV V . 15.44 -37.30 40.01
O22 POV V . 17.36 -37.91 38.74
C23 POV V . 14.52 -38.53 39.79
C24 POV V . 13.04 -38.24 40.18
C25 POV V . 12.31 -37.39 39.11
C26 POV V . 11.36 -36.33 39.74
C27 POV V . 11.86 -34.88 39.50
C28 POV V . 10.72 -33.93 39.03
C29 POV V . 10.32 -32.90 40.12
C31 POV V . 18.20 -33.27 42.16
O31 POV V . 17.32 -34.37 41.98
C32 POV V . 18.37 -32.23 41.01
O32 POV V . 18.81 -33.16 43.16
C33 POV V . 18.45 -30.78 41.54
C34 POV V . 18.26 -29.75 40.40
C35 POV V . 16.78 -29.64 39.95
C36 POV V . 16.45 -28.23 39.40
C37 POV V . 15.02 -27.77 39.78
C38 POV V . 14.05 -27.75 38.56
C39 POV V . 13.47 -29.16 38.23
N POV W . 31.50 -44.50 17.94
P POV W . 31.37 -39.85 17.13
C1 POV W . 29.29 -41.18 16.13
C2 POV W . 28.00 -40.60 15.54
C3 POV W . 28.31 -39.43 14.59
C210 POV W . 16.99 -37.84 15.26
C310 POV W . 19.46 -33.38 10.76
C11 POV W . 32.58 -42.18 17.48
O11 POV W . 30.39 -40.31 15.86
C211 POV W . 17.91 -36.68 15.71
C311 POV W . 18.44 -32.25 11.07
C12 POV W . 32.49 -43.46 18.38
O12 POV W . 31.76 -41.16 18.06
C212 POV W . 17.09 -35.42 16.10
C312 POV W . 19.10 -31.04 11.77
C13 POV W . 31.63 -45.87 18.48
O13 POV W . 32.63 -39.21 16.60
C213 POV W . 17.81 -34.54 17.14
C313 POV W . 18.79 -30.99 13.28
C14 POV W . 31.52 -44.65 16.46
O14 POV W . 30.62 -38.84 17.98
C214 POV W . 18.39 -33.24 16.52
C314 POV W . 17.41 -30.34 13.57
C15 POV W . 30.16 -44.05 18.40
C215 POV W . 18.51 -32.08 17.56
C315 POV W . 17.28 -28.94 12.92
C216 POV W . 17.25 -31.92 18.44
C316 POV W . 15.87 -28.67 12.35
C217 POV W . 16.97 -30.45 18.81
C218 POV W . 16.76 -29.57 17.57
C21 POV W . 26.16 -41.06 16.95
O21 POV W . 27.17 -40.15 16.58
C22 POV W . 24.66 -40.71 16.66
O22 POV W . 26.43 -42.08 17.48
C23 POV W . 23.74 -41.94 16.83
C24 POV W . 22.26 -41.53 17.03
C25 POV W . 21.76 -40.52 15.97
C26 POV W . 20.82 -41.17 14.92
C27 POV W . 19.32 -40.83 15.18
C28 POV W . 19.01 -39.32 14.95
C29 POV W . 17.49 -39.04 14.91
C31 POV W . 26.84 -37.63 14.17
O31 POV W . 27.67 -38.28 15.11
C32 POV W . 25.43 -38.22 13.86
O32 POV W . 27.20 -36.64 13.63
C33 POV W . 24.49 -37.16 13.24
C34 POV W . 23.41 -36.68 14.24
C35 POV W . 22.04 -37.34 13.99
C36 POV W . 20.96 -36.32 13.54
C37 POV W . 20.13 -36.85 12.33
C38 POV W . 20.11 -35.85 11.15
C39 POV W . 19.01 -34.76 11.31
N POV X . 29.75 -23.26 38.67
P POV X . 29.25 -19.36 35.66
C1 POV X . 27.24 -18.26 34.27
C2 POV X . 26.21 -17.49 35.12
C3 POV X . 25.74 -18.31 36.34
C210 POV X . 18.24 -13.22 25.87
C310 POV X . 18.67 -12.06 33.14
C11 POV X . 30.14 -20.99 37.55
O11 POV X . 27.70 -19.37 35.03
C211 POV X . 17.97 -11.85 25.21
C311 POV X . 19.02 -10.60 32.76
C12 POV X . 30.64 -22.45 37.77
O12 POV X . 29.59 -20.88 36.25
C212 POV X . 19.08 -11.51 24.18
C312 POV X . 17.74 -9.75 32.49
C13 POV X . 28.67 -22.61 39.46
O13 POV X . 29.32 -18.36 36.79
C213 POV X . 19.37 -12.66 23.17
C313 POV X . 17.99 -8.60 31.48
C14 POV X . 30.63 -23.92 39.65
O14 POV X . 30.23 -18.99 34.58
C214 POV X . 18.43 -12.55 21.95
C314 POV X . 16.66 -8.03 30.90
C15 POV X . 29.09 -24.25 37.81
C215 POV X . 17.97 -13.93 21.41
C315 POV X . 16.90 -6.94 29.84
C216 POV X . 16.98 -14.61 22.38
C316 POV X . 15.61 -6.58 29.07
C217 POV X . 15.83 -13.68 22.83
C218 POV X . 15.06 -14.23 24.03
C21 POV X . 24.52 -17.81 33.35
O21 POV X . 25.11 -17.02 34.38
C22 POV X . 24.32 -17.21 31.95
O22 POV X . 24.13 -18.92 33.56
C23 POV X . 22.93 -16.53 31.79
C24 POV X . 22.50 -16.36 30.31
C25 POV X . 21.38 -15.30 30.17
C26 POV X . 20.30 -15.66 29.12
C27 POV X . 19.14 -14.62 29.10
C28 POV X . 18.24 -14.75 27.85
C29 POV X . 17.96 -13.38 27.18
C31 POV X . 24.98 -17.99 38.56
O31 POV X . 25.63 -17.43 37.44
C32 POV X . 23.76 -17.25 39.19
O32 POV X . 25.38 -19.01 39.03
C33 POV X . 22.73 -16.82 38.11
C34 POV X . 22.99 -15.38 37.60
C35 POV X . 22.56 -15.20 36.11
C36 POV X . 22.12 -13.75 35.78
C37 POV X . 22.17 -13.46 34.25
C38 POV X . 21.18 -12.36 33.79
C39 POV X . 19.69 -12.71 34.11
C1 ACD Y . 11.83 3.82 29.01
C2 ACD Y . 13.00 3.76 29.97
C3 ACD Y . 14.04 2.72 29.55
C4 ACD Y . 13.59 1.30 29.87
C5 ACD Y . 14.77 0.32 29.92
C6 ACD Y . 15.32 -0.04 31.07
C7 ACD Y . 14.80 0.51 32.40
C8 ACD Y . 14.29 -0.58 33.32
C9 ACD Y . 13.05 -0.54 33.77
C10 ACD Y . 12.55 -1.64 34.70
C11 ACD Y . 13.64 -1.98 35.73
C12 ACD Y . 13.34 -2.33 36.97
C13 ACD Y . 11.90 -2.43 37.48
C14 ACD Y . 11.28 -3.81 37.28
C15 ACD Y . 11.42 -4.79 38.17
C16 ACD Y . 12.21 -4.60 39.46
C17 ACD Y . 12.07 -5.80 40.40
C18 ACD Y . 10.99 -5.57 41.45
C19 ACD Y . 11.34 -4.43 42.40
C20 ACD Y . 10.27 -4.21 43.46
O1 ACD Y . 10.86 3.03 29.13
O2 ACD Y . 11.82 4.68 28.08
N POV Z . 3.99 32.97 26.33
P POV Z . 5.61 29.99 28.62
C1 POV Z . 4.99 28.72 30.88
C2 POV Z . 6.11 29.34 31.73
C3 POV Z . 7.38 28.51 31.55
C210 POV Z . 4.80 24.69 42.02
C310 POV Z . 13.25 19.86 30.01
C11 POV Z . 5.33 30.72 26.11
O11 POV Z . 5.47 28.60 29.54
C211 POV Z . 4.41 24.07 43.39
C311 POV Z . 13.10 18.75 28.92
C12 POV Z . 4.03 31.53 25.83
O12 POV Z . 5.05 29.72 27.08
C212 POV Z . 4.79 22.56 43.47
C312 POV Z . 14.48 18.30 28.37
C13 POV Z . 3.02 33.30 27.40
O13 POV Z . 4.80 31.10 29.24
C213 POV Z . 6.26 22.31 43.03
C313 POV Z . 14.34 17.26 27.24
C14 POV Z . 5.30 33.45 26.82
O14 POV Z . 7.07 30.39 28.56
C214 POV Z . 7.18 22.01 44.24
C314 POV Z . 15.71 16.67 26.80
C15 POV Z . 3.58 33.76 25.15
C215 POV Z . 7.38 20.49 44.46
C315 POV Z . 15.76 15.14 26.96
C216 POV Z . 7.23 20.08 45.94
C316 POV Z . 15.42 14.69 28.41
C217 POV Z . 7.87 18.71 46.25
C218 POV Z . 7.86 18.37 47.75
C21 POV Z . 5.98 30.57 33.77
O21 POV Z . 5.70 29.36 33.07
C22 POV Z . 5.19 30.94 35.05
O22 POV Z . 6.84 31.29 33.38
C23 POV Z . 5.68 30.17 36.30
C24 POV Z . 4.51 29.62 37.17
C25 POV Z . 4.73 28.15 37.59
C26 POV Z . 3.69 27.65 38.64
C27 POV Z . 4.19 27.79 40.09
C28 POV Z . 5.15 26.65 40.51
C29 POV Z . 4.76 26.02 41.86
C31 POV Z . 9.79 28.81 31.53
O31 POV Z . 8.50 29.33 31.86
C32 POV Z . 9.97 27.52 30.70
O32 POV Z . 10.75 29.42 31.89
C33 POV Z . 11.45 27.30 30.29
C34 POV Z . 11.60 26.37 29.05
C35 POV Z . 11.13 24.92 29.33
C36 POV Z . 11.47 23.95 28.17
C37 POV Z . 10.84 22.55 28.35
C38 POV Z . 11.92 21.44 28.44
C39 POV Z . 12.17 20.97 29.91
N POV AA . 28.17 -26.76 42.73
P POV AA . 25.46 -26.77 38.44
C1 POV AA . 23.12 -27.74 37.62
C2 POV AA . 21.64 -27.68 38.00
C3 POV AA . 20.90 -28.82 37.29
C210 POV AA . 18.53 -16.99 33.24
C310 POV AA . 10.95 -24.27 32.46
C11 POV AA . 27.33 -26.66 40.32
O11 POV AA . 23.86 -27.18 38.68
C211 POV AA . 17.24 -16.74 32.42
C311 POV AA . 11.20 -23.84 30.99
C12 POV AA . 27.12 -27.21 41.76
O12 POV AA . 26.08 -26.18 39.85
C212 POV AA . 16.71 -15.29 32.59
C312 POV AA . 10.30 -24.61 29.99
C13 POV AA . 28.07 -27.23 44.13
O13 POV AA . 25.55 -25.72 37.35
C213 POV AA . 16.06 -14.75 31.28
C313 POV AA . 8.95 -23.91 29.72
C14 POV AA . 29.48 -27.22 42.24
O14 POV AA . 26.25 -28.00 38.01
C214 POV AA . 15.60 -13.27 31.39
C314 POV AA . 8.37 -24.29 28.33
C15 POV AA . 28.12 -25.29 42.79
C215 POV AA . 16.24 -12.38 30.29
C315 POV AA . 7.39 -23.23 27.79
C216 POV AA . 15.18 -11.58 29.49
C316 POV AA . 7.58 -22.99 26.27
C217 POV AA . 14.20 -10.81 30.40
C218 POV AA . 13.41 -9.73 29.64
C21 POV AA . 21.24 -25.38 38.49
O21 POV AA . 21.09 -26.46 37.58
C22 POV AA . 20.94 -23.94 38.01
O22 POV AA . 21.60 -25.56 39.62
C23 POV AA . 22.07 -22.94 38.35
C24 POV AA . 21.79 -21.51 37.80
C25 POV AA . 21.45 -21.52 36.29
C26 POV AA . 21.50 -20.10 35.67
C27 POV AA . 20.48 -19.93 34.50
C28 POV AA . 20.43 -18.48 33.97
C29 POV AA . 19.13 -18.19 33.17
C31 POV AA . 19.83 -29.12 35.18
O31 POV AA . 20.90 -28.54 35.90
C32 POV AA . 18.71 -28.23 34.60
O32 POV AA . 19.81 -30.30 35.01
C33 POV AA . 17.30 -28.83 34.86
C34 POV AA . 16.26 -27.74 35.18
C35 POV AA . 14.80 -28.19 34.88
C36 POV AA . 14.01 -27.11 34.10
C37 POV AA . 12.50 -27.10 34.47
C38 POV AA . 11.89 -25.67 34.42
C39 POV AA . 12.21 -24.94 33.09
B01 FZ4 BA . -2.48 19.36 20.95
C02 FZ4 BA . -3.29 18.02 21.14
C03 FZ4 BA . -3.21 17.35 22.36
C04 FZ4 BA . -3.91 16.17 22.54
C05 FZ4 BA . -4.68 15.66 21.50
C06 FZ4 BA . -4.75 16.33 20.29
C07 FZ4 BA . -4.05 17.51 20.11
C08 FZ4 BA . -1.81 20.03 22.20
C09 FZ4 BA . -2.57 20.80 23.05
C10 FZ4 BA . -1.98 21.39 24.16
C11 FZ4 BA . -0.64 21.20 24.42
C12 FZ4 BA . 0.14 20.43 23.56
C13 FZ4 BA . -0.46 19.84 22.46
C15 FZ4 BA . -1.25 20.17 19.00
C16 FZ4 BA . -1.09 21.67 18.74
N17 FZ4 BA . 0.31 22.05 18.87
O14 FZ4 BA . -2.42 19.95 19.74
B01 FZ4 CA . 7.94 15.77 40.99
C02 FZ4 CA . 7.97 14.67 39.87
C03 FZ4 CA . 8.86 13.62 39.96
C04 FZ4 CA . 8.89 12.64 38.97
C05 FZ4 CA . 8.03 12.73 37.88
C06 FZ4 CA . 7.14 13.78 37.79
C07 FZ4 CA . 7.11 14.75 38.78
C08 FZ4 CA . 8.04 17.30 40.65
C09 FZ4 CA . 6.97 17.98 40.07
C10 FZ4 CA . 7.06 19.32 39.77
C11 FZ4 CA . 8.24 20.01 40.04
C12 FZ4 CA . 9.32 19.35 40.60
C13 FZ4 CA . 9.22 18.00 40.90
C15 FZ4 CA . 8.83 15.23 43.19
C16 FZ4 CA . 8.26 15.04 44.59
N17 FZ4 CA . 6.81 15.07 44.54
O14 FZ4 CA . 7.78 15.40 42.28
N POV DA . 37.85 10.32 47.73
P POV DA . 37.21 14.10 44.98
C1 POV DA . 34.57 13.85 45.20
C2 POV DA . 33.39 14.77 44.85
C3 POV DA . 33.92 16.14 44.40
C210 POV DA . 26.79 20.32 39.60
C310 POV DA . 29.12 18.03 37.57
C11 POV DA . 37.97 12.79 47.15
O11 POV DA . 35.66 14.20 44.36
C211 POV DA . 25.41 19.76 39.17
C311 POV DA . 28.72 19.12 36.52
C12 POV DA . 37.08 11.59 47.58
O12 POV DA . 37.11 13.79 46.62
C212 POV DA . 24.55 20.81 38.43
C312 POV DA . 27.25 18.99 36.05
C13 POV DA . 37.12 9.09 48.12
O13 POV DA . 37.91 15.43 44.76
C213 POV DA . 23.22 20.22 37.89
C313 POV DA . 26.75 20.27 35.34
C14 POV DA . 38.88 10.53 48.77
O14 POV DA . 37.98 13.01 44.30
C214 POV DA . 22.00 21.10 38.26
C314 POV DA . 25.33 20.11 34.75
C15 POV DA . 38.48 10.01 46.42
C215 POV DA . 20.88 21.06 37.18
C315 POV DA . 24.89 21.37 33.97
C216 POV DA . 21.41 21.29 35.75
C316 POV DA . 24.83 22.63 34.85
C217 POV DA . 20.31 21.75 34.76
C218 POV DA . 20.41 21.05 33.40
C21 POV DA . 31.22 14.75 45.79
O21 POV DA . 32.60 14.94 46.00
C22 POV DA . 30.31 15.96 45.41
O22 POV DA . 30.74 13.66 45.93
C23 POV DA . 29.21 16.25 46.45
C24 POV DA . 28.45 17.57 46.14
C25 POV DA . 27.37 17.40 45.05
C26 POV DA . 27.31 18.60 44.06
C27 POV DA . 27.79 18.21 42.65
C28 POV DA . 26.83 18.71 41.53
C29 POV DA . 27.44 19.85 40.67
C31 POV DA . 34.45 16.00 42.09
O31 POV DA . 33.51 16.38 43.07
C32 POV DA . 34.03 15.13 40.88
O32 POV DA . 35.59 16.34 42.21
C33 POV DA . 34.72 15.57 39.56
C34 POV DA . 34.04 14.94 38.31
C35 POV DA . 32.68 15.60 37.99
C36 POV DA . 32.35 15.55 36.47
C37 POV DA . 31.63 16.83 35.98
C38 POV DA . 30.12 16.59 35.66
C39 POV DA . 29.23 16.62 36.94
N POV EA . 60.90 10.39 2.28
P POV EA . 59.30 9.16 -1.99
C1 POV EA . 57.44 11.05 -1.98
C2 POV EA . 56.57 11.63 -3.10
C3 POV EA . 56.99 11.04 -4.44
C210 POV EA . 49.50 12.68 -10.15
C310 POV EA . 49.36 9.28 -8.01
C11 POV EA . 61.05 10.13 -0.26
O11 POV EA . 57.77 9.71 -2.32
C211 POV EA . 48.07 13.15 -9.78
C311 POV EA . 48.69 9.11 -9.40
C12 POV EA . 60.49 10.95 0.95
O12 POV EA . 60.21 10.41 -1.38
C212 POV EA . 47.14 13.27 -11.02
C312 POV EA . 47.20 9.54 -9.42
C13 POV EA . 60.43 11.06 3.51
O13 POV EA . 59.93 8.64 -3.26
C213 POV EA . 45.69 13.68 -10.64
C313 POV EA . 46.58 9.45 -10.83
C14 POV EA . 62.38 10.42 2.33
O14 POV EA . 59.23 8.03 -0.97
C214 POV EA . 45.18 14.87 -11.49
C314 POV EA . 45.12 9.96 -10.88
C15 POV EA . 60.41 9.00 2.35
C215 POV EA . 43.64 14.85 -11.69
C315 POV EA . 44.50 9.80 -12.30
C216 POV EA . 43.10 13.47 -12.12
C316 POV EA . 45.26 10.62 -13.36
C217 POV EA . 41.72 13.56 -12.82
C218 POV EA . 40.80 12.38 -12.46
C21 POV EA . 55.55 13.77 -3.05
O21 POV EA . 56.75 13.03 -3.13
C22 POV EA . 54.81 14.17 -4.36
O22 POV EA . 55.11 14.09 -2.00
C23 POV EA . 54.84 15.70 -4.65
C24 POV EA . 54.26 16.02 -6.05
C25 POV EA . 52.71 16.01 -6.06
C26 POV EA . 52.12 15.46 -7.41
C27 POV EA . 51.70 13.98 -7.29
C28 POV EA . 50.35 13.69 -8.02
C29 POV EA . 50.54 12.93 -9.35
C31 POV EA . 55.90 8.95 -4.74
O31 POV EA . 55.90 10.34 -5.01
C32 POV EA . 54.60 8.26 -4.22
O32 POV EA . 56.89 8.31 -4.89
C33 POV EA . 54.30 6.93 -4.96
C34 POV EA . 52.91 6.37 -4.59
C35 POV EA . 51.77 7.14 -5.29
C36 POV EA . 50.53 6.23 -5.56
C37 POV EA . 49.86 6.53 -6.94
C38 POV EA . 48.46 7.19 -6.78
C39 POV EA . 48.49 8.75 -6.85
N POV FA . 26.24 -11.61 49.70
P POV FA . 26.49 -11.75 44.98
C1 POV FA . 24.06 -11.23 45.92
C2 POV FA . 22.84 -10.75 45.14
C3 POV FA . 22.68 -11.55 43.84
C210 POV FA . 15.10 -3.33 41.40
C310 POV FA . 14.87 -7.95 36.42
C11 POV FA . 27.19 -12.47 47.45
O11 POV FA . 24.86 -12.08 45.12
C211 POV FA . 16.30 -3.51 40.44
C311 POV FA . 14.58 -6.95 35.26
C12 POV FA . 27.46 -11.86 48.85
O12 POV FA . 27.13 -11.43 46.49
C212 POV FA . 16.19 -2.57 39.21
C312 POV FA . 15.81 -6.76 34.33
C13 POV FA . 26.43 -11.42 51.16
O13 POV FA . 27.20 -12.95 44.38
C213 POV FA . 17.57 -2.20 38.61
C313 POV FA . 16.51 -5.40 34.57
C14 POV FA . 25.29 -12.75 49.58
O14 POV FA . 26.67 -10.56 44.09
C214 POV FA . 17.87 -2.97 37.30
C314 POV FA . 15.78 -4.24 33.85
C15 POV FA . 25.61 -10.36 49.23
C215 POV FA . 18.83 -2.19 36.36
C315 POV FA . 15.57 -4.51 32.35
C216 POV FA . 18.46 -0.69 36.22
C316 POV FA . 14.23 -3.94 31.82
C217 POV FA . 18.82 -0.12 34.83
C218 POV FA . 18.05 -0.82 33.70
C21 POV FA . 22.29 -8.51 45.71
O21 POV FA . 22.99 -9.39 44.83
C22 POV FA . 21.08 -7.70 45.17
O22 POV FA . 22.64 -8.39 46.84
C23 POV FA . 20.29 -7.02 46.32
C24 POV FA . 19.43 -5.83 45.81
C25 POV FA . 18.56 -6.21 44.59
C26 POV FA . 17.05 -6.37 44.96
C27 POV FA . 16.21 -5.15 44.53
C28 POV FA . 16.11 -5.01 42.98
C29 POV FA . 15.01 -4.02 42.55
C31 POV FA . 21.71 -10.71 41.85
O31 POV FA . 22.79 -10.63 42.76
C32 POV FA . 20.35 -10.05 42.20
O32 POV FA . 21.84 -11.28 40.81
C33 POV FA . 19.51 -9.73 40.94
C34 POV FA . 19.42 -8.20 40.68
C35 POV FA . 18.06 -7.61 41.14
C36 POV FA . 17.20 -7.13 39.95
C37 POV FA . 15.69 -7.44 40.16
C38 POV FA . 15.08 -8.25 38.98
C39 POV FA . 14.60 -7.33 37.81
C1 ACD GA . 28.40 13.69 2.98
C2 ACD GA . 29.86 13.44 3.33
C3 ACD GA . 30.03 12.31 4.34
C4 ACD GA . 29.71 12.75 5.75
C5 ACD GA . 30.43 11.92 6.82
C6 ACD GA . 31.54 12.34 7.38
C7 ACD GA . 32.17 13.69 7.00
C8 ACD GA . 32.17 14.67 8.17
C9 ACD GA . 31.56 15.83 8.06
C10 ACD GA . 31.59 16.79 9.24
C11 ACD GA . 32.98 16.82 9.86
C12 ACD GA . 33.49 17.91 10.40
C13 ACD GA . 32.72 19.23 10.45
C14 ACD GA . 31.88 19.39 11.72
C15 ACD GA . 32.37 19.90 12.84
C16 ACD GA . 33.82 20.35 12.96
C17 ACD GA . 34.12 21.01 14.31
C18 ACD GA . 34.08 22.54 14.22
C19 ACD GA . 35.19 23.07 13.32
C20 ACD GA . 35.18 24.60 13.25
O1 ACD GA . 27.69 14.42 3.72
O2 ACD GA . 27.89 13.16 1.96
N POV HA . 26.47 19.27 -26.93
P POV HA . 28.58 19.58 -23.44
C1 POV HA . 29.37 21.55 -21.84
C2 POV HA . 30.86 21.50 -22.21
C3 POV HA . 31.54 20.45 -21.32
C210 POV HA . 35.72 29.56 -15.82
C310 POV HA . 33.13 14.65 -12.59
C11 POV HA . 26.85 18.01 -24.66
O11 POV HA . 28.83 20.24 -21.93
C211 POV HA . 36.20 30.78 -14.99
C311 POV HA . 32.10 13.86 -11.74
C12 POV HA . 25.91 18.84 -25.60
O12 POV HA . 27.11 18.80 -23.49
C212 POV HA . 36.24 30.46 -13.48
C312 POV HA . 32.66 12.49 -11.28
C13 POV HA . 26.53 20.73 -27.21
O13 POV HA . 28.58 20.68 -24.48
C213 POV HA . 36.99 29.14 -13.18
C313 POV HA . 31.62 11.67 -10.48
C14 POV HA . 27.85 18.77 -27.19
O14 POV HA . 29.68 18.60 -23.74
C214 POV HA . 38.40 29.37 -12.58
C314 POV HA . 32.23 10.38 -9.85
C15 POV HA . 25.56 18.72 -27.94
C215 POV HA . 38.38 29.27 -11.03
C315 POV HA . 32.11 10.35 -8.32
C216 POV HA . 39.20 30.42 -10.36
C316 POV HA . 32.65 11.64 -7.65
C217 POV HA . 39.56 30.10 -8.89
C218 POV HA . 40.48 31.18 -8.28
C21 POV HA . 32.33 23.18 -23.03
O21 POV HA . 31.43 22.77 -22.01
C22 POV HA . 32.66 24.68 -23.21
O22 POV HA . 32.84 22.38 -23.74
C23 POV HA . 33.69 25.20 -22.17
C24 POV HA . 33.31 26.59 -21.58
C25 POV HA . 33.44 26.61 -20.03
C26 POV HA . 33.25 28.04 -19.45
C27 POV HA . 34.59 28.80 -19.27
C28 POV HA . 35.36 28.35 -17.99
C29 POV HA . 35.84 29.56 -17.16
C31 POV HA . 33.23 18.80 -21.34
O31 POV HA . 32.40 19.66 -22.12
C32 POV HA . 32.60 17.90 -20.25
O32 POV HA . 34.41 18.77 -21.54
C33 POV HA . 33.42 16.59 -20.01
C34 POV HA . 32.59 15.51 -19.28
C35 POV HA . 32.13 15.94 -17.87
C36 POV HA . 31.41 14.80 -17.11
C37 POV HA . 30.79 15.25 -15.75
C38 POV HA . 31.43 14.50 -14.55
C39 POV HA . 32.48 15.38 -13.81
N POV IA . 43.40 10.20 36.71
P POV IA . 38.61 8.87 35.69
C1 POV IA . 36.19 9.80 36.32
C2 POV IA . 35.36 11.07 36.15
C3 POV IA . 34.11 10.98 37.05
C210 POV IA . 32.03 10.54 24.51
C310 POV IA . 24.58 14.50 30.80
C11 POV IA . 41.23 9.00 36.10
O11 POV IA . 37.53 10.11 35.99
C211 POV IA . 30.61 10.85 23.98
C311 POV IA . 23.87 13.29 30.12
C12 POV IA . 41.91 10.16 36.88
O12 POV IA . 40.11 9.53 35.42
C212 POV IA . 30.62 11.45 22.54
C312 POV IA . 22.41 13.10 30.62
C13 POV IA . 44.15 11.27 37.41
O13 POV IA . 38.16 8.11 34.46
C213 POV IA . 29.41 10.97 21.70
C313 POV IA . 21.38 13.86 29.74
C14 POV IA . 43.94 8.91 37.20
O14 POV IA . 38.67 7.94 36.88
C214 POV IA . 29.48 11.44 20.23
C314 POV IA . 19.98 13.21 29.82
C15 POV IA . 43.68 10.39 35.27
C215 POV IA . 29.34 10.27 19.22
C315 POV IA . 19.10 13.54 28.59
C216 POV IA . 28.18 10.46 18.22
C316 POV IA . 18.28 12.32 28.11
C217 POV IA . 28.20 11.85 17.54
C218 POV IA . 27.31 11.89 16.27
C21 POV IA . 35.84 11.88 33.95
O21 POV IA . 34.94 11.19 34.81
C22 POV IA . 35.59 11.88 32.42
O22 POV IA . 36.78 12.46 34.39
C23 POV IA . 36.82 11.37 31.62
C24 POV IA . 36.53 11.28 30.10
C25 POV IA . 35.25 10.45 29.79
C26 POV IA . 35.16 10.04 28.30
C27 POV IA . 33.68 9.91 27.82
C28 POV IA . 33.58 9.68 26.28
C29 POV IA . 32.17 10.00 25.74
C31 POV IA . 31.91 10.11 36.87
O31 POV IA . 33.27 9.97 36.53
C32 POV IA . 30.87 10.52 35.79
O32 POV IA . 31.55 9.93 37.99
C33 POV IA . 29.87 11.59 36.30
C34 POV IA . 29.55 12.66 35.23
C35 POV IA . 28.18 13.35 35.47
C36 POV IA . 27.32 13.40 34.18
C37 POV IA . 26.44 14.67 34.10
C38 POV IA . 26.26 15.18 32.64
C39 POV IA . 25.77 14.05 31.68
B01 FZ4 JA . 15.58 18.61 -15.18
C02 FZ4 JA . 14.86 19.19 -13.90
C03 FZ4 JA . 15.58 19.98 -13.02
C04 FZ4 JA . 14.96 20.48 -11.89
C05 FZ4 JA . 13.63 20.19 -11.64
C06 FZ4 JA . 12.91 19.41 -12.53
C07 FZ4 JA . 13.52 18.90 -13.66
C08 FZ4 JA . 17.02 19.13 -15.54
C09 FZ4 JA . 17.16 20.34 -16.22
C10 FZ4 JA . 18.42 20.80 -16.54
C11 FZ4 JA . 19.54 20.06 -16.18
C12 FZ4 JA . 19.40 18.86 -15.51
C13 FZ4 JA . 18.14 18.40 -15.19
C15 FZ4 JA . 15.38 16.41 -16.23
C16 FZ4 JA . 15.60 16.23 -17.73
N17 FZ4 JA . 16.79 15.42 -17.96
O14 FZ4 JA . 14.95 17.73 -15.99
B01 FZ4 KA . 35.64 25.96 -7.01
C02 FZ4 KA . 34.70 25.04 -6.14
C03 FZ4 KA . 35.22 24.40 -5.02
C04 FZ4 KA . 34.39 23.58 -4.25
C05 FZ4 KA . 33.07 23.40 -4.61
C06 FZ4 KA . 32.55 24.04 -5.72
C07 FZ4 KA . 33.37 24.85 -6.50
C08 FZ4 KA . 35.78 25.75 -8.56
C09 FZ4 KA . 34.75 26.12 -9.42
C10 FZ4 KA . 34.88 25.92 -10.79
C11 FZ4 KA . 36.05 25.38 -11.30
C12 FZ4 KA . 37.08 25.03 -10.45
C13 FZ4 KA . 36.95 25.21 -9.09
C15 FZ4 KA . 37.62 26.91 -5.97
C16 FZ4 KA . 38.09 28.32 -5.58
N17 FZ4 KA . 37.01 29.27 -5.78
O14 FZ4 KA . 36.30 26.98 -6.42
#